data_8GWO
#
_entry.id   8GWO
#
_cell.length_a   1.00
_cell.length_b   1.00
_cell.length_c   1.00
_cell.angle_alpha   90.00
_cell.angle_beta   90.00
_cell.angle_gamma   90.00
#
_symmetry.space_group_name_H-M   'P 1'
#
loop_
_entity.id
_entity.type
_entity.pdbx_description
1 polymer 'RNA-directed RNA polymerase'
2 polymer 'Non-structural protein 8'
3 polymer 'Non-structural protein 7'
4 polymer 'RNA (25-MER)'
5 polymer template
6 polymer Helicase
7 polymer 'Non-structural protein 9'
8 non-polymer 'ZINC ION'
9 non-polymer 'PHOSPHOAMINOPHOSPHONIC ACID-GUANYLATE ESTER'
10 non-polymer "URIDINE-5'-MONOPHOSPHATE"
#
loop_
_entity_poly.entity_id
_entity_poly.type
_entity_poly.pdbx_seq_one_letter_code
_entity_poly.pdbx_strand_id
1 'polypeptide(L)'
;SADAQSFLNRVCGVSAARLTPCGTGTSTDVVYRAFDIYNDKVAGFAKFLKTNCCRFQEKDEDDNLIDSYFVVKRHTFSNY
QHEETIYNLLKDCPAVAKHDFFKFRIDGDMVPHISRQRLTKYTMADLVYALRHFDEGNCDTLKEILVTYNCCDDDYFNKK
DWYDFVENPDILRVYANLGERVRQALLKTVQFCDAMRNAGIVGVLTLDNQDLNGNWYDFGDFIQTTPGSGVPVVDSYYSL
LMPILTLTRALTAESHVDTDLTKPYIKWDLLKYDFTEERLKLFDRYFKYWDQTYHPNCVNCLDDRCILHCANFNVLFSTV
FPPTSFGPLVRKIFVDGVPFVVSTGYHFRELGVVHNQDVNLHSSRLSFKELLVYAADPAMHAASGNLLLDKRTTCFSVAA
LTNNVAFQTVKPGNFNKDFYDFAVSKGFFKEGSSVELKHFFFAQDGNAAISDYDYYRYNLPTMCDIRQLLFVVEVVDKYF
DCYDGGCINANQVIVNNLDKSAGFPFNKWGKARLYYDSMSYEDQDALFAYTKRNVIPTITQMNLKYAISAKNRARTVAGV
SICSTMTNRQFHQKLLKSIAATRGATVVIGTSKFYGGWHNMLKTVYSDVENPHLMGWDYPKCDRAMPNMLRIMASLVLAR
KHTTCCSLSHRFYRLANECAQVLSEMVMCGGSLYVKPGGTSSGDATTAYANSVFNICQAVTANVNALLSTDGNKIADKYV
RNLQHRLYECLYRNRDVDTDFVNEFYAYLRKHFSMMILSDDAVVCFNSTYASQGLVASIKNFKSVLYYQNNVFMSEAKCW
TETDLTKGPHEFCSQHTMLVKQGDDYVYLPYPDPSRILGAGCFVDDIVKTDGTLMIERFVSLAIDAYPLTKHPNQEYADV
FHLYLQYIRKLHDELTGHMLDMYSVMLTNDNTSRYWEPEFYEAMYTPHTVLQ
;
A
2 'polypeptide(L)'
;AIASEFSSLPSYAAFATAQEAYEQAVANGDSEVVLKKLKKSLNVAKSEFDRDAAMQRKLEKMADQAMTQMYKQARSEDKR
AKVTSAMQTMLFTMLRKLDNDALNNIINNARDGCVPLNIIPLTTAAKLMVVIPDYNTYKNTCDGTTFTYASALWEIQQVV
DADSKIVQLSEISMDNSPNLAWPLIVTALRANSAVKLQ
;
B,D
3 'polypeptide(L)'
;SKMSDVKCTSVVLLSVLQQLRVESSSKLWAQCVQLHNDILLAKDTTEAFEKMVSLLSVLLSMQGAVDINKLCEEMLDNRA
TLQ
;
C
4 'polyribonucleotide' GCGGUAGUAGCAUGCUAGGGAGCAG I
5 'polyribonucleotide' AAUGUCUGACUGCUCCCUAGCAUGCUACUACCG J
6 'polypeptide(L)'
;AVGACVLCNSQTSLRCGACIRRPFLCCKCCYDHVISTSHKLVLSVNPYVCNAPGCDVTDVTQLYLGGMSYYCKSHKPPIS
FPLCANGQVFGLYKNTCVGSDNVTDFNAIATCDWTNAGDYILANTCTERLKLFAAETLKATEETFKLSYGIATVREVLSD
RELHLSWEVGKPRPPLNRNYVFTGYRVTKNSKVQIGEYTFEKGDYGDAVVYRGTTTYKLNVGDYFVLTSHTVMPLSAPTL
VPQEHYVRITGLYPTLNISDEFSSNVANYQKVGMQKYSTLQGPPGTGKSHFAIGLALYYPSARIVYTACSHAAVDALCEK
ALKYLPIDKCSRIIPARARVECFDKFKVNSTLEQYVFCTVNALPETTADIVVFDEISMATNYDLSVVNARLRAKHYVYIG
DPAQLPAPRTLLTKGTLEPEYFNSVCRLMKTIGPDMFLGTCRRCPAEIVDTVSALVYDNKLKAHKDKSAQCFKMFYKGVI
THDVSSAINRPQIGVVREFLTRNPAWRKAVFISPYNSQNAVASKILGLPTQTVDSSQGSEYDYVIFTQTTETAHSCNVNR
FNVAITRAKVGILCIMSDRDLYDKLQFTSLEIPRRNVATLQ
;
F,E
7 'polypeptide(L)'
;NNELSPVALRQMSCAAGTTQTACTDDNALAYYNTTKGGRFVLALLSDLQDLKWARFPKSDGTGTIYTELEPPCRFVTDTP
KGPKVKYLYFIKGLNNLNRGMVLGSLAATVRLQ
;
G
#
loop_
_chem_comp.id
_chem_comp.type
_chem_comp.name
_chem_comp.formula
A RNA linking ADENOSINE-5'-MONOPHOSPHATE 'C10 H14 N5 O7 P'
C RNA linking CYTIDINE-5'-MONOPHOSPHATE 'C9 H14 N3 O8 P'
G RNA linking GUANOSINE-5'-MONOPHOSPHATE 'C10 H14 N5 O8 P'
GNP non-polymer 'PHOSPHOAMINOPHOSPHONIC ACID-GUANYLATE ESTER' 'C10 H17 N6 O13 P3'
U RNA linking URIDINE-5'-MONOPHOSPHATE 'C9 H13 N2 O9 P'
U5P non-polymer URIDINE-5'-MONOPHOSPHATE 'C9 H13 N2 O9 P'
ZN non-polymer 'ZINC ION' 'Zn 2'
#
# COMPACT_ATOMS: atom_id res chain seq x y z
N ALA A 4 -82.71 -33.92 15.01
CA ALA A 4 -82.78 -32.57 15.56
C ALA A 4 -81.76 -32.37 16.67
N GLN A 5 -82.13 -32.75 17.89
CA GLN A 5 -81.26 -32.63 19.04
C GLN A 5 -80.56 -33.93 19.42
N SER A 6 -81.14 -35.08 19.06
CA SER A 6 -80.46 -36.35 19.31
C SER A 6 -79.19 -36.50 18.50
N PHE A 7 -79.04 -35.69 17.43
CA PHE A 7 -77.84 -35.77 16.60
C PHE A 7 -76.59 -35.42 17.39
N LEU A 8 -76.68 -34.40 18.25
CA LEU A 8 -75.53 -34.01 19.07
C LEU A 8 -75.12 -35.14 20.02
N ASN A 9 -76.10 -35.68 20.75
CA ASN A 9 -75.81 -36.77 21.67
C ASN A 9 -75.32 -38.01 20.95
N ARG A 10 -75.72 -38.21 19.70
CA ARG A 10 -75.18 -39.33 18.93
C ARG A 10 -73.76 -39.06 18.47
N VAL A 11 -73.47 -37.79 18.13
CA VAL A 11 -72.11 -37.42 17.74
C VAL A 11 -71.16 -37.65 18.90
N CYS A 12 -71.57 -37.26 20.11
CA CYS A 12 -70.78 -37.58 21.31
C CYS A 12 -70.92 -39.07 21.59
N GLY A 13 -69.98 -39.85 21.06
CA GLY A 13 -70.02 -41.27 21.25
C GLY A 13 -69.75 -41.71 22.67
N VAL A 14 -68.48 -41.65 23.09
CA VAL A 14 -68.09 -42.13 24.42
C VAL A 14 -67.25 -41.11 25.15
N SER A 15 -67.36 -39.83 24.78
CA SER A 15 -66.46 -38.84 25.36
C SER A 15 -66.99 -37.41 25.30
N ALA A 16 -67.06 -36.75 26.46
CA ALA A 16 -67.11 -35.28 26.53
C ALA A 16 -68.30 -34.66 25.80
N ALA A 17 -69.51 -34.89 26.32
CA ALA A 17 -70.74 -34.39 25.70
C ALA A 17 -70.81 -32.87 25.65
N ARG A 18 -69.77 -32.17 26.10
CA ARG A 18 -69.77 -30.72 26.10
C ARG A 18 -69.60 -30.17 24.69
N LEU A 19 -70.63 -30.31 23.86
CA LEU A 19 -70.61 -29.85 22.48
C LEU A 19 -71.72 -28.82 22.26
N THR A 20 -71.38 -27.76 21.53
CA THR A 20 -72.36 -26.76 21.12
C THR A 20 -72.12 -26.48 19.65
N PRO A 21 -73.06 -26.84 18.78
CA PRO A 21 -72.79 -26.81 17.33
C PRO A 21 -72.55 -25.40 16.83
N CYS A 22 -71.51 -25.25 16.01
CA CYS A 22 -71.22 -23.99 15.35
C CYS A 22 -72.03 -23.80 14.06
N GLY A 23 -72.72 -24.84 13.60
CA GLY A 23 -73.56 -24.73 12.42
C GLY A 23 -74.96 -24.24 12.76
N THR A 24 -75.97 -24.83 12.15
CA THR A 24 -77.35 -24.45 12.42
C THR A 24 -78.24 -25.66 12.57
N GLY A 25 -77.76 -26.68 13.29
CA GLY A 25 -78.53 -27.88 13.49
C GLY A 25 -77.95 -29.10 12.80
N THR A 26 -78.82 -29.92 12.20
CA THR A 26 -78.40 -31.13 11.52
C THR A 26 -78.02 -30.90 10.06
N SER A 27 -77.66 -29.67 9.70
CA SER A 27 -77.26 -29.34 8.34
C SER A 27 -75.79 -28.95 8.31
N THR A 28 -75.20 -29.07 7.12
CA THR A 28 -73.78 -28.78 6.94
C THR A 28 -73.53 -27.28 7.05
N ASP A 29 -72.26 -26.92 7.14
CA ASP A 29 -71.82 -25.54 7.18
C ASP A 29 -70.74 -25.33 6.12
N VAL A 30 -70.76 -24.17 5.49
CA VAL A 30 -69.81 -23.84 4.44
C VAL A 30 -68.63 -23.08 5.04
N VAL A 31 -67.42 -23.54 4.71
CA VAL A 31 -66.20 -22.92 5.19
C VAL A 31 -65.34 -22.54 3.99
N TYR A 32 -64.25 -21.83 4.27
CA TYR A 32 -63.38 -21.28 3.22
C TYR A 32 -61.93 -21.63 3.61
N ARG A 33 -61.42 -22.72 3.05
CA ARG A 33 -60.10 -23.23 3.38
C ARG A 33 -59.28 -23.39 2.10
N ALA A 34 -58.10 -23.99 2.26
CA ALA A 34 -57.20 -24.26 1.15
C ALA A 34 -57.23 -25.74 0.81
N PHE A 35 -56.74 -26.07 -0.39
CA PHE A 35 -56.71 -27.44 -0.86
C PHE A 35 -55.51 -27.63 -1.78
N ASP A 36 -55.19 -28.89 -2.06
CA ASP A 36 -54.21 -29.27 -3.06
C ASP A 36 -54.86 -30.40 -3.86
N ILE A 37 -55.59 -30.03 -4.89
CA ILE A 37 -56.40 -30.98 -5.64
C ILE A 37 -55.82 -31.18 -7.03
N TYR A 38 -55.85 -32.43 -7.48
CA TYR A 38 -55.45 -32.75 -8.85
C TYR A 38 -56.17 -34.06 -9.23
N ASN A 39 -57.31 -33.92 -9.92
CA ASN A 39 -58.08 -35.10 -10.34
C ASN A 39 -58.63 -34.90 -11.75
N ASP A 40 -57.79 -35.19 -12.74
CA ASP A 40 -58.19 -35.52 -14.10
C ASP A 40 -58.76 -34.29 -14.83
N LYS A 41 -59.16 -33.25 -14.09
CA LYS A 41 -59.68 -32.04 -14.71
C LYS A 41 -58.88 -30.81 -14.30
N VAL A 42 -58.74 -30.56 -13.00
CA VAL A 42 -58.24 -29.28 -12.49
C VAL A 42 -57.19 -29.55 -11.43
N ALA A 43 -56.07 -28.85 -11.52
CA ALA A 43 -55.04 -28.90 -10.51
C ALA A 43 -54.84 -27.51 -9.91
N GLY A 44 -53.92 -27.42 -8.97
CA GLY A 44 -53.55 -26.15 -8.40
C GLY A 44 -53.48 -26.23 -6.89
N PHE A 45 -53.26 -25.08 -6.28
CA PHE A 45 -53.16 -24.95 -4.83
C PHE A 45 -53.73 -23.59 -4.43
N ALA A 46 -55.00 -23.55 -4.07
CA ALA A 46 -55.68 -22.28 -3.87
C ALA A 46 -56.77 -22.46 -2.82
N LYS A 47 -57.57 -21.41 -2.65
CA LYS A 47 -58.59 -21.33 -1.59
C LYS A 47 -59.95 -21.64 -2.20
N PHE A 48 -60.42 -22.87 -2.00
CA PHE A 48 -61.73 -23.28 -2.50
C PHE A 48 -62.81 -23.08 -1.44
N LEU A 49 -63.99 -23.66 -1.67
CA LEU A 49 -65.12 -23.46 -0.75
C LEU A 49 -65.66 -24.84 -0.38
N LYS A 50 -65.36 -25.29 0.84
CA LYS A 50 -65.88 -26.56 1.33
C LYS A 50 -67.31 -26.38 1.81
N THR A 51 -68.14 -27.39 1.56
CA THR A 51 -69.58 -27.29 1.85
C THR A 51 -70.13 -28.40 2.73
N ASN A 52 -69.64 -29.64 2.62
CA ASN A 52 -70.23 -30.75 3.35
C ASN A 52 -69.41 -31.03 4.61
N CYS A 53 -69.69 -30.26 5.65
CA CYS A 53 -69.01 -30.42 6.93
C CYS A 53 -69.93 -29.91 8.03
N CYS A 54 -70.45 -30.82 8.86
CA CYS A 54 -71.14 -30.44 10.08
C CYS A 54 -70.12 -30.36 11.21
N ARG A 55 -69.87 -29.15 11.70
CA ARG A 55 -68.77 -28.90 12.62
C ARG A 55 -69.31 -28.68 14.03
N PHE A 56 -68.74 -29.41 14.99
CA PHE A 56 -69.10 -29.29 16.39
C PHE A 56 -67.88 -28.90 17.19
N GLN A 57 -68.10 -28.13 18.25
CA GLN A 57 -67.02 -27.60 19.07
C GLN A 57 -67.14 -28.12 20.50
N GLU A 58 -66.03 -28.60 21.05
CA GLU A 58 -65.95 -29.06 22.42
C GLU A 58 -65.39 -27.96 23.31
N LYS A 59 -66.01 -27.77 24.47
CA LYS A 59 -65.59 -26.74 25.41
C LYS A 59 -65.35 -27.38 26.78
N ASP A 60 -64.38 -26.81 27.49
CA ASP A 60 -63.95 -27.33 28.79
C ASP A 60 -64.97 -26.93 29.85
N GLU A 61 -64.65 -27.22 31.12
CA GLU A 61 -65.49 -26.81 32.23
C GLU A 61 -65.56 -25.29 32.31
N ASP A 62 -66.54 -24.81 33.09
CA ASP A 62 -66.95 -23.41 33.13
C ASP A 62 -67.60 -23.01 31.81
N ASP A 63 -67.73 -23.97 30.90
CA ASP A 63 -68.40 -23.79 29.62
C ASP A 63 -67.79 -22.63 28.82
N ASN A 64 -66.47 -22.65 28.68
CA ASN A 64 -65.77 -21.72 27.81
C ASN A 64 -65.09 -22.50 26.69
N LEU A 65 -65.13 -21.93 25.49
CA LEU A 65 -64.68 -22.64 24.30
C LEU A 65 -63.17 -22.91 24.36
N ILE A 66 -62.77 -24.02 23.73
CA ILE A 66 -61.38 -24.44 23.68
C ILE A 66 -61.15 -25.11 22.34
N ASP A 67 -59.91 -25.04 21.86
CA ASP A 67 -59.58 -25.49 20.50
C ASP A 67 -59.59 -27.02 20.46
N SER A 68 -60.76 -27.59 20.16
CA SER A 68 -60.91 -29.01 19.91
C SER A 68 -62.26 -29.24 19.23
N TYR A 69 -62.26 -29.81 18.03
CA TYR A 69 -63.45 -29.83 17.20
C TYR A 69 -63.86 -31.27 16.87
N PHE A 70 -65.06 -31.39 16.31
CA PHE A 70 -65.59 -32.65 15.80
C PHE A 70 -66.09 -32.39 14.39
N VAL A 71 -65.28 -32.75 13.39
CA VAL A 71 -65.61 -32.49 11.99
C VAL A 71 -66.23 -33.77 11.44
N VAL A 72 -67.55 -33.81 11.41
CA VAL A 72 -68.28 -34.97 10.89
C VAL A 72 -68.69 -34.65 9.45
N LYS A 73 -68.49 -35.62 8.57
CA LYS A 73 -68.74 -35.42 7.14
C LYS A 73 -69.71 -36.46 6.61
N ARG A 74 -70.59 -36.00 5.71
CA ARG A 74 -71.58 -36.84 5.06
C ARG A 74 -71.17 -37.06 3.61
N HIS A 75 -71.19 -38.32 3.17
CA HIS A 75 -70.86 -38.63 1.79
C HIS A 75 -71.54 -39.95 1.42
N THR A 76 -71.11 -40.54 0.29
CA THR A 76 -71.81 -41.66 -0.30
C THR A 76 -71.54 -42.95 0.47
N PHE A 77 -72.02 -44.07 -0.09
CA PHE A 77 -71.95 -45.36 0.59
C PHE A 77 -70.65 -46.09 0.30
N SER A 78 -70.18 -46.05 -0.96
CA SER A 78 -68.95 -46.75 -1.31
C SER A 78 -67.77 -46.21 -0.53
N ASN A 79 -67.68 -44.87 -0.43
CA ASN A 79 -66.64 -44.22 0.35
C ASN A 79 -66.69 -44.69 1.80
N TYR A 80 -67.91 -44.87 2.32
CA TYR A 80 -68.07 -45.29 3.70
C TYR A 80 -67.42 -46.64 3.96
N GLN A 81 -67.73 -47.64 3.14
CA GLN A 81 -67.18 -48.97 3.37
C GLN A 81 -65.69 -49.02 3.07
N HIS A 82 -65.26 -48.31 2.04
CA HIS A 82 -63.83 -48.25 1.73
C HIS A 82 -63.05 -47.66 2.89
N GLU A 83 -63.56 -46.55 3.45
CA GLU A 83 -62.91 -45.92 4.59
C GLU A 83 -62.96 -46.82 5.81
N GLU A 84 -64.06 -47.55 6.00
CA GLU A 84 -64.14 -48.49 7.12
C GLU A 84 -63.03 -49.51 7.03
N THR A 85 -62.87 -50.14 5.86
CA THR A 85 -61.82 -51.13 5.68
C THR A 85 -60.44 -50.53 5.95
N ILE A 86 -60.13 -49.42 5.29
CA ILE A 86 -58.78 -48.87 5.39
C ILE A 86 -58.48 -48.40 6.81
N TYR A 87 -59.42 -47.71 7.44
CA TYR A 87 -59.23 -47.23 8.80
C TYR A 87 -59.07 -48.38 9.78
N ASN A 88 -59.90 -49.41 9.68
CA ASN A 88 -59.77 -50.54 10.59
C ASN A 88 -58.45 -51.25 10.35
N LEU A 89 -57.90 -51.11 9.14
CA LEU A 89 -56.55 -51.63 8.90
C LEU A 89 -55.49 -50.74 9.55
N LEU A 90 -55.71 -49.44 9.58
CA LEU A 90 -54.70 -48.49 10.06
C LEU A 90 -54.97 -47.96 11.47
N LYS A 91 -55.85 -48.62 12.24
CA LYS A 91 -56.22 -48.10 13.56
C LYS A 91 -55.06 -48.14 14.55
N ASP A 92 -54.07 -49.01 14.34
CA ASP A 92 -53.04 -49.21 15.36
C ASP A 92 -52.17 -47.97 15.55
N CYS A 93 -51.89 -47.26 14.46
CA CYS A 93 -50.91 -46.16 14.52
C CYS A 93 -51.36 -45.07 15.49
N PRO A 94 -50.43 -44.54 16.28
CA PRO A 94 -50.78 -43.43 17.19
C PRO A 94 -51.05 -42.12 16.47
N ALA A 95 -50.50 -41.91 15.28
CA ALA A 95 -50.65 -40.65 14.56
C ALA A 95 -51.80 -40.81 13.56
N VAL A 96 -53.00 -41.05 14.09
CA VAL A 96 -54.21 -41.10 13.30
C VAL A 96 -55.36 -40.61 14.16
N ALA A 97 -56.07 -39.58 13.68
CA ALA A 97 -57.22 -39.07 14.42
C ALA A 97 -58.27 -40.16 14.58
N LYS A 98 -58.74 -40.33 15.80
CA LYS A 98 -59.61 -41.46 16.12
C LYS A 98 -60.98 -41.30 15.47
N HIS A 99 -61.20 -41.99 14.35
CA HIS A 99 -62.47 -41.91 13.65
C HIS A 99 -63.57 -42.61 14.44
N ASP A 100 -64.83 -42.39 14.04
CA ASP A 100 -65.96 -43.07 14.67
C ASP A 100 -67.14 -43.10 13.71
N PHE A 101 -67.55 -44.29 13.30
CA PHE A 101 -68.51 -44.45 12.23
C PHE A 101 -69.89 -44.82 12.77
N PHE A 102 -70.92 -44.27 12.14
CA PHE A 102 -72.30 -44.65 12.44
C PHE A 102 -73.16 -44.30 11.24
N LYS A 103 -74.36 -44.87 11.21
CA LYS A 103 -75.34 -44.62 10.15
C LYS A 103 -76.54 -43.93 10.76
N PHE A 104 -76.89 -42.77 10.23
CA PHE A 104 -77.94 -41.93 10.81
C PHE A 104 -78.95 -41.54 9.75
N ARG A 105 -80.17 -41.29 10.20
CA ARG A 105 -81.28 -40.91 9.33
C ARG A 105 -81.58 -39.42 9.49
N ILE A 106 -81.91 -38.76 8.38
CA ILE A 106 -82.23 -37.33 8.38
C ILE A 106 -83.72 -37.10 8.14
N ASP A 107 -84.22 -37.45 6.95
CA ASP A 107 -85.65 -37.34 6.70
C ASP A 107 -86.26 -38.71 6.43
N GLY A 108 -85.77 -39.39 5.41
CA GLY A 108 -86.17 -40.74 5.10
C GLY A 108 -85.03 -41.53 4.49
N ASP A 109 -83.82 -41.00 4.63
CA ASP A 109 -82.65 -41.59 4.01
C ASP A 109 -81.66 -42.04 5.07
N MET A 110 -81.08 -43.22 4.89
CA MET A 110 -80.17 -43.80 5.88
C MET A 110 -78.74 -43.35 5.57
N VAL A 111 -78.55 -42.03 5.60
CA VAL A 111 -77.31 -41.41 5.13
C VAL A 111 -76.14 -41.85 6.00
N PRO A 112 -75.01 -42.26 5.39
CA PRO A 112 -73.86 -42.70 6.17
C PRO A 112 -73.05 -41.51 6.67
N HIS A 113 -72.59 -41.59 7.92
CA HIS A 113 -71.82 -40.54 8.55
C HIS A 113 -70.37 -41.00 8.78
N ILE A 114 -69.48 -40.02 8.79
CA ILE A 114 -68.11 -40.19 9.27
C ILE A 114 -67.84 -39.09 10.27
N SER A 115 -67.34 -39.46 11.45
CA SER A 115 -67.19 -38.51 12.55
C SER A 115 -65.74 -38.51 13.02
N ARG A 116 -64.93 -37.65 12.40
CA ARG A 116 -63.58 -37.41 12.88
C ARG A 116 -63.63 -36.72 14.24
N GLN A 117 -62.63 -36.98 15.07
CA GLN A 117 -62.66 -36.57 16.47
C GLN A 117 -61.43 -35.79 16.85
N ARG A 118 -61.64 -34.73 17.64
CA ARG A 118 -60.56 -33.96 18.28
C ARG A 118 -59.56 -33.41 17.27
N LEU A 119 -60.08 -32.77 16.22
CA LEU A 119 -59.23 -32.13 15.22
C LEU A 119 -58.93 -30.70 15.65
N THR A 120 -58.33 -29.92 14.76
CA THR A 120 -57.98 -28.54 15.02
C THR A 120 -58.71 -27.64 14.03
N LYS A 121 -58.82 -26.36 14.37
CA LYS A 121 -59.57 -25.43 13.54
C LYS A 121 -58.93 -25.28 12.17
N TYR A 122 -57.62 -25.05 12.12
CA TYR A 122 -56.93 -24.72 10.88
C TYR A 122 -55.95 -25.84 10.53
N THR A 123 -56.22 -26.52 9.41
CA THR A 123 -55.30 -27.54 8.93
C THR A 123 -54.04 -26.90 8.37
N MET A 124 -52.96 -27.66 8.35
CA MET A 124 -51.64 -27.14 7.96
C MET A 124 -51.64 -26.45 6.60
N ALA A 125 -52.47 -26.93 5.67
CA ALA A 125 -52.55 -26.27 4.37
C ALA A 125 -52.90 -24.80 4.54
N ASP A 126 -53.78 -24.49 5.49
CA ASP A 126 -54.12 -23.09 5.74
C ASP A 126 -52.93 -22.29 6.24
N LEU A 127 -52.14 -22.84 7.15
CA LEU A 127 -50.95 -22.13 7.63
C LEU A 127 -49.98 -21.87 6.48
N VAL A 128 -49.67 -22.92 5.71
CA VAL A 128 -48.70 -22.77 4.63
C VAL A 128 -49.19 -21.75 3.61
N TYR A 129 -50.47 -21.84 3.23
CA TYR A 129 -51.05 -20.91 2.26
C TYR A 129 -51.02 -19.49 2.77
N ALA A 130 -51.64 -19.25 3.94
CA ALA A 130 -51.75 -17.91 4.50
C ALA A 130 -50.44 -17.31 4.87
N LEU A 131 -49.36 -18.10 4.96
CA LEU A 131 -48.04 -17.51 5.13
C LEU A 131 -47.28 -17.34 3.82
N ARG A 132 -47.62 -18.12 2.80
CA ARG A 132 -46.93 -18.05 1.52
C ARG A 132 -47.71 -17.26 0.47
N HIS A 133 -48.83 -16.66 0.87
CA HIS A 133 -49.61 -15.80 -0.02
C HIS A 133 -50.00 -14.55 0.71
N PHE A 134 -49.05 -13.95 1.40
CA PHE A 134 -49.32 -12.86 2.33
C PHE A 134 -49.91 -11.65 1.61
N ASP A 135 -50.86 -11.01 2.28
CA ASP A 135 -51.45 -9.75 1.84
C ASP A 135 -51.97 -9.00 3.05
N GLU A 136 -51.26 -7.96 3.49
CA GLU A 136 -51.56 -7.31 4.75
C GLU A 136 -52.96 -6.71 4.80
N GLY A 137 -53.60 -6.47 3.65
CA GLY A 137 -54.97 -5.99 3.66
C GLY A 137 -55.96 -7.03 4.12
N ASN A 138 -55.67 -8.32 3.89
CA ASN A 138 -56.56 -9.41 4.28
C ASN A 138 -55.69 -10.54 4.82
N CYS A 139 -55.45 -10.53 6.14
CA CYS A 139 -54.74 -11.60 6.83
C CYS A 139 -55.45 -11.83 8.16
N ASP A 140 -56.42 -12.75 8.16
CA ASP A 140 -57.17 -13.05 9.36
C ASP A 140 -56.82 -14.44 9.90
N THR A 141 -56.65 -15.41 9.00
CA THR A 141 -56.28 -16.74 9.43
C THR A 141 -54.92 -16.75 10.12
N LEU A 142 -53.97 -15.99 9.59
CA LEU A 142 -52.66 -15.90 10.23
C LEU A 142 -52.78 -15.30 11.63
N LYS A 143 -53.58 -14.25 11.79
CA LYS A 143 -53.75 -13.65 13.11
C LYS A 143 -54.39 -14.64 14.08
N GLU A 144 -55.44 -15.35 13.64
CA GLU A 144 -56.09 -16.30 14.51
C GLU A 144 -55.15 -17.42 14.93
N ILE A 145 -54.37 -17.94 13.97
CA ILE A 145 -53.40 -18.99 14.29
C ILE A 145 -52.36 -18.48 15.27
N LEU A 146 -51.87 -17.26 15.05
CA LEU A 146 -50.82 -16.72 15.91
C LEU A 146 -51.30 -16.42 17.32
N VAL A 147 -52.55 -16.00 17.49
CA VAL A 147 -53.06 -15.67 18.82
C VAL A 147 -53.65 -16.87 19.54
N THR A 148 -54.10 -17.90 18.84
CA THR A 148 -54.67 -19.08 19.48
C THR A 148 -53.60 -19.94 20.14
N TYR A 149 -52.36 -19.90 19.66
CA TYR A 149 -51.29 -20.77 20.13
C TYR A 149 -50.32 -20.04 21.05
N ASN A 150 -50.78 -18.96 21.69
CA ASN A 150 -50.04 -18.24 22.71
C ASN A 150 -48.74 -17.65 22.19
N CYS A 151 -48.55 -17.61 20.87
CA CYS A 151 -47.35 -17.02 20.30
C CYS A 151 -47.26 -15.54 20.65
N CYS A 152 -48.23 -14.76 20.18
CA CYS A 152 -48.35 -13.36 20.59
C CYS A 152 -49.71 -13.13 21.22
N ASP A 153 -50.04 -11.86 21.50
CA ASP A 153 -51.35 -11.51 22.01
C ASP A 153 -51.93 -10.41 21.14
N ASP A 154 -53.26 -10.29 21.14
CA ASP A 154 -53.93 -9.44 20.17
C ASP A 154 -53.53 -7.98 20.28
N ASP A 155 -52.98 -7.55 21.42
CA ASP A 155 -52.49 -6.19 21.54
C ASP A 155 -51.23 -5.96 20.72
N TYR A 156 -50.51 -7.03 20.35
CA TYR A 156 -49.30 -6.89 19.55
C TYR A 156 -49.61 -6.51 18.11
N PHE A 157 -50.84 -6.74 17.64
CA PHE A 157 -51.23 -6.47 16.27
C PHE A 157 -51.62 -5.02 16.04
N ASN A 158 -51.57 -4.19 17.08
CA ASN A 158 -51.82 -2.76 16.94
C ASN A 158 -50.57 -1.97 16.62
N LYS A 159 -49.39 -2.48 16.99
CA LYS A 159 -48.14 -1.83 16.65
C LYS A 159 -47.95 -1.86 15.14
N LYS A 160 -48.08 -0.70 14.49
CA LYS A 160 -48.08 -0.65 13.05
C LYS A 160 -46.74 -1.11 12.48
N ASP A 161 -46.79 -1.58 11.23
CA ASP A 161 -45.67 -2.24 10.58
C ASP A 161 -45.22 -3.46 11.39
N TRP A 162 -46.22 -4.25 11.80
CA TRP A 162 -45.97 -5.46 12.57
C TRP A 162 -45.49 -6.61 11.72
N TYR A 163 -45.84 -6.64 10.43
CA TYR A 163 -45.48 -7.74 9.54
C TYR A 163 -44.17 -7.51 8.80
N ASP A 164 -43.55 -6.35 8.98
CA ASP A 164 -42.33 -6.01 8.24
C ASP A 164 -41.16 -6.87 8.69
N PHE A 165 -40.22 -7.11 7.77
CA PHE A 165 -38.97 -7.79 8.08
C PHE A 165 -37.78 -6.84 8.19
N VAL A 166 -37.91 -5.61 7.69
CA VAL A 166 -36.84 -4.63 7.77
C VAL A 166 -36.96 -3.87 9.09
N GLU A 167 -38.08 -3.18 9.27
CA GLU A 167 -38.40 -2.62 10.58
C GLU A 167 -39.20 -3.64 11.38
N ASN A 168 -39.19 -3.45 12.69
CA ASN A 168 -39.80 -4.39 13.64
C ASN A 168 -39.23 -5.80 13.42
N PRO A 169 -37.95 -6.02 13.70
CA PRO A 169 -37.36 -7.34 13.46
C PRO A 169 -37.74 -8.36 14.52
N ASP A 170 -38.59 -7.98 15.46
CA ASP A 170 -39.09 -8.90 16.47
C ASP A 170 -40.06 -9.92 15.90
N ILE A 171 -40.51 -9.73 14.65
CA ILE A 171 -41.37 -10.70 14.01
C ILE A 171 -40.66 -12.04 13.85
N LEU A 172 -39.32 -12.03 13.81
CA LEU A 172 -38.57 -13.28 13.79
C LEU A 172 -38.85 -14.09 15.05
N ARG A 173 -38.70 -13.46 16.22
CA ARG A 173 -38.99 -14.15 17.48
C ARG A 173 -40.47 -14.51 17.58
N VAL A 174 -41.34 -13.67 17.02
CA VAL A 174 -42.77 -13.97 17.06
C VAL A 174 -43.06 -15.25 16.27
N TYR A 175 -42.49 -15.37 15.07
CA TYR A 175 -42.69 -16.56 14.26
C TYR A 175 -41.99 -17.77 14.86
N ALA A 176 -40.92 -17.54 15.61
CA ALA A 176 -40.15 -18.66 16.14
C ALA A 176 -40.89 -19.46 17.20
N ASN A 177 -42.16 -19.20 17.49
CA ASN A 177 -42.90 -19.98 18.47
C ASN A 177 -43.71 -21.11 17.83
N LEU A 178 -43.63 -21.29 16.52
CA LEU A 178 -44.31 -22.38 15.84
C LEU A 178 -43.38 -23.54 15.50
N GLY A 179 -42.09 -23.42 15.84
CA GLY A 179 -41.10 -24.41 15.47
C GLY A 179 -41.37 -25.77 16.08
N GLU A 180 -41.72 -25.79 17.37
CA GLU A 180 -42.02 -27.06 18.02
C GLU A 180 -43.22 -27.74 17.39
N ARG A 181 -44.28 -26.98 17.09
CA ARG A 181 -45.45 -27.57 16.46
C ARG A 181 -45.10 -28.15 15.10
N VAL A 182 -44.33 -27.41 14.29
CA VAL A 182 -43.96 -27.89 12.97
C VAL A 182 -43.13 -29.17 13.08
N ARG A 183 -42.18 -29.19 14.01
CA ARG A 183 -41.33 -30.37 14.16
C ARG A 183 -42.13 -31.58 14.62
N GLN A 184 -43.05 -31.38 15.57
CA GLN A 184 -43.90 -32.49 16.01
C GLN A 184 -44.74 -33.01 14.85
N ALA A 185 -45.26 -32.11 14.02
CA ALA A 185 -46.03 -32.53 12.87
C ALA A 185 -45.19 -33.35 11.90
N LEU A 186 -43.94 -32.93 11.66
CA LEU A 186 -43.06 -33.68 10.78
C LEU A 186 -42.81 -35.09 11.33
N LEU A 187 -42.53 -35.18 12.63
CA LEU A 187 -42.27 -36.48 13.23
C LEU A 187 -43.50 -37.39 13.14
N LYS A 188 -44.69 -36.84 13.37
CA LYS A 188 -45.90 -37.64 13.26
C LYS A 188 -46.15 -38.07 11.82
N THR A 189 -45.78 -37.23 10.84
CA THR A 189 -45.87 -37.65 9.45
C THR A 189 -44.95 -38.83 9.18
N VAL A 190 -43.73 -38.80 9.72
CA VAL A 190 -42.82 -39.93 9.56
C VAL A 190 -43.43 -41.20 10.16
N GLN A 191 -44.02 -41.07 11.35
CA GLN A 191 -44.64 -42.22 12.00
C GLN A 191 -45.77 -42.78 11.14
N PHE A 192 -46.61 -41.90 10.60
CA PHE A 192 -47.69 -42.35 9.74
C PHE A 192 -47.17 -43.06 8.51
N CYS A 193 -46.11 -42.52 7.90
CA CYS A 193 -45.55 -43.14 6.70
C CYS A 193 -45.04 -44.55 7.02
N ASP A 194 -44.32 -44.69 8.14
CA ASP A 194 -43.83 -46.02 8.52
C ASP A 194 -44.98 -46.99 8.76
N ALA A 195 -45.99 -46.54 9.51
CA ALA A 195 -47.11 -47.43 9.83
C ALA A 195 -47.84 -47.87 8.57
N MET A 196 -48.07 -46.94 7.66
CA MET A 196 -48.83 -47.28 6.46
C MET A 196 -48.01 -48.16 5.54
N ARG A 197 -46.70 -47.91 5.43
CA ARG A 197 -45.87 -48.81 4.64
C ARG A 197 -45.86 -50.23 5.22
N ASN A 198 -45.89 -50.35 6.54
CA ASN A 198 -45.95 -51.67 7.15
C ASN A 198 -47.30 -52.34 6.88
N ALA A 199 -48.39 -51.56 6.93
CA ALA A 199 -49.72 -52.13 6.82
C ALA A 199 -50.17 -52.29 5.38
N GLY A 200 -49.27 -52.01 4.43
CA GLY A 200 -49.57 -52.21 3.02
C GLY A 200 -50.68 -51.35 2.46
N ILE A 201 -50.46 -50.04 2.44
CA ILE A 201 -51.39 -49.09 1.84
C ILE A 201 -50.61 -48.22 0.85
N VAL A 202 -51.31 -47.73 -0.16
CA VAL A 202 -50.69 -46.94 -1.22
C VAL A 202 -51.53 -45.68 -1.43
N GLY A 203 -50.88 -44.53 -1.46
CA GLY A 203 -51.58 -43.29 -1.68
C GLY A 203 -50.64 -42.11 -1.72
N VAL A 204 -51.22 -40.92 -1.76
CA VAL A 204 -50.47 -39.67 -1.81
C VAL A 204 -50.88 -38.81 -0.63
N LEU A 205 -49.89 -38.28 0.08
CA LEU A 205 -50.15 -37.41 1.21
C LEU A 205 -50.41 -35.99 0.72
N THR A 206 -51.06 -35.19 1.56
CA THR A 206 -51.45 -33.84 1.18
C THR A 206 -51.36 -32.93 2.40
N LEU A 207 -51.20 -31.64 2.15
CA LEU A 207 -51.07 -30.66 3.22
C LEU A 207 -52.42 -30.31 3.84
N ASP A 208 -53.51 -30.70 3.20
CA ASP A 208 -54.85 -30.32 3.64
C ASP A 208 -55.50 -31.43 4.45
N ASN A 209 -54.71 -32.39 4.89
CA ASN A 209 -55.18 -33.46 5.76
C ASN A 209 -54.65 -33.37 7.17
N GLN A 210 -53.36 -33.09 7.32
CA GLN A 210 -52.70 -33.10 8.64
C GLN A 210 -53.00 -31.79 9.35
N ASP A 211 -53.92 -31.85 10.31
CA ASP A 211 -54.24 -30.67 11.10
C ASP A 211 -53.06 -30.33 12.02
N LEU A 212 -53.13 -29.13 12.60
CA LEU A 212 -51.94 -28.51 13.20
C LEU A 212 -51.37 -29.34 14.34
N ASN A 213 -52.20 -30.07 15.07
CA ASN A 213 -51.68 -30.90 16.16
C ASN A 213 -50.78 -32.00 15.61
N GLY A 214 -51.17 -32.62 14.51
CA GLY A 214 -50.37 -33.68 13.92
C GLY A 214 -51.18 -34.87 13.45
N ASN A 215 -52.43 -34.95 13.92
CA ASN A 215 -53.28 -36.08 13.57
C ASN A 215 -53.61 -36.08 12.09
N TRP A 216 -53.80 -37.28 11.54
CA TRP A 216 -54.12 -37.47 10.14
C TRP A 216 -55.55 -37.99 9.99
N TYR A 217 -56.10 -37.85 8.79
CA TYR A 217 -57.41 -38.41 8.46
C TYR A 217 -57.56 -38.45 6.95
N ASP A 218 -58.79 -38.67 6.49
CA ASP A 218 -59.14 -38.67 5.08
C ASP A 218 -58.39 -39.74 4.28
N PHE A 219 -58.69 -41.01 4.53
CA PHE A 219 -58.11 -42.12 3.77
C PHE A 219 -58.92 -42.44 2.52
N GLY A 220 -59.67 -41.48 1.99
CA GLY A 220 -60.58 -41.72 0.90
C GLY A 220 -59.94 -41.91 -0.47
N ASP A 221 -58.65 -41.67 -0.60
CA ASP A 221 -57.95 -41.85 -1.87
C ASP A 221 -57.01 -43.04 -1.88
N PHE A 222 -56.69 -43.62 -0.73
CA PHE A 222 -55.72 -44.69 -0.65
C PHE A 222 -56.33 -46.01 -1.13
N ILE A 223 -55.46 -46.92 -1.56
CA ILE A 223 -55.84 -48.27 -1.91
C ILE A 223 -54.83 -49.23 -1.28
N GLN A 224 -55.26 -50.46 -1.06
CA GLN A 224 -54.47 -51.43 -0.31
C GLN A 224 -53.75 -52.41 -1.23
N THR A 225 -52.70 -53.01 -0.69
CA THR A 225 -51.92 -54.03 -1.37
C THR A 225 -51.49 -55.05 -0.33
N THR A 226 -50.67 -56.01 -0.75
CA THR A 226 -50.13 -56.99 0.18
C THR A 226 -49.22 -56.29 1.19
N PRO A 227 -49.29 -56.67 2.47
CA PRO A 227 -48.48 -55.98 3.48
C PRO A 227 -46.99 -56.13 3.20
N GLY A 228 -46.25 -55.06 3.49
CA GLY A 228 -44.83 -55.02 3.31
C GLY A 228 -44.35 -54.31 2.06
N SER A 229 -45.26 -53.96 1.15
CA SER A 229 -44.89 -53.34 -0.11
C SER A 229 -45.66 -52.05 -0.36
N GLY A 230 -46.01 -51.34 0.71
CA GLY A 230 -46.67 -50.04 0.56
C GLY A 230 -45.70 -48.98 0.11
N VAL A 231 -46.21 -47.80 -0.26
CA VAL A 231 -45.36 -46.71 -0.71
C VAL A 231 -46.06 -45.37 -0.49
N PRO A 232 -45.44 -44.44 0.24
CA PRO A 232 -45.98 -43.09 0.33
C PRO A 232 -45.50 -42.20 -0.81
N VAL A 233 -46.41 -41.70 -1.63
CA VAL A 233 -46.02 -40.69 -2.60
C VAL A 233 -45.91 -39.36 -1.87
N VAL A 234 -44.68 -38.92 -1.61
CA VAL A 234 -44.46 -37.68 -0.89
C VAL A 234 -43.53 -36.78 -1.70
N ASP A 235 -44.11 -35.92 -2.52
CA ASP A 235 -43.39 -34.86 -3.20
C ASP A 235 -44.06 -33.51 -2.98
N SER A 236 -45.37 -33.45 -3.15
CA SER A 236 -46.10 -32.21 -2.89
C SER A 236 -45.98 -31.78 -1.43
N TYR A 237 -46.06 -32.73 -0.51
CA TYR A 237 -46.02 -32.43 0.91
C TYR A 237 -44.78 -31.65 1.31
N TYR A 238 -43.61 -32.27 1.18
CA TYR A 238 -42.37 -31.59 1.54
C TYR A 238 -42.07 -30.44 0.59
N SER A 239 -42.35 -30.61 -0.70
CA SER A 239 -42.04 -29.55 -1.66
C SER A 239 -42.86 -28.29 -1.41
N LEU A 240 -43.98 -28.39 -0.69
CA LEU A 240 -44.72 -27.20 -0.30
C LEU A 240 -44.38 -26.74 1.10
N LEU A 241 -44.08 -27.66 2.02
CA LEU A 241 -43.74 -27.27 3.38
C LEU A 241 -42.32 -26.72 3.50
N MET A 242 -41.52 -26.86 2.45
CA MET A 242 -40.10 -26.51 2.55
C MET A 242 -39.84 -25.06 2.93
N PRO A 243 -40.47 -24.05 2.29
CA PRO A 243 -40.09 -22.66 2.59
C PRO A 243 -40.49 -22.20 3.98
N ILE A 244 -41.32 -22.98 4.66
CA ILE A 244 -41.73 -22.64 6.02
C ILE A 244 -40.74 -23.17 7.06
N LEU A 245 -40.05 -24.27 6.75
CA LEU A 245 -39.19 -24.94 7.70
C LEU A 245 -38.04 -24.07 8.21
N THR A 246 -37.65 -23.03 7.47
CA THR A 246 -36.59 -22.14 7.94
C THR A 246 -37.09 -20.72 8.15
N LEU A 247 -38.40 -20.53 8.22
CA LEU A 247 -38.96 -19.26 8.64
C LEU A 247 -39.54 -19.30 10.05
N THR A 248 -40.01 -20.47 10.49
CA THR A 248 -40.44 -20.69 11.86
C THR A 248 -39.37 -21.41 12.67
N ARG A 249 -38.24 -21.73 12.03
CA ARG A 249 -37.10 -22.36 12.69
C ARG A 249 -37.50 -23.61 13.47
N ALA A 250 -37.99 -24.62 12.77
CA ALA A 250 -38.40 -25.86 13.41
C ALA A 250 -37.24 -26.78 13.76
N LEU A 251 -36.04 -26.50 13.25
CA LEU A 251 -34.88 -27.33 13.52
C LEU A 251 -34.06 -26.85 14.71
N THR A 252 -34.47 -25.77 15.38
CA THR A 252 -33.70 -25.26 16.50
C THR A 252 -33.80 -26.16 17.73
N ALA A 253 -34.76 -27.08 17.75
CA ALA A 253 -34.91 -27.97 18.88
C ALA A 253 -33.83 -29.04 18.86
N GLU A 254 -33.06 -29.11 17.78
CA GLU A 254 -31.99 -30.10 17.66
C GLU A 254 -30.68 -29.62 18.27
N SER A 255 -30.50 -28.31 18.42
CA SER A 255 -29.29 -27.79 19.04
C SER A 255 -29.44 -27.81 20.56
N HIS A 256 -29.82 -28.96 21.11
CA HIS A 256 -29.98 -29.13 22.54
C HIS A 256 -29.57 -30.54 22.91
N VAL A 257 -29.17 -30.73 24.17
CA VAL A 257 -28.55 -31.98 24.59
C VAL A 257 -29.47 -33.18 24.48
N ASP A 258 -30.79 -32.98 24.50
CA ASP A 258 -31.67 -34.14 24.41
C ASP A 258 -32.90 -33.90 23.54
N THR A 259 -32.83 -33.01 22.55
CA THR A 259 -33.99 -32.62 21.75
C THR A 259 -35.12 -32.18 22.67
N ASP A 260 -34.85 -31.15 23.48
CA ASP A 260 -35.79 -30.67 24.50
C ASP A 260 -35.40 -29.25 24.85
N LEU A 261 -36.41 -28.38 24.92
CA LEU A 261 -36.17 -26.96 25.16
C LEU A 261 -36.18 -26.62 26.65
N THR A 262 -35.49 -27.44 27.45
CA THR A 262 -35.31 -27.15 28.87
C THR A 262 -33.91 -27.53 29.32
N LYS A 263 -32.95 -27.50 28.39
CA LYS A 263 -31.63 -28.06 28.63
C LYS A 263 -30.61 -27.18 27.94
N PRO A 264 -29.35 -27.22 28.38
CA PRO A 264 -28.32 -26.40 27.76
C PRO A 264 -27.92 -26.91 26.38
N TYR A 265 -27.32 -26.01 25.61
CA TYR A 265 -26.87 -26.36 24.27
C TYR A 265 -25.76 -27.40 24.34
N ILE A 266 -25.70 -28.25 23.31
CA ILE A 266 -24.61 -29.22 23.22
C ILE A 266 -23.29 -28.49 23.03
N LYS A 267 -22.27 -28.91 23.75
CA LYS A 267 -20.94 -28.32 23.65
C LYS A 267 -20.13 -29.13 22.64
N TRP A 268 -20.25 -28.74 21.37
CA TRP A 268 -19.46 -29.38 20.33
C TRP A 268 -17.98 -29.09 20.53
N ASP A 269 -17.15 -30.08 20.21
CA ASP A 269 -15.72 -29.86 20.23
C ASP A 269 -15.32 -28.92 19.11
N LEU A 270 -14.41 -27.98 19.41
CA LEU A 270 -14.04 -26.96 18.44
C LEU A 270 -13.36 -27.57 17.22
N LEU A 271 -12.50 -28.57 17.44
CA LEU A 271 -11.70 -29.13 16.36
C LEU A 271 -12.52 -29.92 15.35
N LYS A 272 -13.76 -30.28 15.67
CA LYS A 272 -14.55 -31.06 14.73
C LYS A 272 -15.00 -30.19 13.56
N TYR A 273 -14.75 -30.68 12.34
CA TYR A 273 -15.11 -29.95 11.13
C TYR A 273 -15.80 -30.79 10.08
N ASP A 274 -15.65 -32.11 10.11
CA ASP A 274 -16.23 -32.98 9.08
C ASP A 274 -17.76 -32.87 9.07
N PHE A 275 -18.40 -33.29 10.16
CA PHE A 275 -19.83 -33.13 10.35
C PHE A 275 -20.64 -33.78 9.23
N THR A 276 -20.11 -34.82 8.60
CA THR A 276 -20.78 -35.49 7.49
C THR A 276 -21.55 -36.72 7.93
N GLU A 277 -21.83 -36.83 9.22
CA GLU A 277 -22.67 -37.91 9.74
C GLU A 277 -23.93 -37.41 10.42
N GLU A 278 -23.85 -36.30 11.15
CA GLU A 278 -25.05 -35.73 11.76
C GLU A 278 -26.06 -35.30 10.70
N ARG A 279 -25.58 -34.75 9.59
CA ARG A 279 -26.49 -34.37 8.51
C ARG A 279 -27.24 -35.59 7.98
N LEU A 280 -26.52 -36.69 7.76
CA LEU A 280 -27.17 -37.90 7.27
C LEU A 280 -28.16 -38.44 8.28
N LYS A 281 -27.81 -38.40 9.57
CA LYS A 281 -28.72 -38.89 10.60
C LYS A 281 -30.01 -38.06 10.63
N LEU A 282 -29.86 -36.73 10.58
CA LEU A 282 -31.04 -35.87 10.60
C LEU A 282 -31.91 -36.10 9.37
N PHE A 283 -31.28 -36.19 8.20
CA PHE A 283 -32.05 -36.41 6.97
C PHE A 283 -32.73 -37.76 6.97
N ASP A 284 -32.13 -38.77 7.60
CA ASP A 284 -32.77 -40.07 7.71
C ASP A 284 -33.91 -40.10 8.71
N ARG A 285 -33.80 -39.36 9.81
CA ARG A 285 -34.87 -39.34 10.80
C ARG A 285 -36.06 -38.48 10.39
N TYR A 286 -35.81 -37.34 9.74
CA TYR A 286 -36.92 -36.44 9.41
C TYR A 286 -37.49 -36.68 8.02
N PHE A 287 -36.62 -36.94 7.03
CA PHE A 287 -37.05 -36.99 5.64
C PHE A 287 -36.87 -38.41 5.09
N LYS A 288 -37.32 -39.41 5.84
CA LYS A 288 -36.97 -40.79 5.52
C LYS A 288 -37.43 -41.20 4.13
N TYR A 289 -38.65 -40.84 3.74
CA TYR A 289 -39.23 -41.34 2.51
C TYR A 289 -39.06 -40.39 1.33
N TRP A 290 -38.31 -39.31 1.49
CA TRP A 290 -38.04 -38.42 0.37
C TRP A 290 -37.24 -39.17 -0.69
N ASP A 291 -37.86 -39.38 -1.85
CA ASP A 291 -37.39 -40.36 -2.84
C ASP A 291 -36.36 -39.74 -3.77
N GLN A 292 -35.20 -39.42 -3.21
CA GLN A 292 -34.07 -38.95 -4.01
C GLN A 292 -32.79 -38.98 -3.18
N THR A 293 -31.71 -39.51 -3.75
CA THR A 293 -30.45 -39.61 -3.03
C THR A 293 -29.96 -38.24 -2.61
N TYR A 294 -29.46 -38.16 -1.37
CA TYR A 294 -28.90 -36.92 -0.83
C TYR A 294 -27.47 -37.22 -0.41
N HIS A 295 -26.50 -36.61 -1.10
CA HIS A 295 -25.09 -36.78 -0.78
C HIS A 295 -24.60 -35.52 -0.07
N PRO A 296 -24.16 -35.61 1.19
CA PRO A 296 -23.82 -34.41 1.95
C PRO A 296 -22.68 -33.62 1.31
N ASN A 297 -21.55 -34.28 1.08
CA ASN A 297 -20.44 -33.62 0.40
C ASN A 297 -20.81 -33.38 -1.06
N CYS A 298 -21.08 -32.12 -1.41
CA CYS A 298 -21.58 -31.79 -2.74
C CYS A 298 -20.57 -32.07 -3.85
N VAL A 299 -19.34 -32.41 -3.50
CA VAL A 299 -18.35 -32.75 -4.53
C VAL A 299 -18.79 -33.97 -5.32
N ASN A 300 -19.42 -34.93 -4.65
CA ASN A 300 -19.83 -36.18 -5.29
C ASN A 300 -21.03 -36.01 -6.21
N CYS A 301 -21.63 -34.83 -6.27
CA CYS A 301 -22.86 -34.65 -7.04
C CYS A 301 -22.61 -34.91 -8.52
N LEU A 302 -23.63 -35.48 -9.19
CA LEU A 302 -23.49 -35.88 -10.58
C LEU A 302 -23.45 -34.68 -11.51
N ASP A 303 -24.52 -33.88 -11.53
CA ASP A 303 -24.58 -32.70 -12.38
C ASP A 303 -25.29 -31.58 -11.63
N ASP A 304 -25.26 -30.40 -12.24
CA ASP A 304 -25.70 -29.14 -11.62
C ASP A 304 -27.02 -29.25 -10.87
N ARG A 305 -27.99 -29.96 -11.45
CA ARG A 305 -29.29 -30.09 -10.80
C ARG A 305 -29.18 -30.74 -9.43
N CYS A 306 -28.41 -31.83 -9.34
CA CYS A 306 -28.21 -32.46 -8.04
C CYS A 306 -27.42 -31.58 -7.10
N ILE A 307 -26.50 -30.76 -7.64
CA ILE A 307 -25.78 -29.80 -6.81
C ILE A 307 -26.75 -28.85 -6.14
N LEU A 308 -27.68 -28.29 -6.92
CA LEU A 308 -28.67 -27.38 -6.36
C LEU A 308 -29.57 -28.09 -5.35
N HIS A 309 -30.01 -29.30 -5.68
CA HIS A 309 -30.92 -30.03 -4.80
C HIS A 309 -30.28 -30.40 -3.47
N CYS A 310 -28.98 -30.73 -3.45
CA CYS A 310 -28.30 -31.02 -2.20
C CYS A 310 -27.94 -29.76 -1.43
N ALA A 311 -27.58 -28.68 -2.13
CA ALA A 311 -27.31 -27.42 -1.43
C ALA A 311 -28.55 -26.91 -0.73
N ASN A 312 -29.73 -27.13 -1.32
CA ASN A 312 -30.96 -26.70 -0.67
C ASN A 312 -31.14 -27.38 0.69
N PHE A 313 -30.89 -28.69 0.75
CA PHE A 313 -30.99 -29.40 2.03
C PHE A 313 -29.92 -28.93 3.00
N ASN A 314 -28.70 -28.73 2.50
CA ASN A 314 -27.61 -28.31 3.38
C ASN A 314 -27.90 -26.95 4.01
N VAL A 315 -28.60 -26.07 3.28
CA VAL A 315 -28.92 -24.76 3.83
C VAL A 315 -29.68 -24.90 5.14
N LEU A 316 -30.69 -25.78 5.16
CA LEU A 316 -31.44 -26.02 6.39
C LEU A 316 -30.57 -26.74 7.42
N PHE A 317 -29.88 -27.81 7.00
CA PHE A 317 -29.19 -28.64 7.98
C PHE A 317 -28.00 -27.92 8.61
N SER A 318 -27.56 -26.79 8.06
CA SER A 318 -26.41 -26.09 8.59
C SER A 318 -26.77 -25.04 9.64
N THR A 319 -28.04 -24.90 9.99
CA THR A 319 -28.43 -23.93 11.01
C THR A 319 -28.33 -24.50 12.42
N VAL A 320 -28.04 -25.79 12.57
CA VAL A 320 -27.96 -26.42 13.89
C VAL A 320 -26.54 -26.44 14.44
N PHE A 321 -25.54 -26.14 13.63
CA PHE A 321 -24.15 -26.35 13.97
C PHE A 321 -23.49 -25.04 14.42
N PRO A 322 -22.49 -25.12 15.29
CA PRO A 322 -21.86 -23.90 15.80
C PRO A 322 -21.25 -23.08 14.68
N PRO A 323 -21.30 -21.75 14.79
CA PRO A 323 -20.75 -20.90 13.73
C PRO A 323 -19.24 -20.78 13.74
N THR A 324 -18.55 -21.37 14.72
CA THR A 324 -17.10 -21.32 14.79
C THR A 324 -16.47 -22.57 14.21
N SER A 325 -17.11 -23.17 13.21
CA SER A 325 -16.56 -24.34 12.54
C SER A 325 -16.62 -24.23 11.03
N PHE A 326 -17.02 -23.07 10.49
CA PHE A 326 -17.09 -22.84 9.06
C PHE A 326 -15.95 -21.92 8.63
N GLY A 327 -15.67 -21.92 7.34
CA GLY A 327 -14.61 -21.11 6.79
C GLY A 327 -13.44 -21.92 6.30
N PRO A 328 -12.30 -21.26 6.12
CA PRO A 328 -11.11 -21.96 5.61
C PRO A 328 -10.62 -23.03 6.59
N LEU A 329 -10.00 -24.05 6.02
CA LEU A 329 -9.32 -25.10 6.79
C LEU A 329 -7.83 -24.94 6.62
N VAL A 330 -7.09 -24.99 7.73
CA VAL A 330 -5.67 -24.73 7.73
C VAL A 330 -4.91 -26.00 8.12
N ARG A 331 -3.66 -26.06 7.69
CA ARG A 331 -2.78 -27.16 8.06
C ARG A 331 -1.34 -26.69 7.97
N LYS A 332 -0.48 -27.26 8.79
CA LYS A 332 0.92 -26.83 8.88
C LYS A 332 1.74 -27.52 7.80
N ILE A 333 2.38 -26.73 6.94
CA ILE A 333 3.26 -27.25 5.90
C ILE A 333 4.63 -26.59 6.05
N PHE A 334 5.65 -27.27 5.55
CA PHE A 334 7.05 -26.86 5.72
C PHE A 334 7.65 -26.46 4.39
N VAL A 335 8.25 -25.28 4.33
CA VAL A 335 9.03 -24.83 3.19
C VAL A 335 10.43 -24.47 3.69
N ASP A 336 11.46 -24.99 3.01
CA ASP A 336 12.87 -24.81 3.35
C ASP A 336 13.12 -24.91 4.85
N GLY A 337 12.44 -25.84 5.51
CA GLY A 337 12.57 -25.98 6.95
C GLY A 337 11.82 -24.95 7.76
N VAL A 338 10.94 -24.18 7.15
CA VAL A 338 10.25 -23.09 7.83
C VAL A 338 8.75 -23.37 7.86
N PRO A 339 8.10 -23.31 9.02
CA PRO A 339 6.67 -23.63 9.09
C PRO A 339 5.79 -22.52 8.54
N PHE A 340 4.70 -22.92 7.89
CA PHE A 340 3.67 -22.01 7.42
C PHE A 340 2.28 -22.55 7.76
N VAL A 341 1.30 -21.67 7.63
CA VAL A 341 -0.11 -22.02 7.74
C VAL A 341 -0.80 -21.58 6.46
N VAL A 342 -1.43 -22.52 5.77
CA VAL A 342 -2.10 -22.25 4.49
C VAL A 342 -3.47 -22.90 4.50
N SER A 343 -4.33 -22.44 3.59
CA SER A 343 -5.68 -22.95 3.46
C SER A 343 -5.71 -24.03 2.39
N THR A 344 -6.10 -25.24 2.78
CA THR A 344 -6.15 -26.39 1.88
C THR A 344 -7.55 -26.96 1.82
N GLY A 345 -8.55 -26.09 1.79
CA GLY A 345 -9.93 -26.55 1.71
C GLY A 345 -10.87 -25.46 2.15
N TYR A 346 -12.11 -25.86 2.41
CA TYR A 346 -13.12 -24.95 2.93
C TYR A 346 -14.25 -25.79 3.50
N HIS A 347 -15.15 -25.14 4.24
CA HIS A 347 -16.35 -25.78 4.73
C HIS A 347 -17.52 -24.85 4.44
N PHE A 348 -18.08 -24.99 3.23
CA PHE A 348 -19.20 -24.18 2.80
C PHE A 348 -20.46 -24.51 3.59
N ARG A 349 -21.34 -23.51 3.75
CA ARG A 349 -22.63 -23.80 4.38
C ARG A 349 -23.51 -24.65 3.48
N GLU A 350 -23.34 -24.55 2.16
CA GLU A 350 -24.18 -25.26 1.21
C GLU A 350 -23.47 -26.48 0.63
N LEU A 351 -22.31 -26.26 0.04
CA LEU A 351 -21.64 -27.34 -0.68
C LEU A 351 -20.89 -28.30 0.25
N GLY A 352 -20.96 -28.15 1.56
CA GLY A 352 -20.30 -29.12 2.40
C GLY A 352 -18.79 -28.99 2.37
N VAL A 353 -18.13 -30.08 2.76
CA VAL A 353 -16.68 -30.10 2.84
C VAL A 353 -16.10 -30.21 1.44
N VAL A 354 -15.14 -29.32 1.13
CA VAL A 354 -14.43 -29.34 -0.14
C VAL A 354 -12.95 -29.42 0.19
N HIS A 355 -12.31 -30.51 -0.22
CA HIS A 355 -10.89 -30.72 0.06
C HIS A 355 -10.06 -30.26 -1.12
N ASN A 356 -8.97 -29.55 -0.83
CA ASN A 356 -8.06 -29.13 -1.87
C ASN A 356 -7.24 -30.33 -2.35
N GLN A 357 -6.66 -30.18 -3.54
CA GLN A 357 -5.95 -31.28 -4.19
C GLN A 357 -4.46 -31.06 -4.32
N ASP A 358 -4.04 -29.96 -4.94
CA ASP A 358 -2.63 -29.74 -5.23
C ASP A 358 -1.94 -28.92 -4.15
N VAL A 359 -1.79 -29.49 -2.96
CA VAL A 359 -1.03 -28.89 -1.88
C VAL A 359 0.22 -29.74 -1.65
N ASN A 360 1.37 -29.09 -1.59
CA ASN A 360 2.64 -29.78 -1.41
C ASN A 360 3.03 -29.76 0.06
N LEU A 361 3.16 -30.94 0.66
CA LEU A 361 3.57 -31.03 2.06
C LEU A 361 4.98 -30.50 2.27
N HIS A 362 5.83 -30.57 1.25
CA HIS A 362 7.20 -30.08 1.33
C HIS A 362 7.53 -29.26 0.09
N SER A 363 8.46 -28.32 0.25
CA SER A 363 8.91 -27.50 -0.85
C SER A 363 10.20 -26.81 -0.46
N SER A 364 11.08 -26.61 -1.45
CA SER A 364 12.38 -26.01 -1.20
C SER A 364 12.32 -24.49 -1.36
N ARG A 365 11.93 -24.00 -2.53
CA ARG A 365 11.73 -22.58 -2.75
C ARG A 365 10.56 -22.34 -3.69
N LEU A 366 10.00 -21.14 -3.63
CA LEU A 366 8.76 -20.77 -4.29
C LEU A 366 8.95 -19.55 -5.18
N SER A 367 8.45 -19.63 -6.42
CA SER A 367 8.87 -18.63 -7.39
C SER A 367 8.09 -17.32 -7.39
N PHE A 368 6.89 -17.30 -8.00
CA PHE A 368 6.04 -16.10 -7.95
C PHE A 368 4.59 -16.43 -7.62
N LYS A 369 3.97 -17.35 -8.36
CA LYS A 369 2.53 -17.57 -8.27
C LYS A 369 2.18 -18.16 -6.92
N GLU A 370 3.10 -18.95 -6.36
CA GLU A 370 2.91 -19.46 -5.02
C GLU A 370 2.92 -18.32 -3.99
N LEU A 371 3.76 -17.30 -4.19
CA LEU A 371 3.63 -16.08 -3.40
C LEU A 371 2.25 -15.45 -3.57
N LEU A 372 1.81 -15.29 -4.81
CA LEU A 372 0.57 -14.57 -5.06
C LEU A 372 -0.64 -15.29 -4.47
N VAL A 373 -0.58 -16.61 -4.38
CA VAL A 373 -1.68 -17.37 -3.78
C VAL A 373 -1.49 -17.62 -2.29
N TYR A 374 -0.29 -17.42 -1.76
CA TYR A 374 -0.07 -17.56 -0.32
C TYR A 374 -0.26 -16.26 0.43
N ALA A 375 -0.12 -15.12 -0.24
CA ALA A 375 -0.31 -13.82 0.41
C ALA A 375 -1.76 -13.35 0.39
N ALA A 376 -2.57 -13.84 -0.55
CA ALA A 376 -3.96 -13.45 -0.63
C ALA A 376 -4.85 -14.22 0.33
N ASP A 377 -4.34 -15.27 0.96
CA ASP A 377 -5.13 -16.03 1.91
C ASP A 377 -5.38 -15.21 3.17
N PRO A 378 -6.53 -15.42 3.82
CA PRO A 378 -6.76 -14.82 5.14
C PRO A 378 -6.14 -15.63 6.27
N ALA A 379 -5.62 -16.82 5.96
CA ALA A 379 -5.12 -17.72 7.01
C ALA A 379 -3.94 -17.12 7.75
N MET A 380 -2.94 -16.64 7.00
CA MET A 380 -1.70 -16.17 7.60
C MET A 380 -1.94 -14.92 8.44
N HIS A 381 -2.67 -13.95 7.87
CA HIS A 381 -2.99 -12.73 8.60
C HIS A 381 -3.84 -13.03 9.83
N ALA A 382 -4.84 -13.90 9.68
CA ALA A 382 -5.70 -14.26 10.80
C ALA A 382 -4.91 -14.91 11.92
N ALA A 383 -4.01 -15.84 11.57
CA ALA A 383 -3.19 -16.50 12.57
C ALA A 383 -2.18 -15.55 13.19
N SER A 384 -1.80 -14.48 12.49
CA SER A 384 -0.89 -13.48 13.03
C SER A 384 -1.64 -12.25 13.54
N GLY A 385 -2.83 -12.47 14.10
CA GLY A 385 -3.63 -11.35 14.56
C GLY A 385 -3.97 -11.41 16.03
N ASN A 386 -4.84 -10.50 16.46
CA ASN A 386 -5.30 -10.42 17.84
C ASN A 386 -6.78 -10.75 17.89
N LEU A 387 -7.19 -11.58 18.84
CA LEU A 387 -8.58 -11.96 18.96
C LEU A 387 -9.43 -10.73 19.25
N LEU A 388 -10.50 -10.56 18.47
CA LEU A 388 -11.33 -9.38 18.55
C LEU A 388 -12.76 -9.76 18.95
N LEU A 389 -13.28 -9.07 19.96
CA LEU A 389 -14.67 -9.19 20.36
C LEU A 389 -15.33 -7.83 20.14
N ASP A 390 -16.17 -7.73 19.12
CA ASP A 390 -16.83 -6.49 18.75
C ASP A 390 -18.28 -6.56 19.17
N LYS A 391 -18.72 -5.60 19.98
CA LYS A 391 -20.08 -5.55 20.49
C LYS A 391 -20.91 -4.45 19.84
N ARG A 392 -20.46 -3.94 18.70
CA ARG A 392 -21.28 -3.00 17.94
C ARG A 392 -22.24 -3.72 17.00
N THR A 393 -21.82 -4.83 16.43
CA THR A 393 -22.61 -5.56 15.45
C THR A 393 -22.75 -7.03 15.86
N THR A 394 -23.78 -7.66 15.33
CA THR A 394 -24.00 -9.09 15.54
C THR A 394 -23.24 -9.96 14.56
N CYS A 395 -22.53 -9.36 13.61
CA CYS A 395 -21.73 -10.14 12.67
C CYS A 395 -20.59 -10.84 13.40
N PHE A 396 -20.21 -12.00 12.88
CA PHE A 396 -19.26 -12.86 13.55
C PHE A 396 -17.85 -12.35 13.24
N SER A 397 -17.16 -11.83 14.25
CA SER A 397 -15.83 -11.26 14.07
C SER A 397 -14.79 -12.38 14.00
N VAL A 398 -13.62 -12.07 13.43
CA VAL A 398 -12.59 -13.08 13.24
C VAL A 398 -11.32 -12.69 13.99
N ALA A 399 -10.80 -11.50 13.71
CA ALA A 399 -9.53 -11.08 14.32
C ALA A 399 -9.36 -9.59 14.07
N ALA A 400 -8.18 -9.07 14.41
CA ALA A 400 -7.84 -7.68 14.16
C ALA A 400 -6.35 -7.58 13.85
N LEU A 401 -6.01 -6.95 12.72
CA LEU A 401 -4.64 -6.95 12.24
C LEU A 401 -3.77 -5.96 13.01
N THR A 402 -4.11 -4.68 12.94
CA THR A 402 -3.31 -3.64 13.59
C THR A 402 -3.67 -3.53 15.07
N ASN A 403 -3.14 -2.50 15.74
CA ASN A 403 -3.38 -2.31 17.16
C ASN A 403 -4.60 -1.47 17.48
N ASN A 404 -4.92 -0.48 16.64
CA ASN A 404 -6.06 0.39 16.88
C ASN A 404 -6.95 0.43 15.66
N VAL A 405 -8.26 0.38 15.88
CA VAL A 405 -9.22 0.45 14.78
C VAL A 405 -9.16 1.82 14.14
N ALA A 406 -9.43 1.87 12.83
CA ALA A 406 -9.34 3.10 12.06
C ALA A 406 -10.74 3.65 11.84
N PHE A 407 -10.91 4.94 12.09
CA PHE A 407 -12.19 5.62 11.90
C PHE A 407 -12.15 6.47 10.65
N GLN A 408 -13.17 6.37 9.82
CA GLN A 408 -13.25 7.07 8.55
C GLN A 408 -14.39 8.07 8.55
N THR A 409 -14.22 9.14 7.79
CA THR A 409 -15.22 10.19 7.63
C THR A 409 -15.32 10.57 6.16
N VAL A 410 -16.42 11.20 5.81
CA VAL A 410 -16.66 11.63 4.43
C VAL A 410 -16.85 13.14 4.45
N LYS A 411 -16.04 13.85 3.67
CA LYS A 411 -16.07 15.31 3.68
C LYS A 411 -17.36 15.82 3.04
N PRO A 412 -17.79 17.02 3.41
CA PRO A 412 -18.91 17.65 2.71
C PRO A 412 -18.49 18.16 1.34
N GLY A 413 -19.48 18.65 0.59
CA GLY A 413 -19.22 19.16 -0.73
C GLY A 413 -18.62 20.55 -0.73
N ASN A 414 -18.10 20.94 -1.89
CA ASN A 414 -17.49 22.25 -2.08
C ASN A 414 -18.38 23.08 -2.99
N PHE A 415 -18.67 24.31 -2.56
CA PHE A 415 -19.61 25.17 -3.27
C PHE A 415 -18.98 25.69 -4.56
N ASN A 416 -19.86 26.22 -5.43
CA ASN A 416 -19.48 26.73 -6.74
C ASN A 416 -20.15 28.11 -6.92
N LYS A 417 -19.95 28.98 -5.92
CA LYS A 417 -20.70 30.22 -5.77
C LYS A 417 -20.94 30.95 -7.09
N ASP A 418 -19.96 30.92 -7.99
CA ASP A 418 -20.08 31.67 -9.24
C ASP A 418 -21.29 31.21 -10.05
N PHE A 419 -21.46 29.89 -10.20
CA PHE A 419 -22.60 29.38 -10.94
C PHE A 419 -23.91 29.68 -10.21
N TYR A 420 -23.89 29.67 -8.88
CA TYR A 420 -25.08 30.01 -8.12
C TYR A 420 -25.50 31.45 -8.37
N ASP A 421 -24.53 32.37 -8.39
CA ASP A 421 -24.86 33.77 -8.68
C ASP A 421 -25.36 33.93 -10.10
N PHE A 422 -24.74 33.25 -11.06
CA PHE A 422 -25.25 33.33 -12.42
C PHE A 422 -26.64 32.73 -12.55
N ALA A 423 -26.99 31.74 -11.73
CA ALA A 423 -28.33 31.16 -11.76
C ALA A 423 -29.35 32.12 -11.15
N VAL A 424 -29.03 32.72 -10.00
CA VAL A 424 -29.96 33.66 -9.39
C VAL A 424 -30.08 34.94 -10.21
N SER A 425 -29.08 35.23 -11.06
CA SER A 425 -29.19 36.38 -11.94
C SER A 425 -30.31 36.19 -12.96
N LYS A 426 -30.48 34.96 -13.45
CA LYS A 426 -31.46 34.68 -14.50
C LYS A 426 -32.83 34.36 -13.91
N GLY A 427 -33.10 34.83 -12.69
CA GLY A 427 -34.41 34.69 -12.09
C GLY A 427 -34.81 33.26 -11.79
N PHE A 428 -33.89 32.49 -11.22
CA PHE A 428 -34.16 31.13 -10.78
C PHE A 428 -34.28 31.08 -9.26
N PHE A 429 -34.67 29.90 -8.77
CA PHE A 429 -34.71 29.62 -7.33
C PHE A 429 -35.63 30.58 -6.60
N LYS A 430 -36.73 30.95 -7.24
CA LYS A 430 -37.72 31.81 -6.60
C LYS A 430 -38.62 30.99 -5.68
N GLU A 431 -39.13 31.65 -4.65
CA GLU A 431 -40.02 30.99 -3.69
C GLU A 431 -41.34 30.67 -4.37
N GLY A 432 -41.72 29.39 -4.36
CA GLY A 432 -42.90 28.94 -5.04
C GLY A 432 -42.66 28.34 -6.41
N SER A 433 -41.40 28.25 -6.83
CA SER A 433 -41.09 27.68 -8.14
C SER A 433 -41.27 26.17 -8.12
N SER A 434 -41.22 25.57 -9.30
CA SER A 434 -41.43 24.13 -9.48
C SER A 434 -40.15 23.32 -9.33
N VAL A 435 -39.01 23.86 -9.79
CA VAL A 435 -37.74 23.16 -9.72
C VAL A 435 -36.95 23.72 -8.54
N GLU A 436 -36.49 22.82 -7.67
CA GLU A 436 -35.79 23.21 -6.45
C GLU A 436 -34.65 22.24 -6.20
N LEU A 437 -33.68 22.69 -5.41
CA LEU A 437 -32.54 21.86 -5.08
C LEU A 437 -32.95 20.74 -4.13
N LYS A 438 -32.61 19.50 -4.51
CA LYS A 438 -32.90 18.35 -3.66
C LYS A 438 -31.74 17.37 -3.49
N HIS A 439 -30.76 17.35 -4.40
CA HIS A 439 -29.63 16.44 -4.32
C HIS A 439 -28.42 17.20 -3.82
N PHE A 440 -27.82 16.71 -2.72
CA PHE A 440 -26.70 17.39 -2.08
C PHE A 440 -25.63 16.38 -1.70
N PHE A 441 -24.43 16.90 -1.48
CA PHE A 441 -23.32 16.07 -0.99
C PHE A 441 -23.49 15.89 0.52
N PHE A 442 -24.05 14.75 0.91
CA PHE A 442 -24.23 14.47 2.33
C PHE A 442 -22.91 14.06 2.97
N ALA A 443 -22.61 14.64 4.12
CA ALA A 443 -21.38 14.37 4.84
C ALA A 443 -21.68 13.47 6.03
N GLN A 444 -20.80 12.50 6.26
CA GLN A 444 -21.02 11.48 7.27
C GLN A 444 -20.11 11.69 8.47
N ASP A 445 -20.54 11.11 9.59
CA ASP A 445 -19.85 11.14 10.87
C ASP A 445 -18.71 10.12 10.88
N GLY A 446 -18.32 9.67 12.07
CA GLY A 446 -17.16 8.83 12.24
C GLY A 446 -17.53 7.39 12.02
N ASN A 447 -17.84 6.63 13.07
CA ASN A 447 -18.06 5.20 12.92
C ASN A 447 -19.34 4.94 12.13
N ALA A 448 -19.27 5.21 10.83
CA ALA A 448 -20.36 4.95 9.90
C ALA A 448 -20.11 3.74 9.01
N ALA A 449 -18.86 3.43 8.71
CA ALA A 449 -18.55 2.27 7.88
C ALA A 449 -19.06 0.98 8.53
N ILE A 450 -18.75 0.79 9.81
CA ILE A 450 -19.19 -0.41 10.50
C ILE A 450 -20.71 -0.40 10.71
N SER A 451 -21.28 0.77 11.04
CA SER A 451 -22.72 0.88 11.20
C SER A 451 -23.49 0.65 9.92
N ASP A 452 -22.84 0.80 8.76
CA ASP A 452 -23.44 0.46 7.48
C ASP A 452 -23.20 -0.98 7.06
N TYR A 453 -22.03 -1.54 7.41
CA TYR A 453 -21.80 -2.96 7.19
C TYR A 453 -22.72 -3.81 8.06
N ASP A 454 -23.21 -3.25 9.17
CA ASP A 454 -24.10 -4.00 10.05
C ASP A 454 -25.38 -4.44 9.34
N TYR A 455 -25.73 -3.80 8.23
CA TYR A 455 -26.98 -4.10 7.53
C TYR A 455 -27.06 -5.53 7.00
N TYR A 456 -25.99 -6.32 7.12
CA TYR A 456 -26.04 -7.71 6.69
C TYR A 456 -26.87 -8.56 7.64
N ARG A 457 -27.29 -7.97 8.76
CA ARG A 457 -28.18 -8.66 9.69
C ARG A 457 -29.59 -8.84 9.13
N TYR A 458 -29.84 -8.40 7.90
CA TYR A 458 -31.14 -8.56 7.26
C TYR A 458 -31.19 -9.78 6.34
N ASN A 459 -30.17 -10.63 6.39
CA ASN A 459 -30.02 -11.76 5.47
C ASN A 459 -30.11 -13.05 6.28
N LEU A 460 -31.31 -13.58 6.40
CA LEU A 460 -31.55 -14.84 7.10
C LEU A 460 -31.11 -15.99 6.22
N PRO A 461 -30.84 -17.16 6.81
CA PRO A 461 -30.59 -18.36 5.98
C PRO A 461 -31.88 -18.90 5.41
N THR A 462 -32.09 -18.68 4.11
CA THR A 462 -33.36 -18.99 3.47
C THR A 462 -33.23 -20.30 2.71
N MET A 463 -34.17 -21.21 2.96
CA MET A 463 -34.24 -22.47 2.24
C MET A 463 -35.32 -22.35 1.17
N CYS A 464 -34.91 -22.21 -0.09
CA CYS A 464 -35.84 -22.02 -1.18
C CYS A 464 -36.55 -23.32 -1.51
N ASP A 465 -37.79 -23.19 -2.01
CA ASP A 465 -38.51 -24.36 -2.51
C ASP A 465 -37.73 -24.97 -3.67
N ILE A 466 -37.72 -26.30 -3.73
CA ILE A 466 -36.83 -27.01 -4.63
C ILE A 466 -37.53 -27.41 -5.93
N ARG A 467 -38.74 -27.96 -5.86
CA ARG A 467 -39.35 -28.57 -7.04
C ARG A 467 -39.87 -27.52 -8.02
N GLN A 468 -40.02 -26.27 -7.62
CA GLN A 468 -40.35 -25.21 -8.56
C GLN A 468 -39.13 -24.41 -8.97
N LEU A 469 -38.09 -24.37 -8.13
CA LEU A 469 -36.82 -23.81 -8.55
C LEU A 469 -36.21 -24.64 -9.68
N LEU A 470 -36.40 -25.95 -9.63
CA LEU A 470 -35.81 -26.83 -10.64
C LEU A 470 -36.61 -26.81 -11.94
N PHE A 471 -37.51 -25.83 -12.08
CA PHE A 471 -38.24 -25.61 -13.32
C PHE A 471 -38.07 -24.15 -13.73
N VAL A 472 -38.04 -23.27 -12.73
CA VAL A 472 -37.69 -21.88 -12.99
C VAL A 472 -36.29 -21.78 -13.57
N VAL A 473 -35.39 -22.67 -13.14
CA VAL A 473 -34.06 -22.72 -13.73
C VAL A 473 -34.14 -23.03 -15.23
N GLU A 474 -34.99 -24.00 -15.60
CA GLU A 474 -35.14 -24.32 -17.02
C GLU A 474 -35.67 -23.12 -17.80
N VAL A 475 -36.68 -22.43 -17.25
CA VAL A 475 -37.25 -21.29 -17.95
C VAL A 475 -36.22 -20.18 -18.12
N VAL A 476 -35.47 -19.90 -17.06
CA VAL A 476 -34.44 -18.86 -17.11
C VAL A 476 -33.37 -19.22 -18.14
N ASP A 477 -32.94 -20.48 -18.15
CA ASP A 477 -31.96 -20.92 -19.13
C ASP A 477 -32.50 -20.78 -20.55
N LYS A 478 -33.79 -21.02 -20.74
CA LYS A 478 -34.40 -20.79 -22.05
C LYS A 478 -34.35 -19.30 -22.41
N TYR A 479 -34.54 -18.43 -21.41
CA TYR A 479 -34.35 -17.01 -21.65
C TYR A 479 -32.93 -16.68 -22.11
N PHE A 480 -31.94 -17.28 -21.46
CA PHE A 480 -30.53 -17.06 -21.83
C PHE A 480 -30.07 -18.10 -22.84
N ASP A 481 -30.52 -17.94 -24.08
CA ASP A 481 -30.28 -18.94 -25.11
C ASP A 481 -29.45 -18.44 -26.28
N CYS A 482 -29.69 -17.22 -26.76
CA CYS A 482 -29.04 -16.75 -27.98
C CYS A 482 -27.54 -16.56 -27.80
N TYR A 483 -27.11 -16.18 -26.59
CA TYR A 483 -25.72 -15.82 -26.37
C TYR A 483 -24.83 -17.06 -26.42
N ASP A 484 -23.53 -16.81 -26.55
CA ASP A 484 -22.52 -17.87 -26.61
C ASP A 484 -21.40 -17.54 -25.64
N GLY A 485 -20.82 -18.58 -25.04
CA GLY A 485 -19.77 -18.39 -24.05
C GLY A 485 -18.80 -19.54 -24.04
N GLY A 486 -17.71 -19.33 -23.32
CA GLY A 486 -16.68 -20.33 -23.17
C GLY A 486 -15.38 -19.72 -22.71
N CYS A 487 -14.50 -20.58 -22.21
CA CYS A 487 -13.20 -20.13 -21.74
C CYS A 487 -12.36 -19.61 -22.91
N ILE A 488 -11.49 -18.65 -22.60
CA ILE A 488 -10.58 -18.07 -23.58
C ILE A 488 -9.17 -18.07 -23.00
N ASN A 489 -8.19 -18.10 -23.90
CA ASN A 489 -6.80 -18.08 -23.48
C ASN A 489 -6.44 -16.71 -22.91
N ALA A 490 -5.44 -16.70 -22.03
CA ALA A 490 -5.12 -15.52 -21.25
C ALA A 490 -4.55 -14.38 -22.07
N ASN A 491 -4.31 -14.56 -23.37
CA ASN A 491 -3.79 -13.51 -24.22
C ASN A 491 -4.87 -12.78 -25.00
N GLN A 492 -6.14 -13.13 -24.78
CA GLN A 492 -7.24 -12.48 -25.47
C GLN A 492 -8.15 -11.69 -24.53
N VAL A 493 -7.80 -11.59 -23.25
CA VAL A 493 -8.63 -10.82 -22.33
C VAL A 493 -8.50 -9.33 -22.64
N ILE A 494 -9.57 -8.60 -22.34
CA ILE A 494 -9.63 -7.16 -22.60
C ILE A 494 -9.98 -6.47 -21.30
N VAL A 495 -9.14 -5.53 -20.87
CA VAL A 495 -9.32 -4.80 -19.62
C VAL A 495 -9.25 -3.31 -19.91
N ASN A 496 -10.21 -2.56 -19.38
CA ASN A 496 -10.23 -1.11 -19.51
C ASN A 496 -9.93 -0.47 -18.16
N ASN A 497 -9.32 0.71 -18.21
CA ASN A 497 -8.95 1.46 -17.01
C ASN A 497 -8.02 0.63 -16.12
N LEU A 498 -6.85 0.29 -16.65
CA LEU A 498 -5.91 -0.62 -15.99
C LEU A 498 -5.18 0.02 -14.81
N ASP A 499 -5.63 1.18 -14.34
CA ASP A 499 -4.99 1.88 -13.23
C ASP A 499 -5.96 2.10 -12.07
N LYS A 500 -6.75 1.09 -11.74
CA LYS A 500 -7.64 1.14 -10.60
C LYS A 500 -7.13 0.21 -9.51
N SER A 501 -7.61 0.44 -8.28
CA SER A 501 -7.11 -0.28 -7.12
C SER A 501 -7.36 -1.78 -7.25
N ALA A 502 -6.57 -2.56 -6.49
CA ALA A 502 -6.64 -4.02 -6.55
C ALA A 502 -6.56 -4.59 -5.13
N GLY A 503 -7.72 -4.75 -4.51
CA GLY A 503 -7.94 -5.49 -3.29
C GLY A 503 -6.97 -5.21 -2.14
N PHE A 504 -6.85 -6.23 -1.29
CA PHE A 504 -5.96 -6.25 -0.13
C PHE A 504 -5.33 -7.63 -0.03
N PRO A 505 -4.06 -7.72 0.36
CA PRO A 505 -3.11 -6.65 0.71
C PRO A 505 -2.27 -6.16 -0.46
N PHE A 506 -2.65 -6.51 -1.69
CA PHE A 506 -1.85 -6.12 -2.86
C PHE A 506 -1.83 -4.62 -3.08
N ASN A 507 -2.74 -3.87 -2.48
CA ASN A 507 -2.79 -2.43 -2.70
C ASN A 507 -1.62 -1.69 -2.08
N LYS A 508 -0.83 -2.35 -1.22
CA LYS A 508 0.27 -1.68 -0.54
C LYS A 508 1.47 -1.43 -1.44
N TRP A 509 1.49 -2.00 -2.65
CA TRP A 509 2.69 -1.91 -3.48
C TRP A 509 2.42 -1.46 -4.91
N GLY A 510 1.20 -1.07 -5.24
CA GLY A 510 0.87 -0.61 -6.59
C GLY A 510 -0.48 -1.10 -7.04
N LYS A 511 -1.02 -0.43 -8.06
CA LYS A 511 -2.33 -0.76 -8.57
C LYS A 511 -2.25 -1.96 -9.52
N ALA A 512 -3.40 -2.29 -10.13
CA ALA A 512 -3.54 -3.51 -10.91
C ALA A 512 -2.62 -3.55 -12.13
N ARG A 513 -2.16 -2.40 -12.62
CA ARG A 513 -1.27 -2.40 -13.78
C ARG A 513 0.03 -3.14 -13.49
N LEU A 514 0.59 -2.92 -12.30
CA LEU A 514 1.86 -3.53 -11.94
C LEU A 514 1.75 -5.05 -11.90
N TYR A 515 0.66 -5.58 -11.35
CA TYR A 515 0.47 -7.03 -11.34
C TYR A 515 0.09 -7.57 -12.72
N TYR A 516 -0.57 -6.76 -13.54
CA TYR A 516 -0.92 -7.20 -14.89
C TYR A 516 0.25 -7.13 -15.85
N ASP A 517 1.33 -6.44 -15.50
CA ASP A 517 2.54 -6.42 -16.30
C ASP A 517 3.62 -7.36 -15.77
N SER A 518 3.69 -7.54 -14.45
CA SER A 518 4.68 -8.42 -13.85
C SER A 518 4.43 -9.89 -14.15
N MET A 519 3.26 -10.23 -14.68
CA MET A 519 2.87 -11.62 -14.85
C MET A 519 2.74 -11.94 -16.34
N SER A 520 3.39 -13.03 -16.75
CA SER A 520 3.42 -13.40 -18.16
C SER A 520 2.13 -14.09 -18.56
N TYR A 521 2.03 -14.50 -19.82
CA TYR A 521 0.86 -15.22 -20.29
C TYR A 521 0.81 -16.66 -19.79
N GLU A 522 1.95 -17.36 -19.79
CA GLU A 522 1.96 -18.71 -19.24
C GLU A 522 1.71 -18.70 -17.74
N ASP A 523 2.19 -17.67 -17.03
CA ASP A 523 1.94 -17.59 -15.59
C ASP A 523 0.45 -17.40 -15.30
N GLN A 524 -0.21 -16.52 -16.05
CA GLN A 524 -1.65 -16.35 -15.87
C GLN A 524 -2.40 -17.61 -16.27
N ASP A 525 -1.95 -18.29 -17.32
CA ASP A 525 -2.57 -19.57 -17.68
C ASP A 525 -2.44 -20.59 -16.57
N ALA A 526 -1.28 -20.67 -15.93
CA ALA A 526 -1.10 -21.58 -14.81
C ALA A 526 -1.99 -21.19 -13.64
N LEU A 527 -2.08 -19.90 -13.34
CA LEU A 527 -2.94 -19.46 -12.25
C LEU A 527 -4.41 -19.73 -12.52
N PHE A 528 -4.85 -19.68 -13.78
CA PHE A 528 -6.23 -20.01 -14.12
C PHE A 528 -6.47 -21.51 -14.07
N ALA A 529 -5.52 -22.30 -14.57
CA ALA A 529 -5.68 -23.75 -14.59
C ALA A 529 -5.47 -24.35 -13.20
N TYR A 530 -4.98 -23.52 -12.27
CA TYR A 530 -4.76 -23.96 -10.89
C TYR A 530 -6.05 -23.86 -10.08
N THR A 531 -6.77 -22.75 -10.20
CA THR A 531 -8.01 -22.58 -9.45
C THR A 531 -9.12 -23.51 -9.94
N LYS A 532 -8.92 -24.16 -11.08
CA LYS A 532 -9.95 -25.06 -11.61
C LYS A 532 -9.86 -26.42 -10.93
N ARG A 533 -8.87 -26.58 -10.04
CA ARG A 533 -8.73 -27.82 -9.29
C ARG A 533 -8.38 -27.54 -7.83
N ASN A 534 -8.57 -26.30 -7.38
CA ASN A 534 -8.25 -25.94 -6.00
C ASN A 534 -9.22 -24.89 -5.47
N VAL A 535 -8.94 -24.38 -4.27
CA VAL A 535 -9.77 -23.35 -3.65
C VAL A 535 -8.86 -22.27 -3.09
N ILE A 536 -9.18 -21.02 -3.39
CA ILE A 536 -8.36 -19.89 -2.95
C ILE A 536 -9.24 -18.88 -2.22
N PRO A 537 -9.51 -19.05 -0.94
CA PRO A 537 -10.24 -18.02 -0.19
C PRO A 537 -9.45 -16.73 -0.14
N THR A 538 -10.17 -15.60 -0.21
CA THR A 538 -9.52 -14.29 -0.26
C THR A 538 -10.11 -13.32 0.75
N ILE A 539 -9.67 -12.07 0.69
CA ILE A 539 -10.15 -11.01 1.57
C ILE A 539 -10.82 -9.96 0.70
N THR A 540 -11.51 -9.00 1.30
CA THR A 540 -12.17 -7.95 0.55
C THR A 540 -12.26 -6.67 1.38
N GLN A 541 -11.90 -5.53 0.79
CA GLN A 541 -11.91 -4.26 1.47
C GLN A 541 -13.26 -3.56 1.30
N MET A 542 -13.55 -2.64 2.22
CA MET A 542 -14.75 -1.83 2.18
C MET A 542 -14.38 -0.36 2.23
N ASN A 543 -15.08 0.44 1.44
CA ASN A 543 -14.82 1.87 1.36
C ASN A 543 -16.14 2.63 1.44
N LEU A 544 -16.05 3.90 1.85
CA LEU A 544 -17.18 4.80 1.84
C LEU A 544 -17.10 5.67 0.60
N LYS A 545 -18.13 5.63 -0.23
CA LYS A 545 -18.09 6.30 -1.53
C LYS A 545 -18.23 7.81 -1.34
N TYR A 546 -18.20 8.53 -2.44
CA TYR A 546 -18.25 9.99 -2.43
C TYR A 546 -18.98 10.48 -3.66
N ALA A 547 -20.30 10.69 -3.54
CA ALA A 547 -21.12 11.03 -4.69
C ALA A 547 -22.41 11.66 -4.21
N ILE A 548 -23.10 12.34 -5.14
CA ILE A 548 -24.32 13.04 -4.78
C ILE A 548 -25.47 12.04 -4.64
N SER A 549 -26.37 12.34 -3.69
CA SER A 549 -27.48 11.43 -3.41
C SER A 549 -28.72 12.20 -2.99
N ALA A 550 -29.71 11.48 -2.45
CA ALA A 550 -30.96 12.12 -2.03
C ALA A 550 -31.43 11.59 -0.68
N LYS A 551 -30.64 10.72 -0.07
CA LYS A 551 -30.93 10.20 1.27
C LYS A 551 -29.63 10.06 2.04
N ASN A 552 -29.67 10.39 3.33
CA ASN A 552 -28.46 10.55 4.13
C ASN A 552 -27.72 9.25 4.37
N ARG A 553 -28.35 8.10 4.17
CA ARG A 553 -27.68 6.82 4.43
C ARG A 553 -26.48 6.67 3.51
N ALA A 554 -25.34 6.28 4.08
CA ALA A 554 -24.10 6.23 3.33
C ALA A 554 -24.11 5.08 2.33
N ARG A 555 -23.26 5.21 1.31
CA ARG A 555 -23.06 4.16 0.33
C ARG A 555 -21.77 3.42 0.64
N THR A 556 -21.58 2.27 -0.01
CA THR A 556 -20.42 1.44 0.27
C THR A 556 -20.09 0.61 -0.96
N VAL A 557 -18.80 0.50 -1.27
CA VAL A 557 -18.31 -0.33 -2.35
C VAL A 557 -17.26 -1.29 -1.78
N ALA A 558 -17.10 -2.43 -2.43
CA ALA A 558 -16.20 -3.48 -1.96
C ALA A 558 -15.25 -3.86 -3.09
N GLY A 559 -13.97 -3.54 -2.93
CA GLY A 559 -12.97 -3.91 -3.91
C GLY A 559 -12.46 -5.33 -3.70
N VAL A 560 -12.59 -6.18 -4.72
CA VAL A 560 -12.18 -7.57 -4.61
C VAL A 560 -10.69 -7.68 -4.85
N SER A 561 -10.10 -8.77 -4.35
CA SER A 561 -8.68 -9.00 -4.53
C SER A 561 -8.36 -9.30 -5.98
N ILE A 562 -7.10 -9.08 -6.34
CA ILE A 562 -6.68 -9.19 -7.74
C ILE A 562 -6.75 -10.64 -8.24
N CYS A 563 -6.42 -11.61 -7.39
CA CYS A 563 -6.38 -13.00 -7.82
C CYS A 563 -7.76 -13.57 -8.12
N SER A 564 -8.83 -12.90 -7.69
CA SER A 564 -10.18 -13.35 -8.04
C SER A 564 -10.59 -12.79 -9.40
N THR A 565 -10.38 -11.49 -9.60
CA THR A 565 -10.74 -10.86 -10.87
C THR A 565 -9.92 -11.43 -12.01
N MET A 566 -8.63 -11.66 -11.79
CA MET A 566 -7.74 -12.11 -12.86
C MET A 566 -8.11 -13.48 -13.39
N THR A 567 -8.93 -14.25 -12.67
CA THR A 567 -9.45 -15.52 -13.15
C THR A 567 -10.90 -15.43 -13.59
N ASN A 568 -11.70 -14.61 -12.90
CA ASN A 568 -13.10 -14.45 -13.30
C ASN A 568 -13.21 -13.83 -14.69
N ARG A 569 -12.29 -12.91 -15.02
CA ARG A 569 -12.28 -12.35 -16.37
C ARG A 569 -12.10 -13.44 -17.41
N GLN A 570 -11.06 -14.27 -17.24
CA GLN A 570 -10.80 -15.31 -18.22
C GLN A 570 -11.90 -16.37 -18.24
N PHE A 571 -12.65 -16.51 -17.15
CA PHE A 571 -13.71 -17.51 -17.14
C PHE A 571 -15.03 -17.00 -17.68
N HIS A 572 -15.30 -15.69 -17.65
CA HIS A 572 -16.60 -15.17 -18.03
C HIS A 572 -16.60 -14.25 -19.24
N GLN A 573 -15.43 -13.81 -19.71
CA GLN A 573 -15.38 -12.67 -20.64
C GLN A 573 -16.17 -12.92 -21.92
N LYS A 574 -16.12 -14.14 -22.46
CA LYS A 574 -16.81 -14.39 -23.72
C LYS A 574 -18.29 -14.12 -23.63
N LEU A 575 -18.96 -14.72 -22.63
CA LEU A 575 -20.39 -14.50 -22.45
C LEU A 575 -20.67 -13.06 -22.03
N LEU A 576 -19.84 -12.53 -21.13
CA LEU A 576 -20.07 -11.19 -20.62
C LEU A 576 -19.96 -10.13 -21.70
N LYS A 577 -19.19 -10.40 -22.76
CA LYS A 577 -19.08 -9.50 -23.89
C LYS A 577 -20.07 -9.81 -25.00
N SER A 578 -20.52 -11.05 -25.10
CA SER A 578 -21.55 -11.40 -26.06
C SER A 578 -22.95 -11.00 -25.61
N ILE A 579 -23.14 -10.71 -24.32
CA ILE A 579 -24.41 -10.17 -23.85
C ILE A 579 -24.53 -8.68 -24.15
N ALA A 580 -23.50 -7.91 -23.82
CA ALA A 580 -23.53 -6.48 -24.15
C ALA A 580 -23.01 -6.22 -25.55
N ALA A 581 -23.50 -7.01 -26.51
CA ALA A 581 -23.24 -6.68 -27.92
C ALA A 581 -24.42 -7.02 -28.81
N THR A 582 -25.59 -7.34 -28.25
CA THR A 582 -26.73 -7.82 -29.02
C THR A 582 -27.93 -6.94 -28.70
N ARG A 583 -28.62 -6.48 -29.75
CA ARG A 583 -29.74 -5.56 -29.61
C ARG A 583 -31.05 -6.29 -29.89
N GLY A 584 -32.07 -5.98 -29.10
CA GLY A 584 -33.38 -6.56 -29.31
C GLY A 584 -33.62 -7.84 -28.53
N ALA A 585 -33.38 -7.81 -27.22
CA ALA A 585 -33.56 -8.97 -26.37
C ALA A 585 -34.22 -8.52 -25.07
N THR A 586 -34.33 -9.45 -24.12
CA THR A 586 -34.93 -9.17 -22.83
C THR A 586 -33.94 -8.56 -21.83
N VAL A 587 -32.65 -8.59 -22.14
CA VAL A 587 -31.63 -7.96 -21.31
C VAL A 587 -30.97 -6.86 -22.15
N VAL A 588 -30.95 -5.65 -21.61
CA VAL A 588 -30.55 -4.48 -22.38
C VAL A 588 -29.28 -3.84 -21.84
N ILE A 589 -28.40 -4.63 -21.23
CA ILE A 589 -27.11 -4.10 -20.79
C ILE A 589 -26.25 -3.82 -22.02
N GLY A 590 -26.05 -2.54 -22.32
CA GLY A 590 -25.18 -2.19 -23.43
C GLY A 590 -25.89 -1.56 -24.61
N THR A 591 -27.13 -1.15 -24.41
CA THR A 591 -27.88 -0.45 -25.44
C THR A 591 -27.84 1.05 -25.17
N SER A 592 -27.30 1.81 -26.11
CA SER A 592 -27.12 3.24 -25.93
C SER A 592 -28.47 3.95 -25.92
N LYS A 593 -28.68 4.81 -24.93
CA LYS A 593 -29.89 5.61 -24.89
C LYS A 593 -29.81 6.82 -25.81
N PHE A 594 -28.66 7.07 -26.42
CA PHE A 594 -28.50 8.15 -27.38
C PHE A 594 -28.79 7.63 -28.78
N TYR A 595 -28.74 8.52 -29.77
CA TYR A 595 -28.88 8.15 -31.17
C TYR A 595 -30.18 7.38 -31.41
N GLY A 596 -31.25 7.78 -30.73
CA GLY A 596 -32.54 7.13 -30.90
C GLY A 596 -32.56 5.66 -30.52
N GLY A 597 -31.98 5.33 -29.37
CA GLY A 597 -32.02 3.96 -28.88
C GLY A 597 -33.17 3.72 -27.93
N TRP A 598 -33.58 4.76 -27.20
CA TRP A 598 -34.70 4.64 -26.27
C TRP A 598 -35.98 4.27 -27.01
N HIS A 599 -36.21 4.89 -28.18
CA HIS A 599 -37.37 4.55 -28.97
C HIS A 599 -37.32 3.10 -29.44
N ASN A 600 -36.15 2.63 -29.85
CA ASN A 600 -36.02 1.24 -30.28
C ASN A 600 -36.32 0.28 -29.14
N MET A 601 -35.80 0.57 -27.94
CA MET A 601 -36.07 -0.29 -26.80
C MET A 601 -37.55 -0.31 -26.46
N LEU A 602 -38.16 0.88 -26.38
CA LEU A 602 -39.58 0.95 -26.01
C LEU A 602 -40.50 0.42 -27.09
N LYS A 603 -40.05 0.35 -28.34
CA LYS A 603 -40.81 -0.35 -29.37
C LYS A 603 -40.60 -1.85 -29.31
N THR A 604 -39.42 -2.30 -28.90
CA THR A 604 -39.21 -3.72 -28.67
C THR A 604 -40.08 -4.24 -27.53
N VAL A 605 -40.28 -3.44 -26.49
CA VAL A 605 -41.09 -3.88 -25.36
C VAL A 605 -42.52 -4.16 -25.81
N TYR A 606 -43.12 -3.24 -26.56
CA TYR A 606 -44.51 -3.39 -26.97
C TYR A 606 -44.60 -4.34 -28.15
N SER A 607 -44.15 -5.58 -27.97
CA SER A 607 -44.05 -6.51 -29.09
C SER A 607 -45.41 -6.83 -29.69
N ASP A 608 -46.26 -7.54 -28.95
CA ASP A 608 -47.58 -7.88 -29.47
C ASP A 608 -48.67 -7.89 -28.42
N VAL A 609 -48.45 -7.32 -27.23
CA VAL A 609 -49.40 -7.47 -26.13
C VAL A 609 -50.74 -6.85 -26.52
N GLU A 610 -51.82 -7.55 -26.18
CA GLU A 610 -53.16 -7.21 -26.64
C GLU A 610 -53.69 -5.92 -26.03
N ASN A 611 -53.79 -5.88 -24.70
CA ASN A 611 -54.32 -4.71 -24.01
C ASN A 611 -53.27 -4.21 -23.03
N PRO A 612 -52.22 -3.57 -23.52
CA PRO A 612 -51.05 -3.32 -22.68
C PRO A 612 -51.33 -2.32 -21.55
N HIS A 613 -50.79 -2.64 -20.38
CA HIS A 613 -50.55 -1.73 -19.29
C HIS A 613 -49.04 -1.66 -19.08
N LEU A 614 -48.61 -0.96 -18.03
CA LEU A 614 -47.19 -0.93 -17.68
C LEU A 614 -47.03 -1.13 -16.18
N MET A 615 -46.01 -1.89 -15.82
CA MET A 615 -45.84 -2.33 -14.45
C MET A 615 -44.37 -2.38 -14.07
N GLY A 616 -43.96 -1.60 -13.08
CA GLY A 616 -42.63 -1.69 -12.53
C GLY A 616 -42.63 -2.24 -11.12
N TRP A 617 -41.44 -2.54 -10.63
CA TRP A 617 -41.26 -2.96 -9.24
C TRP A 617 -39.83 -2.65 -8.83
N ASP A 618 -39.59 -2.65 -7.53
CA ASP A 618 -38.26 -2.35 -7.01
C ASP A 618 -38.08 -3.06 -5.68
N TYR A 619 -37.14 -3.99 -5.63
CA TYR A 619 -36.86 -4.69 -4.39
C TYR A 619 -36.24 -3.74 -3.37
N PRO A 620 -36.60 -3.87 -2.09
CA PRO A 620 -35.89 -3.11 -1.05
C PRO A 620 -34.70 -3.90 -0.52
N LYS A 621 -33.58 -3.21 -0.40
CA LYS A 621 -32.31 -3.83 0.00
C LYS A 621 -31.97 -4.99 -0.92
N CYS A 622 -31.82 -4.67 -2.22
CA CYS A 622 -31.63 -5.69 -3.23
C CYS A 622 -30.31 -6.44 -3.05
N ASP A 623 -29.24 -5.73 -2.70
CA ASP A 623 -27.91 -6.30 -2.65
C ASP A 623 -27.53 -6.83 -1.27
N ARG A 624 -28.45 -6.81 -0.31
CA ARG A 624 -28.14 -7.26 1.04
C ARG A 624 -29.10 -8.31 1.58
N ALA A 625 -30.23 -8.55 0.94
CA ALA A 625 -31.17 -9.58 1.37
C ALA A 625 -31.17 -10.78 0.43
N MET A 626 -30.23 -10.85 -0.51
CA MET A 626 -30.15 -11.92 -1.48
C MET A 626 -29.89 -13.25 -0.79
N PRO A 627 -30.81 -14.20 -0.86
CA PRO A 627 -30.56 -15.52 -0.27
C PRO A 627 -29.48 -16.26 -1.04
N ASN A 628 -28.78 -17.15 -0.33
CA ASN A 628 -27.61 -17.81 -0.90
C ASN A 628 -27.99 -18.69 -2.08
N MET A 629 -29.12 -19.39 -1.98
CA MET A 629 -29.50 -20.36 -3.01
C MET A 629 -29.72 -19.67 -4.35
N LEU A 630 -30.33 -18.48 -4.33
CA LEU A 630 -30.57 -17.77 -5.59
C LEU A 630 -29.27 -17.29 -6.22
N ARG A 631 -28.29 -16.87 -5.42
CA ARG A 631 -26.99 -16.51 -5.97
C ARG A 631 -26.30 -17.74 -6.57
N ILE A 632 -26.43 -18.89 -5.91
CA ILE A 632 -25.87 -20.13 -6.44
C ILE A 632 -26.50 -20.45 -7.78
N MET A 633 -27.82 -20.31 -7.87
CA MET A 633 -28.52 -20.56 -9.14
C MET A 633 -28.08 -19.57 -10.21
N ALA A 634 -27.88 -18.31 -9.83
CA ALA A 634 -27.42 -17.30 -10.78
C ALA A 634 -26.07 -17.68 -11.37
N SER A 635 -25.11 -18.03 -10.51
CA SER A 635 -23.80 -18.42 -10.99
C SER A 635 -23.87 -19.69 -11.83
N LEU A 636 -24.68 -20.65 -11.42
CA LEU A 636 -24.83 -21.90 -12.17
C LEU A 636 -25.40 -21.67 -13.56
N VAL A 637 -26.41 -20.80 -13.68
CA VAL A 637 -26.97 -20.50 -14.99
C VAL A 637 -25.98 -19.72 -15.85
N LEU A 638 -25.26 -18.77 -15.26
CA LEU A 638 -24.25 -18.03 -16.02
C LEU A 638 -23.06 -18.90 -16.40
N ALA A 639 -22.90 -20.07 -15.78
CA ALA A 639 -21.82 -20.97 -16.14
C ALA A 639 -22.38 -22.26 -16.74
N ARG A 640 -23.40 -22.14 -17.58
CA ARG A 640 -24.02 -23.30 -18.22
C ARG A 640 -23.57 -23.51 -19.66
N LYS A 641 -22.96 -22.52 -20.29
CA LYS A 641 -22.51 -22.65 -21.67
C LYS A 641 -21.20 -23.43 -21.79
N HIS A 642 -20.57 -23.78 -20.68
CA HIS A 642 -19.30 -24.50 -20.71
C HIS A 642 -19.53 -25.97 -21.02
N THR A 643 -20.07 -26.28 -22.19
CA THR A 643 -20.37 -27.66 -22.53
C THR A 643 -19.10 -28.44 -22.86
N THR A 644 -18.16 -27.83 -23.58
CA THR A 644 -17.00 -28.54 -24.10
C THR A 644 -15.68 -28.06 -23.50
N CYS A 645 -15.58 -26.79 -23.11
CA CYS A 645 -14.29 -26.25 -22.69
C CYS A 645 -13.77 -26.94 -21.44
N CYS A 646 -14.64 -27.22 -20.47
CA CYS A 646 -14.24 -27.78 -19.19
C CYS A 646 -14.98 -29.07 -18.92
N SER A 647 -14.40 -29.88 -18.02
CA SER A 647 -14.99 -31.15 -17.64
C SER A 647 -16.09 -30.94 -16.60
N LEU A 648 -16.56 -32.03 -16.00
CA LEU A 648 -17.65 -31.98 -15.04
C LEU A 648 -17.22 -31.61 -13.63
N SER A 649 -16.00 -31.97 -13.21
CA SER A 649 -15.53 -31.55 -11.90
C SER A 649 -14.95 -30.13 -11.95
N HIS A 650 -14.43 -29.74 -13.11
CA HIS A 650 -13.86 -28.40 -13.27
C HIS A 650 -14.91 -27.32 -13.02
N ARG A 651 -16.12 -27.53 -13.55
CA ARG A 651 -17.20 -26.57 -13.32
C ARG A 651 -17.53 -26.47 -11.84
N PHE A 652 -17.58 -27.60 -11.14
CA PHE A 652 -17.90 -27.57 -9.72
C PHE A 652 -16.81 -26.84 -8.93
N TYR A 653 -15.54 -27.08 -9.24
CA TYR A 653 -14.49 -26.37 -8.52
C TYR A 653 -14.51 -24.88 -8.83
N ARG A 654 -14.80 -24.51 -10.08
CA ARG A 654 -14.92 -23.09 -10.41
C ARG A 654 -16.08 -22.45 -9.66
N LEU A 655 -17.21 -23.15 -9.56
CA LEU A 655 -18.34 -22.62 -8.80
C LEU A 655 -17.99 -22.49 -7.33
N ALA A 656 -17.25 -23.45 -6.78
CA ALA A 656 -16.82 -23.36 -5.39
C ALA A 656 -15.90 -22.15 -5.18
N ASN A 657 -14.99 -21.91 -6.12
CA ASN A 657 -14.11 -20.75 -6.02
C ASN A 657 -14.92 -19.45 -6.06
N GLU A 658 -15.90 -19.37 -6.96
CA GLU A 658 -16.75 -18.18 -7.01
C GLU A 658 -17.50 -17.98 -5.70
N CYS A 659 -18.09 -19.06 -5.17
CA CYS A 659 -18.84 -19.00 -3.93
C CYS A 659 -17.96 -18.64 -2.73
N ALA A 660 -16.69 -19.00 -2.75
CA ALA A 660 -15.79 -18.66 -1.65
C ALA A 660 -15.11 -17.32 -1.81
N GLN A 661 -15.12 -16.74 -3.02
CA GLN A 661 -14.51 -15.45 -3.22
C GLN A 661 -15.49 -14.28 -3.22
N VAL A 662 -16.76 -14.49 -3.59
CA VAL A 662 -17.65 -13.33 -3.68
C VAL A 662 -18.99 -13.55 -2.99
N LEU A 663 -19.11 -14.58 -2.16
CA LEU A 663 -20.39 -14.80 -1.49
C LEU A 663 -20.21 -15.03 0.01
N SER A 664 -19.06 -15.59 0.40
CA SER A 664 -18.80 -15.85 1.81
C SER A 664 -17.37 -15.46 2.17
N GLU A 665 -16.97 -14.25 1.78
CA GLU A 665 -15.60 -13.78 1.95
C GLU A 665 -15.33 -13.43 3.40
N MET A 666 -14.15 -12.85 3.66
CA MET A 666 -13.83 -12.26 4.96
C MET A 666 -13.69 -10.76 4.75
N VAL A 667 -14.80 -10.04 4.92
CA VAL A 667 -14.85 -8.60 4.74
C VAL A 667 -13.90 -7.93 5.72
N MET A 668 -13.26 -6.84 5.31
CA MET A 668 -12.30 -6.15 6.17
C MET A 668 -12.85 -4.74 6.39
N CYS A 669 -14.11 -4.65 6.80
CA CYS A 669 -14.72 -3.36 7.09
C CYS A 669 -13.98 -2.69 8.25
N GLY A 670 -13.46 -1.50 8.01
CA GLY A 670 -12.74 -0.75 9.03
C GLY A 670 -11.26 -1.14 9.07
N GLY A 671 -10.83 -1.72 10.20
CA GLY A 671 -9.46 -2.15 10.35
C GLY A 671 -9.36 -3.51 11.00
N SER A 672 -10.37 -4.35 10.79
CA SER A 672 -10.41 -5.68 11.38
C SER A 672 -11.32 -6.60 10.59
N LEU A 673 -10.99 -7.88 10.51
CA LEU A 673 -11.74 -8.80 9.66
C LEU A 673 -13.12 -9.08 10.24
N TYR A 674 -14.00 -9.55 9.37
CA TYR A 674 -15.34 -10.01 9.74
C TYR A 674 -15.75 -11.09 8.75
N VAL A 675 -16.84 -11.76 9.07
CA VAL A 675 -17.42 -12.75 8.17
C VAL A 675 -18.65 -12.15 7.50
N LYS A 676 -18.83 -12.49 6.22
CA LYS A 676 -19.93 -11.96 5.42
C LYS A 676 -20.95 -13.06 5.25
N PRO A 677 -22.08 -13.01 5.97
CA PRO A 677 -23.03 -14.13 5.92
C PRO A 677 -23.56 -14.43 4.54
N GLY A 678 -23.75 -13.43 3.69
CA GLY A 678 -24.28 -13.66 2.37
C GLY A 678 -24.39 -12.37 1.59
N GLY A 679 -25.37 -12.33 0.70
CA GLY A 679 -25.54 -11.18 -0.18
C GLY A 679 -24.53 -11.19 -1.30
N THR A 680 -24.51 -10.09 -2.04
CA THR A 680 -23.61 -9.93 -3.18
C THR A 680 -22.61 -8.80 -2.92
N SER A 681 -21.34 -9.09 -3.15
CA SER A 681 -20.31 -8.07 -3.07
C SER A 681 -20.22 -7.36 -4.41
N SER A 682 -20.57 -6.09 -4.44
CA SER A 682 -20.67 -5.37 -5.70
C SER A 682 -19.31 -4.87 -6.18
N GLY A 683 -18.34 -5.76 -6.30
CA GLY A 683 -17.05 -5.36 -6.79
C GLY A 683 -16.42 -6.27 -7.83
N ASP A 684 -16.96 -7.47 -8.00
CA ASP A 684 -16.40 -8.41 -8.96
C ASP A 684 -16.91 -8.12 -10.36
N ALA A 685 -16.65 -9.03 -11.30
CA ALA A 685 -16.96 -8.81 -12.70
C ALA A 685 -18.29 -9.40 -13.14
N THR A 686 -19.13 -9.86 -12.21
CA THR A 686 -20.34 -10.55 -12.61
C THR A 686 -21.60 -10.09 -11.88
N THR A 687 -21.56 -8.96 -11.18
CA THR A 687 -22.72 -8.49 -10.44
C THR A 687 -23.84 -8.05 -11.37
N ALA A 688 -23.51 -7.25 -12.39
CA ALA A 688 -24.52 -6.59 -13.21
C ALA A 688 -25.31 -7.58 -14.05
N TYR A 689 -24.84 -8.82 -14.12
CA TYR A 689 -25.53 -9.87 -14.87
C TYR A 689 -26.20 -10.89 -13.95
N ALA A 690 -25.55 -11.23 -12.83
CA ALA A 690 -26.17 -12.08 -11.84
C ALA A 690 -27.43 -11.44 -11.29
N ASN A 691 -27.39 -10.12 -11.05
CA ASN A 691 -28.59 -9.44 -10.58
C ASN A 691 -29.71 -9.50 -11.61
N SER A 692 -29.37 -9.34 -12.89
CA SER A 692 -30.38 -9.41 -13.94
C SER A 692 -31.01 -10.80 -13.99
N VAL A 693 -30.20 -11.85 -13.91
CA VAL A 693 -30.75 -13.20 -13.97
C VAL A 693 -31.57 -13.49 -12.72
N PHE A 694 -31.19 -12.94 -11.58
CA PHE A 694 -32.00 -13.06 -10.38
C PHE A 694 -33.35 -12.38 -10.55
N ASN A 695 -33.35 -11.20 -11.18
CA ASN A 695 -34.60 -10.49 -11.42
C ASN A 695 -35.52 -11.31 -12.34
N ILE A 696 -34.95 -11.90 -13.38
CA ILE A 696 -35.74 -12.74 -14.28
C ILE A 696 -36.31 -13.92 -13.54
N CYS A 697 -35.50 -14.56 -12.68
CA CYS A 697 -35.99 -15.69 -11.89
C CYS A 697 -37.13 -15.27 -10.98
N GLN A 698 -37.00 -14.11 -10.32
CA GLN A 698 -38.08 -13.64 -9.46
C GLN A 698 -39.36 -13.42 -10.24
N ALA A 699 -39.27 -12.78 -11.41
CA ALA A 699 -40.46 -12.54 -12.21
C ALA A 699 -41.12 -13.85 -12.63
N VAL A 700 -40.30 -14.81 -13.08
CA VAL A 700 -40.86 -16.06 -13.56
C VAL A 700 -41.51 -16.86 -12.43
N THR A 701 -40.88 -16.92 -11.26
CA THR A 701 -41.48 -17.67 -10.17
C THR A 701 -42.73 -16.98 -9.65
N ALA A 702 -42.77 -15.65 -9.66
CA ALA A 702 -43.99 -14.94 -9.29
C ALA A 702 -45.11 -15.28 -10.27
N ASN A 703 -44.81 -15.30 -11.57
CA ASN A 703 -45.82 -15.65 -12.55
C ASN A 703 -46.32 -17.07 -12.36
N VAL A 704 -45.42 -18.01 -12.08
CA VAL A 704 -45.83 -19.40 -11.89
C VAL A 704 -46.75 -19.52 -10.68
N ASN A 705 -46.35 -18.89 -9.57
CA ASN A 705 -47.19 -18.91 -8.38
C ASN A 705 -48.55 -18.27 -8.62
N ALA A 706 -48.59 -17.23 -9.46
CA ALA A 706 -49.88 -16.62 -9.80
C ALA A 706 -50.73 -17.57 -10.62
N LEU A 707 -50.14 -18.23 -11.61
CA LEU A 707 -50.92 -19.09 -12.50
C LEU A 707 -51.46 -20.31 -11.77
N LEU A 708 -50.68 -20.87 -10.84
CA LEU A 708 -51.14 -22.04 -10.11
C LEU A 708 -52.31 -21.72 -9.18
N SER A 709 -52.13 -20.74 -8.30
CA SER A 709 -53.12 -20.47 -7.25
C SER A 709 -54.34 -19.74 -7.81
N THR A 710 -55.13 -20.42 -8.63
CA THR A 710 -56.38 -19.86 -9.14
C THR A 710 -57.37 -20.99 -9.32
N ASP A 711 -58.59 -20.79 -8.83
CA ASP A 711 -59.63 -21.81 -8.93
C ASP A 711 -59.89 -22.14 -10.39
N GLY A 712 -59.56 -23.37 -10.79
CA GLY A 712 -59.67 -23.78 -12.18
C GLY A 712 -61.10 -23.98 -12.65
N ASN A 713 -62.07 -23.97 -11.74
CA ASN A 713 -63.46 -24.10 -12.15
C ASN A 713 -63.90 -22.91 -12.99
N LYS A 714 -63.43 -21.71 -12.65
CA LYS A 714 -63.91 -20.48 -13.25
C LYS A 714 -63.03 -19.98 -14.39
N ILE A 715 -62.00 -20.75 -14.81
CA ILE A 715 -61.22 -20.35 -15.97
C ILE A 715 -62.03 -20.65 -17.22
N ALA A 716 -62.23 -19.63 -18.05
CA ALA A 716 -63.11 -19.73 -19.20
C ALA A 716 -62.47 -20.46 -20.37
N ASP A 717 -61.23 -20.13 -20.71
CA ASP A 717 -60.60 -20.68 -21.89
C ASP A 717 -60.29 -22.17 -21.69
N LYS A 718 -60.15 -22.88 -22.81
CA LYS A 718 -59.80 -24.29 -22.81
C LYS A 718 -58.33 -24.53 -23.12
N TYR A 719 -57.53 -23.47 -23.20
CA TYR A 719 -56.09 -23.58 -23.41
C TYR A 719 -55.32 -23.31 -22.12
N VAL A 720 -55.66 -22.22 -21.43
CA VAL A 720 -54.99 -21.88 -20.18
C VAL A 720 -55.24 -22.93 -19.12
N ARG A 721 -56.45 -23.48 -19.10
CA ARG A 721 -56.79 -24.52 -18.12
C ARG A 721 -55.92 -25.76 -18.31
N ASN A 722 -55.80 -26.21 -19.57
CA ASN A 722 -54.94 -27.35 -19.85
C ASN A 722 -53.48 -27.03 -19.57
N LEU A 723 -53.07 -25.78 -19.82
CA LEU A 723 -51.70 -25.37 -19.50
C LEU A 723 -51.43 -25.45 -18.02
N GLN A 724 -52.39 -25.02 -17.19
CA GLN A 724 -52.25 -25.13 -15.74
C GLN A 724 -52.17 -26.59 -15.31
N HIS A 725 -53.01 -27.43 -15.91
CA HIS A 725 -52.98 -28.86 -15.59
C HIS A 725 -51.59 -29.44 -15.86
N ARG A 726 -51.06 -29.18 -17.06
CA ARG A 726 -49.73 -29.68 -17.39
C ARG A 726 -48.64 -29.00 -16.57
N LEU A 727 -48.86 -27.77 -16.11
CA LEU A 727 -47.90 -27.12 -15.24
C LEU A 727 -47.77 -27.84 -13.92
N TYR A 728 -48.91 -28.18 -13.30
CA TYR A 728 -48.86 -28.97 -12.08
C TYR A 728 -48.22 -30.33 -12.35
N GLU A 729 -48.57 -30.96 -13.47
CA GLU A 729 -47.99 -32.25 -13.83
C GLU A 729 -46.47 -32.17 -13.88
N CYS A 730 -45.93 -31.19 -14.61
CA CYS A 730 -44.49 -31.05 -14.76
C CYS A 730 -43.81 -30.52 -13.52
N LEU A 731 -44.55 -29.91 -12.59
CA LEU A 731 -43.93 -29.37 -11.39
C LEU A 731 -43.80 -30.42 -10.30
N TYR A 732 -44.92 -31.01 -9.87
CA TYR A 732 -44.92 -31.85 -8.68
C TYR A 732 -45.09 -33.34 -8.98
N ARG A 733 -45.05 -33.75 -10.24
CA ARG A 733 -45.19 -35.16 -10.58
C ARG A 733 -44.00 -35.72 -11.34
N ASN A 734 -43.52 -35.01 -12.36
CA ASN A 734 -42.41 -35.50 -13.16
C ASN A 734 -41.11 -35.35 -12.35
N ARG A 735 -39.99 -35.80 -12.94
CA ARG A 735 -38.72 -35.76 -12.25
C ARG A 735 -37.64 -35.11 -13.12
N ASP A 736 -37.80 -35.19 -14.43
CA ASP A 736 -36.84 -34.63 -15.37
C ASP A 736 -37.54 -33.66 -16.32
N VAL A 737 -36.73 -32.78 -16.91
CA VAL A 737 -37.26 -31.68 -17.70
C VAL A 737 -37.98 -32.19 -18.95
N ASP A 738 -39.08 -31.53 -19.29
CA ASP A 738 -39.85 -31.79 -20.51
C ASP A 738 -39.71 -30.56 -21.40
N THR A 739 -38.85 -30.66 -22.42
CA THR A 739 -38.51 -29.50 -23.24
C THR A 739 -39.72 -28.96 -23.99
N ASP A 740 -40.61 -29.84 -24.44
CA ASP A 740 -41.79 -29.40 -25.19
C ASP A 740 -42.65 -28.46 -24.34
N PHE A 741 -42.98 -28.89 -23.12
CA PHE A 741 -43.81 -28.06 -22.26
C PHE A 741 -43.08 -26.77 -21.86
N VAL A 742 -41.77 -26.85 -21.64
CA VAL A 742 -41.01 -25.66 -21.29
C VAL A 742 -41.06 -24.63 -22.42
N ASN A 743 -40.88 -25.09 -23.66
CA ASN A 743 -40.97 -24.18 -24.80
C ASN A 743 -42.38 -23.60 -24.93
N GLU A 744 -43.41 -24.43 -24.72
CA GLU A 744 -44.77 -23.94 -24.79
C GLU A 744 -45.01 -22.82 -23.76
N PHE A 745 -44.60 -23.07 -22.51
CA PHE A 745 -44.81 -22.09 -21.45
C PHE A 745 -43.98 -20.83 -21.70
N TYR A 746 -42.78 -20.97 -22.23
CA TYR A 746 -41.95 -19.81 -22.51
C TYR A 746 -42.53 -18.97 -23.64
N ALA A 747 -43.10 -19.61 -24.66
CA ALA A 747 -43.80 -18.87 -25.71
C ALA A 747 -44.99 -18.12 -25.13
N TYR A 748 -45.76 -18.79 -24.26
CA TYR A 748 -46.88 -18.12 -23.60
C TYR A 748 -46.41 -16.90 -22.82
N LEU A 749 -45.32 -17.06 -22.07
CA LEU A 749 -44.80 -15.96 -21.25
C LEU A 749 -44.37 -14.79 -22.11
N ARG A 750 -43.65 -15.06 -23.21
CA ARG A 750 -43.27 -13.98 -24.10
C ARG A 750 -44.45 -13.38 -24.85
N LYS A 751 -45.55 -14.10 -24.95
CA LYS A 751 -46.76 -13.56 -25.56
C LYS A 751 -47.55 -12.66 -24.63
N HIS A 752 -47.59 -12.93 -23.33
CA HIS A 752 -48.43 -12.15 -22.44
C HIS A 752 -47.65 -11.43 -21.35
N PHE A 753 -46.34 -11.66 -21.26
CA PHE A 753 -45.57 -11.02 -20.20
C PHE A 753 -44.22 -10.51 -20.68
N SER A 754 -44.20 -9.81 -21.82
CA SER A 754 -42.96 -9.30 -22.37
C SER A 754 -42.24 -8.41 -21.37
N MET A 755 -40.95 -8.65 -21.20
CA MET A 755 -40.13 -7.99 -20.19
C MET A 755 -38.97 -7.23 -20.84
N MET A 756 -38.49 -6.25 -20.11
CA MET A 756 -37.23 -5.59 -20.42
C MET A 756 -36.47 -5.32 -19.13
N ILE A 757 -35.26 -5.88 -19.02
CA ILE A 757 -34.59 -6.08 -17.74
C ILE A 757 -33.22 -5.44 -17.79
N LEU A 758 -32.95 -4.58 -16.82
CA LEU A 758 -31.60 -4.15 -16.47
C LEU A 758 -31.28 -4.70 -15.08
N SER A 759 -30.14 -4.29 -14.52
CA SER A 759 -29.64 -4.92 -13.30
C SER A 759 -30.46 -4.54 -12.08
N ASP A 760 -31.65 -5.15 -11.96
CA ASP A 760 -32.68 -5.12 -10.92
C ASP A 760 -33.70 -4.01 -11.12
N ASP A 761 -33.61 -3.26 -12.22
CA ASP A 761 -34.60 -2.25 -12.55
C ASP A 761 -35.34 -2.71 -13.81
N ALA A 762 -36.65 -2.88 -13.68
CA ALA A 762 -37.44 -3.58 -14.68
C ALA A 762 -38.63 -2.75 -15.13
N VAL A 763 -39.10 -3.07 -16.33
CA VAL A 763 -40.34 -2.54 -16.88
C VAL A 763 -41.06 -3.69 -17.59
N VAL A 764 -42.36 -3.81 -17.35
CA VAL A 764 -43.14 -4.93 -17.85
C VAL A 764 -44.34 -4.40 -18.60
N CYS A 765 -44.56 -4.90 -19.81
CA CYS A 765 -45.75 -4.60 -20.61
C CYS A 765 -46.58 -5.88 -20.65
N PHE A 766 -47.53 -5.99 -19.73
CA PHE A 766 -48.28 -7.21 -19.49
C PHE A 766 -49.73 -7.02 -19.92
N ASN A 767 -50.35 -8.12 -20.35
CA ASN A 767 -51.76 -8.08 -20.74
C ASN A 767 -52.62 -7.74 -19.54
N SER A 768 -53.75 -7.09 -19.80
CA SER A 768 -54.62 -6.58 -18.74
C SER A 768 -55.80 -7.49 -18.44
N THR A 769 -56.51 -7.94 -19.49
CA THR A 769 -57.68 -8.77 -19.27
C THR A 769 -57.33 -10.13 -18.68
N TYR A 770 -56.07 -10.55 -18.81
CA TYR A 770 -55.63 -11.79 -18.17
C TYR A 770 -55.26 -11.55 -16.71
N ALA A 771 -54.43 -10.54 -16.47
CA ALA A 771 -53.99 -10.23 -15.11
C ALA A 771 -55.15 -9.86 -14.21
N SER A 772 -56.22 -9.30 -14.79
CA SER A 772 -57.38 -8.94 -13.99
C SER A 772 -58.02 -10.18 -13.37
N GLN A 773 -57.94 -11.32 -14.05
CA GLN A 773 -58.48 -12.57 -13.53
C GLN A 773 -57.37 -13.55 -13.13
N GLY A 774 -56.18 -13.04 -12.81
CA GLY A 774 -55.14 -13.83 -12.19
C GLY A 774 -54.53 -14.96 -13.00
N LEU A 775 -54.21 -14.71 -14.26
CA LEU A 775 -53.45 -15.68 -15.04
C LEU A 775 -52.02 -15.21 -15.32
N VAL A 776 -51.72 -13.95 -15.07
CA VAL A 776 -50.34 -13.44 -15.01
C VAL A 776 -50.26 -12.53 -13.80
N ALA A 777 -49.17 -12.63 -13.04
CA ALA A 777 -49.06 -11.94 -11.75
C ALA A 777 -49.22 -10.44 -11.92
N SER A 778 -50.15 -9.85 -11.16
CA SER A 778 -50.38 -8.42 -11.30
C SER A 778 -49.41 -7.59 -10.48
N ILE A 779 -49.61 -7.49 -9.17
CA ILE A 779 -48.57 -6.98 -8.29
C ILE A 779 -48.54 -7.74 -6.96
N LYS A 780 -49.69 -8.27 -6.55
CA LYS A 780 -49.77 -8.87 -5.22
C LYS A 780 -49.06 -10.21 -5.17
N ASN A 781 -49.01 -10.90 -6.30
CA ASN A 781 -48.19 -12.10 -6.37
C ASN A 781 -46.72 -11.76 -6.21
N PHE A 782 -46.29 -10.64 -6.79
CA PHE A 782 -44.93 -10.17 -6.57
C PHE A 782 -44.67 -9.89 -5.09
N LYS A 783 -45.62 -9.21 -4.43
CA LYS A 783 -45.44 -8.91 -3.02
C LYS A 783 -45.32 -10.19 -2.20
N SER A 784 -46.21 -11.15 -2.46
CA SER A 784 -46.17 -12.40 -1.69
C SER A 784 -44.89 -13.18 -1.95
N VAL A 785 -44.44 -13.23 -3.21
CA VAL A 785 -43.22 -13.96 -3.55
C VAL A 785 -42.02 -13.34 -2.84
N LEU A 786 -41.93 -12.01 -2.89
CA LEU A 786 -40.83 -11.35 -2.19
C LEU A 786 -40.91 -11.61 -0.69
N TYR A 787 -42.11 -11.54 -0.12
CA TYR A 787 -42.27 -11.75 1.31
C TYR A 787 -41.83 -13.13 1.76
N TYR A 788 -42.16 -14.17 1.00
CA TYR A 788 -41.86 -15.53 1.44
C TYR A 788 -40.54 -16.08 0.92
N GLN A 789 -39.87 -15.39 -0.02
CA GLN A 789 -38.67 -15.96 -0.61
C GLN A 789 -37.50 -14.98 -0.59
N ASN A 790 -37.67 -13.81 -0.01
CA ASN A 790 -36.57 -12.85 0.03
C ASN A 790 -36.44 -12.21 1.41
N ASN A 791 -37.43 -12.45 2.28
CA ASN A 791 -37.42 -11.92 3.65
C ASN A 791 -37.41 -10.40 3.66
N VAL A 792 -38.17 -9.80 2.75
CA VAL A 792 -38.38 -8.36 2.74
C VAL A 792 -39.85 -8.10 2.50
N PHE A 793 -40.26 -6.83 2.51
CA PHE A 793 -41.66 -6.49 2.28
C PHE A 793 -41.70 -5.32 1.30
N MET A 794 -42.00 -5.62 0.04
CA MET A 794 -42.08 -4.61 -1.01
C MET A 794 -43.40 -3.85 -0.88
N SER A 795 -43.37 -2.81 -0.05
CA SER A 795 -44.54 -1.97 0.16
C SER A 795 -45.00 -1.35 -1.15
N GLU A 796 -46.30 -1.31 -1.37
CA GLU A 796 -46.84 -0.81 -2.63
C GLU A 796 -46.91 0.72 -2.64
N ALA A 797 -45.79 1.37 -2.35
CA ALA A 797 -45.64 2.80 -2.51
C ALA A 797 -44.48 3.16 -3.42
N LYS A 798 -43.71 2.17 -3.87
CA LYS A 798 -42.59 2.36 -4.77
C LYS A 798 -42.77 1.58 -6.06
N CYS A 799 -44.03 1.27 -6.41
CA CYS A 799 -44.35 0.46 -7.57
C CYS A 799 -45.38 1.20 -8.41
N TRP A 800 -44.92 1.84 -9.48
CA TRP A 800 -45.80 2.62 -10.35
C TRP A 800 -46.70 1.71 -11.17
N THR A 801 -47.70 2.30 -11.83
CA THR A 801 -48.57 1.57 -12.74
C THR A 801 -49.25 2.54 -13.69
N GLU A 802 -49.04 2.37 -14.99
CA GLU A 802 -49.56 3.28 -16.01
C GLU A 802 -50.68 2.59 -16.76
N THR A 803 -51.84 3.24 -16.81
CA THR A 803 -52.99 2.71 -17.53
C THR A 803 -53.04 3.17 -18.98
N ASP A 804 -52.06 3.95 -19.41
CA ASP A 804 -51.99 4.45 -20.78
C ASP A 804 -50.64 4.06 -21.36
N LEU A 805 -50.53 4.12 -22.68
CA LEU A 805 -49.29 3.74 -23.35
C LEU A 805 -48.70 4.85 -24.21
N THR A 806 -49.48 5.85 -24.58
CA THR A 806 -48.95 6.95 -25.39
C THR A 806 -47.84 7.70 -24.71
N LYS A 807 -47.78 7.60 -23.38
CA LYS A 807 -46.63 8.04 -22.61
C LYS A 807 -45.97 6.79 -22.03
N GLY A 808 -44.65 6.71 -22.13
CA GLY A 808 -43.93 5.51 -21.80
C GLY A 808 -43.93 5.17 -20.33
N PRO A 809 -42.99 4.33 -19.92
CA PRO A 809 -42.90 3.95 -18.51
C PRO A 809 -42.64 5.17 -17.63
N HIS A 810 -43.23 5.15 -16.44
CA HIS A 810 -43.15 6.31 -15.55
C HIS A 810 -41.72 6.60 -15.11
N GLU A 811 -40.92 5.57 -14.84
CA GLU A 811 -39.56 5.77 -14.37
C GLU A 811 -38.71 4.52 -14.58
N PHE A 812 -37.69 4.61 -15.42
CA PHE A 812 -36.79 3.50 -15.68
C PHE A 812 -35.38 4.05 -15.74
N CYS A 813 -34.49 3.55 -14.88
CA CYS A 813 -33.12 4.02 -14.79
C CYS A 813 -33.05 5.51 -14.48
N SER A 814 -34.01 6.00 -13.68
CA SER A 814 -34.10 7.41 -13.28
C SER A 814 -34.15 8.32 -14.50
N GLN A 815 -34.96 7.95 -15.48
CA GLN A 815 -35.21 8.77 -16.67
C GLN A 815 -36.69 8.73 -16.99
N HIS A 816 -37.39 9.83 -16.73
CA HIS A 816 -38.78 9.95 -17.17
C HIS A 816 -38.81 9.97 -18.70
N THR A 817 -39.86 9.40 -19.29
CA THR A 817 -39.96 9.26 -20.73
C THR A 817 -41.05 10.16 -21.28
N MET A 818 -40.72 10.92 -22.32
CA MET A 818 -41.64 11.85 -22.95
C MET A 818 -41.76 11.54 -24.43
N LEU A 819 -42.99 11.63 -24.93
CA LEU A 819 -43.27 11.45 -26.35
C LEU A 819 -43.26 12.82 -27.02
N VAL A 820 -42.40 12.99 -28.01
CA VAL A 820 -42.22 14.29 -28.65
C VAL A 820 -42.28 14.14 -30.16
N LYS A 821 -42.46 15.25 -30.86
CA LYS A 821 -42.53 15.29 -32.33
C LYS A 821 -41.26 15.93 -32.85
N GLN A 822 -40.35 15.11 -33.36
CA GLN A 822 -39.14 15.58 -34.03
C GLN A 822 -39.17 15.16 -35.49
N GLY A 823 -38.57 16.00 -36.33
CA GLY A 823 -38.61 15.75 -37.76
C GLY A 823 -40.02 15.76 -38.30
N ASP A 824 -40.54 14.58 -38.66
CA ASP A 824 -41.90 14.45 -39.12
C ASP A 824 -42.71 13.39 -38.39
N ASP A 825 -42.09 12.60 -37.52
CA ASP A 825 -42.73 11.52 -36.80
C ASP A 825 -42.63 11.78 -35.29
N TYR A 826 -43.05 10.81 -34.48
CA TYR A 826 -43.00 10.93 -33.03
C TYR A 826 -42.04 9.88 -32.47
N VAL A 827 -41.15 10.31 -31.58
CA VAL A 827 -40.18 9.44 -30.96
C VAL A 827 -40.17 9.70 -29.45
N TYR A 828 -39.61 8.75 -28.71
CA TYR A 828 -39.49 8.86 -27.26
C TYR A 828 -38.11 9.37 -26.89
N LEU A 829 -38.05 10.34 -25.99
CA LEU A 829 -36.81 10.91 -25.51
C LEU A 829 -36.75 10.83 -23.99
N PRO A 830 -35.62 10.41 -23.44
CA PRO A 830 -35.47 10.41 -21.98
C PRO A 830 -34.95 11.73 -21.45
N TYR A 831 -35.54 12.23 -20.36
CA TYR A 831 -35.08 13.46 -19.74
C TYR A 831 -34.93 13.24 -18.24
N PRO A 832 -33.83 13.69 -17.65
CA PRO A 832 -33.59 13.45 -16.23
C PRO A 832 -34.34 14.47 -15.37
N ASP A 833 -34.25 14.27 -14.05
CA ASP A 833 -34.90 15.17 -13.10
C ASP A 833 -34.11 16.46 -13.01
N PRO A 834 -34.73 17.63 -13.24
CA PRO A 834 -33.97 18.88 -13.30
C PRO A 834 -33.16 19.17 -12.04
N SER A 835 -33.70 18.78 -10.90
CA SER A 835 -33.01 19.01 -9.64
C SER A 835 -31.66 18.31 -9.63
N ARG A 836 -31.59 17.09 -10.18
CA ARG A 836 -30.32 16.38 -10.23
C ARG A 836 -29.30 17.11 -11.09
N ILE A 837 -29.73 17.65 -12.24
CA ILE A 837 -28.81 18.37 -13.11
C ILE A 837 -28.30 19.64 -12.41
N LEU A 838 -29.21 20.39 -11.79
CA LEU A 838 -28.79 21.61 -11.11
C LEU A 838 -27.85 21.29 -9.96
N GLY A 839 -28.13 20.25 -9.19
CA GLY A 839 -27.27 19.83 -8.11
C GLY A 839 -25.90 19.42 -8.58
N ALA A 840 -25.82 18.65 -9.65
CA ALA A 840 -24.53 18.29 -10.22
C ALA A 840 -23.80 19.50 -10.78
N GLY A 841 -24.51 20.55 -11.16
CA GLY A 841 -23.86 21.77 -11.61
C GLY A 841 -23.35 22.65 -10.49
N CYS A 842 -24.01 22.60 -9.33
CA CYS A 842 -23.72 23.52 -8.24
C CYS A 842 -22.79 22.96 -7.18
N PHE A 843 -22.62 21.65 -7.08
CA PHE A 843 -21.80 21.04 -6.04
C PHE A 843 -20.79 20.12 -6.69
N VAL A 844 -19.52 20.26 -6.33
CA VAL A 844 -18.43 19.58 -7.01
C VAL A 844 -17.27 19.43 -6.03
N ASP A 845 -16.51 18.34 -6.18
CA ASP A 845 -15.28 18.12 -5.42
C ASP A 845 -14.27 19.17 -5.85
N ASP A 846 -13.36 19.54 -4.94
CA ASP A 846 -12.48 20.68 -5.16
C ASP A 846 -11.65 20.53 -6.42
N ILE A 847 -11.47 21.64 -7.14
CA ILE A 847 -10.60 21.86 -8.31
C ILE A 847 -11.10 21.02 -9.48
N VAL A 848 -11.91 19.99 -9.20
CA VAL A 848 -12.53 19.24 -10.28
C VAL A 848 -13.31 20.19 -11.18
N LYS A 849 -14.16 21.01 -10.59
CA LYS A 849 -14.41 22.30 -11.22
C LYS A 849 -14.06 23.46 -10.28
N THR A 850 -14.83 23.62 -9.21
CA THR A 850 -14.66 24.70 -8.22
C THR A 850 -14.74 26.06 -8.92
N ASP A 851 -14.91 26.03 -10.24
CA ASP A 851 -14.83 27.17 -11.14
C ASP A 851 -15.09 26.65 -12.54
N GLY A 852 -15.37 27.55 -13.46
CA GLY A 852 -15.71 27.12 -14.80
C GLY A 852 -14.56 27.11 -15.79
N THR A 853 -13.64 28.07 -15.66
CA THR A 853 -12.67 28.33 -16.73
C THR A 853 -11.79 27.13 -17.02
N LEU A 854 -11.36 26.40 -15.98
CA LEU A 854 -10.42 25.31 -16.20
C LEU A 854 -11.07 24.13 -16.90
N MET A 855 -12.28 23.76 -16.49
CA MET A 855 -12.91 22.53 -16.93
C MET A 855 -14.26 22.86 -17.59
N ILE A 856 -14.22 23.07 -18.90
CA ILE A 856 -15.45 23.33 -19.64
C ILE A 856 -16.18 22.03 -19.94
N GLU A 857 -15.44 20.94 -20.11
CA GLU A 857 -15.98 19.70 -20.64
C GLU A 857 -17.02 19.06 -19.73
N ARG A 858 -17.10 19.50 -18.48
CA ARG A 858 -18.20 19.09 -17.62
C ARG A 858 -19.53 19.58 -18.17
N PHE A 859 -19.58 20.87 -18.52
CA PHE A 859 -20.86 21.47 -18.91
C PHE A 859 -21.34 20.98 -20.26
N VAL A 860 -20.42 20.67 -21.18
CA VAL A 860 -20.84 20.14 -22.47
C VAL A 860 -21.60 18.83 -22.28
N SER A 861 -21.02 17.91 -21.52
CA SER A 861 -21.69 16.64 -21.28
C SER A 861 -22.97 16.82 -20.48
N LEU A 862 -22.94 17.71 -19.48
CA LEU A 862 -24.13 17.94 -18.66
C LEU A 862 -25.28 18.47 -19.50
N ALA A 863 -25.00 19.42 -20.40
CA ALA A 863 -26.02 19.94 -21.30
C ALA A 863 -26.50 18.86 -22.26
N ILE A 864 -25.58 18.01 -22.73
CA ILE A 864 -25.96 16.91 -23.62
C ILE A 864 -26.98 16.01 -22.93
N ASP A 865 -26.73 15.69 -21.66
CA ASP A 865 -27.65 14.84 -20.91
C ASP A 865 -28.95 15.55 -20.55
N ALA A 866 -29.05 16.86 -20.76
CA ALA A 866 -30.25 17.60 -20.36
C ALA A 866 -30.83 18.42 -21.51
N TYR A 867 -30.72 17.92 -22.73
CA TYR A 867 -31.33 18.58 -23.88
C TYR A 867 -32.83 18.31 -23.99
N PRO A 868 -33.30 17.04 -23.84
CA PRO A 868 -34.73 16.78 -24.01
C PRO A 868 -35.64 17.57 -23.08
N LEU A 869 -35.04 18.25 -22.09
CA LEU A 869 -35.82 19.09 -21.18
C LEU A 869 -36.48 20.26 -21.88
N THR A 870 -36.06 20.60 -23.11
CA THR A 870 -36.67 21.70 -23.83
C THR A 870 -38.13 21.42 -24.16
N LYS A 871 -38.43 20.19 -24.60
CA LYS A 871 -39.76 19.86 -25.12
C LYS A 871 -40.82 19.73 -24.03
N HIS A 872 -40.44 19.75 -22.76
CA HIS A 872 -41.42 19.58 -21.70
C HIS A 872 -42.41 20.75 -21.71
N PRO A 873 -43.71 20.47 -21.61
CA PRO A 873 -44.69 21.58 -21.59
C PRO A 873 -44.50 22.53 -20.43
N ASN A 874 -43.98 22.06 -19.30
CA ASN A 874 -43.65 22.96 -18.21
C ASN A 874 -42.52 23.89 -18.62
N GLN A 875 -42.51 25.10 -18.05
CA GLN A 875 -41.65 26.16 -18.57
C GLN A 875 -40.21 26.03 -18.08
N GLU A 876 -40.00 26.01 -16.75
CA GLU A 876 -38.66 26.08 -16.20
C GLU A 876 -37.77 24.93 -16.66
N TYR A 877 -38.38 23.80 -17.01
CA TYR A 877 -37.60 22.65 -17.44
C TYR A 877 -36.79 22.93 -18.69
N ALA A 878 -37.24 23.85 -19.54
CA ALA A 878 -36.44 24.29 -20.68
C ALA A 878 -35.53 25.45 -20.31
N ASP A 879 -35.93 26.24 -19.33
CA ASP A 879 -35.06 27.30 -18.83
C ASP A 879 -33.78 26.75 -18.24
N VAL A 880 -33.80 25.53 -17.71
CA VAL A 880 -32.56 24.91 -17.23
C VAL A 880 -31.57 24.75 -18.37
N PHE A 881 -32.04 24.20 -19.49
CA PHE A 881 -31.18 24.00 -20.65
C PHE A 881 -30.68 25.33 -21.20
N HIS A 882 -31.57 26.32 -21.27
CA HIS A 882 -31.14 27.64 -21.76
C HIS A 882 -30.11 28.27 -20.83
N LEU A 883 -30.27 28.12 -19.52
CA LEU A 883 -29.30 28.63 -18.57
C LEU A 883 -27.95 27.97 -18.75
N TYR A 884 -27.93 26.65 -18.94
CA TYR A 884 -26.67 25.96 -19.20
C TYR A 884 -26.00 26.47 -20.46
N LEU A 885 -26.80 26.69 -21.51
CA LEU A 885 -26.26 27.19 -22.78
C LEU A 885 -25.60 28.56 -22.59
N GLN A 886 -26.33 29.48 -21.95
CA GLN A 886 -25.78 30.82 -21.75
C GLN A 886 -24.55 30.79 -20.86
N TYR A 887 -24.54 29.93 -19.84
CA TYR A 887 -23.35 29.85 -19.00
C TYR A 887 -22.15 29.33 -19.77
N ILE A 888 -22.35 28.35 -20.66
CA ILE A 888 -21.24 27.87 -21.46
C ILE A 888 -20.69 28.99 -22.34
N ARG A 889 -21.58 29.76 -22.96
CA ARG A 889 -21.12 30.86 -23.80
C ARG A 889 -20.34 31.88 -22.99
N LYS A 890 -20.84 32.23 -21.80
CA LYS A 890 -20.14 33.19 -20.96
C LYS A 890 -18.77 32.67 -20.56
N LEU A 891 -18.69 31.40 -20.19
CA LEU A 891 -17.42 30.78 -19.82
C LEU A 891 -16.41 30.90 -20.97
N HIS A 892 -16.84 30.56 -22.18
CA HIS A 892 -15.92 30.60 -23.31
C HIS A 892 -15.44 32.01 -23.60
N ASP A 893 -16.36 32.97 -23.69
CA ASP A 893 -15.92 34.31 -24.09
C ASP A 893 -15.23 35.05 -22.95
N GLU A 894 -15.28 34.53 -21.71
CA GLU A 894 -14.41 35.08 -20.68
C GLU A 894 -13.06 34.39 -20.63
N LEU A 895 -12.98 33.11 -21.00
CA LEU A 895 -11.68 32.46 -21.09
C LEU A 895 -10.83 33.09 -22.18
N THR A 896 -11.44 33.39 -23.33
CA THR A 896 -10.68 34.07 -24.38
C THR A 896 -10.21 35.45 -23.92
N GLY A 897 -11.08 36.19 -23.22
CA GLY A 897 -10.67 37.49 -22.72
C GLY A 897 -9.54 37.41 -21.71
N HIS A 898 -9.62 36.44 -20.79
CA HIS A 898 -8.57 36.25 -19.80
C HIS A 898 -7.24 35.92 -20.45
N MET A 899 -7.24 35.02 -21.42
CA MET A 899 -5.91 34.70 -21.92
C MET A 899 -5.57 35.51 -23.21
N LEU A 900 -6.37 36.55 -23.45
CA LEU A 900 -5.99 37.64 -24.35
C LEU A 900 -5.38 38.82 -23.60
N ASP A 901 -6.03 39.29 -22.54
CA ASP A 901 -5.56 40.48 -21.85
C ASP A 901 -4.21 40.26 -21.17
N MET A 902 -4.09 39.15 -20.45
CA MET A 902 -2.79 38.79 -19.87
C MET A 902 -1.77 38.48 -20.95
N TYR A 903 -2.22 37.99 -22.10
CA TYR A 903 -1.39 37.87 -23.30
C TYR A 903 -1.35 39.21 -24.01
N SER A 904 -0.90 39.21 -25.27
CA SER A 904 -1.18 40.30 -26.19
C SER A 904 -1.98 39.83 -27.40
N VAL A 905 -2.23 38.52 -27.54
CA VAL A 905 -3.00 37.95 -28.63
C VAL A 905 -3.84 36.82 -28.06
N MET A 906 -4.76 36.33 -28.90
CA MET A 906 -5.61 35.21 -28.51
C MET A 906 -6.20 34.59 -29.77
N LEU A 907 -7.23 33.77 -29.58
CA LEU A 907 -7.78 32.88 -30.60
C LEU A 907 -7.98 33.57 -31.95
N THR A 908 -7.63 32.86 -33.01
CA THR A 908 -7.84 33.28 -34.39
C THR A 908 -8.81 32.39 -35.14
N ASN A 909 -8.74 31.06 -34.93
CA ASN A 909 -9.65 30.10 -35.52
C ASN A 909 -10.20 29.20 -34.41
N ASP A 910 -11.53 29.21 -34.27
CA ASP A 910 -12.14 28.49 -33.15
C ASP A 910 -13.00 27.33 -33.60
N ASN A 911 -14.02 27.63 -34.43
CA ASN A 911 -15.05 26.66 -34.81
C ASN A 911 -15.85 26.18 -33.60
N THR A 912 -15.54 26.71 -32.41
CA THR A 912 -16.21 26.32 -31.18
C THR A 912 -17.57 27.00 -31.01
N SER A 913 -18.02 27.76 -31.99
CA SER A 913 -19.27 28.51 -31.85
C SER A 913 -20.48 27.60 -31.99
N ARG A 914 -20.25 26.30 -32.20
CA ARG A 914 -21.33 25.33 -32.24
C ARG A 914 -21.67 24.75 -30.88
N TYR A 915 -20.89 25.08 -29.84
CA TYR A 915 -21.22 24.61 -28.50
C TYR A 915 -22.41 25.37 -27.93
N TRP A 916 -22.43 26.70 -28.07
CA TRP A 916 -23.53 27.47 -27.48
C TRP A 916 -24.65 27.73 -28.48
N GLU A 917 -25.20 26.65 -29.05
CA GLU A 917 -26.44 26.69 -29.82
C GLU A 917 -26.94 25.27 -30.03
N PRO A 918 -28.26 25.06 -30.00
CA PRO A 918 -28.79 23.68 -29.91
C PRO A 918 -28.51 22.82 -31.13
N GLU A 919 -27.93 23.36 -32.21
CA GLU A 919 -27.73 22.61 -33.43
C GLU A 919 -26.85 21.38 -33.20
N PHE A 920 -25.94 21.47 -32.22
CA PHE A 920 -25.06 20.36 -31.89
C PHE A 920 -25.72 19.33 -30.98
N TYR A 921 -26.38 19.79 -29.91
CA TYR A 921 -26.98 18.85 -28.97
C TYR A 921 -28.15 18.10 -29.61
N GLU A 922 -28.89 18.76 -30.51
CA GLU A 922 -30.04 18.10 -31.14
C GLU A 922 -29.62 16.91 -31.98
N ALA A 923 -28.39 16.93 -32.51
CA ALA A 923 -27.94 15.84 -33.39
C ALA A 923 -27.87 14.51 -32.64
N MET A 924 -27.65 14.56 -31.33
CA MET A 924 -27.47 13.32 -30.57
C MET A 924 -28.74 12.52 -30.40
N TYR A 925 -29.90 13.07 -30.77
CA TYR A 925 -31.14 12.32 -30.61
C TYR A 925 -31.83 12.12 -31.96
N THR A 926 -31.05 11.74 -32.97
CA THR A 926 -31.55 11.37 -34.29
C THR A 926 -30.98 10.00 -34.64
N PRO A 927 -31.75 9.18 -35.37
CA PRO A 927 -31.33 7.80 -35.60
C PRO A 927 -30.47 7.61 -36.84
N HIS A 928 -29.25 8.15 -36.85
CA HIS A 928 -28.32 7.83 -37.93
C HIS A 928 -26.88 7.88 -37.46
N THR A 929 -26.34 6.71 -37.08
CA THR A 929 -24.93 6.55 -36.74
C THR A 929 -24.63 5.09 -36.45
N PHE B 6 20.93 11.53 -43.47
CA PHE B 6 20.52 12.08 -44.76
C PHE B 6 21.45 13.20 -45.20
N SER B 7 22.68 13.18 -44.69
CA SER B 7 23.65 14.22 -45.02
C SER B 7 25.02 13.64 -45.34
N SER B 8 25.15 12.31 -45.25
CA SER B 8 26.41 11.65 -45.56
C SER B 8 26.17 10.35 -46.33
N LEU B 9 25.02 10.24 -46.99
CA LEU B 9 24.71 9.05 -47.74
C LEU B 9 25.64 8.90 -48.94
N PRO B 10 25.86 7.66 -49.40
CA PRO B 10 26.78 7.46 -50.54
C PRO B 10 26.41 8.23 -51.79
N SER B 11 25.11 8.41 -52.05
CA SER B 11 24.66 9.14 -53.23
C SER B 11 24.74 10.65 -53.08
N TYR B 12 25.02 11.15 -51.87
CA TYR B 12 25.10 12.59 -51.67
C TYR B 12 26.26 13.19 -52.45
N ALA B 13 27.41 12.51 -52.45
CA ALA B 13 28.56 13.01 -53.22
C ALA B 13 28.29 12.98 -54.72
N ALA B 14 27.62 11.92 -55.19
CA ALA B 14 27.25 11.86 -56.60
C ALA B 14 26.31 12.99 -56.98
N PHE B 15 25.33 13.27 -56.11
CA PHE B 15 24.44 14.41 -56.36
C PHE B 15 25.21 15.71 -56.36
N ALA B 16 26.18 15.86 -55.45
CA ALA B 16 26.96 17.10 -55.37
C ALA B 16 27.77 17.32 -56.64
N THR B 17 28.47 16.30 -57.11
CA THR B 17 29.25 16.47 -58.34
C THR B 17 28.34 16.67 -59.55
N ALA B 18 27.18 16.00 -59.57
CA ALA B 18 26.24 16.19 -60.66
C ALA B 18 25.74 17.62 -60.71
N GLN B 19 25.36 18.18 -59.57
CA GLN B 19 24.85 19.56 -59.56
C GLN B 19 25.98 20.56 -59.83
N GLU B 20 27.20 20.25 -59.40
CA GLU B 20 28.33 21.12 -59.74
C GLU B 20 28.54 21.16 -61.25
N ALA B 21 28.52 20.00 -61.90
CA ALA B 21 28.62 19.97 -63.35
C ALA B 21 27.46 20.69 -64.01
N TYR B 22 26.25 20.52 -63.46
CA TYR B 22 25.07 21.16 -64.02
C TYR B 22 25.18 22.67 -63.98
N GLU B 23 25.57 23.22 -62.84
CA GLU B 23 25.70 24.67 -62.73
C GLU B 23 26.87 25.19 -63.56
N GLN B 24 27.97 24.44 -63.64
CA GLN B 24 29.09 24.86 -64.48
C GLN B 24 28.68 24.94 -65.94
N ALA B 25 27.94 23.92 -66.42
CA ALA B 25 27.50 23.94 -67.81
C ALA B 25 26.42 24.99 -68.05
N VAL B 26 25.58 25.24 -67.05
CA VAL B 26 24.57 26.30 -67.17
C VAL B 26 25.24 27.65 -67.33
N ALA B 27 26.28 27.90 -66.53
CA ALA B 27 27.08 29.11 -66.71
C ALA B 27 27.80 29.10 -68.05
N ASN B 28 28.13 27.90 -68.56
CA ASN B 28 28.81 27.80 -69.85
C ASN B 28 27.86 28.05 -71.02
N GLY B 29 26.59 27.69 -70.87
CA GLY B 29 25.63 27.85 -71.96
C GLY B 29 25.94 26.99 -73.16
N ASP B 30 26.24 25.71 -72.92
CA ASP B 30 26.67 24.79 -73.98
C ASP B 30 25.48 24.27 -74.79
N SER B 31 25.72 23.23 -75.58
CA SER B 31 24.74 22.74 -76.55
C SER B 31 23.44 22.34 -75.86
N GLU B 32 22.38 22.22 -76.68
CA GLU B 32 21.09 21.77 -76.16
C GLU B 32 21.20 20.35 -75.61
N VAL B 33 22.08 19.53 -76.21
CA VAL B 33 22.34 18.21 -75.64
C VAL B 33 22.90 18.34 -74.24
N VAL B 34 23.72 19.36 -74.00
CA VAL B 34 24.23 19.61 -72.66
C VAL B 34 23.08 19.99 -71.73
N LEU B 35 22.13 20.78 -72.22
CA LEU B 35 20.96 21.14 -71.41
C LEU B 35 20.17 19.90 -71.03
N LYS B 36 19.95 18.99 -71.98
CA LYS B 36 19.29 17.73 -71.67
C LYS B 36 20.10 16.92 -70.67
N LYS B 37 21.43 16.96 -70.80
CA LYS B 37 22.29 16.23 -69.86
C LYS B 37 22.11 16.77 -68.44
N LEU B 38 22.05 18.10 -68.29
CA LEU B 38 21.84 18.66 -66.97
C LEU B 38 20.42 18.44 -66.45
N LYS B 39 19.43 18.34 -67.33
CA LYS B 39 18.06 18.06 -66.92
C LYS B 39 17.82 16.58 -66.63
N LYS B 40 18.72 15.70 -67.08
CA LYS B 40 18.59 14.27 -66.82
C LYS B 40 19.49 13.79 -65.68
N SER B 41 20.73 14.25 -65.64
CA SER B 41 21.61 13.87 -64.53
C SER B 41 21.10 14.40 -63.21
N LEU B 42 20.50 15.60 -63.21
CA LEU B 42 19.89 16.10 -61.99
C LEU B 42 18.61 15.34 -61.67
N ASN B 43 17.87 14.95 -62.70
CA ASN B 43 16.68 14.11 -62.51
C ASN B 43 17.00 12.78 -61.87
N VAL B 44 18.16 12.19 -62.20
CA VAL B 44 18.60 10.99 -61.53
C VAL B 44 19.36 11.27 -60.24
N ALA B 45 19.86 12.49 -60.03
CA ALA B 45 20.32 12.88 -58.71
C ALA B 45 19.15 12.86 -57.72
N LYS B 46 17.97 13.29 -58.16
CA LYS B 46 16.77 13.11 -57.37
C LYS B 46 16.36 11.64 -57.28
N SER B 47 16.62 10.86 -58.34
CA SER B 47 16.25 9.45 -58.35
C SER B 47 17.11 8.61 -57.40
N GLU B 48 18.33 9.03 -57.09
CA GLU B 48 19.07 8.35 -56.04
C GLU B 48 18.49 8.67 -54.66
N PHE B 49 18.21 9.94 -54.38
CA PHE B 49 17.59 10.33 -53.12
C PHE B 49 16.17 9.83 -52.97
N ASP B 50 15.58 9.30 -54.04
CA ASP B 50 14.31 8.59 -53.98
C ASP B 50 14.22 7.72 -52.73
N ARG B 51 15.24 6.93 -52.44
CA ARG B 51 15.22 6.07 -51.26
C ARG B 51 16.16 6.54 -50.15
N ASP B 52 17.23 7.27 -50.47
CA ASP B 52 18.22 7.63 -49.47
C ASP B 52 17.61 8.44 -48.33
N ALA B 53 17.05 9.60 -48.64
CA ALA B 53 16.46 10.47 -47.61
C ALA B 53 15.03 10.11 -47.28
N ALA B 54 14.57 8.90 -47.64
CA ALA B 54 13.19 8.51 -47.37
C ALA B 54 13.07 7.13 -46.75
N MET B 55 14.15 6.36 -46.69
CA MET B 55 14.13 5.03 -46.07
C MET B 55 14.80 5.01 -44.71
N GLN B 56 15.98 5.63 -44.57
CA GLN B 56 16.57 5.75 -43.24
C GLN B 56 15.70 6.58 -42.32
N ARG B 57 14.86 7.47 -42.86
CA ARG B 57 13.92 8.22 -42.05
C ARG B 57 12.89 7.31 -41.38
N LYS B 58 12.54 6.19 -42.01
CA LYS B 58 11.70 5.18 -41.38
C LYS B 58 12.50 4.23 -40.51
N LEU B 59 13.74 3.94 -40.92
CA LEU B 59 14.61 3.07 -40.13
C LEU B 59 14.85 3.64 -38.74
N GLU B 60 15.14 4.95 -38.67
CA GLU B 60 15.36 5.58 -37.38
C GLU B 60 14.11 5.56 -36.51
N LYS B 61 12.94 5.76 -37.12
CA LYS B 61 11.68 5.68 -36.37
C LYS B 61 11.50 4.29 -35.77
N MET B 62 11.75 3.26 -36.57
CA MET B 62 11.62 1.88 -36.09
C MET B 62 12.61 1.61 -34.97
N ALA B 63 13.85 2.07 -35.11
CA ALA B 63 14.86 1.85 -34.07
C ALA B 63 14.44 2.54 -32.78
N ASP B 64 13.96 3.77 -32.86
CA ASP B 64 13.52 4.49 -31.67
C ASP B 64 12.36 3.77 -30.99
N GLN B 65 11.41 3.28 -31.78
CA GLN B 65 10.28 2.55 -31.22
C GLN B 65 10.76 1.31 -30.47
N ALA B 66 11.67 0.55 -31.08
CA ALA B 66 12.19 -0.65 -30.41
C ALA B 66 12.90 -0.29 -29.12
N MET B 67 13.71 0.77 -29.16
CA MET B 67 14.48 1.15 -27.97
C MET B 67 13.57 1.56 -26.82
N THR B 68 12.54 2.37 -27.10
CA THR B 68 11.64 2.77 -26.02
C THR B 68 10.82 1.59 -25.50
N GLN B 69 10.43 0.68 -26.40
CA GLN B 69 9.68 -0.50 -25.96
C GLN B 69 10.51 -1.34 -25.00
N MET B 70 11.79 -1.53 -25.32
CA MET B 70 12.62 -2.32 -24.41
C MET B 70 13.01 -1.56 -23.14
N TYR B 71 13.06 -0.22 -23.20
CA TYR B 71 13.16 0.55 -21.95
C TYR B 71 11.99 0.23 -21.02
N LYS B 72 10.77 0.26 -21.57
CA LYS B 72 9.59 -0.05 -20.76
C LYS B 72 9.66 -1.46 -20.23
N GLN B 73 10.12 -2.41 -21.06
CA GLN B 73 10.24 -3.79 -20.62
C GLN B 73 11.21 -3.91 -19.44
N ALA B 74 12.35 -3.23 -19.50
CA ALA B 74 13.31 -3.28 -18.40
C ALA B 74 12.72 -2.71 -17.13
N ARG B 75 11.99 -1.59 -17.25
CA ARG B 75 11.36 -1.01 -16.06
C ARG B 75 10.38 -1.98 -15.42
N SER B 76 9.54 -2.63 -16.25
CA SER B 76 8.59 -3.59 -15.71
C SER B 76 9.30 -4.75 -15.04
N GLU B 77 10.37 -5.25 -15.65
CA GLU B 77 11.11 -6.37 -15.08
C GLU B 77 11.72 -6.01 -13.73
N ASP B 78 12.28 -4.81 -13.58
CA ASP B 78 12.79 -4.40 -12.27
C ASP B 78 11.69 -4.27 -11.23
N LYS B 79 10.54 -3.70 -11.61
CA LYS B 79 9.44 -3.59 -10.66
C LYS B 79 8.96 -4.97 -10.20
N ARG B 80 9.03 -5.96 -11.08
CA ARG B 80 8.66 -7.32 -10.69
C ARG B 80 9.54 -7.83 -9.55
N ALA B 81 10.85 -7.64 -9.67
CA ALA B 81 11.76 -8.08 -8.62
C ALA B 81 11.51 -7.34 -7.32
N LYS B 82 11.26 -6.03 -7.41
CA LYS B 82 10.98 -5.27 -6.19
C LYS B 82 9.73 -5.81 -5.48
N VAL B 83 8.67 -6.09 -6.24
CA VAL B 83 7.44 -6.59 -5.65
C VAL B 83 7.67 -7.95 -5.01
N THR B 84 8.40 -8.83 -5.70
CA THR B 84 8.67 -10.15 -5.15
C THR B 84 9.42 -10.05 -3.84
N SER B 85 10.45 -9.19 -3.79
CA SER B 85 11.20 -9.01 -2.56
C SER B 85 10.32 -8.49 -1.43
N ALA B 86 9.46 -7.50 -1.74
CA ALA B 86 8.61 -6.93 -0.70
C ALA B 86 7.67 -7.99 -0.12
N MET B 87 7.04 -8.78 -1.00
CA MET B 87 6.07 -9.76 -0.52
C MET B 87 6.76 -10.88 0.28
N GLN B 88 7.92 -11.33 -0.20
CA GLN B 88 8.66 -12.36 0.52
C GLN B 88 9.07 -11.88 1.91
N THR B 89 9.59 -10.65 1.99
CA THR B 89 10.03 -10.17 3.30
C THR B 89 8.84 -9.91 4.22
N MET B 90 7.70 -9.48 3.67
CA MET B 90 6.52 -9.35 4.52
C MET B 90 6.10 -10.69 5.10
N LEU B 91 6.08 -11.74 4.28
CA LEU B 91 5.72 -13.06 4.79
C LEU B 91 6.69 -13.52 5.87
N PHE B 92 7.99 -13.48 5.58
CA PHE B 92 8.97 -13.98 6.53
C PHE B 92 9.16 -13.08 7.74
N THR B 93 8.63 -11.85 7.71
CA THR B 93 8.63 -11.01 8.89
C THR B 93 7.39 -11.19 9.76
N MET B 94 6.21 -11.30 9.15
CA MET B 94 4.98 -11.45 9.90
C MET B 94 4.76 -12.89 10.37
N LEU B 95 5.51 -13.85 9.81
CA LEU B 95 5.35 -15.24 10.21
C LEU B 95 5.71 -15.44 11.69
N ARG B 96 6.75 -14.76 12.17
CA ARG B 96 7.29 -15.08 13.48
C ARG B 96 6.34 -14.71 14.62
N LYS B 97 5.26 -14.00 14.32
CA LYS B 97 4.24 -13.70 15.32
C LYS B 97 3.39 -14.91 15.70
N LEU B 98 3.71 -16.09 15.19
CA LEU B 98 2.80 -17.23 15.31
C LEU B 98 2.71 -17.75 16.75
N ASP B 99 3.78 -17.57 17.53
CA ASP B 99 3.89 -18.15 18.86
C ASP B 99 3.75 -19.67 18.76
N ASN B 100 4.75 -20.32 18.16
CA ASN B 100 4.74 -21.71 17.70
C ASN B 100 4.47 -22.73 18.81
N ASP B 101 4.26 -22.37 20.07
CA ASP B 101 4.00 -23.38 21.09
C ASP B 101 2.56 -23.85 21.05
N ALA B 102 1.63 -22.93 21.30
CA ALA B 102 0.21 -23.29 21.41
C ALA B 102 -0.34 -23.82 20.09
N LEU B 103 0.03 -23.20 18.98
CA LEU B 103 -0.49 -23.60 17.68
C LEU B 103 -0.07 -25.03 17.35
N ASN B 104 1.22 -25.32 17.48
CA ASN B 104 1.71 -26.68 17.23
C ASN B 104 1.14 -27.67 18.24
N ASN B 105 0.85 -27.23 19.47
CA ASN B 105 0.24 -28.13 20.44
C ASN B 105 -1.18 -28.49 20.04
N ILE B 106 -1.95 -27.52 19.55
CA ILE B 106 -3.36 -27.78 19.28
C ILE B 106 -3.58 -28.45 17.93
N ILE B 107 -2.71 -28.21 16.95
CA ILE B 107 -2.88 -28.87 15.66
C ILE B 107 -2.72 -30.38 15.80
N ASN B 108 -1.77 -30.80 16.64
CA ASN B 108 -1.57 -32.23 16.87
C ASN B 108 -2.80 -32.92 17.43
N ASN B 109 -3.71 -32.17 18.06
CA ASN B 109 -4.92 -32.76 18.59
C ASN B 109 -5.96 -33.07 17.51
N ALA B 110 -5.79 -32.55 16.31
CA ALA B 110 -6.76 -32.77 15.24
C ALA B 110 -6.60 -34.16 14.65
N ARG B 111 -7.55 -34.54 13.78
CA ARG B 111 -7.55 -35.89 13.23
C ARG B 111 -6.35 -36.13 12.32
N ASP B 112 -6.10 -35.22 11.37
CA ASP B 112 -4.90 -35.29 10.53
C ASP B 112 -4.35 -33.87 10.36
N GLY B 113 -4.34 -33.10 11.44
CA GLY B 113 -3.85 -31.74 11.38
C GLY B 113 -4.66 -30.79 10.52
N CYS B 114 -5.99 -30.80 10.67
CA CYS B 114 -6.84 -29.87 9.94
C CYS B 114 -7.85 -29.27 10.91
N VAL B 115 -7.81 -27.96 11.09
CA VAL B 115 -8.73 -27.27 12.00
C VAL B 115 -9.29 -26.04 11.32
N PRO B 116 -10.51 -25.66 11.68
CA PRO B 116 -11.10 -24.44 11.11
C PRO B 116 -10.33 -23.20 11.54
N LEU B 117 -10.24 -22.24 10.62
CA LEU B 117 -9.45 -21.03 10.88
C LEU B 117 -10.08 -20.14 11.95
N ASN B 118 -11.40 -20.21 12.10
CA ASN B 118 -12.11 -19.29 12.97
C ASN B 118 -11.84 -19.55 14.45
N ILE B 119 -11.00 -20.52 14.76
CA ILE B 119 -10.69 -20.84 16.14
C ILE B 119 -9.23 -20.62 16.51
N ILE B 120 -8.32 -20.47 15.54
CA ILE B 120 -6.92 -20.23 15.87
C ILE B 120 -6.74 -18.96 16.68
N PRO B 121 -7.29 -17.80 16.30
CA PRO B 121 -7.22 -16.63 17.18
C PRO B 121 -8.08 -16.75 18.43
N LEU B 122 -8.98 -17.72 18.48
CA LEU B 122 -9.82 -17.93 19.65
C LEU B 122 -9.09 -18.65 20.78
N THR B 123 -7.96 -19.29 20.49
CA THR B 123 -7.24 -20.02 21.53
C THR B 123 -5.78 -19.62 21.61
N THR B 124 -5.14 -19.33 20.48
CA THR B 124 -3.71 -19.07 20.44
C THR B 124 -3.38 -17.60 20.20
N ALA B 125 -4.25 -16.70 20.62
CA ALA B 125 -4.00 -15.27 20.56
C ALA B 125 -3.78 -14.74 21.97
N ALA B 126 -2.73 -13.95 22.13
CA ALA B 126 -2.31 -13.49 23.46
C ALA B 126 -2.73 -12.06 23.75
N LYS B 127 -3.59 -11.46 22.94
CA LYS B 127 -3.99 -10.07 23.15
C LYS B 127 -5.41 -9.90 22.64
N LEU B 128 -6.35 -9.74 23.57
CA LEU B 128 -7.74 -9.51 23.22
C LEU B 128 -8.04 -8.02 23.12
N MET B 129 -8.86 -7.66 22.14
CA MET B 129 -9.27 -6.27 21.94
C MET B 129 -10.80 -6.25 21.93
N VAL B 130 -11.39 -5.44 22.81
CA VAL B 130 -12.84 -5.38 22.97
C VAL B 130 -13.30 -3.96 22.66
N VAL B 131 -14.32 -3.84 21.81
CA VAL B 131 -14.90 -2.56 21.44
C VAL B 131 -16.32 -2.49 22.00
N ILE B 132 -16.62 -1.40 22.69
CA ILE B 132 -17.89 -1.27 23.40
C ILE B 132 -18.61 0.00 22.97
N PRO B 133 -19.89 -0.09 22.58
CA PRO B 133 -20.61 1.10 22.12
C PRO B 133 -20.99 2.07 23.23
N ASP B 134 -21.45 1.57 24.37
CA ASP B 134 -21.97 2.45 25.41
C ASP B 134 -21.78 1.81 26.78
N TYR B 135 -22.00 2.61 27.82
CA TYR B 135 -21.69 2.23 29.18
C TYR B 135 -22.48 1.01 29.64
N ASN B 136 -23.78 0.98 29.31
CA ASN B 136 -24.62 -0.12 29.74
C ASN B 136 -24.14 -1.45 29.16
N THR B 137 -23.64 -1.44 27.93
CA THR B 137 -23.03 -2.62 27.36
C THR B 137 -21.67 -2.92 27.96
N TYR B 138 -20.92 -1.90 28.35
CA TYR B 138 -19.65 -2.13 29.04
C TYR B 138 -19.85 -2.80 30.38
N LYS B 139 -21.00 -2.57 31.02
CA LYS B 139 -21.24 -3.11 32.36
C LYS B 139 -21.22 -4.63 32.35
N ASN B 140 -21.83 -5.24 31.33
CA ASN B 140 -21.98 -6.69 31.32
C ASN B 140 -20.66 -7.41 31.08
N THR B 141 -19.86 -6.95 30.13
CA THR B 141 -18.71 -7.73 29.68
C THR B 141 -17.45 -7.41 30.47
N CYS B 142 -16.98 -6.16 30.39
CA CYS B 142 -15.69 -5.80 30.97
C CYS B 142 -15.85 -5.28 32.39
N ASP B 143 -16.43 -6.10 33.27
CA ASP B 143 -16.65 -5.68 34.65
C ASP B 143 -15.38 -5.83 35.47
N GLY B 144 -15.19 -4.92 36.41
CA GLY B 144 -14.01 -4.95 37.26
C GLY B 144 -12.74 -4.65 36.48
N THR B 145 -11.62 -5.08 37.05
CA THR B 145 -10.33 -4.94 36.40
C THR B 145 -9.94 -6.19 35.62
N THR B 146 -10.60 -7.31 35.85
CA THR B 146 -10.37 -8.53 35.08
C THR B 146 -11.71 -9.18 34.76
N PHE B 147 -11.77 -9.85 33.61
CA PHE B 147 -13.01 -10.46 33.14
C PHE B 147 -12.68 -11.78 32.46
N THR B 148 -13.73 -12.51 32.09
CA THR B 148 -13.58 -13.80 31.45
C THR B 148 -14.42 -13.87 30.19
N TYR B 149 -13.88 -14.55 29.18
CA TYR B 149 -14.55 -14.70 27.88
C TYR B 149 -13.83 -15.75 27.05
N ALA B 150 -14.57 -16.46 26.21
CA ALA B 150 -14.02 -17.49 25.32
C ALA B 150 -13.26 -18.57 26.10
N SER B 151 -13.79 -18.95 27.26
CA SER B 151 -13.24 -20.02 28.09
C SER B 151 -11.77 -19.74 28.45
N ALA B 152 -11.58 -18.60 29.09
CA ALA B 152 -10.27 -18.20 29.58
C ALA B 152 -10.40 -17.12 30.64
N LEU B 153 -9.28 -16.52 31.04
CA LEU B 153 -9.29 -15.44 32.04
C LEU B 153 -8.40 -14.32 31.53
N TRP B 154 -9.02 -13.24 31.07
CA TRP B 154 -8.29 -12.07 30.59
C TRP B 154 -8.19 -11.03 31.70
N GLU B 155 -7.37 -10.01 31.47
CA GLU B 155 -7.18 -8.97 32.47
C GLU B 155 -6.83 -7.67 31.76
N ILE B 156 -7.41 -6.57 32.24
CA ILE B 156 -7.33 -5.29 31.56
C ILE B 156 -5.99 -4.63 31.81
N GLN B 157 -5.42 -4.02 30.76
CA GLN B 157 -4.18 -3.28 30.92
C GLN B 157 -4.20 -1.89 30.31
N GLN B 158 -5.21 -1.51 29.54
CA GLN B 158 -5.28 -0.18 28.95
C GLN B 158 -6.67 0.06 28.40
N VAL B 159 -7.16 1.29 28.57
CA VAL B 159 -8.46 1.68 28.06
C VAL B 159 -8.31 3.00 27.32
N VAL B 160 -8.75 3.04 26.06
CA VAL B 160 -8.65 4.24 25.24
C VAL B 160 -10.03 4.60 24.70
N ASP B 161 -10.10 5.67 23.91
CA ASP B 161 -11.35 6.09 23.28
C ASP B 161 -11.04 6.46 21.83
N ALA B 162 -12.02 7.11 21.19
CA ALA B 162 -11.91 7.40 19.75
C ALA B 162 -10.71 8.29 19.45
N ASP B 163 -10.49 9.32 20.26
CA ASP B 163 -9.38 10.24 20.03
C ASP B 163 -8.03 9.63 20.38
N SER B 164 -7.98 8.35 20.74
CA SER B 164 -6.75 7.63 21.02
C SER B 164 -5.97 8.29 22.16
N LYS B 165 -6.59 8.43 23.32
CA LYS B 165 -5.92 8.92 24.51
C LYS B 165 -6.25 8.01 25.68
N ILE B 166 -5.31 7.89 26.61
CA ILE B 166 -5.45 6.96 27.71
C ILE B 166 -6.42 7.50 28.74
N VAL B 167 -7.40 6.69 29.12
CA VAL B 167 -8.35 7.01 30.18
C VAL B 167 -8.33 5.87 31.19
N GLN B 168 -8.19 6.22 32.46
CA GLN B 168 -8.11 5.22 33.52
C GLN B 168 -9.50 4.75 33.91
N LEU B 169 -9.57 3.51 34.43
CA LEU B 169 -10.85 2.88 34.73
C LEU B 169 -11.59 3.54 35.89
N SER B 170 -10.93 4.39 36.67
CA SER B 170 -11.61 5.08 37.75
C SER B 170 -12.61 6.12 37.26
N GLU B 171 -12.59 6.46 35.97
CA GLU B 171 -13.43 7.51 35.43
C GLU B 171 -14.64 7.02 34.66
N ILE B 172 -14.79 5.71 34.47
CA ILE B 172 -15.92 5.16 33.74
C ILE B 172 -17.07 4.94 34.71
N SER B 173 -17.86 5.97 34.96
CA SER B 173 -19.02 5.87 35.83
C SER B 173 -20.30 6.14 35.05
N MET B 174 -21.44 6.14 35.75
CA MET B 174 -22.72 6.46 35.13
C MET B 174 -22.81 7.94 34.75
N ASP B 175 -22.44 8.83 35.66
CA ASP B 175 -22.53 10.26 35.40
C ASP B 175 -21.38 10.81 34.58
N ASN B 176 -20.23 10.15 34.58
CA ASN B 176 -19.08 10.62 33.82
C ASN B 176 -19.07 10.11 32.39
N SER B 177 -19.97 9.19 32.04
CA SER B 177 -20.02 8.63 30.70
C SER B 177 -20.25 9.65 29.59
N PRO B 178 -21.16 10.65 29.72
CA PRO B 178 -21.43 11.51 28.57
C PRO B 178 -20.34 12.53 28.28
N ASN B 179 -19.18 12.40 28.94
CA ASN B 179 -18.07 13.31 28.71
C ASN B 179 -16.91 12.58 28.05
N LEU B 180 -17.19 11.53 27.30
CA LEU B 180 -16.16 10.76 26.59
C LEU B 180 -16.63 10.48 25.17
N ALA B 181 -15.67 10.42 24.25
CA ALA B 181 -15.92 9.79 22.97
C ALA B 181 -16.20 8.31 23.22
N TRP B 182 -17.23 7.77 22.60
CA TRP B 182 -17.66 6.49 23.15
C TRP B 182 -17.63 5.30 22.19
N PRO B 183 -16.60 5.13 21.36
CA PRO B 183 -16.20 3.77 20.96
C PRO B 183 -15.05 3.27 21.80
N LEU B 184 -15.26 2.93 23.08
CA LEU B 184 -14.15 2.53 23.92
C LEU B 184 -13.50 1.25 23.39
N ILE B 185 -12.17 1.23 23.47
CA ILE B 185 -11.37 0.10 22.98
C ILE B 185 -10.52 -0.44 24.11
N VAL B 186 -10.93 -1.59 24.67
CA VAL B 186 -10.18 -2.18 25.77
C VAL B 186 -9.31 -3.31 25.24
N THR B 187 -8.02 -3.27 25.60
CA THR B 187 -7.06 -4.30 25.21
C THR B 187 -6.62 -5.06 26.46
N ALA B 188 -6.64 -6.38 26.38
CA ALA B 188 -6.35 -7.24 27.51
C ALA B 188 -5.31 -8.28 27.14
N LEU B 189 -4.84 -9.01 28.14
CA LEU B 189 -3.87 -10.09 27.97
C LEU B 189 -4.37 -11.34 28.66
N ARG B 190 -3.82 -12.48 28.25
CA ARG B 190 -4.21 -13.77 28.80
C ARG B 190 -3.48 -14.05 30.09
N ALA B 191 -4.20 -14.55 31.09
CA ALA B 191 -3.63 -14.91 32.38
C ALA B 191 -3.31 -16.40 32.41
N ASN B 192 -2.56 -16.79 33.44
CA ASN B 192 -2.14 -18.17 33.60
C ASN B 192 -2.54 -18.72 34.97
N LYS C 2 -35.18 31.62 -0.44
CA LYS C 2 -34.51 31.94 0.82
C LYS C 2 -33.90 30.69 1.43
N MET C 3 -34.46 29.54 1.06
CA MET C 3 -33.98 28.27 1.61
C MET C 3 -32.65 27.86 0.98
N SER C 4 -32.52 28.05 -0.34
CA SER C 4 -31.32 27.61 -1.04
C SER C 4 -30.08 28.34 -0.54
N ASP C 5 -30.20 29.64 -0.27
CA ASP C 5 -29.06 30.39 0.26
C ASP C 5 -28.60 29.81 1.59
N VAL C 6 -29.56 29.49 2.46
CA VAL C 6 -29.22 28.93 3.77
C VAL C 6 -28.55 27.56 3.61
N LYS C 7 -29.07 26.71 2.72
CA LYS C 7 -28.46 25.40 2.52
C LYS C 7 -27.03 25.53 1.98
N CYS C 8 -26.84 26.43 1.01
CA CYS C 8 -25.52 26.58 0.41
C CYS C 8 -24.51 27.11 1.43
N THR C 9 -24.91 28.12 2.21
CA THR C 9 -24.00 28.64 3.22
C THR C 9 -23.77 27.61 4.32
N SER C 10 -24.74 26.73 4.56
CA SER C 10 -24.51 25.63 5.49
C SER C 10 -23.42 24.69 4.98
N VAL C 11 -23.47 24.36 3.69
CA VAL C 11 -22.45 23.48 3.13
C VAL C 11 -21.07 24.13 3.24
N VAL C 12 -20.97 25.41 2.86
CA VAL C 12 -19.67 26.06 2.91
C VAL C 12 -19.19 26.21 4.35
N LEU C 13 -20.10 26.44 5.30
CA LEU C 13 -19.72 26.55 6.70
C LEU C 13 -19.19 25.23 7.23
N LEU C 14 -19.85 24.12 6.87
CA LEU C 14 -19.33 22.83 7.30
C LEU C 14 -17.96 22.55 6.70
N SER C 15 -17.76 22.93 5.43
CA SER C 15 -16.44 22.74 4.83
C SER C 15 -15.37 23.54 5.57
N VAL C 16 -15.66 24.82 5.86
CA VAL C 16 -14.67 25.64 6.55
C VAL C 16 -14.44 25.17 7.98
N LEU C 17 -15.44 24.55 8.61
CA LEU C 17 -15.21 23.91 9.90
C LEU C 17 -14.29 22.71 9.76
N GLN C 18 -14.49 21.92 8.70
CA GLN C 18 -13.63 20.76 8.46
C GLN C 18 -12.19 21.17 8.19
N GLN C 19 -11.96 22.34 7.61
CA GLN C 19 -10.61 22.77 7.29
C GLN C 19 -9.81 23.24 8.50
N LEU C 20 -10.44 23.36 9.67
CA LEU C 20 -9.73 23.74 10.88
C LEU C 20 -9.38 22.54 11.75
N ARG C 21 -9.46 21.33 11.21
CA ARG C 21 -9.16 20.10 11.95
C ARG C 21 -10.02 20.00 13.21
N VAL C 22 -11.31 20.24 13.06
CA VAL C 22 -12.25 20.14 14.17
C VAL C 22 -12.76 18.71 14.22
N GLU C 23 -12.24 17.87 13.33
CA GLU C 23 -12.59 16.46 13.28
C GLU C 23 -11.93 15.67 14.39
N SER C 24 -10.76 16.12 14.87
CA SER C 24 -9.98 15.42 15.87
C SER C 24 -10.65 15.39 17.23
N SER C 25 -11.86 15.95 17.36
CA SER C 25 -12.67 15.83 18.56
C SER C 25 -13.98 15.16 18.15
N SER C 26 -14.02 13.83 18.32
CA SER C 26 -15.01 12.97 17.68
C SER C 26 -16.45 13.41 17.90
N LYS C 27 -16.84 13.66 19.15
CA LYS C 27 -18.24 13.97 19.42
C LYS C 27 -18.63 15.35 18.89
N LEU C 28 -17.69 16.30 18.89
CA LEU C 28 -17.97 17.60 18.30
C LEU C 28 -18.24 17.48 16.79
N TRP C 29 -17.42 16.67 16.10
CA TRP C 29 -17.65 16.44 14.69
C TRP C 29 -18.95 15.70 14.45
N ALA C 30 -19.31 14.76 15.33
CA ALA C 30 -20.58 14.06 15.17
C ALA C 30 -21.75 15.03 15.29
N GLN C 31 -21.70 15.93 16.29
CA GLN C 31 -22.76 16.91 16.45
C GLN C 31 -22.83 17.84 15.24
N CYS C 32 -21.68 18.28 14.73
CA CYS C 32 -21.67 19.17 13.57
C CYS C 32 -22.28 18.47 12.35
N VAL C 33 -21.90 17.21 12.13
CA VAL C 33 -22.43 16.47 10.98
C VAL C 33 -23.93 16.28 11.11
N GLN C 34 -24.39 15.95 12.33
CA GLN C 34 -25.82 15.79 12.53
C GLN C 34 -26.58 17.08 12.24
N LEU C 35 -26.05 18.22 12.72
CA LEU C 35 -26.70 19.50 12.46
C LEU C 35 -26.76 19.78 10.96
N HIS C 36 -25.62 19.63 10.28
CA HIS C 36 -25.58 19.93 8.85
C HIS C 36 -26.43 19.00 8.02
N ASN C 37 -26.56 17.73 8.38
CA ASN C 37 -27.44 16.81 7.67
C ASN C 37 -28.91 17.08 7.96
N ASP C 38 -29.23 17.58 9.15
CA ASP C 38 -30.61 17.96 9.44
C ASP C 38 -30.99 19.21 8.65
N ILE C 39 -30.07 20.18 8.53
CA ILE C 39 -30.39 21.42 7.85
C ILE C 39 -30.74 21.15 6.39
N LEU C 40 -29.98 20.28 5.73
CA LEU C 40 -30.14 20.07 4.30
C LEU C 40 -31.44 19.36 3.96
N LEU C 41 -32.14 18.84 4.97
CA LEU C 41 -33.41 18.17 4.75
C LEU C 41 -34.61 18.92 5.29
N ALA C 42 -34.43 20.06 5.94
CA ALA C 42 -35.55 20.81 6.48
C ALA C 42 -36.36 21.44 5.35
N LYS C 43 -37.62 21.73 5.66
CA LYS C 43 -38.52 22.37 4.71
C LYS C 43 -38.92 23.77 5.16
N ASP C 44 -39.15 23.98 6.45
CA ASP C 44 -39.51 25.29 6.98
C ASP C 44 -38.30 26.20 6.99
N THR C 45 -38.54 27.50 7.16
CA THR C 45 -37.51 28.51 7.01
C THR C 45 -37.11 29.15 8.34
N THR C 46 -37.42 28.51 9.46
CA THR C 46 -36.95 29.02 10.75
C THR C 46 -36.21 27.98 11.58
N GLU C 47 -36.62 26.72 11.51
CA GLU C 47 -35.82 25.66 12.11
C GLU C 47 -34.44 25.59 11.45
N ALA C 48 -34.40 25.83 10.14
CA ALA C 48 -33.12 25.91 9.45
C ALA C 48 -32.24 26.99 10.03
N PHE C 49 -32.81 28.16 10.32
CA PHE C 49 -32.02 29.26 10.89
C PHE C 49 -31.57 28.94 12.32
N GLU C 50 -32.43 28.28 13.09
CA GLU C 50 -32.03 27.89 14.45
C GLU C 50 -30.87 26.90 14.41
N LYS C 51 -30.95 25.89 13.54
CA LYS C 51 -29.83 24.96 13.41
C LYS C 51 -28.61 25.67 12.85
N MET C 52 -28.82 26.69 12.01
CA MET C 52 -27.73 27.50 11.49
C MET C 52 -26.96 28.20 12.60
N VAL C 53 -27.67 28.90 13.50
CA VAL C 53 -26.97 29.58 14.59
C VAL C 53 -26.35 28.56 15.54
N SER C 54 -27.01 27.42 15.74
CA SER C 54 -26.42 26.37 16.56
C SER C 54 -25.10 25.90 15.99
N LEU C 55 -25.03 25.69 14.67
CA LEU C 55 -23.79 25.30 14.02
C LEU C 55 -22.74 26.40 14.12
N LEU C 56 -23.14 27.64 13.83
CA LEU C 56 -22.23 28.78 13.83
C LEU C 56 -21.57 28.97 15.19
N SER C 57 -22.30 28.60 16.25
CA SER C 57 -21.73 28.68 17.59
C SER C 57 -20.46 27.85 17.70
N VAL C 58 -20.40 26.72 17.00
CA VAL C 58 -19.21 25.88 17.04
C VAL C 58 -18.02 26.61 16.45
N LEU C 59 -18.20 27.23 15.28
CA LEU C 59 -17.10 27.97 14.65
C LEU C 59 -16.66 29.14 15.51
N LEU C 60 -17.62 29.88 16.07
CA LEU C 60 -17.29 31.08 16.83
C LEU C 60 -16.52 30.78 18.10
N SER C 61 -16.60 29.54 18.62
CA SER C 61 -16.00 29.20 19.89
C SER C 61 -14.49 29.01 19.84
N MET C 62 -13.93 28.73 18.66
CA MET C 62 -12.51 28.43 18.57
C MET C 62 -11.69 29.72 18.44
N GLN C 63 -10.38 29.56 18.38
CA GLN C 63 -9.43 30.66 18.22
C GLN C 63 -8.51 30.39 17.03
N GLY C 64 -9.09 29.90 15.95
CA GLY C 64 -8.33 29.65 14.73
C GLY C 64 -8.68 30.61 13.63
N ALA C 65 -9.89 31.17 13.68
CA ALA C 65 -10.35 32.14 12.72
C ALA C 65 -10.27 33.53 13.34
N VAL C 66 -9.53 34.43 12.70
CA VAL C 66 -9.37 35.79 13.19
C VAL C 66 -10.55 36.63 12.72
N ASP C 67 -11.61 36.68 13.54
CA ASP C 67 -12.87 37.27 13.13
C ASP C 67 -12.74 38.77 12.87
N ILE C 68 -12.06 39.48 13.78
CA ILE C 68 -12.06 40.94 13.75
C ILE C 68 -11.45 41.51 12.48
N ASN C 69 -10.56 40.78 11.82
CA ASN C 69 -9.87 41.26 10.64
C ASN C 69 -10.74 41.17 9.40
N LYS C 70 -11.38 40.00 9.20
CA LYS C 70 -12.05 39.71 7.94
C LYS C 70 -13.21 40.66 7.66
N LEU C 71 -13.93 41.08 8.70
CA LEU C 71 -15.14 41.87 8.51
C LEU C 71 -14.79 43.32 8.15
N CYS C 72 -14.16 43.51 6.99
CA CYS C 72 -13.71 44.82 6.56
C CYS C 72 -14.81 45.61 5.82
N GLU C 73 -15.93 44.97 5.53
CA GLU C 73 -17.03 45.61 4.80
C GLU C 73 -16.57 46.18 3.46
N PHE D 6 0.77 34.08 -44.23
CA PHE D 6 2.13 34.25 -43.72
C PHE D 6 3.02 34.90 -44.77
N SER D 7 3.07 36.23 -44.76
CA SER D 7 3.82 37.01 -45.73
C SER D 7 5.23 37.36 -45.26
N SER D 8 5.78 36.62 -44.30
CA SER D 8 7.10 36.92 -43.73
C SER D 8 8.09 35.80 -43.97
N LEU D 9 8.11 35.23 -45.17
CA LEU D 9 9.01 34.13 -45.51
C LEU D 9 9.72 34.43 -46.83
N PRO D 10 10.97 34.01 -47.00
CA PRO D 10 11.64 34.24 -48.30
C PRO D 10 10.93 33.58 -49.46
N SER D 11 10.30 32.44 -49.21
CA SER D 11 9.51 31.79 -50.26
C SER D 11 8.42 32.71 -50.77
N TYR D 12 7.87 33.57 -49.90
CA TYR D 12 6.95 34.59 -50.38
C TYR D 12 7.64 35.51 -51.39
N ALA D 13 8.88 35.93 -51.10
CA ALA D 13 9.57 36.81 -52.04
C ALA D 13 9.74 36.13 -53.40
N ALA D 14 10.21 34.88 -53.39
CA ALA D 14 10.43 34.17 -54.64
C ALA D 14 9.12 34.01 -55.41
N PHE D 15 8.06 33.59 -54.72
CA PHE D 15 6.77 33.40 -55.37
C PHE D 15 6.18 34.71 -55.87
N ALA D 16 6.33 35.81 -55.12
CA ALA D 16 5.81 37.09 -55.57
C ALA D 16 6.51 37.55 -56.83
N THR D 17 7.84 37.40 -56.88
CA THR D 17 8.58 37.76 -58.08
C THR D 17 8.11 36.92 -59.27
N ALA D 18 8.01 35.60 -59.07
CA ALA D 18 7.59 34.73 -60.16
C ALA D 18 6.17 35.04 -60.62
N GLN D 19 5.27 35.28 -59.65
CA GLN D 19 3.87 35.58 -59.98
C GLN D 19 3.77 36.86 -60.79
N GLU D 20 4.47 37.90 -60.36
CA GLU D 20 4.44 39.16 -61.10
C GLU D 20 4.99 38.98 -62.51
N ALA D 21 6.13 38.27 -62.63
CA ALA D 21 6.74 38.08 -63.94
C ALA D 21 5.79 37.35 -64.88
N TYR D 22 5.25 36.20 -64.44
CA TYR D 22 4.34 35.45 -65.30
C TYR D 22 3.07 36.22 -65.60
N GLU D 23 2.51 36.91 -64.61
CA GLU D 23 1.29 37.67 -64.84
C GLU D 23 1.50 38.71 -65.94
N GLN D 24 2.57 39.50 -65.82
CA GLN D 24 2.85 40.49 -66.85
C GLN D 24 3.14 39.85 -68.19
N ALA D 25 3.91 38.76 -68.20
CA ALA D 25 4.31 38.14 -69.46
C ALA D 25 3.12 37.58 -70.22
N VAL D 26 2.23 36.87 -69.53
CA VAL D 26 1.03 36.34 -70.18
C VAL D 26 0.07 37.47 -70.55
N ALA D 27 0.00 38.53 -69.73
CA ALA D 27 -0.73 39.71 -70.16
C ALA D 27 -0.17 40.29 -71.46
N ASN D 28 1.12 40.09 -71.70
CA ASN D 28 1.73 40.45 -72.97
C ASN D 28 1.55 39.38 -74.04
N GLY D 29 1.99 38.15 -73.76
CA GLY D 29 1.83 37.06 -74.71
C GLY D 29 3.13 36.60 -75.34
N ASP D 30 3.32 35.29 -75.43
CA ASP D 30 4.54 34.72 -76.02
C ASP D 30 4.26 33.29 -76.43
N SER D 31 5.33 32.56 -76.76
CA SER D 31 5.22 31.20 -77.28
C SER D 31 5.07 30.16 -76.18
N GLU D 32 5.15 28.88 -76.54
CA GLU D 32 4.95 27.78 -75.61
C GLU D 32 6.06 27.73 -74.54
N VAL D 33 7.30 27.57 -74.97
CA VAL D 33 8.41 27.42 -74.02
C VAL D 33 8.62 28.71 -73.22
N VAL D 34 8.42 29.87 -73.86
CA VAL D 34 8.67 31.14 -73.20
C VAL D 34 7.79 31.28 -71.95
N LEU D 35 6.57 30.77 -72.01
CA LEU D 35 5.65 30.83 -70.88
C LEU D 35 5.69 29.60 -70.01
N LYS D 36 6.13 28.45 -70.54
CA LYS D 36 6.26 27.25 -69.72
C LYS D 36 7.47 27.35 -68.81
N LYS D 37 8.46 28.15 -69.21
CA LYS D 37 9.63 28.41 -68.38
C LYS D 37 9.20 29.04 -67.06
N LEU D 38 8.21 29.94 -67.12
CA LEU D 38 7.73 30.59 -65.91
C LEU D 38 6.54 29.87 -65.28
N LYS D 39 6.45 28.58 -65.52
CA LYS D 39 5.70 27.59 -64.75
C LYS D 39 6.65 26.58 -64.13
N LYS D 40 7.65 26.13 -64.87
CA LYS D 40 8.74 25.33 -64.32
C LYS D 40 9.59 26.11 -63.32
N SER D 41 9.55 27.44 -63.36
CA SER D 41 10.25 28.26 -62.39
C SER D 41 9.35 28.84 -61.31
N LEU D 42 8.03 28.63 -61.39
CA LEU D 42 7.08 29.18 -60.43
C LEU D 42 6.43 28.11 -59.57
N ASN D 43 6.12 26.95 -60.15
CA ASN D 43 5.51 25.89 -59.35
C ASN D 43 6.49 25.31 -58.35
N VAL D 44 7.79 25.37 -58.63
CA VAL D 44 8.78 24.99 -57.63
C VAL D 44 8.66 25.88 -56.41
N ALA D 45 8.54 27.19 -56.64
CA ALA D 45 8.33 28.14 -55.55
C ALA D 45 7.03 27.87 -54.81
N LYS D 46 5.94 27.58 -55.53
CA LYS D 46 4.70 27.27 -54.82
C LYS D 46 4.80 25.99 -54.02
N SER D 47 5.53 25.00 -54.52
CA SER D 47 5.66 23.72 -53.84
C SER D 47 6.55 23.81 -52.61
N GLU D 48 7.55 24.68 -52.60
CA GLU D 48 8.35 24.90 -51.40
C GLU D 48 7.82 26.05 -50.56
N PHE D 49 6.73 26.70 -50.99
CA PHE D 49 6.07 27.74 -50.22
C PHE D 49 4.89 27.19 -49.42
N ASP D 50 4.02 26.41 -50.07
CA ASP D 50 2.87 25.85 -49.39
C ASP D 50 3.30 24.63 -48.58
N ARG D 51 4.61 24.47 -48.42
CA ARG D 51 5.19 23.43 -47.58
C ARG D 51 5.55 24.03 -46.22
N ASP D 52 6.40 25.06 -46.25
CA ASP D 52 6.81 25.69 -45.00
C ASP D 52 5.71 26.57 -44.43
N ALA D 53 4.86 27.13 -45.31
CA ALA D 53 3.73 27.90 -44.80
C ALA D 53 2.74 27.02 -44.05
N ALA D 54 2.70 25.73 -44.35
CA ALA D 54 1.89 24.80 -43.59
C ALA D 54 2.62 24.28 -42.36
N MET D 55 3.92 24.02 -42.48
CA MET D 55 4.69 23.52 -41.33
C MET D 55 4.71 24.56 -40.21
N GLN D 56 4.94 25.83 -40.56
CA GLN D 56 4.95 26.88 -39.54
C GLN D 56 3.57 27.09 -38.94
N ARG D 57 2.51 26.98 -39.75
CA ARG D 57 1.16 27.10 -39.22
C ARG D 57 0.80 25.95 -38.28
N LYS D 58 1.30 24.75 -38.55
CA LYS D 58 1.15 23.64 -37.61
C LYS D 58 1.92 23.93 -36.33
N LEU D 59 3.17 24.43 -36.47
CA LEU D 59 4.01 24.68 -35.31
C LEU D 59 3.38 25.72 -34.40
N GLU D 60 2.77 26.76 -34.98
CA GLU D 60 2.16 27.81 -34.18
C GLU D 60 1.01 27.27 -33.33
N LYS D 61 0.13 26.47 -33.94
CA LYS D 61 -0.98 25.91 -33.17
C LYS D 61 -0.47 24.93 -32.13
N MET D 62 0.61 24.21 -32.44
CA MET D 62 1.26 23.34 -31.47
C MET D 62 1.73 24.13 -30.25
N ALA D 63 2.39 25.26 -30.48
CA ALA D 63 2.85 26.09 -29.38
C ALA D 63 1.67 26.62 -28.56
N ASP D 64 0.63 27.09 -29.26
CA ASP D 64 -0.53 27.65 -28.56
C ASP D 64 -1.24 26.60 -27.72
N GLN D 65 -1.38 25.39 -28.24
CA GLN D 65 -2.02 24.32 -27.49
C GLN D 65 -1.16 23.81 -26.35
N ALA D 66 0.16 23.98 -26.42
CA ALA D 66 0.96 23.73 -25.22
C ALA D 66 0.79 24.84 -24.20
N MET D 67 0.72 26.09 -24.67
CA MET D 67 0.64 27.24 -23.77
C MET D 67 -0.66 27.22 -22.96
N THR D 68 -1.78 26.94 -23.63
CA THR D 68 -3.05 26.91 -22.91
C THR D 68 -3.06 25.81 -21.86
N GLN D 69 -2.49 24.64 -22.17
CA GLN D 69 -2.45 23.55 -21.22
C GLN D 69 -1.60 23.92 -20.00
N MET D 70 -0.44 24.54 -20.23
CA MET D 70 0.38 24.94 -19.09
C MET D 70 -0.30 26.01 -18.26
N TYR D 71 -1.02 26.94 -18.89
CA TYR D 71 -1.78 27.92 -18.13
C TYR D 71 -2.84 27.24 -17.26
N LYS D 72 -3.55 26.26 -17.83
CA LYS D 72 -4.57 25.55 -17.06
C LYS D 72 -3.95 24.85 -15.86
N GLN D 73 -2.83 24.15 -16.08
CA GLN D 73 -2.20 23.42 -14.98
C GLN D 73 -1.70 24.37 -13.90
N ALA D 74 -1.08 25.49 -14.29
CA ALA D 74 -0.60 26.45 -13.31
C ALA D 74 -1.76 27.04 -12.50
N ARG D 75 -2.85 27.38 -13.18
CA ARG D 75 -4.00 27.94 -12.47
C ARG D 75 -4.58 26.94 -11.49
N SER D 76 -4.70 25.67 -11.90
CA SER D 76 -5.22 24.66 -10.98
C SER D 76 -4.30 24.48 -9.77
N GLU D 77 -2.99 24.41 -10.02
CA GLU D 77 -2.03 24.24 -8.94
C GLU D 77 -2.07 25.40 -7.96
N ASP D 78 -2.15 26.64 -8.44
CA ASP D 78 -2.23 27.78 -7.55
C ASP D 78 -3.59 27.94 -6.88
N LYS D 79 -4.66 27.45 -7.51
CA LYS D 79 -5.98 27.55 -6.90
C LYS D 79 -6.16 26.53 -5.78
N ARG D 80 -5.51 25.37 -5.89
CA ARG D 80 -5.65 24.39 -4.81
C ARG D 80 -4.69 24.68 -3.66
N ALA D 81 -4.22 25.93 -3.55
CA ALA D 81 -3.32 26.30 -2.48
C ALA D 81 -3.75 27.55 -1.73
N LYS D 82 -5.01 28.01 -1.89
CA LYS D 82 -5.49 29.18 -1.17
C LYS D 82 -6.90 28.98 -0.62
N VAL D 83 -7.35 27.72 -0.50
CA VAL D 83 -8.70 27.43 -0.08
C VAL D 83 -8.93 27.90 1.35
N THR D 84 -7.91 27.76 2.21
CA THR D 84 -8.08 28.09 3.62
C THR D 84 -8.48 29.54 3.83
N SER D 85 -8.21 30.42 2.87
CA SER D 85 -8.66 31.80 2.93
C SER D 85 -9.85 32.08 2.02
N ALA D 86 -9.88 31.47 0.84
CA ALA D 86 -10.99 31.70 -0.08
C ALA D 86 -12.32 31.24 0.51
N MET D 87 -12.32 30.05 1.14
CA MET D 87 -13.54 29.54 1.75
C MET D 87 -14.04 30.46 2.85
N GLN D 88 -13.12 30.95 3.69
CA GLN D 88 -13.52 31.85 4.76
C GLN D 88 -14.11 33.14 4.21
N THR D 89 -13.47 33.73 3.21
CA THR D 89 -13.98 34.97 2.63
C THR D 89 -15.36 34.76 2.02
N MET D 90 -15.53 33.67 1.28
CA MET D 90 -16.83 33.38 0.67
C MET D 90 -17.89 33.15 1.74
N LEU D 91 -17.54 32.42 2.79
CA LEU D 91 -18.49 32.16 3.88
C LEU D 91 -18.95 33.47 4.52
N PHE D 92 -18.01 34.37 4.81
CA PHE D 92 -18.39 35.61 5.48
C PHE D 92 -19.20 36.50 4.56
N THR D 93 -18.88 36.53 3.26
CA THR D 93 -19.68 37.31 2.32
C THR D 93 -21.11 36.78 2.27
N MET D 94 -21.26 35.46 2.18
CA MET D 94 -22.61 34.88 2.18
C MET D 94 -23.35 35.17 3.48
N LEU D 95 -22.66 35.06 4.62
CA LEU D 95 -23.30 35.29 5.91
C LEU D 95 -23.78 36.72 6.02
N ARG D 96 -22.96 37.68 5.58
CA ARG D 96 -23.42 39.07 5.57
C ARG D 96 -24.54 39.29 4.58
N LYS D 97 -24.60 38.51 3.50
CA LYS D 97 -25.72 38.63 2.57
C LYS D 97 -27.02 38.12 3.18
N LEU D 98 -26.95 37.07 4.01
CA LEU D 98 -28.16 36.47 4.56
C LEU D 98 -28.93 37.48 5.41
N ASP D 99 -28.23 38.18 6.31
CA ASP D 99 -28.81 39.26 7.10
C ASP D 99 -30.00 38.79 7.93
N ASN D 100 -29.75 37.94 8.92
CA ASN D 100 -30.78 37.56 9.88
C ASN D 100 -30.36 38.01 11.26
N ASP D 101 -31.34 38.43 12.07
CA ASP D 101 -31.04 39.14 13.30
C ASP D 101 -30.22 38.32 14.29
N ALA D 102 -30.52 37.03 14.41
CA ALA D 102 -29.76 36.18 15.32
C ALA D 102 -28.31 36.06 14.88
N LEU D 103 -28.10 35.80 13.58
CA LEU D 103 -26.75 35.67 13.06
C LEU D 103 -25.97 36.97 13.23
N ASN D 104 -26.59 38.10 12.92
CA ASN D 104 -25.93 39.39 13.09
C ASN D 104 -25.59 39.63 14.57
N ASN D 105 -26.51 39.27 15.46
CA ASN D 105 -26.28 39.50 16.89
C ASN D 105 -25.08 38.70 17.37
N ILE D 106 -25.04 37.40 17.08
CA ILE D 106 -23.92 36.59 17.56
C ILE D 106 -22.62 37.00 16.86
N ILE D 107 -22.68 37.39 15.58
CA ILE D 107 -21.48 37.80 14.87
C ILE D 107 -20.90 39.07 15.47
N ASN D 108 -21.76 40.06 15.75
CA ASN D 108 -21.28 41.29 16.37
C ASN D 108 -20.75 41.04 17.77
N ASN D 109 -21.44 40.20 18.55
CA ASN D 109 -20.99 39.91 19.90
C ASN D 109 -19.61 39.25 19.88
N ALA D 110 -19.38 38.31 18.98
CA ALA D 110 -18.04 37.75 18.82
C ALA D 110 -17.06 38.76 18.21
N ARG D 111 -17.58 39.74 17.46
CA ARG D 111 -16.72 40.75 16.88
C ARG D 111 -16.07 41.62 17.94
N ASP D 112 -16.85 42.10 18.91
CA ASP D 112 -16.26 42.95 19.93
C ASP D 112 -16.00 42.19 21.22
N GLY D 113 -17.05 41.62 21.82
CA GLY D 113 -16.95 41.05 23.15
C GLY D 113 -17.17 39.55 23.26
N CYS D 114 -18.40 39.20 23.64
CA CYS D 114 -18.71 37.86 24.10
C CYS D 114 -18.49 36.80 23.03
N VAL D 115 -18.01 35.63 23.45
CA VAL D 115 -17.96 34.45 22.59
C VAL D 115 -18.45 33.24 23.37
N PRO D 116 -19.15 32.34 22.71
CA PRO D 116 -19.65 31.14 23.39
C PRO D 116 -18.53 30.18 23.76
N LEU D 117 -18.78 29.36 24.77
CA LEU D 117 -17.83 28.35 25.22
C LEU D 117 -18.32 26.93 24.98
N ASN D 118 -19.49 26.76 24.39
CA ASN D 118 -19.96 25.45 23.96
C ASN D 118 -20.95 25.63 22.82
N ILE D 119 -21.65 24.55 22.49
CA ILE D 119 -22.67 24.60 21.46
C ILE D 119 -23.90 25.28 22.03
N ILE D 120 -24.40 26.30 21.31
CA ILE D 120 -25.62 27.00 21.71
C ILE D 120 -26.80 26.05 21.57
N PRO D 121 -27.59 25.83 22.61
CA PRO D 121 -28.72 24.90 22.53
C PRO D 121 -29.96 25.60 21.98
N LEU D 122 -30.90 24.76 21.55
CA LEU D 122 -32.20 25.23 21.09
C LEU D 122 -33.37 24.65 21.87
N THR D 123 -33.22 23.50 22.51
CA THR D 123 -34.25 22.98 23.39
C THR D 123 -34.36 23.87 24.63
N THR D 124 -35.58 23.94 25.18
CA THR D 124 -35.83 24.84 26.30
C THR D 124 -35.43 24.18 27.62
N ALA D 125 -34.23 23.60 27.68
CA ALA D 125 -33.73 23.03 28.93
C ALA D 125 -32.30 23.41 29.22
N ALA D 126 -31.46 23.49 28.18
CA ALA D 126 -30.02 23.29 28.34
C ALA D 126 -29.24 24.51 28.80
N LYS D 127 -27.91 24.40 28.75
CA LYS D 127 -26.97 25.32 29.36
C LYS D 127 -26.03 25.92 28.32
N LEU D 128 -25.51 27.11 28.61
CA LEU D 128 -24.52 27.75 27.76
C LEU D 128 -23.63 28.65 28.59
N MET D 129 -22.39 28.81 28.15
CA MET D 129 -21.43 29.69 28.79
C MET D 129 -21.04 30.82 27.85
N VAL D 130 -20.59 31.94 28.44
CA VAL D 130 -20.21 33.14 27.74
C VAL D 130 -18.87 33.62 28.29
N VAL D 131 -18.21 34.49 27.54
CA VAL D 131 -17.00 35.15 28.05
C VAL D 131 -17.20 36.66 27.94
N ILE D 132 -17.67 37.28 29.02
CA ILE D 132 -17.90 38.72 29.04
C ILE D 132 -16.65 39.40 29.54
N PRO D 133 -16.00 40.25 28.73
CA PRO D 133 -14.70 40.79 29.11
C PRO D 133 -14.74 42.18 29.76
N ASP D 134 -15.92 42.72 30.03
CA ASP D 134 -16.03 44.09 30.53
C ASP D 134 -17.41 44.26 31.16
N TYR D 135 -17.72 45.48 31.58
CA TYR D 135 -19.05 45.83 32.06
C TYR D 135 -19.88 46.55 31.02
N ASN D 136 -19.25 47.23 30.06
CA ASN D 136 -19.98 47.93 29.03
C ASN D 136 -20.80 46.94 28.19
N THR D 137 -20.16 45.85 27.76
CA THR D 137 -20.88 44.83 27.01
C THR D 137 -21.96 44.17 27.85
N TYR D 138 -21.71 43.99 29.15
CA TYR D 138 -22.72 43.43 30.05
C TYR D 138 -23.94 44.33 30.11
N LYS D 139 -23.72 45.64 30.26
CA LYS D 139 -24.83 46.59 30.27
C LYS D 139 -25.56 46.59 28.94
N ASN D 140 -24.83 46.43 27.84
CA ASN D 140 -25.46 46.30 26.54
C ASN D 140 -26.36 45.06 26.49
N THR D 141 -25.89 43.95 27.06
CA THR D 141 -26.61 42.69 26.95
C THR D 141 -27.53 42.41 28.14
N CYS D 142 -26.96 42.34 29.34
CA CYS D 142 -27.72 41.86 30.47
C CYS D 142 -28.30 43.01 31.29
N ASP D 143 -29.49 42.77 31.85
CA ASP D 143 -30.16 43.75 32.70
C ASP D 143 -30.95 43.05 33.80
N GLY D 144 -30.35 42.89 34.98
CA GLY D 144 -31.02 42.28 36.09
C GLY D 144 -30.98 40.76 36.09
N THR D 145 -32.08 40.12 35.70
CA THR D 145 -32.16 38.67 35.63
C THR D 145 -32.26 38.15 34.21
N THR D 146 -32.11 39.00 33.21
CA THR D 146 -32.21 38.60 31.81
C THR D 146 -30.91 38.91 31.08
N PHE D 147 -30.51 38.00 30.20
CA PHE D 147 -29.29 38.15 29.41
C PHE D 147 -29.67 37.85 27.96
N THR D 148 -29.94 38.92 27.20
CA THR D 148 -30.40 38.78 25.81
C THR D 148 -29.24 38.30 24.95
N TYR D 149 -29.40 37.12 24.35
CA TYR D 149 -28.37 36.53 23.51
C TYR D 149 -29.01 35.71 22.41
N ALA D 150 -28.41 35.78 21.21
CA ALA D 150 -28.90 35.03 20.05
C ALA D 150 -30.37 35.32 19.77
N SER D 151 -30.77 36.58 19.93
CA SER D 151 -32.14 37.02 19.70
C SER D 151 -33.13 36.24 20.55
N ALA D 152 -32.71 35.89 21.76
CA ALA D 152 -33.57 35.22 22.72
C ALA D 152 -33.15 35.66 24.12
N LEU D 153 -34.09 35.55 25.06
CA LEU D 153 -33.87 36.00 26.42
C LEU D 153 -33.69 34.80 27.34
N TRP D 154 -32.54 34.74 28.00
CA TRP D 154 -32.23 33.71 28.97
C TRP D 154 -32.33 34.28 30.38
N GLU D 155 -32.47 33.38 31.36
CA GLU D 155 -32.49 33.77 32.76
C GLU D 155 -31.21 33.29 33.43
N ILE D 156 -30.54 34.19 34.14
CA ILE D 156 -29.23 33.88 34.70
C ILE D 156 -29.37 33.09 36.00
N GLN D 157 -28.48 32.12 36.19
CA GLN D 157 -28.46 31.37 37.44
C GLN D 157 -27.08 31.29 38.07
N GLN D 158 -26.06 31.88 37.45
CA GLN D 158 -24.69 31.80 37.96
C GLN D 158 -23.78 32.78 37.23
N VAL D 159 -22.80 33.34 37.94
CA VAL D 159 -21.79 34.20 37.33
C VAL D 159 -20.50 34.06 38.13
N VAL D 160 -19.40 33.82 37.43
CA VAL D 160 -18.11 33.56 38.06
C VAL D 160 -17.07 34.49 37.45
N ASP D 161 -15.98 34.70 38.19
CA ASP D 161 -14.88 35.51 37.71
C ASP D 161 -13.85 34.62 37.02
N ALA D 162 -12.67 35.18 36.71
CA ALA D 162 -11.67 34.45 35.95
C ALA D 162 -10.95 33.39 36.76
N ASP D 163 -11.10 33.37 38.09
CA ASP D 163 -10.41 32.37 38.88
C ASP D 163 -11.38 31.51 39.68
N SER D 164 -12.51 31.15 39.06
CA SER D 164 -13.45 30.17 39.59
C SER D 164 -14.02 30.57 40.95
N LYS D 165 -14.00 31.85 41.27
CA LYS D 165 -14.55 32.35 42.54
C LYS D 165 -15.97 32.86 42.29
N ILE D 166 -16.94 32.32 43.04
CA ILE D 166 -18.32 32.73 42.87
C ILE D 166 -18.45 34.22 43.18
N VAL D 167 -19.21 34.92 42.34
CA VAL D 167 -19.44 36.35 42.50
C VAL D 167 -20.95 36.58 42.42
N GLN D 168 -21.50 37.28 43.41
CA GLN D 168 -22.92 37.52 43.44
C GLN D 168 -23.34 38.48 42.32
N LEU D 169 -24.62 38.41 41.96
CA LEU D 169 -25.16 39.18 40.84
C LEU D 169 -25.13 40.69 41.12
N SER D 170 -25.45 41.09 42.35
CA SER D 170 -25.56 42.51 42.67
C SER D 170 -24.24 43.12 43.15
N GLU D 171 -23.17 42.96 42.37
CA GLU D 171 -21.92 43.64 42.61
C GLU D 171 -21.33 44.23 41.33
N ILE D 172 -21.55 43.57 40.20
CA ILE D 172 -21.00 44.03 38.92
C ILE D 172 -21.66 45.36 38.53
N SER D 173 -20.85 46.41 38.51
CA SER D 173 -21.35 47.75 38.23
C SER D 173 -20.32 48.55 37.43
N MET D 174 -20.44 49.87 37.40
CA MET D 174 -19.59 50.71 36.56
C MET D 174 -18.27 51.08 37.24
N ASP D 175 -18.29 51.40 38.54
CA ASP D 175 -17.10 51.97 39.18
C ASP D 175 -16.40 51.03 40.16
N ASN D 176 -17.13 50.16 40.85
CA ASN D 176 -16.50 49.20 41.75
C ASN D 176 -16.06 47.94 41.03
N SER D 177 -16.40 47.81 39.74
CA SER D 177 -16.02 46.61 39.00
C SER D 177 -14.52 46.44 38.79
N PRO D 178 -13.67 47.49 38.72
CA PRO D 178 -12.23 47.23 38.65
C PRO D 178 -11.66 46.74 39.97
N ASN D 179 -12.32 45.72 40.54
CA ASN D 179 -11.85 45.00 41.72
C ASN D 179 -12.14 43.52 41.56
N LEU D 180 -12.42 43.09 40.33
CA LEU D 180 -12.86 41.73 40.05
C LEU D 180 -12.05 41.17 38.89
N ALA D 181 -11.88 39.84 38.88
CA ALA D 181 -11.32 39.19 37.72
C ALA D 181 -12.32 39.25 36.56
N TRP D 182 -11.93 39.93 35.50
CA TRP D 182 -12.88 40.41 34.51
C TRP D 182 -13.43 39.37 33.53
N PRO D 183 -12.65 38.39 33.06
CA PRO D 183 -13.21 37.44 32.09
C PRO D 183 -14.31 36.58 32.71
N LEU D 184 -15.48 37.18 32.89
CA LEU D 184 -16.61 36.51 33.53
C LEU D 184 -17.18 35.43 32.62
N ILE D 185 -17.76 34.41 33.26
CA ILE D 185 -18.44 33.34 32.53
C ILE D 185 -19.88 33.24 33.05
N VAL D 186 -20.79 33.95 32.39
CA VAL D 186 -22.18 33.96 32.82
C VAL D 186 -22.91 32.80 32.19
N THR D 187 -23.46 31.92 33.03
CA THR D 187 -24.14 30.71 32.58
C THR D 187 -25.63 30.86 32.80
N ALA D 188 -26.41 30.60 31.76
CA ALA D 188 -27.86 30.73 31.81
C ALA D 188 -28.51 29.56 31.10
N LEU D 189 -29.83 29.48 31.21
CA LEU D 189 -30.62 28.42 30.59
C LEU D 189 -31.66 29.05 29.67
N ARG D 190 -32.27 28.23 28.84
CA ARG D 190 -33.25 28.74 27.88
C ARG D 190 -34.53 29.17 28.58
N ALA D 191 -35.20 30.16 28.01
CA ALA D 191 -36.45 30.67 28.55
C ALA D 191 -37.53 29.59 28.60
N VAL G 2 4.51 31.84 -10.31
CA VAL G 2 3.34 32.45 -10.90
C VAL G 2 3.11 33.83 -10.29
N GLY G 3 4.11 34.70 -10.44
CA GLY G 3 4.04 36.04 -9.90
C GLY G 3 4.91 36.99 -10.70
N ALA G 4 4.79 38.27 -10.37
CA ALA G 4 5.54 39.30 -11.08
C ALA G 4 7.04 39.11 -10.86
N CYS G 5 7.80 39.37 -11.91
CA CYS G 5 9.25 39.16 -11.86
C CYS G 5 9.93 40.30 -11.11
N VAL G 6 11.18 40.06 -10.71
CA VAL G 6 11.86 40.95 -9.79
C VAL G 6 12.49 42.16 -10.47
N LEU G 7 12.61 42.15 -11.80
CA LEU G 7 13.16 43.29 -12.53
C LEU G 7 12.15 44.01 -13.40
N CYS G 8 11.00 43.40 -13.68
CA CYS G 8 10.04 43.99 -14.61
C CYS G 8 8.63 44.08 -14.07
N ASN G 9 8.31 43.43 -12.95
CA ASN G 9 6.98 43.47 -12.34
C ASN G 9 5.89 43.03 -13.31
N SER G 10 6.19 42.05 -14.15
CA SER G 10 5.24 41.44 -15.06
C SER G 10 5.11 39.96 -14.75
N GLN G 11 3.91 39.43 -15.00
CA GLN G 11 3.63 38.04 -14.68
C GLN G 11 4.54 37.10 -15.48
N THR G 12 4.97 36.03 -14.83
CA THR G 12 5.88 35.09 -15.43
C THR G 12 5.74 33.74 -14.70
N SER G 13 6.38 32.72 -15.24
CA SER G 13 6.35 31.39 -14.64
C SER G 13 7.71 30.73 -14.71
N LEU G 14 8.78 31.54 -14.65
CA LEU G 14 10.14 31.04 -14.81
C LEU G 14 10.92 31.22 -13.52
N ARG G 15 11.60 30.18 -13.08
CA ARG G 15 12.46 30.21 -11.91
C ARG G 15 13.85 29.75 -12.35
N CYS G 16 14.87 30.55 -12.06
CA CYS G 16 16.24 30.22 -12.42
C CYS G 16 16.69 28.99 -11.63
N GLY G 17 16.74 27.84 -12.30
CA GLY G 17 17.02 26.59 -11.60
C GLY G 17 18.46 26.48 -11.14
N ALA G 18 19.40 26.83 -12.01
CA ALA G 18 20.82 26.76 -11.65
C ALA G 18 21.24 27.86 -10.70
N CYS G 19 20.29 28.70 -10.28
CA CYS G 19 20.59 29.83 -9.42
C CYS G 19 20.56 29.34 -7.98
N ILE G 20 20.58 30.25 -7.00
CA ILE G 20 20.60 29.84 -5.60
C ILE G 20 19.19 29.73 -5.04
N ARG G 21 18.46 30.83 -5.03
CA ARG G 21 17.14 30.86 -4.40
C ARG G 21 15.99 30.83 -5.40
N ARG G 22 16.29 30.63 -6.69
CA ARG G 22 15.28 30.53 -7.74
C ARG G 22 14.33 31.72 -7.73
N PRO G 23 14.78 32.91 -8.12
CA PRO G 23 13.89 34.07 -8.15
C PRO G 23 13.04 34.09 -9.41
N PHE G 24 12.00 34.93 -9.36
CA PHE G 24 11.06 35.04 -10.47
C PHE G 24 11.61 35.98 -11.55
N LEU G 25 11.59 35.51 -12.79
CA LEU G 25 12.04 36.31 -13.92
C LEU G 25 11.07 36.14 -15.08
N CYS G 26 10.85 37.24 -15.80
CA CYS G 26 10.02 37.20 -16.99
C CYS G 26 10.89 36.86 -18.21
N CYS G 27 10.22 36.54 -19.31
CA CYS G 27 10.87 35.90 -20.44
C CYS G 27 12.08 36.69 -20.93
N LYS G 28 11.92 38.00 -21.13
CA LYS G 28 13.04 38.81 -21.63
C LYS G 28 14.15 38.90 -20.59
N CYS G 29 13.81 39.26 -19.35
CA CYS G 29 14.84 39.38 -18.32
C CYS G 29 15.43 38.03 -17.97
N CYS G 30 14.63 36.96 -18.04
CA CYS G 30 15.18 35.62 -17.87
C CYS G 30 16.17 35.27 -18.98
N TYR G 31 15.87 35.66 -20.22
CA TYR G 31 16.81 35.45 -21.31
C TYR G 31 18.11 36.20 -21.06
N ASP G 32 18.00 37.44 -20.59
CA ASP G 32 19.19 38.23 -20.28
C ASP G 32 20.01 37.57 -19.18
N HIS G 33 19.34 37.05 -18.15
CA HIS G 33 20.05 36.37 -17.07
C HIS G 33 20.66 35.05 -17.53
N VAL G 34 20.06 34.41 -18.54
CA VAL G 34 20.49 33.07 -18.92
C VAL G 34 21.59 33.10 -19.98
N ILE G 35 21.73 34.18 -20.74
CA ILE G 35 22.67 34.17 -21.85
C ILE G 35 24.08 34.63 -21.50
N SER G 36 24.30 35.22 -20.32
CA SER G 36 25.59 35.82 -20.02
C SER G 36 26.21 35.24 -18.75
N THR G 37 25.68 34.12 -18.27
CA THR G 37 26.28 33.44 -17.12
C THR G 37 26.25 31.94 -17.37
N SER G 38 26.53 31.15 -16.33
CA SER G 38 26.47 29.69 -16.37
C SER G 38 25.11 29.17 -15.91
N HIS G 39 24.09 30.02 -15.92
CA HIS G 39 22.73 29.59 -15.61
C HIS G 39 22.22 28.76 -16.78
N LYS G 40 22.38 27.44 -16.70
CA LYS G 40 21.93 26.55 -17.77
C LYS G 40 20.72 25.71 -17.36
N LEU G 41 20.14 26.00 -16.20
CA LEU G 41 18.95 25.31 -15.73
C LEU G 41 17.90 26.35 -15.37
N VAL G 42 16.70 26.22 -15.94
CA VAL G 42 15.59 27.11 -15.66
C VAL G 42 14.36 26.26 -15.41
N LEU G 43 13.57 26.65 -14.41
CA LEU G 43 12.39 25.90 -14.01
C LEU G 43 11.12 26.67 -14.33
N SER G 44 10.01 25.93 -14.35
CA SER G 44 8.69 26.46 -14.65
C SER G 44 7.68 25.64 -13.86
N VAL G 45 6.41 25.67 -14.29
CA VAL G 45 5.44 24.72 -13.73
C VAL G 45 5.97 23.30 -13.81
N ASN G 46 6.81 23.01 -14.81
CA ASN G 46 7.56 21.77 -14.88
C ASN G 46 9.02 22.09 -15.18
N PRO G 47 9.96 21.24 -14.77
CA PRO G 47 11.37 21.50 -15.08
C PRO G 47 11.64 21.27 -16.57
N TYR G 48 12.80 21.75 -17.01
CA TYR G 48 13.18 21.71 -18.42
C TYR G 48 14.27 20.67 -18.59
N VAL G 49 13.85 19.41 -18.74
CA VAL G 49 14.71 18.31 -19.16
C VAL G 49 13.92 17.47 -20.16
N CYS G 50 14.66 16.72 -20.99
CA CYS G 50 13.99 15.89 -21.98
C CYS G 50 13.20 14.78 -21.29
N ASN G 51 11.89 14.74 -21.54
CA ASN G 51 11.01 13.78 -20.91
C ASN G 51 10.74 12.58 -21.81
N ALA G 52 11.50 12.47 -22.90
CA ALA G 52 11.50 11.21 -23.63
C ALA G 52 12.09 10.12 -22.72
N PRO G 53 11.58 8.88 -22.82
CA PRO G 53 11.98 7.84 -21.85
C PRO G 53 13.48 7.64 -21.75
N GLY G 54 14.02 7.82 -20.54
CA GLY G 54 15.43 7.60 -20.27
C GLY G 54 16.38 8.60 -20.88
N CYS G 55 16.09 9.90 -20.77
CA CYS G 55 16.99 10.92 -21.29
C CYS G 55 18.11 11.25 -20.30
N ASP G 56 19.03 12.14 -20.70
CA ASP G 56 20.18 12.46 -19.87
C ASP G 56 20.57 13.93 -19.93
N VAL G 57 19.79 14.78 -20.59
CA VAL G 57 20.18 16.17 -20.84
C VAL G 57 19.67 17.06 -19.71
N THR G 58 20.34 18.19 -19.51
CA THR G 58 19.96 19.16 -18.49
C THR G 58 19.96 20.62 -18.94
N ASP G 59 20.69 20.99 -19.98
CA ASP G 59 20.82 22.41 -20.37
C ASP G 59 19.60 22.88 -21.12
N VAL G 60 19.19 24.12 -20.84
CA VAL G 60 17.96 24.68 -21.39
C VAL G 60 18.02 24.76 -22.91
N THR G 61 19.13 25.29 -23.44
CA THR G 61 19.24 25.48 -24.88
C THR G 61 19.29 24.16 -25.65
N GLN G 62 19.54 23.04 -24.97
CA GLN G 62 19.58 21.75 -25.64
C GLN G 62 18.21 21.13 -25.83
N LEU G 63 17.17 21.64 -25.16
CA LEU G 63 15.84 21.09 -25.36
C LEU G 63 15.17 21.71 -26.58
N TYR G 64 14.11 21.03 -27.03
CA TYR G 64 13.25 21.55 -28.08
C TYR G 64 11.82 21.13 -27.78
N LEU G 65 10.87 22.03 -27.96
CA LEU G 65 9.48 21.77 -27.63
C LEU G 65 8.83 20.90 -28.71
N GLY G 66 8.06 19.91 -28.27
CA GLY G 66 7.28 19.09 -29.18
C GLY G 66 5.79 19.14 -28.90
N GLY G 67 5.21 18.01 -28.54
CA GLY G 67 3.81 18.00 -28.21
C GLY G 67 3.60 18.46 -26.79
N MET G 68 2.99 17.61 -25.97
CA MET G 68 2.84 17.86 -24.55
C MET G 68 4.10 17.43 -23.83
N SER G 69 5.20 17.31 -24.57
CA SER G 69 6.45 16.79 -24.03
C SER G 69 7.60 17.69 -24.49
N TYR G 70 8.67 17.69 -23.70
CA TYR G 70 9.87 18.48 -23.98
C TYR G 70 11.00 17.51 -24.30
N TYR G 71 11.60 17.65 -25.47
CA TYR G 71 12.59 16.71 -25.96
C TYR G 71 13.97 17.35 -25.99
N CYS G 72 14.95 16.62 -26.52
CA CYS G 72 16.33 17.07 -26.64
C CYS G 72 16.88 16.68 -28.01
N LYS G 73 17.95 17.35 -28.42
CA LYS G 73 18.51 17.14 -29.76
C LYS G 73 18.92 15.69 -29.96
N SER G 74 19.31 15.01 -28.89
CA SER G 74 19.65 13.59 -29.00
C SER G 74 18.41 12.69 -28.91
N HIS G 75 17.24 13.25 -28.61
CA HIS G 75 16.02 12.45 -28.52
C HIS G 75 14.82 13.07 -29.21
N LYS G 76 14.96 14.24 -29.84
CA LYS G 76 13.78 14.95 -30.36
C LYS G 76 13.29 14.30 -31.65
N PRO G 77 11.98 14.16 -31.82
CA PRO G 77 11.42 13.83 -33.14
C PRO G 77 11.63 14.98 -34.09
N PRO G 78 11.48 14.76 -35.41
CA PRO G 78 11.78 15.84 -36.36
C PRO G 78 10.92 17.09 -36.20
N ILE G 79 9.77 16.99 -35.54
CA ILE G 79 8.97 18.17 -35.24
C ILE G 79 9.57 18.85 -34.02
N SER G 80 10.46 19.81 -34.25
CA SER G 80 11.20 20.45 -33.18
C SER G 80 10.78 21.92 -33.04
N PHE G 81 11.15 22.53 -31.92
CA PHE G 81 10.88 23.93 -31.64
C PHE G 81 11.92 24.45 -30.65
N PRO G 82 12.78 25.37 -31.06
CA PRO G 82 13.82 25.87 -30.14
C PRO G 82 13.21 26.69 -29.02
N LEU G 83 13.38 26.21 -27.78
CA LEU G 83 12.85 26.93 -26.63
C LEU G 83 13.49 28.30 -26.48
N CYS G 84 14.80 28.37 -26.70
CA CYS G 84 15.50 29.65 -26.67
C CYS G 84 15.62 30.20 -28.08
N ALA G 85 14.83 31.23 -28.39
CA ALA G 85 14.82 31.81 -29.72
C ALA G 85 14.29 33.23 -29.64
N ASN G 86 14.61 34.03 -30.66
CA ASN G 86 14.18 35.41 -30.80
C ASN G 86 14.57 36.29 -29.62
N GLY G 87 15.57 35.88 -28.84
CA GLY G 87 15.95 36.62 -27.66
C GLY G 87 14.99 36.51 -26.50
N GLN G 88 14.18 35.46 -26.46
CA GLN G 88 13.16 35.35 -25.41
C GLN G 88 12.81 33.87 -25.26
N VAL G 89 13.10 33.29 -24.10
CA VAL G 89 12.86 31.88 -23.87
C VAL G 89 11.37 31.62 -23.73
N PHE G 90 10.94 30.45 -24.18
CA PHE G 90 9.52 30.08 -24.15
C PHE G 90 9.02 30.01 -22.72
N GLY G 91 7.87 30.62 -22.46
CA GLY G 91 7.25 30.58 -21.15
C GLY G 91 5.90 31.25 -21.18
N LEU G 92 5.20 31.17 -20.05
CA LEU G 92 3.91 31.85 -19.91
C LEU G 92 4.09 33.36 -20.03
N TYR G 93 3.07 34.04 -20.56
CA TYR G 93 3.10 35.49 -20.73
C TYR G 93 4.28 35.90 -21.61
N LYS G 94 4.28 35.40 -22.84
CA LYS G 94 5.41 35.59 -23.75
C LYS G 94 5.39 36.97 -24.40
N ASN G 95 4.42 37.82 -24.02
CA ASN G 95 4.27 39.13 -24.64
C ASN G 95 4.54 40.26 -23.65
N THR G 96 3.86 40.27 -22.50
CA THR G 96 3.93 41.39 -21.56
C THR G 96 5.26 41.31 -20.80
N CYS G 97 6.32 41.75 -21.47
CA CYS G 97 7.64 41.82 -20.87
C CYS G 97 8.36 43.05 -21.41
N VAL G 98 9.11 43.71 -20.53
CA VAL G 98 9.88 44.90 -20.90
C VAL G 98 11.37 44.63 -20.85
N GLY G 99 11.86 43.95 -19.81
CA GLY G 99 13.27 43.64 -19.70
C GLY G 99 14.15 44.86 -19.58
N SER G 100 15.46 44.64 -19.56
CA SER G 100 16.43 45.72 -19.51
C SER G 100 17.81 45.16 -19.82
N ASP G 101 18.60 45.91 -20.60
CA ASP G 101 19.96 45.49 -20.89
C ASP G 101 20.84 45.50 -19.64
N ASN G 102 20.49 46.31 -18.64
CA ASN G 102 21.26 46.38 -17.39
C ASN G 102 20.92 45.17 -16.54
N VAL G 103 21.64 44.08 -16.77
CA VAL G 103 21.42 42.84 -16.02
C VAL G 103 22.75 42.32 -15.49
N THR G 104 23.84 43.03 -15.80
CA THR G 104 25.15 42.63 -15.31
C THR G 104 25.21 42.60 -13.78
N ASP G 105 24.50 43.53 -13.14
CA ASP G 105 24.40 43.51 -11.68
C ASP G 105 23.74 42.22 -11.21
N PHE G 106 22.58 41.90 -11.78
CA PHE G 106 21.91 40.65 -11.46
C PHE G 106 22.79 39.46 -11.85
N ASN G 107 23.41 39.53 -13.02
CA ASN G 107 24.21 38.41 -13.53
C ASN G 107 25.36 38.10 -12.57
N ALA G 108 25.98 39.14 -12.01
CA ALA G 108 27.07 38.94 -11.06
C ALA G 108 26.54 38.46 -9.71
N ILE G 109 25.58 39.20 -9.14
CA ILE G 109 25.14 38.94 -7.77
C ILE G 109 24.51 37.56 -7.64
N ALA G 110 23.70 37.17 -8.62
CA ALA G 110 23.09 35.85 -8.61
C ALA G 110 24.15 34.76 -8.64
N THR G 111 25.17 34.93 -9.48
CA THR G 111 26.24 33.94 -9.60
C THR G 111 27.34 34.21 -8.58
N CYS G 112 27.12 35.16 -7.68
CA CYS G 112 28.14 35.57 -6.73
C CYS G 112 28.17 34.58 -5.57
N ASP G 113 29.35 34.02 -5.29
CA ASP G 113 29.48 32.99 -4.26
C ASP G 113 29.62 33.57 -2.85
N TRP G 114 29.62 34.89 -2.72
CA TRP G 114 29.75 35.57 -1.43
C TRP G 114 31.03 35.16 -0.71
N THR G 115 32.13 35.10 -1.49
CA THR G 115 33.42 34.69 -0.97
C THR G 115 34.41 35.83 -0.80
N ASN G 116 34.27 36.91 -1.57
CA ASN G 116 35.20 38.02 -1.53
C ASN G 116 34.49 39.29 -1.07
N ALA G 117 35.30 40.30 -0.73
CA ALA G 117 34.74 41.60 -0.37
C ALA G 117 34.02 42.25 -1.55
N GLY G 118 34.45 41.92 -2.78
CA GLY G 118 33.73 42.40 -3.94
C GLY G 118 32.30 41.90 -4.00
N ASP G 119 32.04 40.72 -3.43
CA ASP G 119 30.68 40.19 -3.39
C ASP G 119 29.79 41.05 -2.51
N TYR G 120 30.25 41.39 -1.30
CA TYR G 120 29.46 42.25 -0.42
C TYR G 120 29.36 43.65 -0.99
N ILE G 121 30.40 44.12 -1.69
CA ILE G 121 30.30 45.41 -2.36
C ILE G 121 29.25 45.38 -3.46
N LEU G 122 29.15 44.27 -4.19
CA LEU G 122 28.10 44.12 -5.19
C LEU G 122 26.73 44.13 -4.52
N ALA G 123 26.62 43.48 -3.36
CA ALA G 123 25.38 43.56 -2.58
C ALA G 123 25.06 45.01 -2.24
N ASN G 124 26.07 45.78 -1.86
CA ASN G 124 25.94 47.21 -1.60
C ASN G 124 25.72 48.03 -2.86
N THR G 125 25.85 47.43 -4.06
CA THR G 125 25.68 48.13 -5.32
C THR G 125 24.66 47.38 -6.18
N CYS G 126 23.38 47.65 -5.93
CA CYS G 126 22.28 47.08 -6.71
C CYS G 126 20.98 47.79 -6.36
N THR G 127 19.85 47.27 -6.86
CA THR G 127 18.53 47.81 -6.55
C THR G 127 17.99 47.17 -5.28
N GLU G 128 16.87 47.71 -4.81
CA GLU G 128 16.30 47.28 -3.53
C GLU G 128 15.87 45.81 -3.57
N ARG G 129 15.18 45.42 -4.65
CA ARG G 129 14.77 44.01 -4.76
C ARG G 129 15.98 43.10 -4.88
N LEU G 130 16.99 43.53 -5.63
CA LEU G 130 18.24 42.78 -5.65
C LEU G 130 18.93 42.81 -4.30
N LYS G 131 18.71 43.84 -3.48
CA LYS G 131 19.24 43.83 -2.12
C LYS G 131 18.56 42.74 -1.28
N LEU G 132 17.24 42.62 -1.40
CA LEU G 132 16.54 41.55 -0.70
C LEU G 132 17.03 40.19 -1.17
N PHE G 133 17.18 40.02 -2.48
CA PHE G 133 17.70 38.76 -3.01
C PHE G 133 19.11 38.49 -2.52
N ALA G 134 19.93 39.54 -2.43
CA ALA G 134 21.29 39.39 -1.94
C ALA G 134 21.30 38.91 -0.49
N ALA G 135 20.46 39.51 0.36
CA ALA G 135 20.39 39.09 1.75
C ALA G 135 19.91 37.64 1.87
N GLU G 136 18.90 37.28 1.06
CA GLU G 136 18.44 35.89 1.06
C GLU G 136 19.54 34.94 0.66
N THR G 137 20.35 35.32 -0.33
CA THR G 137 21.47 34.48 -0.74
C THR G 137 22.56 34.42 0.33
N LEU G 138 22.78 35.52 1.05
CA LEU G 138 23.71 35.47 2.19
C LEU G 138 23.29 34.41 3.18
N LYS G 139 22.02 34.44 3.58
CA LYS G 139 21.56 33.47 4.56
C LYS G 139 21.57 32.05 3.99
N ALA G 140 21.22 31.89 2.71
CA ALA G 140 21.25 30.57 2.10
C ALA G 140 22.67 30.00 2.08
N THR G 141 23.66 30.83 1.72
CA THR G 141 25.02 30.33 1.66
C THR G 141 25.61 30.11 3.05
N GLU G 142 25.19 30.90 4.05
CA GLU G 142 25.61 30.62 5.42
C GLU G 142 25.05 29.27 5.87
N GLU G 143 23.79 28.99 5.55
CA GLU G 143 23.22 27.71 5.90
C GLU G 143 23.93 26.56 5.19
N THR G 144 24.20 26.71 3.89
CA THR G 144 24.90 25.64 3.18
C THR G 144 26.35 25.52 3.59
N PHE G 145 26.90 26.53 4.26
CA PHE G 145 28.27 26.45 4.75
C PHE G 145 28.33 25.75 6.10
N LYS G 146 27.45 26.13 7.03
CA LYS G 146 27.59 25.67 8.41
C LYS G 146 27.30 24.18 8.57
N LEU G 147 26.72 23.53 7.56
CA LEU G 147 26.64 22.08 7.51
C LEU G 147 27.62 21.46 6.53
N SER G 148 28.84 22.00 6.44
CA SER G 148 29.90 21.41 5.62
C SER G 148 30.89 20.62 6.46
N TYR G 149 30.57 20.41 7.74
CA TYR G 149 31.41 19.65 8.65
C TYR G 149 30.71 18.35 9.04
N GLY G 150 31.38 17.56 9.87
CA GLY G 150 30.81 16.32 10.35
C GLY G 150 29.87 16.54 11.51
N ILE G 151 29.27 15.44 11.95
CA ILE G 151 28.37 15.44 13.09
C ILE G 151 29.18 15.00 14.31
N ALA G 152 29.20 15.85 15.34
CA ALA G 152 30.10 15.63 16.48
C ALA G 152 29.60 14.48 17.35
N THR G 153 30.07 13.26 17.04
CA THR G 153 29.57 12.06 17.69
C THR G 153 30.32 11.83 18.99
N VAL G 154 29.63 12.03 20.12
CA VAL G 154 30.20 11.73 21.43
C VAL G 154 29.97 10.24 21.70
N ARG G 155 31.07 9.48 21.74
CA ARG G 155 30.99 8.03 21.85
C ARG G 155 31.12 7.52 23.28
N GLU G 156 31.93 8.18 24.11
CA GLU G 156 32.07 7.79 25.50
C GLU G 156 32.00 9.04 26.37
N VAL G 157 31.88 8.82 27.68
CA VAL G 157 31.64 9.88 28.65
C VAL G 157 32.71 9.83 29.73
N LEU G 158 33.20 11.01 30.12
CA LEU G 158 34.16 11.14 31.20
C LEU G 158 33.56 12.13 32.20
N SER G 159 34.33 12.61 33.18
CA SER G 159 33.86 13.60 34.13
C SER G 159 33.36 14.84 33.41
N ASP G 160 32.56 15.63 34.12
CA ASP G 160 31.90 16.78 33.51
C ASP G 160 32.92 17.74 32.92
N ARG G 161 32.46 18.49 31.90
CA ARG G 161 33.32 19.34 31.08
C ARG G 161 34.39 18.53 30.36
N GLU G 162 34.09 17.25 30.08
CA GLU G 162 35.01 16.37 29.38
C GLU G 162 34.23 15.18 28.85
N LEU G 163 34.33 14.94 27.55
CA LEU G 163 33.64 13.83 26.92
C LEU G 163 34.55 13.25 25.84
N HIS G 164 34.14 12.09 25.30
CA HIS G 164 34.83 11.44 24.19
C HIS G 164 34.03 11.72 22.93
N LEU G 165 34.43 12.75 22.19
CA LEU G 165 33.68 13.24 21.04
C LEU G 165 34.41 12.88 19.76
N SER G 166 33.67 12.34 18.80
CA SER G 166 34.21 12.02 17.49
C SER G 166 33.36 12.67 16.41
N TRP G 167 33.59 12.32 15.15
CA TRP G 167 32.85 12.95 14.05
C TRP G 167 32.38 11.92 13.04
N GLU G 168 31.87 12.39 11.89
CA GLU G 168 31.43 11.49 10.83
C GLU G 168 32.63 11.24 9.94
N VAL G 169 32.44 10.66 8.75
CA VAL G 169 33.53 10.20 7.89
C VAL G 169 34.05 11.38 7.07
N GLY G 170 35.32 11.70 7.27
CA GLY G 170 36.08 12.53 6.36
C GLY G 170 35.74 14.01 6.33
N LYS G 171 34.81 14.47 7.14
CA LYS G 171 34.45 15.88 7.06
C LYS G 171 35.39 16.72 7.92
N PRO G 172 35.69 17.96 7.50
CA PRO G 172 36.69 18.77 8.21
C PRO G 172 36.21 19.28 9.56
N ARG G 173 37.09 19.98 10.27
CA ARG G 173 36.95 20.57 11.60
C ARG G 173 36.14 21.86 11.55
N PRO G 174 35.18 22.01 12.46
CA PRO G 174 34.31 23.19 12.44
C PRO G 174 34.86 24.30 13.31
N PRO G 175 34.29 25.50 13.23
CA PRO G 175 34.65 26.55 14.20
C PRO G 175 34.22 26.17 15.61
N LEU G 176 34.98 26.66 16.59
CA LEU G 176 34.80 26.27 17.98
C LEU G 176 34.21 27.37 18.85
N ASN G 177 34.25 28.61 18.41
CA ASN G 177 33.80 29.73 19.23
C ASN G 177 32.29 29.69 19.41
N ARG G 178 31.77 30.67 20.14
CA ARG G 178 30.35 30.71 20.51
C ARG G 178 29.48 31.23 19.38
N ASN G 179 30.03 31.30 18.17
CA ASN G 179 29.23 31.71 17.01
C ASN G 179 28.12 30.70 16.72
N TYR G 180 28.41 29.41 16.89
CA TYR G 180 27.49 28.35 16.52
C TYR G 180 26.98 27.67 17.79
N VAL G 181 25.66 27.55 17.91
CA VAL G 181 25.03 26.88 19.05
C VAL G 181 24.79 25.42 18.69
N PHE G 182 25.70 24.54 19.12
CA PHE G 182 25.62 23.14 18.76
C PHE G 182 24.41 22.48 19.44
N THR G 183 23.74 21.60 18.69
CA THR G 183 22.51 20.98 19.18
C THR G 183 22.37 19.60 18.55
N GLY G 184 22.62 18.54 19.34
CA GLY G 184 22.49 17.18 18.88
C GLY G 184 21.11 16.59 19.17
N TYR G 185 20.90 15.39 18.63
CA TYR G 185 19.66 14.65 18.82
C TYR G 185 19.97 13.17 18.95
N ARG G 186 19.48 12.55 20.03
CA ARG G 186 19.83 11.18 20.37
C ARG G 186 18.86 10.19 19.75
N VAL G 187 19.33 8.96 19.56
CA VAL G 187 18.57 7.90 18.91
C VAL G 187 18.36 6.76 19.89
N THR G 188 17.15 6.21 19.90
CA THR G 188 16.91 4.96 20.60
C THR G 188 17.37 3.78 19.74
N LYS G 189 16.69 3.54 18.62
CA LYS G 189 17.19 2.62 17.62
C LYS G 189 17.03 3.19 16.21
N ASN G 190 16.05 4.08 16.02
CA ASN G 190 15.70 4.54 14.68
C ASN G 190 15.70 6.06 14.55
N SER G 191 15.05 6.78 15.46
CA SER G 191 14.76 8.20 15.28
C SER G 191 15.56 9.04 16.26
N LYS G 192 15.80 10.29 15.86
CA LYS G 192 16.67 11.21 16.58
C LYS G 192 15.81 12.11 17.48
N VAL G 193 16.19 12.23 18.75
CA VAL G 193 15.42 13.04 19.69
C VAL G 193 16.30 13.47 20.87
N GLN G 194 16.17 14.74 21.26
CA GLN G 194 16.44 15.24 22.61
C GLN G 194 17.85 14.98 23.13
N ILE G 195 18.86 15.63 22.57
CA ILE G 195 20.11 15.78 23.30
C ILE G 195 20.15 17.15 23.95
N GLY G 196 19.92 18.20 23.17
CA GLY G 196 19.91 19.56 23.67
C GLY G 196 20.99 20.40 23.02
N GLU G 197 21.10 21.63 23.51
CA GLU G 197 22.03 22.61 22.95
C GLU G 197 23.23 22.80 23.88
N TYR G 198 24.42 22.73 23.31
CA TYR G 198 25.68 22.91 24.03
C TYR G 198 26.52 24.00 23.37
N THR G 199 27.75 24.13 23.83
CA THR G 199 28.78 24.92 23.17
C THR G 199 30.12 24.26 23.45
N PHE G 200 30.85 23.92 22.39
CA PHE G 200 32.06 23.13 22.49
C PHE G 200 33.29 24.03 22.56
N GLU G 201 34.27 23.61 23.36
CA GLU G 201 35.49 24.37 23.55
C GLU G 201 36.65 23.41 23.77
N LYS G 202 37.87 23.94 23.67
CA LYS G 202 39.06 23.13 23.85
C LYS G 202 39.13 22.55 25.26
N GLY G 203 39.47 21.27 25.35
CA GLY G 203 39.59 20.61 26.64
C GLY G 203 40.98 20.71 27.23
N ALA G 208 38.45 14.64 26.37
CA ALA G 208 38.89 15.94 26.86
C ALA G 208 38.30 17.07 26.04
N VAL G 209 37.00 17.32 26.24
CA VAL G 209 36.27 18.36 25.52
C VAL G 209 35.54 19.19 26.57
N VAL G 210 35.99 20.44 26.77
CA VAL G 210 35.30 21.35 27.67
C VAL G 210 34.06 21.88 26.95
N TYR G 211 32.88 21.52 27.45
CA TYR G 211 31.62 21.93 26.84
C TYR G 211 30.91 22.94 27.72
N ARG G 212 30.01 23.70 27.11
CA ARG G 212 29.23 24.73 27.79
C ARG G 212 27.75 24.40 27.62
N GLY G 213 27.22 23.62 28.56
CA GLY G 213 25.82 23.26 28.53
C GLY G 213 24.93 24.31 29.15
N THR G 214 23.91 24.75 28.43
CA THR G 214 22.99 25.76 28.93
C THR G 214 22.16 25.20 30.08
N THR G 215 21.42 24.14 29.83
CA THR G 215 20.68 23.46 30.88
C THR G 215 21.43 22.20 31.33
N THR G 216 21.04 21.68 32.49
CA THR G 216 21.64 20.46 33.01
C THR G 216 21.40 19.30 32.06
N TYR G 217 22.45 18.50 31.83
CA TYR G 217 22.39 17.44 30.85
C TYR G 217 23.51 16.45 31.12
N LYS G 218 23.24 15.17 30.81
CA LYS G 218 24.23 14.11 30.86
C LYS G 218 24.15 13.33 29.56
N LEU G 219 25.30 12.85 29.10
CA LEU G 219 25.39 12.22 27.79
C LEU G 219 25.45 10.70 27.92
N ASN G 220 24.79 10.03 26.97
CA ASN G 220 24.91 8.59 26.82
C ASN G 220 26.00 8.28 25.80
N VAL G 221 26.10 7.04 25.36
CA VAL G 221 27.11 6.62 24.38
C VAL G 221 26.44 6.57 23.01
N GLY G 222 27.20 6.96 21.98
CA GLY G 222 26.74 6.89 20.61
C GLY G 222 26.02 8.13 20.10
N ASP G 223 25.80 9.13 20.94
CA ASP G 223 25.10 10.34 20.52
C ASP G 223 26.03 11.25 19.72
N TYR G 224 25.44 12.12 18.91
CA TYR G 224 26.20 13.01 18.05
C TYR G 224 25.61 14.42 18.08
N PHE G 225 26.40 15.38 17.57
CA PHE G 225 26.07 16.80 17.64
C PHE G 225 26.25 17.46 16.28
N VAL G 226 25.25 18.24 15.89
CA VAL G 226 25.29 19.04 14.67
C VAL G 226 24.53 20.33 14.94
N LEU G 227 24.43 21.21 13.94
CA LEU G 227 23.58 22.39 14.02
C LEU G 227 22.57 22.31 12.86
N THR G 228 21.47 21.60 13.09
CA THR G 228 20.44 21.48 12.07
C THR G 228 19.86 22.85 11.74
N SER G 229 19.75 23.15 10.45
CA SER G 229 19.28 24.44 10.00
C SER G 229 17.75 24.46 9.93
N HIS G 230 17.21 25.52 9.36
CA HIS G 230 15.77 25.68 9.20
C HIS G 230 15.51 26.29 7.84
N THR G 231 14.28 26.74 7.60
CA THR G 231 13.86 27.27 6.31
C THR G 231 13.70 28.79 6.43
N VAL G 232 14.50 29.53 5.66
CA VAL G 232 14.40 30.98 5.64
C VAL G 232 13.38 31.39 4.59
N MET G 233 12.42 32.23 4.99
CA MET G 233 11.32 32.64 4.13
C MET G 233 11.55 34.04 3.56
N PRO G 234 11.03 34.31 2.37
CA PRO G 234 11.23 35.62 1.74
C PRO G 234 10.40 36.70 2.41
N LEU G 235 10.78 37.95 2.12
CA LEU G 235 10.15 39.13 2.69
C LEU G 235 9.47 39.94 1.58
N SER G 236 8.65 40.92 2.00
CA SER G 236 7.96 41.78 1.05
C SER G 236 8.39 43.24 1.21
N ALA G 237 8.36 43.74 2.45
CA ALA G 237 8.64 45.14 2.71
C ALA G 237 10.12 45.44 2.49
N PRO G 238 10.45 46.69 2.14
CA PRO G 238 11.86 47.06 1.96
C PRO G 238 12.61 47.06 3.28
N THR G 239 13.94 46.93 3.18
CA THR G 239 14.79 46.97 4.37
C THR G 239 14.68 48.31 5.08
N LEU G 240 14.67 49.41 4.32
CA LEU G 240 14.37 50.73 4.85
C LEU G 240 13.10 51.22 4.17
N VAL G 241 12.12 51.65 4.96
CA VAL G 241 10.86 52.13 4.43
C VAL G 241 11.10 53.47 3.73
N PRO G 242 10.25 53.86 2.77
CA PRO G 242 10.48 55.14 2.06
C PRO G 242 10.64 56.32 3.00
N GLN G 243 11.79 56.99 2.91
CA GLN G 243 12.08 58.12 3.79
C GLN G 243 11.16 59.29 3.48
N GLU G 244 10.57 59.87 4.52
CA GLU G 244 9.70 61.03 4.40
C GLU G 244 9.47 61.59 5.79
N HIS G 245 9.56 62.92 5.91
CA HIS G 245 9.43 63.60 7.19
C HIS G 245 8.05 64.25 7.28
N TYR G 246 7.30 63.92 8.33
CA TYR G 246 6.01 64.54 8.54
C TYR G 246 6.16 66.02 8.84
N VAL G 247 5.18 66.81 8.39
CA VAL G 247 5.21 68.25 8.62
C VAL G 247 5.12 68.55 10.11
N ARG G 248 4.31 67.81 10.84
CA ARG G 248 4.14 68.00 12.27
C ARG G 248 3.82 66.65 12.89
N ILE G 249 3.97 66.56 14.20
CA ILE G 249 3.64 65.34 14.93
C ILE G 249 2.13 65.33 15.21
N THR G 250 1.37 64.77 14.28
CA THR G 250 -0.08 64.94 14.22
C THR G 250 -0.81 63.70 14.72
N GLY G 251 -1.75 63.91 15.64
CA GLY G 251 -2.46 62.81 16.23
C GLY G 251 -1.67 61.99 17.22
N LEU G 252 -0.64 62.57 17.85
CA LEU G 252 0.17 61.85 18.80
C LEU G 252 0.07 62.53 20.16
N TYR G 253 0.87 62.04 21.12
CA TYR G 253 0.70 62.34 22.53
C TYR G 253 2.01 62.77 23.16
N PRO G 254 2.48 64.00 22.89
CA PRO G 254 3.51 64.60 23.75
C PRO G 254 3.06 64.79 25.19
N THR G 255 3.69 64.09 26.13
CA THR G 255 3.33 64.24 27.53
C THR G 255 3.95 65.53 28.09
N LEU G 256 3.33 66.07 29.14
CA LEU G 256 3.71 67.36 29.68
C LEU G 256 4.87 67.31 30.67
N ASN G 257 5.23 66.13 31.17
CA ASN G 257 6.34 66.00 32.11
C ASN G 257 7.46 65.17 31.48
N ILE G 258 8.69 65.61 31.72
CA ILE G 258 9.88 64.95 31.19
C ILE G 258 10.79 64.55 32.35
N SER G 259 11.40 63.37 32.23
CA SER G 259 12.33 62.87 33.23
C SER G 259 13.67 63.56 33.03
N ASP G 260 14.00 64.47 33.95
CA ASP G 260 15.25 65.21 33.85
C ASP G 260 16.47 64.36 34.18
N GLU G 261 16.29 63.08 34.49
CA GLU G 261 17.42 62.18 34.68
C GLU G 261 18.33 62.16 33.46
N PHE G 262 17.73 62.03 32.27
CA PHE G 262 18.47 62.08 31.02
C PHE G 262 18.57 63.53 30.56
N SER G 263 19.72 63.90 30.00
CA SER G 263 19.94 65.25 29.51
C SER G 263 20.22 65.30 28.01
N SER G 264 20.31 64.15 27.34
CA SER G 264 20.64 64.10 25.92
C SER G 264 19.54 63.50 25.06
N ASN G 265 18.34 63.27 25.62
CA ASN G 265 17.32 62.48 24.96
C ASN G 265 16.22 63.28 24.29
N VAL G 266 15.81 64.42 24.84
CA VAL G 266 14.68 65.14 24.26
C VAL G 266 15.04 65.81 22.94
N ALA G 267 16.29 66.28 22.80
CA ALA G 267 16.73 66.87 21.55
C ALA G 267 16.70 65.88 20.39
N ASN G 268 16.70 64.59 20.70
CA ASN G 268 16.51 63.55 19.70
C ASN G 268 15.08 63.04 19.64
N TYR G 269 14.34 63.08 20.76
CA TYR G 269 12.92 62.75 20.73
C TYR G 269 12.17 63.68 19.77
N GLN G 270 12.48 64.97 19.81
CA GLN G 270 11.72 65.94 19.02
C GLN G 270 11.81 65.64 17.52
N LYS G 271 13.02 65.47 16.99
CA LYS G 271 13.20 65.19 15.57
C LYS G 271 13.09 63.71 15.23
N VAL G 272 12.71 62.88 16.20
CA VAL G 272 12.13 61.58 15.92
C VAL G 272 10.63 61.69 15.70
N GLY G 273 9.99 62.58 16.45
CA GLY G 273 8.55 62.76 16.41
C GLY G 273 7.97 63.13 15.07
N MET G 274 8.76 63.68 14.15
CA MET G 274 8.30 63.95 12.79
C MET G 274 9.16 63.27 11.74
N GLN G 275 9.85 62.18 12.08
CA GLN G 275 10.77 61.52 11.18
C GLN G 275 10.48 60.03 11.16
N LYS G 276 10.69 59.41 10.00
CA LYS G 276 10.50 57.97 9.87
C LYS G 276 11.46 57.19 10.76
N TYR G 277 12.76 57.30 10.49
CA TYR G 277 13.76 56.48 11.17
C TYR G 277 14.72 57.33 11.98
N SER G 278 15.30 56.71 13.00
CA SER G 278 16.38 57.32 13.79
C SER G 278 17.42 56.24 14.08
N THR G 279 18.42 56.14 13.20
CA THR G 279 19.54 55.22 13.38
C THR G 279 20.74 56.05 13.83
N LEU G 280 21.07 55.95 15.11
CA LEU G 280 22.08 56.79 15.74
C LEU G 280 23.44 56.13 15.72
N GLN G 281 24.47 56.96 15.56
CA GLN G 281 25.86 56.52 15.74
C GLN G 281 26.18 56.56 17.22
N GLY G 282 26.37 55.39 17.83
CA GLY G 282 26.50 55.32 19.26
C GLY G 282 27.58 54.37 19.74
N PRO G 283 28.44 54.86 20.63
CA PRO G 283 29.39 53.99 21.31
C PRO G 283 28.67 53.10 22.30
N PRO G 284 29.30 52.01 22.75
CA PRO G 284 28.61 51.11 23.68
C PRO G 284 28.21 51.81 24.96
N GLY G 285 27.02 51.47 25.45
CA GLY G 285 26.50 51.99 26.71
C GLY G 285 26.63 53.48 26.93
N THR G 286 26.08 54.29 26.01
CA THR G 286 26.14 55.75 26.12
C THR G 286 24.73 56.32 25.97
N GLY G 287 23.98 56.31 27.08
CA GLY G 287 22.66 56.91 27.12
C GLY G 287 21.66 56.44 26.09
N LYS G 288 22.04 55.43 25.28
CA LYS G 288 21.15 54.96 24.24
C LYS G 288 20.10 54.01 24.80
N SER G 289 20.49 53.13 25.71
CA SER G 289 19.52 52.31 26.42
C SER G 289 18.58 53.17 27.24
N HIS G 290 19.04 54.31 27.74
CA HIS G 290 18.19 55.25 28.44
C HIS G 290 17.26 56.00 27.52
N PHE G 291 17.64 56.15 26.24
CA PHE G 291 16.89 56.93 25.26
C PHE G 291 15.46 56.43 25.10
N ALA G 292 15.29 55.19 24.64
CA ALA G 292 13.96 54.67 24.36
C ALA G 292 13.15 54.49 25.63
N ILE G 293 13.80 54.18 26.75
CA ILE G 293 13.05 53.94 27.97
C ILE G 293 12.57 55.26 28.58
N GLY G 294 13.32 56.36 28.39
CA GLY G 294 12.80 57.67 28.75
C GLY G 294 11.81 58.18 27.74
N LEU G 295 11.90 57.74 26.48
CA LEU G 295 10.85 58.01 25.51
C LEU G 295 9.54 57.37 25.93
N ALA G 296 9.61 56.17 26.49
CA ALA G 296 8.41 55.48 26.98
C ALA G 296 7.72 56.26 28.09
N LEU G 297 8.45 57.09 28.82
CA LEU G 297 7.82 58.05 29.73
C LEU G 297 7.40 59.32 29.02
N TYR G 298 8.16 59.77 28.01
CA TYR G 298 7.74 60.89 27.19
C TYR G 298 6.54 60.49 26.33
N TYR G 299 6.44 59.20 26.03
CA TYR G 299 5.32 58.58 25.33
C TYR G 299 4.80 57.36 26.08
N PRO G 300 3.93 57.53 27.07
CA PRO G 300 3.33 56.40 27.77
C PRO G 300 2.16 55.75 27.02
N SER G 301 1.87 56.19 25.80
CA SER G 301 0.78 55.66 25.01
C SER G 301 1.24 55.05 23.69
N ALA G 302 2.51 55.22 23.33
CA ALA G 302 3.04 54.69 22.08
C ALA G 302 3.29 53.20 22.23
N ARG G 303 2.75 52.41 21.31
CA ARG G 303 2.96 50.97 21.29
C ARG G 303 4.28 50.71 20.57
N ILE G 304 5.34 50.52 21.35
CA ILE G 304 6.71 50.47 20.84
C ILE G 304 7.21 49.03 20.93
N VAL G 305 7.67 48.50 19.80
CA VAL G 305 8.12 47.11 19.73
C VAL G 305 9.64 47.08 19.83
N TYR G 306 10.14 46.38 20.84
CA TYR G 306 11.57 46.21 21.08
C TYR G 306 11.97 44.82 20.60
N THR G 307 13.08 44.74 19.87
CA THR G 307 13.55 43.44 19.39
C THR G 307 15.05 43.54 19.10
N ALA G 308 15.70 42.38 19.07
CA ALA G 308 17.15 42.32 18.93
C ALA G 308 17.52 41.00 18.26
N CYS G 309 18.75 40.96 17.73
CA CYS G 309 19.26 39.77 17.07
C CYS G 309 19.33 38.57 17.99
N SER G 310 19.35 38.78 19.30
CA SER G 310 19.33 37.69 20.26
C SER G 310 18.75 38.22 21.57
N HIS G 311 18.33 37.29 22.43
CA HIS G 311 17.87 37.69 23.76
C HIS G 311 18.99 38.35 24.56
N ALA G 312 20.22 37.88 24.38
CA ALA G 312 21.35 38.54 25.03
C ALA G 312 21.54 39.96 24.54
N ALA G 313 21.17 40.24 23.28
CA ALA G 313 21.26 41.59 22.76
C ALA G 313 20.18 42.50 23.35
N VAL G 314 18.95 41.98 23.50
CA VAL G 314 17.88 42.74 24.11
C VAL G 314 17.99 42.76 25.63
N ASP G 315 18.96 42.03 26.18
CA ASP G 315 19.14 41.97 27.63
C ASP G 315 19.41 43.35 28.22
N ALA G 316 20.18 44.18 27.51
CA ALA G 316 20.51 45.50 28.03
C ALA G 316 19.25 46.33 28.25
N LEU G 317 18.32 46.29 27.31
CA LEU G 317 17.05 47.00 27.50
C LEU G 317 16.19 46.33 28.57
N CYS G 318 16.06 45.01 28.50
CA CYS G 318 15.19 44.27 29.41
C CYS G 318 15.62 44.36 30.87
N GLU G 319 16.90 44.67 31.13
CA GLU G 319 17.36 44.80 32.51
C GLU G 319 16.62 45.92 33.23
N LYS G 320 16.49 47.08 32.58
CA LYS G 320 15.91 48.26 33.20
C LYS G 320 14.52 48.59 32.69
N ALA G 321 13.98 47.82 31.74
CA ALA G 321 12.63 48.07 31.25
C ALA G 321 11.62 48.07 32.40
N LEU G 322 11.62 47.02 33.22
CA LEU G 322 10.66 46.95 34.32
C LEU G 322 10.97 47.97 35.41
N LYS G 323 12.26 48.21 35.69
CA LYS G 323 12.61 49.18 36.71
C LYS G 323 12.29 50.60 36.31
N TYR G 324 12.03 50.86 35.02
CA TYR G 324 11.62 52.19 34.58
C TYR G 324 10.18 52.27 34.11
N LEU G 325 9.60 51.18 33.62
CA LEU G 325 8.27 51.15 33.05
C LEU G 325 7.44 50.07 33.73
N PRO G 326 6.11 50.22 33.73
CA PRO G 326 5.26 49.23 34.41
C PRO G 326 5.40 47.84 33.82
N ILE G 327 5.15 46.85 34.69
CA ILE G 327 5.34 45.45 34.32
C ILE G 327 4.34 44.97 33.27
N ASP G 328 3.10 45.45 33.31
CA ASP G 328 2.06 44.91 32.44
C ASP G 328 2.31 45.28 30.99
N LYS G 329 2.47 46.57 30.70
CA LYS G 329 2.55 47.04 29.32
C LYS G 329 3.82 46.60 28.61
N CYS G 330 4.80 46.04 29.32
CA CYS G 330 5.98 45.44 28.72
C CYS G 330 5.83 43.93 28.67
N SER G 331 6.48 43.31 27.69
CA SER G 331 6.32 41.88 27.46
C SER G 331 7.50 41.35 26.67
N ARG G 332 7.64 40.03 26.67
CA ARG G 332 8.61 39.35 25.82
C ARG G 332 8.09 37.95 25.50
N ILE G 333 8.10 37.61 24.22
CA ILE G 333 7.71 36.29 23.75
C ILE G 333 9.01 35.54 23.45
N ILE G 334 9.36 34.60 24.32
CA ILE G 334 10.61 33.86 24.23
C ILE G 334 10.29 32.45 23.73
N PRO G 335 10.97 31.98 22.67
CA PRO G 335 10.71 30.61 22.20
C PRO G 335 11.07 29.57 23.24
N ALA G 336 10.32 28.48 23.22
CA ALA G 336 10.55 27.38 24.16
C ALA G 336 9.97 26.07 23.62
N VAL G 340 15.21 26.60 23.93
CA VAL G 340 16.17 27.62 24.35
C VAL G 340 15.74 28.23 25.67
N GLU G 341 16.72 28.70 26.45
CA GLU G 341 16.49 29.24 27.78
C GLU G 341 17.00 30.67 27.84
N CYS G 342 16.12 31.59 28.24
CA CYS G 342 16.48 33.00 28.36
C CYS G 342 15.62 33.66 29.44
N PHE G 343 15.57 34.99 29.45
CA PHE G 343 14.73 35.71 30.40
C PHE G 343 13.27 35.31 30.29
N ASP G 344 12.56 35.29 31.41
CA ASP G 344 11.11 35.08 31.37
C ASP G 344 10.37 36.00 32.33
N LYS G 345 11.04 37.01 32.92
CA LYS G 345 10.39 37.91 33.85
C LYS G 345 9.36 38.81 33.16
N PHE G 346 9.44 38.97 31.84
CA PHE G 346 8.40 39.68 31.11
C PHE G 346 7.18 38.78 30.95
N LYS G 347 6.19 39.27 30.20
CA LYS G 347 4.96 38.53 29.95
C LYS G 347 5.05 37.83 28.60
N VAL G 348 4.68 36.55 28.57
CA VAL G 348 4.76 35.73 27.37
C VAL G 348 3.36 35.24 27.01
N ASN G 349 3.21 34.78 25.77
CA ASN G 349 1.95 34.21 25.26
C ASN G 349 0.84 35.26 25.25
N SER G 350 1.21 36.51 24.98
CA SER G 350 0.23 37.58 24.80
C SER G 350 0.81 38.69 23.94
N THR G 351 0.41 38.74 22.67
CA THR G 351 0.99 39.70 21.73
C THR G 351 0.49 41.11 21.95
N LEU G 352 -0.76 41.28 22.41
CA LEU G 352 -1.37 42.59 22.51
C LEU G 352 -0.80 43.40 23.66
N GLU G 353 0.47 43.81 23.54
CA GLU G 353 1.14 44.58 24.57
C GLU G 353 1.87 45.76 23.94
N GLN G 354 2.05 46.82 24.73
CA GLN G 354 2.57 48.08 24.20
C GLN G 354 4.07 48.01 23.94
N TYR G 355 4.86 47.87 24.99
CA TYR G 355 6.33 47.86 24.89
C TYR G 355 6.81 46.42 24.86
N VAL G 356 6.66 45.78 23.70
CA VAL G 356 7.01 44.38 23.54
C VAL G 356 8.49 44.26 23.25
N PHE G 357 9.21 43.54 24.10
CA PHE G 357 10.59 43.17 23.86
C PHE G 357 10.62 41.76 23.26
N CYS G 358 11.64 41.50 22.45
CA CYS G 358 11.76 40.18 21.84
C CYS G 358 13.08 39.97 21.10
N THR G 359 13.19 38.83 20.42
CA THR G 359 14.31 38.51 19.56
C THR G 359 13.81 38.36 18.11
N VAL G 360 14.60 38.87 17.16
CA VAL G 360 14.18 38.82 15.76
C VAL G 360 14.08 37.38 15.26
N ASN G 361 14.63 36.42 16.00
CA ASN G 361 14.48 35.03 15.62
C ASN G 361 13.02 34.61 15.58
N ALA G 362 12.22 35.04 16.55
CA ALA G 362 10.77 34.82 16.49
C ALA G 362 10.00 35.90 17.23
N LEU G 363 9.55 36.94 16.51
CA LEU G 363 8.60 37.88 17.10
C LEU G 363 7.33 37.88 16.27
N PRO G 364 6.15 37.89 16.92
CA PRO G 364 4.91 37.64 16.19
C PRO G 364 4.56 38.77 15.22
N GLU G 365 3.85 38.39 14.16
CA GLU G 365 3.32 39.35 13.21
C GLU G 365 2.19 40.14 13.87
N THR G 366 2.28 41.46 13.82
CA THR G 366 1.30 42.32 14.48
C THR G 366 1.42 43.72 13.90
N THR G 367 0.64 44.66 14.45
CA THR G 367 0.65 46.05 14.05
C THR G 367 0.78 46.90 15.31
N ALA G 368 1.87 47.64 15.42
CA ALA G 368 2.17 48.46 16.60
C ALA G 368 2.44 49.89 16.15
N ASP G 369 2.96 50.77 17.01
CA ASP G 369 3.06 52.19 16.68
C ASP G 369 4.51 52.61 16.40
N ILE G 370 5.46 52.06 17.14
CA ILE G 370 6.86 52.44 17.01
C ILE G 370 7.72 51.19 17.07
N VAL G 371 8.77 51.17 16.24
CA VAL G 371 9.78 50.13 16.29
C VAL G 371 11.04 50.71 16.92
N VAL G 372 11.64 49.95 17.84
CA VAL G 372 12.97 50.25 18.37
C VAL G 372 13.81 48.99 18.15
N PHE G 373 14.75 49.05 17.24
CA PHE G 373 15.46 47.87 16.74
C PHE G 373 16.85 47.82 17.39
N ASP G 374 16.97 47.01 18.44
CA ASP G 374 18.28 46.77 19.04
C ASP G 374 19.16 46.00 18.06
N GLU G 375 20.40 46.45 17.91
CA GLU G 375 21.37 45.85 16.99
C GLU G 375 20.88 45.81 15.55
N ILE G 376 20.66 46.99 14.95
CA ILE G 376 20.50 47.09 13.51
C ILE G 376 21.79 46.79 12.77
N SER G 377 22.93 46.75 13.47
CA SER G 377 24.23 46.67 12.83
C SER G 377 24.61 45.25 12.42
N MET G 378 24.76 44.35 13.40
CA MET G 378 25.43 43.07 13.18
C MET G 378 24.59 42.07 12.40
N ALA G 379 23.52 42.50 11.75
CA ALA G 379 22.67 41.61 10.98
C ALA G 379 22.43 42.17 9.59
N THR G 380 22.17 41.28 8.64
CA THR G 380 22.03 41.66 7.25
C THR G 380 20.67 42.33 7.01
N ASN G 381 20.47 42.76 5.76
CA ASN G 381 19.25 43.46 5.37
C ASN G 381 18.01 42.61 5.59
N TYR G 382 18.14 41.29 5.58
CA TYR G 382 17.03 40.41 5.93
C TYR G 382 16.45 40.77 7.29
N ASP G 383 17.33 40.91 8.30
CA ASP G 383 16.88 41.30 9.62
C ASP G 383 16.41 42.74 9.65
N LEU G 384 16.96 43.60 8.78
CA LEU G 384 16.47 44.98 8.69
C LEU G 384 15.02 45.01 8.25
N SER G 385 14.65 44.18 7.30
CA SER G 385 13.29 44.16 6.76
C SER G 385 12.37 43.17 7.46
N VAL G 386 12.89 42.35 8.38
CA VAL G 386 12.05 41.32 8.99
C VAL G 386 10.88 41.95 9.72
N VAL G 387 11.12 43.00 10.51
CA VAL G 387 10.02 43.63 11.24
C VAL G 387 9.15 44.46 10.31
N ASN G 388 9.74 45.14 9.32
CA ASN G 388 8.94 45.87 8.35
C ASN G 388 7.94 44.96 7.66
N ALA G 389 8.32 43.71 7.40
CA ALA G 389 7.35 42.73 6.92
C ALA G 389 6.42 42.27 8.03
N ARG G 390 6.95 42.09 9.25
CA ARG G 390 6.12 41.69 10.37
C ARG G 390 5.11 42.76 10.74
N LEU G 391 5.52 44.02 10.72
CA LEU G 391 4.79 45.07 11.41
C LEU G 391 4.70 46.32 10.56
N ARG G 392 3.62 47.08 10.78
CA ARG G 392 3.43 48.40 10.20
C ARG G 392 3.16 49.39 11.32
N ALA G 393 3.72 50.59 11.18
CA ALA G 393 3.67 51.56 12.27
C ALA G 393 3.69 52.97 11.69
N LYS G 394 3.92 53.97 12.54
CA LYS G 394 3.91 55.36 12.11
C LYS G 394 5.32 55.94 12.12
N HIS G 395 5.99 55.87 13.28
CA HIS G 395 7.34 56.39 13.45
C HIS G 395 8.24 55.29 13.96
N TYR G 396 9.54 55.37 13.61
CA TYR G 396 10.47 54.30 13.90
C TYR G 396 11.71 54.84 14.60
N VAL G 397 12.35 53.97 15.36
CA VAL G 397 13.63 54.25 16.01
C VAL G 397 14.50 53.01 15.84
N TYR G 398 15.78 53.22 15.56
CA TYR G 398 16.70 52.11 15.36
C TYR G 398 17.91 52.25 16.27
N ILE G 399 18.24 51.16 16.95
CA ILE G 399 19.27 51.16 17.99
C ILE G 399 20.48 50.38 17.48
N GLY G 400 21.67 50.87 17.83
CA GLY G 400 22.92 50.23 17.47
C GLY G 400 23.87 51.23 16.82
N ASP G 401 24.87 50.69 16.13
CA ASP G 401 25.87 51.50 15.44
C ASP G 401 26.65 50.60 14.49
N PRO G 402 26.81 51.03 13.22
CA PRO G 402 27.65 50.26 12.30
C PRO G 402 29.04 50.01 12.87
N ALA G 403 29.58 51.01 13.58
CA ALA G 403 30.88 50.86 14.22
C ALA G 403 30.74 50.19 15.59
N GLN G 404 30.08 49.03 15.64
CA GLN G 404 30.01 48.26 16.87
C GLN G 404 30.67 46.90 16.71
N LEU G 405 30.23 46.13 15.70
CA LEU G 405 30.68 44.76 15.51
C LEU G 405 30.25 44.23 14.16
N PRO G 406 31.12 43.57 13.43
CA PRO G 406 30.71 42.83 12.23
C PRO G 406 30.37 41.38 12.54
N ALA G 407 29.35 40.89 11.85
CA ALA G 407 29.01 39.48 12.06
C ALA G 407 30.06 38.59 11.39
N PRO G 408 30.33 37.42 11.96
CA PRO G 408 31.33 36.52 11.36
C PRO G 408 30.87 36.03 9.99
N ARG G 409 31.58 36.47 8.96
CA ARG G 409 31.29 36.07 7.59
C ARG G 409 31.85 34.67 7.35
N THR G 410 30.98 33.75 6.94
CA THR G 410 31.32 32.33 6.91
C THR G 410 32.38 32.00 5.87
N LEU G 411 32.42 32.72 4.74
CA LEU G 411 33.32 32.36 3.65
C LEU G 411 34.37 33.42 3.33
N LEU G 412 34.34 34.58 3.96
CA LEU G 412 35.27 35.65 3.60
C LEU G 412 36.70 35.26 3.95
N THR G 413 37.62 35.56 3.04
CA THR G 413 39.04 35.33 3.22
C THR G 413 39.88 36.57 2.94
N LYS G 414 39.48 37.40 1.98
CA LYS G 414 40.24 38.57 1.57
C LYS G 414 39.43 39.83 1.82
N GLY G 415 40.09 40.83 2.40
CA GLY G 415 39.52 42.16 2.50
C GLY G 415 38.45 42.34 3.56
N THR G 416 38.34 43.55 4.08
CA THR G 416 37.29 43.90 5.04
C THR G 416 36.32 44.87 4.40
N LEU G 417 35.03 44.59 4.53
CA LEU G 417 34.01 45.49 4.02
C LEU G 417 34.07 46.83 4.77
N GLU G 418 33.73 47.90 4.05
CA GLU G 418 33.70 49.21 4.66
C GLU G 418 32.65 49.25 5.77
N PRO G 419 32.97 49.91 6.90
CA PRO G 419 32.04 49.89 8.04
C PRO G 419 30.66 50.45 7.71
N GLU G 420 30.62 51.49 6.87
CA GLU G 420 29.33 52.04 6.47
C GLU G 420 28.60 51.10 5.52
N TYR G 421 29.32 50.22 4.84
CA TYR G 421 28.68 49.31 3.89
C TYR G 421 28.05 48.10 4.55
N PHE G 422 27.77 48.20 5.86
CA PHE G 422 27.17 47.08 6.58
C PHE G 422 25.78 46.76 6.05
N ASN G 423 24.99 47.77 5.74
CA ASN G 423 23.65 47.59 5.18
C ASN G 423 23.31 48.83 4.36
N SER G 424 22.05 48.92 3.92
CA SER G 424 21.62 50.04 3.10
C SER G 424 21.52 51.34 3.91
N VAL G 425 21.29 51.24 5.22
CA VAL G 425 21.18 52.42 6.05
C VAL G 425 22.50 52.79 6.71
N CYS G 426 23.42 51.83 6.89
CA CYS G 426 24.70 52.13 7.51
C CYS G 426 25.59 52.96 6.59
N ARG G 427 25.41 52.86 5.26
CA ARG G 427 26.13 53.76 4.36
C ARG G 427 25.46 55.13 4.29
N LEU G 428 24.14 55.18 4.44
CA LEU G 428 23.45 56.44 4.68
C LEU G 428 23.93 57.09 5.99
N MET G 429 24.44 56.28 6.91
CA MET G 429 24.89 56.69 8.23
C MET G 429 26.16 57.53 8.18
N LYS G 430 27.03 57.33 7.18
CA LYS G 430 28.29 58.05 7.09
C LYS G 430 28.41 58.89 5.82
N THR G 431 27.45 58.81 4.92
CA THR G 431 27.42 59.65 3.73
C THR G 431 26.51 60.85 3.88
N ILE G 432 25.36 60.69 4.53
CA ILE G 432 24.47 61.80 4.87
C ILE G 432 24.61 62.20 6.33
N GLY G 433 25.53 61.57 7.07
CA GLY G 433 25.75 61.90 8.46
C GLY G 433 24.94 61.01 9.39
N PRO G 434 25.36 60.92 10.65
CA PRO G 434 24.61 60.12 11.63
C PRO G 434 23.20 60.67 11.82
N ASP G 435 22.22 59.77 11.75
CA ASP G 435 20.82 60.16 11.84
C ASP G 435 20.37 60.50 13.25
N MET G 436 21.29 60.64 14.20
CA MET G 436 21.07 61.11 15.57
C MET G 436 22.46 61.30 16.20
N PHE G 437 22.47 61.75 17.45
CA PHE G 437 23.71 61.85 18.21
C PHE G 437 23.42 61.61 19.69
N LEU G 438 23.94 60.49 20.21
CA LEU G 438 23.78 60.17 21.62
C LEU G 438 25.03 59.55 22.22
N GLY G 439 26.19 60.12 21.94
CA GLY G 439 27.43 59.63 22.53
C GLY G 439 27.62 60.05 23.97
N THR G 440 26.64 59.75 24.83
CA THR G 440 26.67 60.19 26.21
C THR G 440 27.68 59.40 27.04
N CYS G 441 28.86 59.99 27.25
CA CYS G 441 29.95 59.28 27.90
C CYS G 441 29.71 59.13 29.40
N ARG G 442 28.71 58.35 29.78
CA ARG G 442 28.45 58.03 31.18
C ARG G 442 29.18 56.75 31.61
N ARG G 443 30.28 56.46 30.92
CA ARG G 443 31.10 55.27 31.15
C ARG G 443 32.54 55.62 30.80
N CYS G 444 33.33 54.62 30.37
CA CYS G 444 34.77 54.65 30.21
C CYS G 444 35.32 56.00 29.78
N PRO G 445 36.43 56.46 30.40
CA PRO G 445 36.80 57.88 30.31
C PRO G 445 37.37 58.31 28.97
N ALA G 446 37.82 59.55 28.90
CA ALA G 446 38.23 60.20 27.67
C ALA G 446 39.65 59.84 27.24
N GLU G 447 40.13 58.67 27.65
CA GLU G 447 41.38 58.12 27.13
C GLU G 447 41.17 57.21 25.93
N ILE G 448 40.11 56.39 25.96
CA ILE G 448 39.76 55.54 24.83
C ILE G 448 38.59 56.10 24.04
N VAL G 449 37.67 56.83 24.67
CA VAL G 449 36.52 57.36 23.94
C VAL G 449 36.99 58.35 22.88
N ASP G 450 37.96 59.20 23.22
CA ASP G 450 38.54 60.11 22.23
C ASP G 450 39.41 59.36 21.24
N THR G 451 40.08 58.29 21.67
CA THR G 451 40.91 57.50 20.78
C THR G 451 40.08 56.90 19.64
N VAL G 452 38.90 56.38 19.97
CA VAL G 452 38.01 55.87 18.93
C VAL G 452 37.27 56.99 18.22
N SER G 453 37.06 58.14 18.88
CA SER G 453 36.41 59.28 18.29
C SER G 453 37.20 59.85 17.11
N ALA G 454 38.43 60.26 17.38
CA ALA G 454 39.25 60.91 16.36
C ALA G 454 39.56 59.99 15.19
N LEU G 455 39.41 58.67 15.36
CA LEU G 455 39.71 57.74 14.27
C LEU G 455 38.46 57.37 13.48
N VAL G 456 37.34 57.11 14.17
CA VAL G 456 36.13 56.67 13.49
C VAL G 456 34.97 57.60 13.79
N TYR G 457 34.76 57.91 15.07
CA TYR G 457 33.53 58.57 15.52
C TYR G 457 33.51 60.07 15.28
N ASP G 458 34.41 60.59 14.43
CA ASP G 458 34.40 61.99 14.02
C ASP G 458 34.59 62.95 15.20
N ASN G 459 35.36 62.50 16.20
CA ASN G 459 35.71 63.32 17.36
C ASN G 459 34.46 63.78 18.11
N LYS G 460 33.32 63.15 17.83
CA LYS G 460 32.05 63.59 18.40
C LYS G 460 31.95 63.35 19.90
N LEU G 461 32.77 62.44 20.45
CA LEU G 461 32.61 62.05 21.83
C LEU G 461 33.22 63.08 22.77
N LYS G 462 32.70 63.11 24.00
CA LYS G 462 32.93 64.18 24.95
C LYS G 462 34.08 63.86 25.89
N ALA G 463 34.45 64.86 26.69
CA ALA G 463 35.27 64.66 27.88
C ALA G 463 34.35 64.80 29.08
N HIS G 464 33.65 63.72 29.40
CA HIS G 464 32.59 63.77 30.42
C HIS G 464 33.19 63.77 31.82
N LYS G 465 33.93 62.72 32.16
CA LYS G 465 34.59 62.62 33.45
C LYS G 465 36.12 62.64 33.27
N ASP G 466 36.82 62.80 34.38
CA ASP G 466 38.23 63.18 34.35
C ASP G 466 39.15 62.04 33.93
N LYS G 467 40.46 62.30 33.95
CA LYS G 467 41.50 61.33 33.66
C LYS G 467 41.96 60.76 35.01
N SER G 468 41.41 59.59 35.36
CA SER G 468 41.68 58.99 36.66
C SER G 468 42.89 58.07 36.66
N ALA G 469 43.58 57.95 35.52
CA ALA G 469 44.83 57.20 35.42
C ALA G 469 44.65 55.73 35.81
N GLN G 470 43.63 55.10 35.22
CA GLN G 470 43.42 53.67 35.36
C GLN G 470 43.59 52.92 34.05
N CYS G 471 43.79 53.62 32.94
CA CYS G 471 44.03 52.99 31.65
C CYS G 471 45.54 52.86 31.44
N PHE G 472 45.99 51.67 31.04
CA PHE G 472 47.41 51.40 30.88
C PHE G 472 47.66 50.72 29.55
N LYS G 473 48.94 50.75 29.13
CA LYS G 473 49.37 50.21 27.85
C LYS G 473 50.63 49.37 28.07
N MET G 474 50.81 48.38 27.20
N MET G 474 50.81 48.38 27.20
CA MET G 474 51.98 47.51 27.22
CA MET G 474 51.98 47.51 27.22
C MET G 474 52.60 47.48 25.83
C MET G 474 52.60 47.48 25.83
N PHE G 475 53.92 47.56 25.77
CA PHE G 475 54.64 47.49 24.51
C PHE G 475 55.14 46.05 24.34
N TYR G 476 54.42 45.25 23.56
CA TYR G 476 54.77 43.84 23.32
C TYR G 476 54.45 43.47 21.88
N LYS G 477 55.00 42.33 21.46
CA LYS G 477 54.62 41.70 20.20
C LYS G 477 54.09 40.29 20.47
N GLY G 478 54.90 39.48 21.13
CA GLY G 478 54.59 38.08 21.34
C GLY G 478 54.93 37.22 20.13
N VAL G 479 54.92 35.91 20.35
CA VAL G 479 55.21 34.92 19.33
C VAL G 479 54.05 33.93 19.29
N ILE G 480 53.55 33.65 18.08
CA ILE G 480 52.30 32.92 17.89
C ILE G 480 52.56 31.60 17.17
N THR G 481 51.88 30.55 17.64
CA THR G 481 51.72 29.30 16.91
C THR G 481 50.24 28.92 16.89
N HIS G 482 49.69 28.71 15.70
CA HIS G 482 48.30 28.30 15.51
C HIS G 482 48.18 26.78 15.69
N ASP G 483 47.00 26.33 16.14
CA ASP G 483 46.86 24.89 16.29
C ASP G 483 45.84 24.25 15.36
N VAL G 484 44.55 24.56 15.53
CA VAL G 484 43.53 24.13 14.58
C VAL G 484 42.61 25.29 14.22
N SER G 485 41.87 25.78 15.22
CA SER G 485 40.88 26.84 15.06
C SER G 485 40.95 27.84 16.20
N SER G 486 42.13 27.99 16.78
CA SER G 486 42.36 28.91 17.88
C SER G 486 43.84 29.29 17.86
N ALA G 487 44.25 30.06 18.86
CA ALA G 487 45.65 30.50 18.92
C ALA G 487 46.05 30.68 20.38
N ILE G 488 47.32 30.46 20.65
CA ILE G 488 47.88 30.57 21.99
C ILE G 488 49.08 31.50 21.93
N ASN G 489 49.10 32.51 22.80
CA ASN G 489 50.23 33.42 22.93
C ASN G 489 50.64 33.48 24.40
N ARG G 490 51.62 32.67 24.76
CA ARG G 490 52.09 32.53 26.14
C ARG G 490 52.83 33.77 26.62
N PRO G 491 53.68 34.42 25.80
CA PRO G 491 54.38 35.62 26.30
C PRO G 491 53.45 36.72 26.82
N GLN G 492 52.31 36.95 26.16
CA GLN G 492 51.40 38.02 26.60
C GLN G 492 50.54 37.61 27.79
N ILE G 493 50.12 36.35 27.86
CA ILE G 493 49.41 35.88 29.04
C ILE G 493 50.34 35.88 30.25
N GLY G 494 51.64 35.65 30.03
CA GLY G 494 52.62 35.84 31.09
C GLY G 494 52.69 37.27 31.59
N VAL G 495 52.60 38.24 30.68
CA VAL G 495 52.50 39.64 31.09
C VAL G 495 51.23 39.88 31.87
N VAL G 496 50.11 39.26 31.47
CA VAL G 496 48.86 39.40 32.21
C VAL G 496 49.05 38.94 33.65
N ARG G 497 49.60 37.73 33.83
CA ARG G 497 49.78 37.18 35.17
C ARG G 497 50.77 38.02 35.97
N GLU G 498 51.91 38.38 35.38
CA GLU G 498 52.95 39.09 36.10
C GLU G 498 52.57 40.52 36.44
N PHE G 499 51.70 41.15 35.63
CA PHE G 499 51.19 42.47 35.99
C PHE G 499 50.09 42.37 37.03
N LEU G 500 49.27 41.31 36.97
CA LEU G 500 48.25 41.10 37.98
C LEU G 500 48.83 40.63 39.30
N THR G 501 50.11 40.27 39.35
CA THR G 501 50.76 39.93 40.61
C THR G 501 51.67 41.03 41.16
N ARG G 502 52.24 41.89 40.30
CA ARG G 502 53.00 43.01 40.84
C ARG G 502 52.10 44.10 41.39
N ASN G 503 50.86 44.19 40.91
CA ASN G 503 49.84 45.06 41.48
C ASN G 503 48.62 44.19 41.74
N PRO G 504 48.48 43.65 42.95
CA PRO G 504 47.46 42.62 43.20
C PRO G 504 46.02 43.11 43.02
N ALA G 505 45.80 44.42 43.00
CA ALA G 505 44.46 44.97 42.81
C ALA G 505 43.98 44.90 41.37
N TRP G 506 44.65 44.14 40.51
CA TRP G 506 44.30 44.09 39.10
C TRP G 506 43.61 42.80 38.69
N ARG G 507 43.76 41.71 39.45
CA ARG G 507 43.13 40.44 39.10
C ARG G 507 41.68 40.40 39.60
N LYS G 508 40.91 41.35 39.10
CA LYS G 508 39.45 41.37 39.21
C LYS G 508 38.82 41.55 37.85
N ALA G 509 39.46 41.00 36.82
CA ALA G 509 39.13 41.28 35.43
C ALA G 509 38.62 40.03 34.72
N VAL G 510 37.76 40.24 33.74
CA VAL G 510 37.28 39.18 32.87
C VAL G 510 38.19 39.15 31.63
N PHE G 511 38.98 38.10 31.50
CA PHE G 511 39.99 38.04 30.45
C PHE G 511 39.34 38.03 29.07
N ILE G 512 39.85 38.86 28.18
CA ILE G 512 39.35 38.96 26.80
C ILE G 512 40.38 38.34 25.87
N SER G 513 39.92 37.40 25.03
CA SER G 513 40.81 36.69 24.13
C SER G 513 40.20 36.62 22.73
N PRO G 514 40.98 36.91 21.69
CA PRO G 514 40.50 36.70 20.32
C PRO G 514 40.16 35.25 20.05
N TYR G 515 40.79 34.32 20.76
CA TYR G 515 40.60 32.89 20.57
C TYR G 515 40.17 32.28 21.89
N ASN G 516 39.07 31.54 21.88
CA ASN G 516 38.47 31.08 23.13
C ASN G 516 39.35 30.04 23.82
N SER G 517 40.15 29.29 23.07
CA SER G 517 41.02 28.29 23.69
C SER G 517 42.09 28.92 24.57
N GLN G 518 42.50 30.17 24.30
CA GLN G 518 43.44 30.85 25.16
C GLN G 518 42.90 30.93 26.59
N ASN G 519 41.68 31.43 26.74
CA ASN G 519 41.08 31.48 28.07
C ASN G 519 40.63 30.12 28.57
N ALA G 520 40.34 29.18 27.67
CA ALA G 520 40.06 27.81 28.10
C ALA G 520 41.26 27.20 28.82
N VAL G 521 42.47 27.40 28.28
CA VAL G 521 43.68 26.99 28.98
C VAL G 521 43.95 27.87 30.20
N ALA G 522 43.68 29.18 30.10
CA ALA G 522 43.95 30.10 31.19
C ALA G 522 43.00 29.96 32.36
N SER G 523 41.91 29.19 32.22
CA SER G 523 41.01 29.00 33.34
C SER G 523 41.73 28.44 34.56
N LYS G 524 42.65 27.50 34.35
CA LYS G 524 43.43 26.94 35.45
C LYS G 524 44.76 27.66 35.68
N ILE G 525 45.09 28.65 34.85
CA ILE G 525 46.36 29.35 34.99
C ILE G 525 46.20 30.69 35.69
N LEU G 526 45.21 31.48 35.27
CA LEU G 526 44.96 32.82 35.80
C LEU G 526 43.77 32.88 36.75
N GLY G 527 42.72 32.11 36.46
CA GLY G 527 41.46 32.25 37.18
C GLY G 527 40.54 33.32 36.62
N LEU G 528 40.94 34.00 35.56
CA LEU G 528 40.11 35.03 34.94
C LEU G 528 39.03 34.37 34.08
N PRO G 529 37.75 34.69 34.28
CA PRO G 529 36.69 34.04 33.49
C PRO G 529 36.74 34.38 32.01
N THR G 530 35.82 33.79 31.24
CA THR G 530 35.81 33.94 29.79
C THR G 530 35.03 35.18 29.38
N GLN G 531 35.64 36.01 28.54
CA GLN G 531 34.99 37.16 27.94
C GLN G 531 35.27 37.14 26.45
N THR G 532 34.21 37.03 25.65
CA THR G 532 34.37 36.95 24.21
C THR G 532 34.72 38.32 23.62
N VAL G 533 35.24 38.28 22.38
CA VAL G 533 35.51 39.51 21.65
C VAL G 533 34.39 39.88 20.69
N ASP G 534 33.53 38.93 20.32
CA ASP G 534 32.47 39.19 19.36
C ASP G 534 31.22 39.76 20.03
N SER G 535 30.58 38.96 20.89
CA SER G 535 29.25 39.30 21.41
C SER G 535 29.29 39.60 22.91
N SER G 536 30.27 40.43 23.29
CA SER G 536 30.39 40.90 24.66
C SER G 536 29.72 42.25 24.88
N GLN G 537 29.02 42.77 23.87
CA GLN G 537 28.36 44.06 24.00
C GLN G 537 27.24 43.99 25.03
N GLY G 538 27.35 44.82 26.07
CA GLY G 538 26.42 44.81 27.19
C GLY G 538 26.92 44.01 28.37
N SER G 539 27.89 43.11 28.15
CA SER G 539 28.52 42.34 29.22
C SER G 539 29.91 42.92 29.43
N GLU G 540 30.05 43.78 30.44
CA GLU G 540 31.29 44.50 30.67
C GLU G 540 31.57 44.56 32.16
N TYR G 541 32.76 45.06 32.49
CA TYR G 541 33.19 45.20 33.87
C TYR G 541 34.16 46.37 33.97
N ASP G 542 34.28 46.92 35.18
CA ASP G 542 35.23 48.02 35.40
C ASP G 542 36.66 47.55 35.18
N TYR G 543 37.10 46.60 36.01
CA TYR G 543 38.42 46.00 35.81
C TYR G 543 38.36 44.98 34.70
N VAL G 544 39.00 45.29 33.57
CA VAL G 544 39.11 44.36 32.44
C VAL G 544 40.51 44.46 31.86
N ILE G 545 41.08 43.31 31.49
CA ILE G 545 42.40 43.23 30.88
C ILE G 545 42.24 42.63 29.48
N PHE G 546 43.00 43.17 28.53
CA PHE G 546 42.91 42.74 27.14
C PHE G 546 44.23 42.12 26.70
N THR G 547 44.13 41.15 25.78
CA THR G 547 45.28 40.45 25.24
C THR G 547 44.93 40.00 23.82
N GLN G 548 45.57 40.61 22.82
CA GLN G 548 45.20 40.37 21.43
C GLN G 548 45.82 39.11 20.84
N THR G 549 46.72 38.44 21.57
CA THR G 549 47.28 37.15 21.18
C THR G 549 48.08 37.24 19.87
N THR G 550 47.41 37.51 18.75
CA THR G 550 48.03 37.49 17.44
C THR G 550 48.04 38.89 16.83
N GLU G 551 48.60 38.98 15.62
CA GLU G 551 48.64 40.22 14.86
C GLU G 551 47.99 40.07 13.49
N THR G 552 47.22 39.01 13.28
CA THR G 552 46.60 38.75 12.00
C THR G 552 45.34 39.60 11.83
N ALA G 553 44.68 39.46 10.68
CA ALA G 553 43.44 40.17 10.45
C ALA G 553 42.35 39.73 11.42
N HIS G 554 42.45 38.52 11.95
CA HIS G 554 41.49 38.02 12.93
C HIS G 554 41.70 38.62 14.31
N SER G 555 42.81 39.32 14.55
CA SER G 555 43.06 39.92 15.86
C SER G 555 43.08 41.44 15.80
N CYS G 556 43.91 42.00 14.92
CA CYS G 556 44.19 43.43 14.90
C CYS G 556 43.65 44.12 13.66
N ASN G 557 42.43 43.77 13.25
CA ASN G 557 41.75 44.51 12.19
C ASN G 557 41.29 45.87 12.73
N VAL G 558 40.57 46.63 11.91
CA VAL G 558 40.24 48.00 12.28
C VAL G 558 39.36 48.04 13.52
N ASN G 559 38.16 47.44 13.44
CA ASN G 559 37.21 47.50 14.54
C ASN G 559 36.69 46.10 14.84
N ARG G 560 37.45 45.32 15.61
CA ARG G 560 36.93 44.09 16.19
C ARG G 560 37.02 44.10 17.71
N PHE G 561 38.21 44.37 18.24
CA PHE G 561 38.46 44.31 19.67
C PHE G 561 38.30 45.70 20.31
N ASN G 562 37.94 46.69 19.49
CA ASN G 562 37.57 47.99 20.03
C ASN G 562 36.29 47.91 20.84
N VAL G 563 35.47 46.87 20.61
CA VAL G 563 34.37 46.56 21.52
C VAL G 563 34.87 45.91 22.80
N ALA G 564 36.12 45.48 22.84
CA ALA G 564 36.69 44.83 24.01
C ALA G 564 37.51 45.78 24.88
N ILE G 565 38.18 46.78 24.30
CA ILE G 565 38.93 47.70 25.15
C ILE G 565 37.97 48.58 25.95
N THR G 566 36.81 48.92 25.39
CA THR G 566 35.90 49.87 26.01
C THR G 566 35.00 49.24 27.07
N ARG G 567 35.23 47.98 27.43
CA ARG G 567 34.43 47.32 28.45
C ARG G 567 34.57 47.97 29.82
N ALA G 568 35.66 48.68 30.07
CA ALA G 568 35.92 49.28 31.37
C ALA G 568 35.04 50.50 31.60
N LYS G 569 35.02 50.96 32.85
CA LYS G 569 34.39 52.23 33.17
C LYS G 569 35.40 53.31 33.48
N VAL G 570 36.57 52.95 34.02
CA VAL G 570 37.56 53.94 34.37
C VAL G 570 38.95 53.55 33.88
N GLY G 571 39.13 52.27 33.53
CA GLY G 571 40.47 51.83 33.16
C GLY G 571 40.63 50.43 32.63
N ILE G 572 41.44 50.28 31.58
CA ILE G 572 41.76 49.00 30.97
C ILE G 572 43.24 48.97 30.58
N LEU G 573 43.88 47.84 30.83
CA LEU G 573 45.21 47.58 30.32
C LEU G 573 45.13 47.10 28.87
N CYS G 574 46.11 47.52 28.07
CA CYS G 574 46.17 47.16 26.66
C CYS G 574 47.51 46.49 26.37
N ILE G 575 47.47 45.21 26.02
CA ILE G 575 48.61 44.57 25.37
C ILE G 575 48.42 44.75 23.88
N MET G 576 48.79 45.92 23.37
CA MET G 576 48.51 46.28 21.98
C MET G 576 49.78 46.04 21.17
N SER G 577 49.80 44.89 20.50
CA SER G 577 50.99 44.48 19.76
C SER G 577 51.01 45.04 18.34
N ASP G 578 49.85 45.36 17.79
CA ASP G 578 49.77 45.81 16.42
C ASP G 578 50.38 47.21 16.26
N ARG G 579 50.83 47.49 15.03
CA ARG G 579 51.33 48.80 14.67
C ARG G 579 50.24 49.74 14.18
N ASP G 580 49.02 49.23 13.99
CA ASP G 580 47.90 50.03 13.50
C ASP G 580 47.53 51.11 14.52
N LEU G 581 47.11 50.69 15.71
CA LEU G 581 46.67 51.63 16.74
C LEU G 581 47.82 52.11 17.62
N TYR G 582 49.05 51.65 17.36
CA TYR G 582 50.17 51.95 18.25
C TYR G 582 50.47 53.44 18.31
N ASP G 583 50.20 54.17 17.22
CA ASP G 583 50.55 55.59 17.18
C ASP G 583 49.56 56.45 17.94
N LYS G 584 48.34 55.96 18.16
CA LYS G 584 47.25 56.83 18.59
C LYS G 584 46.82 56.65 20.04
N LEU G 585 47.08 55.51 20.65
CA LEU G 585 46.58 55.24 21.99
C LEU G 585 47.20 56.19 23.01
N GLN G 586 46.36 56.69 23.92
CA GLN G 586 46.80 57.60 24.98
C GLN G 586 46.92 56.90 26.32
N PHE G 587 47.29 55.62 26.29
CA PHE G 587 47.54 54.85 27.50
C PHE G 587 49.05 54.82 27.75
N THR G 588 49.41 54.47 28.99
CA THR G 588 50.78 54.61 29.46
C THR G 588 51.51 53.27 29.41
N SER G 589 52.72 53.28 28.85
CA SER G 589 53.57 52.11 28.82
C SER G 589 54.28 51.93 30.16
N LEU G 590 54.70 50.69 30.44
CA LEU G 590 55.48 50.37 31.62
C LEU G 590 56.60 49.42 31.24
N GLU G 591 57.61 49.37 32.08
CA GLU G 591 58.74 48.49 31.82
C GLU G 591 58.34 47.04 32.02
N ILE G 592 59.25 46.15 31.63
CA ILE G 592 59.00 44.70 31.67
C ILE G 592 60.16 44.01 32.39
N PRO G 593 59.89 42.93 33.13
CA PRO G 593 60.96 42.03 33.58
C PRO G 593 61.03 40.77 32.74
N ALA H 1 18.45 -6.17 -14.24
CA ALA H 1 18.72 -6.35 -15.66
C ALA H 1 19.53 -5.19 -16.22
N VAL H 2 19.74 -4.17 -15.38
CA VAL H 2 20.50 -2.99 -15.77
C VAL H 2 21.54 -2.72 -14.69
N GLY H 3 22.80 -2.54 -15.12
CA GLY H 3 23.88 -2.27 -14.18
C GLY H 3 25.06 -1.58 -14.81
N ALA H 4 26.18 -1.53 -14.09
CA ALA H 4 27.40 -0.88 -14.56
C ALA H 4 28.33 -1.92 -15.17
N CYS H 5 29.07 -1.51 -16.19
CA CYS H 5 29.90 -2.46 -16.92
C CYS H 5 31.24 -2.66 -16.20
N VAL H 6 31.94 -3.71 -16.64
CA VAL H 6 33.14 -4.15 -15.93
C VAL H 6 34.27 -3.15 -16.10
N LEU H 7 34.45 -2.62 -17.32
CA LEU H 7 35.64 -1.82 -17.61
C LEU H 7 35.42 -0.33 -17.42
N CYS H 8 34.23 0.19 -17.74
CA CYS H 8 34.00 1.62 -17.79
C CYS H 8 33.13 2.15 -16.66
N ASN H 9 32.45 1.29 -15.91
CA ASN H 9 31.45 1.70 -14.92
C ASN H 9 30.31 2.48 -15.57
N SER H 10 30.12 2.30 -16.88
CA SER H 10 28.98 2.90 -17.56
C SER H 10 27.77 1.97 -17.46
N GLN H 11 26.58 2.57 -17.47
CA GLN H 11 25.35 1.84 -17.26
C GLN H 11 24.78 1.36 -18.58
N THR H 12 24.77 0.04 -18.77
CA THR H 12 24.24 -0.56 -19.99
C THR H 12 23.41 -1.79 -19.66
N SER H 13 22.97 -2.52 -20.69
CA SER H 13 22.07 -3.65 -20.52
C SER H 13 22.47 -4.85 -21.37
N LEU H 14 23.76 -5.19 -21.40
CA LEU H 14 24.24 -6.25 -22.26
C LEU H 14 24.99 -7.29 -21.45
N ARG H 15 24.94 -8.53 -21.94
CA ARG H 15 25.59 -9.67 -21.28
C ARG H 15 26.17 -10.58 -22.35
N CYS H 16 27.45 -10.92 -22.23
CA CYS H 16 28.09 -11.85 -23.15
C CYS H 16 27.78 -13.27 -22.70
N GLY H 17 27.02 -14.01 -23.51
CA GLY H 17 26.55 -15.33 -23.11
C GLY H 17 27.58 -16.43 -23.22
N ALA H 18 28.73 -16.17 -23.84
CA ALA H 18 29.76 -17.18 -23.99
C ALA H 18 30.74 -17.20 -22.82
N CYS H 19 30.60 -16.28 -21.87
CA CYS H 19 31.35 -16.33 -20.62
C CYS H 19 30.53 -17.07 -19.57
N ILE H 20 31.22 -17.83 -18.72
CA ILE H 20 30.52 -18.67 -17.75
C ILE H 20 29.88 -17.82 -16.67
N ARG H 21 30.27 -16.55 -16.55
CA ARG H 21 29.76 -15.68 -15.50
C ARG H 21 28.82 -14.60 -16.00
N ARG H 22 28.77 -14.35 -17.32
CA ARG H 22 27.88 -13.38 -17.93
C ARG H 22 28.00 -12.00 -17.29
N PRO H 23 29.10 -11.28 -17.52
CA PRO H 23 29.24 -9.94 -16.94
C PRO H 23 28.56 -8.86 -17.76
N PHE H 24 28.16 -7.77 -17.11
CA PHE H 24 27.58 -6.64 -17.82
C PHE H 24 28.65 -5.93 -18.63
N LEU H 25 28.35 -5.66 -19.90
CA LEU H 25 29.33 -5.10 -20.83
C LEU H 25 28.87 -3.75 -21.34
N CYS H 26 29.79 -2.78 -21.33
CA CYS H 26 29.55 -1.47 -21.91
C CYS H 26 29.56 -1.56 -23.43
N CYS H 27 28.70 -0.77 -24.06
CA CYS H 27 28.47 -0.82 -25.50
C CYS H 27 29.77 -0.90 -26.30
N LYS H 28 30.64 0.11 -26.15
CA LYS H 28 31.90 0.11 -26.86
C LYS H 28 32.75 -1.10 -26.49
N CYS H 29 32.92 -1.35 -25.19
CA CYS H 29 33.73 -2.50 -24.79
C CYS H 29 33.00 -3.81 -25.07
N CYS H 30 31.67 -3.82 -25.11
CA CYS H 30 30.97 -5.03 -25.57
C CYS H 30 31.35 -5.34 -27.01
N TYR H 31 31.37 -4.32 -27.87
CA TYR H 31 31.81 -4.53 -29.24
C TYR H 31 33.26 -5.00 -29.28
N ASP H 32 34.12 -4.37 -28.48
CA ASP H 32 35.54 -4.71 -28.46
C ASP H 32 35.75 -6.16 -28.08
N HIS H 33 35.01 -6.62 -27.07
CA HIS H 33 35.13 -8.02 -26.64
C HIS H 33 34.45 -8.97 -27.61
N VAL H 34 33.41 -8.53 -28.33
CA VAL H 34 32.69 -9.44 -29.22
C VAL H 34 33.37 -9.62 -30.57
N ILE H 35 34.22 -8.68 -30.99
CA ILE H 35 34.83 -8.81 -32.31
C ILE H 35 35.88 -9.93 -32.34
N SER H 36 36.68 -10.08 -31.27
CA SER H 36 37.94 -10.83 -31.38
C SER H 36 37.94 -12.11 -30.56
N THR H 37 36.78 -12.69 -30.24
CA THR H 37 36.73 -13.95 -29.53
C THR H 37 35.70 -14.85 -30.21
N SER H 38 35.52 -16.04 -29.65
CA SER H 38 34.43 -16.93 -30.03
C SER H 38 33.10 -16.51 -29.41
N HIS H 39 33.09 -15.42 -28.65
CA HIS H 39 31.86 -14.92 -28.04
C HIS H 39 30.99 -14.31 -29.12
N LYS H 40 30.11 -15.12 -29.71
CA LYS H 40 29.14 -14.65 -30.69
C LYS H 40 27.76 -14.53 -30.08
N LEU H 41 27.67 -14.57 -28.75
CA LEU H 41 26.42 -14.58 -28.02
C LEU H 41 26.34 -13.34 -27.15
N VAL H 42 25.26 -12.57 -27.33
CA VAL H 42 25.01 -11.38 -26.53
C VAL H 42 23.59 -11.42 -26.03
N LEU H 43 23.41 -11.07 -24.76
CA LEU H 43 22.10 -11.11 -24.12
C LEU H 43 21.73 -9.74 -23.60
N SER H 44 20.42 -9.48 -23.60
CA SER H 44 19.84 -8.23 -23.13
C SER H 44 18.47 -8.55 -22.54
N VAL H 45 17.59 -7.56 -22.44
CA VAL H 45 16.19 -7.84 -22.09
C VAL H 45 15.58 -8.91 -22.96
N ASN H 46 16.16 -9.17 -24.13
CA ASN H 46 15.84 -10.31 -24.96
C ASN H 46 17.15 -10.91 -25.46
N PRO H 47 17.19 -12.22 -25.72
CA PRO H 47 18.41 -12.83 -26.28
C PRO H 47 18.51 -12.59 -27.77
N TYR H 48 19.65 -12.06 -28.22
CA TYR H 48 19.82 -11.70 -29.62
C TYR H 48 20.03 -12.93 -30.50
N VAL H 49 18.95 -13.61 -30.85
CA VAL H 49 18.97 -14.70 -31.81
C VAL H 49 17.80 -14.51 -32.77
N CYS H 50 17.92 -15.08 -33.96
CA CYS H 50 16.82 -15.01 -34.91
C CYS H 50 15.69 -15.90 -34.44
N ASN H 51 14.65 -15.29 -33.86
CA ASN H 51 13.59 -16.04 -33.22
C ASN H 51 12.50 -16.43 -34.21
N ALA H 52 12.85 -16.48 -35.50
CA ALA H 52 11.93 -16.98 -36.50
C ALA H 52 11.63 -18.45 -36.24
N PRO H 53 10.42 -18.91 -36.56
CA PRO H 53 10.07 -20.30 -36.28
C PRO H 53 10.92 -21.30 -37.05
N GLY H 54 11.72 -22.07 -36.33
CA GLY H 54 12.56 -23.08 -36.96
C GLY H 54 13.94 -22.62 -37.38
N CYS H 55 14.38 -21.44 -36.94
CA CYS H 55 15.68 -20.90 -37.30
C CYS H 55 16.61 -20.96 -36.10
N ASP H 56 17.89 -21.19 -36.39
CA ASP H 56 18.87 -21.41 -35.33
C ASP H 56 20.16 -20.63 -35.55
N VAL H 57 20.15 -19.63 -36.44
CA VAL H 57 21.33 -18.80 -36.56
C VAL H 57 21.53 -18.00 -35.28
N THR H 58 22.76 -18.03 -34.76
CA THR H 58 22.99 -17.62 -33.39
C THR H 58 24.25 -16.75 -33.31
N ASP H 59 24.38 -15.81 -34.22
CA ASP H 59 25.48 -14.85 -34.14
C ASP H 59 24.92 -13.46 -33.89
N VAL H 60 25.78 -12.44 -33.94
CA VAL H 60 25.37 -11.04 -33.75
C VAL H 60 25.38 -10.28 -35.07
N THR H 61 26.45 -10.41 -35.85
CA THR H 61 26.50 -9.73 -37.14
C THR H 61 25.63 -10.45 -38.16
N GLN H 62 25.31 -11.72 -37.91
CA GLN H 62 24.50 -12.52 -38.81
C GLN H 62 23.04 -12.07 -38.78
N LEU H 63 22.67 -11.29 -37.78
CA LEU H 63 21.29 -10.85 -37.61
C LEU H 63 21.09 -9.44 -38.12
N TYR H 64 19.84 -9.15 -38.48
CA TYR H 64 19.41 -7.82 -38.88
C TYR H 64 18.18 -7.45 -38.05
N LEU H 65 18.12 -6.18 -37.66
CA LEU H 65 16.98 -5.70 -36.88
C LEU H 65 15.82 -5.36 -37.80
N GLY H 66 14.71 -6.05 -37.63
CA GLY H 66 13.53 -5.81 -38.45
C GLY H 66 12.26 -5.97 -37.67
N GLY H 67 11.42 -4.93 -37.68
CA GLY H 67 10.23 -5.00 -36.88
C GLY H 67 10.56 -4.99 -35.39
N MET H 68 9.65 -5.57 -34.62
CA MET H 68 9.84 -5.69 -33.18
C MET H 68 10.69 -6.88 -32.79
N SER H 69 11.22 -7.62 -33.78
CA SER H 69 12.06 -8.77 -33.50
C SER H 69 13.40 -8.65 -34.22
N TYR H 70 14.19 -9.72 -34.19
CA TYR H 70 15.48 -9.75 -34.86
C TYR H 70 15.53 -10.95 -35.79
N TYR H 71 16.13 -10.76 -36.96
CA TYR H 71 16.11 -11.79 -37.99
C TYR H 71 17.44 -11.80 -38.74
N CYS H 72 17.75 -12.95 -39.32
CA CYS H 72 18.86 -13.06 -40.26
C CYS H 72 18.35 -12.77 -41.67
N LYS H 73 19.22 -12.97 -42.66
CA LYS H 73 18.82 -12.72 -44.04
C LYS H 73 17.71 -13.66 -44.50
N SER H 74 17.66 -14.87 -43.91
CA SER H 74 16.69 -15.86 -44.34
C SER H 74 15.26 -15.51 -43.92
N HIS H 75 15.08 -14.61 -42.97
CA HIS H 75 13.75 -14.22 -42.53
C HIS H 75 13.55 -12.72 -42.39
N LYS H 76 14.52 -11.90 -42.78
CA LYS H 76 14.39 -10.46 -42.59
C LYS H 76 13.38 -9.87 -43.58
N PRO H 77 12.61 -8.88 -43.15
CA PRO H 77 11.79 -8.11 -44.09
C PRO H 77 12.64 -7.10 -44.82
N PRO H 78 12.13 -6.52 -45.92
CA PRO H 78 12.93 -5.52 -46.64
C PRO H 78 13.31 -4.32 -45.80
N ILE H 79 12.46 -3.92 -44.85
CA ILE H 79 12.77 -2.84 -43.92
C ILE H 79 13.53 -3.47 -42.76
N SER H 80 14.85 -3.28 -42.74
CA SER H 80 15.70 -3.94 -41.76
C SER H 80 16.73 -2.95 -41.25
N PHE H 81 17.64 -3.43 -40.40
CA PHE H 81 18.62 -2.62 -39.70
C PHE H 81 19.77 -3.50 -39.24
N PRO H 82 21.01 -3.21 -39.63
CA PRO H 82 22.15 -4.01 -39.15
C PRO H 82 22.47 -3.67 -37.69
N LEU H 83 22.49 -4.70 -36.85
CA LEU H 83 22.82 -4.51 -35.44
C LEU H 83 24.27 -4.10 -35.27
N CYS H 84 25.18 -4.80 -35.96
CA CYS H 84 26.61 -4.51 -35.88
C CYS H 84 26.95 -3.38 -36.85
N ALA H 85 26.91 -2.14 -36.37
CA ALA H 85 27.19 -1.00 -37.23
C ALA H 85 27.93 0.05 -36.42
N ASN H 86 28.64 0.93 -37.14
CA ASN H 86 29.43 2.01 -36.55
C ASN H 86 30.49 1.48 -35.59
N GLY H 87 30.87 0.22 -35.75
CA GLY H 87 31.78 -0.40 -34.81
C GLY H 87 31.26 -0.39 -33.38
N GLN H 88 29.96 -0.63 -33.22
CA GLN H 88 29.32 -0.47 -31.92
C GLN H 88 28.02 -1.25 -31.85
N VAL H 89 27.93 -2.20 -30.92
CA VAL H 89 26.70 -2.97 -30.77
C VAL H 89 25.56 -2.05 -30.31
N PHE H 90 24.36 -2.36 -30.78
CA PHE H 90 23.18 -1.53 -30.54
C PHE H 90 22.52 -1.99 -29.25
N GLY H 91 22.66 -1.19 -28.20
CA GLY H 91 22.06 -1.48 -26.92
C GLY H 91 21.53 -0.24 -26.23
N LEU H 92 21.21 -0.35 -24.94
CA LEU H 92 20.71 0.80 -24.21
C LEU H 92 21.84 1.78 -23.90
N TYR H 93 21.45 3.04 -23.73
CA TYR H 93 22.38 4.14 -23.47
C TYR H 93 23.51 4.15 -24.50
N LYS H 94 23.11 4.28 -25.76
CA LYS H 94 24.06 4.34 -26.87
C LYS H 94 24.83 5.64 -26.93
N ASN H 95 24.65 6.54 -25.96
CA ASN H 95 25.35 7.82 -25.95
C ASN H 95 26.16 8.08 -24.69
N THR H 96 26.05 7.23 -23.67
CA THR H 96 26.81 7.38 -22.42
C THR H 96 27.72 6.18 -22.29
N CYS H 97 28.91 6.27 -22.90
CA CYS H 97 29.89 5.21 -22.87
C CYS H 97 31.24 5.73 -23.31
N VAL H 98 32.30 5.33 -22.61
CA VAL H 98 33.65 5.82 -22.93
C VAL H 98 34.55 4.73 -23.50
N GLY H 99 34.19 3.45 -23.34
CA GLY H 99 35.05 2.37 -23.80
C GLY H 99 36.29 2.24 -22.92
N SER H 100 37.16 1.34 -23.34
CA SER H 100 38.41 1.09 -22.63
C SER H 100 39.49 0.67 -23.61
N ASP H 101 40.68 1.27 -23.47
CA ASP H 101 41.82 0.82 -24.26
C ASP H 101 42.22 -0.60 -23.88
N ASN H 102 41.98 -0.97 -22.62
CA ASN H 102 42.34 -2.29 -22.12
C ASN H 102 41.21 -3.27 -22.45
N VAL H 103 41.36 -3.99 -23.55
CA VAL H 103 40.45 -5.09 -23.88
C VAL H 103 41.18 -6.42 -24.08
N THR H 104 42.48 -6.41 -24.37
CA THR H 104 43.21 -7.66 -24.53
C THR H 104 43.25 -8.45 -23.24
N ASP H 105 43.41 -7.77 -22.09
CA ASP H 105 43.40 -8.46 -20.81
C ASP H 105 42.04 -9.08 -20.54
N PHE H 106 40.96 -8.36 -20.88
CA PHE H 106 39.61 -8.93 -20.74
C PHE H 106 39.47 -10.15 -21.63
N ASN H 107 39.97 -10.07 -22.86
CA ASN H 107 39.95 -11.20 -23.77
C ASN H 107 40.68 -12.39 -23.16
N ALA H 108 41.87 -12.15 -22.61
CA ALA H 108 42.69 -13.22 -22.06
C ALA H 108 42.01 -13.87 -20.86
N ILE H 109 41.43 -13.07 -19.98
CA ILE H 109 40.72 -13.62 -18.82
C ILE H 109 39.53 -14.45 -19.28
N ALA H 110 38.78 -13.92 -20.24
CA ALA H 110 37.59 -14.63 -20.72
C ALA H 110 37.96 -15.89 -21.50
N THR H 111 38.90 -15.76 -22.44
CA THR H 111 39.20 -16.88 -23.34
C THR H 111 39.92 -18.01 -22.63
N CYS H 112 40.86 -17.70 -21.74
CA CYS H 112 41.65 -18.71 -21.05
C CYS H 112 40.74 -19.51 -20.12
N ASP H 113 40.50 -20.78 -20.45
CA ASP H 113 39.63 -21.62 -19.63
C ASP H 113 40.39 -22.23 -18.46
N TRP H 114 41.14 -21.40 -17.72
CA TRP H 114 41.74 -21.78 -16.45
C TRP H 114 42.41 -23.15 -16.50
N THR H 115 43.44 -23.30 -17.36
CA THR H 115 44.08 -24.59 -17.62
C THR H 115 45.57 -24.63 -17.26
N ASN H 116 46.24 -23.48 -17.14
CA ASN H 116 47.68 -23.44 -16.96
C ASN H 116 48.09 -22.55 -15.78
N ALA H 117 49.39 -22.29 -15.63
CA ALA H 117 49.87 -21.30 -14.67
C ALA H 117 49.70 -19.89 -15.19
N GLY H 118 49.80 -19.70 -16.52
CA GLY H 118 49.51 -18.41 -17.09
C GLY H 118 48.11 -17.92 -16.75
N ASP H 119 47.19 -18.84 -16.48
CA ASP H 119 45.86 -18.50 -16.00
C ASP H 119 45.92 -17.57 -14.79
N TYR H 120 46.51 -18.06 -13.69
CA TYR H 120 46.62 -17.23 -12.51
C TYR H 120 47.58 -16.08 -12.72
N ILE H 121 48.52 -16.20 -13.66
CA ILE H 121 49.37 -15.08 -14.02
C ILE H 121 48.49 -13.92 -14.46
N LEU H 122 47.57 -14.18 -15.39
CA LEU H 122 46.62 -13.16 -15.83
C LEU H 122 45.68 -12.77 -14.71
N ALA H 123 45.20 -13.75 -13.95
CA ALA H 123 44.20 -13.50 -12.91
C ALA H 123 44.72 -12.54 -11.86
N ASN H 124 46.04 -12.47 -11.68
CA ASN H 124 46.58 -11.45 -10.79
C ASN H 124 47.01 -10.20 -11.56
N THR H 125 47.53 -10.36 -12.78
CA THR H 125 47.84 -9.19 -13.63
C THR H 125 46.57 -8.74 -14.35
N CYS H 126 45.76 -7.98 -13.63
CA CYS H 126 44.56 -7.34 -14.16
C CYS H 126 44.10 -6.30 -13.14
N THR H 127 42.93 -5.71 -13.41
CA THR H 127 42.37 -4.66 -12.55
C THR H 127 41.56 -5.30 -11.42
N GLU H 128 41.26 -4.48 -10.41
CA GLU H 128 40.57 -4.98 -9.22
C GLU H 128 39.22 -5.61 -9.57
N ARG H 129 38.39 -4.90 -10.33
CA ARG H 129 37.16 -5.49 -10.81
C ARG H 129 37.46 -6.69 -11.70
N LEU H 130 38.46 -6.56 -12.57
CA LEU H 130 38.84 -7.66 -13.44
C LEU H 130 39.34 -8.86 -12.64
N LYS H 131 40.10 -8.62 -11.57
CA LYS H 131 40.64 -9.75 -10.83
C LYS H 131 39.57 -10.43 -9.99
N LEU H 132 38.61 -9.68 -9.44
CA LEU H 132 37.51 -10.36 -8.76
C LEU H 132 36.62 -11.11 -9.74
N PHE H 133 36.45 -10.57 -10.95
CA PHE H 133 35.75 -11.31 -12.00
C PHE H 133 36.48 -12.59 -12.34
N ALA H 134 37.81 -12.53 -12.41
CA ALA H 134 38.60 -13.73 -12.64
C ALA H 134 38.42 -14.74 -11.50
N ALA H 135 38.36 -14.24 -10.27
CA ALA H 135 38.18 -15.13 -9.13
C ALA H 135 36.85 -15.86 -9.20
N GLU H 136 35.77 -15.14 -9.52
CA GLU H 136 34.48 -15.81 -9.59
C GLU H 136 34.42 -16.76 -10.79
N THR H 137 35.08 -16.43 -11.89
CA THR H 137 35.16 -17.38 -13.01
C THR H 137 35.92 -18.64 -12.61
N LEU H 138 37.00 -18.49 -11.83
CA LEU H 138 37.74 -19.65 -11.35
C LEU H 138 36.86 -20.52 -10.46
N LYS H 139 36.10 -19.89 -9.57
CA LYS H 139 35.19 -20.65 -8.71
C LYS H 139 34.16 -21.40 -9.55
N ALA H 140 33.58 -20.73 -10.55
CA ALA H 140 32.57 -21.37 -11.39
C ALA H 140 33.16 -22.54 -12.19
N THR H 141 34.35 -22.36 -12.76
CA THR H 141 34.91 -23.44 -13.55
C THR H 141 35.37 -24.60 -12.67
N GLU H 142 35.84 -24.33 -11.45
CA GLU H 142 36.17 -25.44 -10.58
C GLU H 142 34.93 -26.17 -10.10
N GLU H 143 33.82 -25.45 -9.86
CA GLU H 143 32.59 -26.13 -9.48
C GLU H 143 31.99 -26.92 -10.64
N THR H 144 32.23 -26.49 -11.88
CA THR H 144 31.77 -27.28 -13.03
C THR H 144 32.75 -28.37 -13.44
N PHE H 145 34.00 -28.31 -12.95
CA PHE H 145 34.97 -29.36 -13.24
C PHE H 145 34.91 -30.48 -12.21
N LYS H 146 34.81 -30.14 -10.92
CA LYS H 146 34.82 -31.17 -9.90
C LYS H 146 33.51 -31.94 -9.85
N LEU H 147 32.46 -31.40 -10.45
CA LEU H 147 31.17 -32.08 -10.49
C LEU H 147 31.06 -32.92 -11.75
N SER H 148 32.17 -33.11 -12.45
CA SER H 148 32.23 -33.95 -13.64
C SER H 148 32.63 -35.38 -13.31
N TYR H 149 32.36 -35.83 -12.09
CA TYR H 149 32.74 -37.15 -11.63
C TYR H 149 31.50 -37.90 -11.16
N GLY H 150 31.63 -39.22 -11.04
CA GLY H 150 30.50 -40.08 -10.76
C GLY H 150 29.86 -39.89 -9.40
N ILE H 151 28.74 -40.57 -9.18
CA ILE H 151 27.99 -40.51 -7.93
C ILE H 151 28.28 -41.81 -7.19
N ALA H 152 28.97 -41.69 -6.04
CA ALA H 152 29.50 -42.86 -5.35
C ALA H 152 28.44 -43.66 -4.63
N THR H 153 27.75 -44.53 -5.36
CA THR H 153 26.67 -45.35 -4.79
C THR H 153 27.26 -46.47 -3.94
N VAL H 154 26.72 -46.63 -2.73
CA VAL H 154 27.12 -47.72 -1.84
C VAL H 154 25.90 -48.64 -1.69
N ARG H 155 25.99 -49.83 -2.29
CA ARG H 155 24.85 -50.75 -2.28
C ARG H 155 24.87 -51.70 -1.11
N GLU H 156 26.05 -52.01 -0.56
CA GLU H 156 26.18 -52.88 0.60
C GLU H 156 27.22 -52.31 1.54
N VAL H 157 27.04 -52.59 2.83
CA VAL H 157 27.93 -52.13 3.89
C VAL H 157 28.51 -53.35 4.57
N LEU H 158 29.84 -53.51 4.50
CA LEU H 158 30.49 -54.59 5.21
C LEU H 158 30.69 -54.24 6.68
N SER H 159 31.36 -53.13 6.94
CA SER H 159 31.60 -52.66 8.31
C SER H 159 31.87 -51.16 8.29
N ASP H 160 32.37 -50.62 9.40
CA ASP H 160 32.80 -49.23 9.45
C ASP H 160 34.22 -49.11 8.90
N ARG H 161 34.65 -47.87 8.69
CA ARG H 161 35.97 -47.51 8.17
C ARG H 161 36.23 -48.04 6.77
N GLU H 162 35.22 -48.61 6.11
CA GLU H 162 35.32 -49.05 4.72
C GLU H 162 33.95 -49.46 4.21
N LEU H 163 33.71 -49.33 2.90
CA LEU H 163 32.41 -49.61 2.33
C LEU H 163 32.56 -50.33 1.00
N HIS H 164 31.54 -51.12 0.65
CA HIS H 164 31.42 -51.72 -0.68
C HIS H 164 30.82 -50.66 -1.60
N LEU H 165 31.68 -49.96 -2.33
CA LEU H 165 31.29 -48.71 -2.98
C LEU H 165 31.44 -48.84 -4.49
N SER H 166 30.52 -48.20 -5.22
CA SER H 166 30.55 -48.13 -6.67
C SER H 166 30.14 -46.72 -7.09
N TRP H 167 30.11 -46.48 -8.40
CA TRP H 167 29.77 -45.15 -8.91
C TRP H 167 28.84 -45.24 -10.10
N GLU H 168 28.69 -44.13 -10.82
CA GLU H 168 27.89 -44.08 -12.03
C GLU H 168 28.64 -44.74 -13.18
N VAL H 169 28.10 -44.65 -14.38
CA VAL H 169 28.67 -45.30 -15.56
C VAL H 169 29.52 -44.30 -16.32
N GLY H 170 30.78 -44.67 -16.57
CA GLY H 170 31.65 -43.89 -17.43
C GLY H 170 32.37 -42.73 -16.78
N LYS H 171 31.72 -42.06 -15.83
CA LYS H 171 32.29 -40.88 -15.22
C LYS H 171 33.47 -41.27 -14.32
N PRO H 172 34.64 -40.66 -14.49
CA PRO H 172 35.82 -41.06 -13.72
C PRO H 172 35.63 -40.82 -12.23
N ARG H 173 36.54 -41.42 -11.45
CA ARG H 173 36.53 -41.37 -9.99
C ARG H 173 37.40 -40.22 -9.49
N PRO H 174 36.87 -39.36 -8.63
CA PRO H 174 37.65 -38.22 -8.14
C PRO H 174 38.80 -38.67 -7.24
N PRO H 175 39.80 -37.81 -7.03
CA PRO H 175 40.94 -38.20 -6.19
C PRO H 175 40.59 -38.29 -4.72
N LEU H 176 41.61 -38.47 -3.88
CA LEU H 176 41.46 -39.11 -2.57
C LEU H 176 40.95 -38.22 -1.44
N ASN H 177 41.73 -37.19 -1.06
CA ASN H 177 41.65 -36.68 0.31
C ASN H 177 40.77 -35.46 0.51
N ARG H 178 40.89 -34.83 1.69
CA ARG H 178 39.96 -33.88 2.26
C ARG H 178 39.72 -32.63 1.41
N ASN H 179 40.38 -32.49 0.27
CA ASN H 179 39.93 -31.52 -0.72
C ASN H 179 38.77 -32.05 -1.53
N TYR H 180 38.35 -33.29 -1.28
CA TYR H 180 37.27 -33.97 -1.98
C TYR H 180 36.20 -34.44 -1.01
N VAL H 181 35.78 -33.55 -0.10
CA VAL H 181 34.83 -33.93 0.95
C VAL H 181 33.47 -34.21 0.31
N PHE H 182 32.96 -35.41 0.53
CA PHE H 182 31.63 -35.77 0.08
C PHE H 182 30.58 -35.35 1.11
N THR H 183 29.47 -34.82 0.62
CA THR H 183 28.33 -34.47 1.46
C THR H 183 27.07 -35.01 0.80
N GLY H 184 27.12 -36.27 0.40
CA GLY H 184 26.05 -36.85 -0.40
C GLY H 184 24.74 -36.97 0.35
N TYR H 185 23.69 -37.26 -0.42
CA TYR H 185 22.33 -37.37 0.08
C TYR H 185 21.79 -38.74 -0.26
N ARG H 186 20.55 -39.00 0.14
CA ARG H 186 19.89 -40.26 -0.13
C ARG H 186 18.41 -40.05 -0.43
N VAL H 187 17.82 -40.95 -1.22
CA VAL H 187 16.39 -40.92 -1.50
C VAL H 187 15.62 -41.72 -0.45
N THR H 188 14.34 -41.41 -0.29
CA THR H 188 13.43 -42.28 0.45
C THR H 188 12.40 -42.86 -0.51
N LYS H 189 11.63 -42.00 -1.17
CA LYS H 189 10.78 -42.45 -2.26
C LYS H 189 10.79 -41.47 -3.43
N ASN H 190 11.07 -40.20 -3.15
CA ASN H 190 10.92 -39.14 -4.15
C ASN H 190 12.15 -38.27 -4.34
N SER H 191 12.80 -37.86 -3.26
CA SER H 191 13.92 -36.92 -3.38
C SER H 191 15.00 -37.18 -2.33
N LYS H 192 15.95 -36.27 -2.23
CA LYS H 192 17.18 -36.49 -1.46
C LYS H 192 17.02 -36.04 -0.02
N VAL H 193 17.57 -36.84 0.90
CA VAL H 193 17.58 -36.51 2.32
C VAL H 193 18.97 -36.78 2.90
N GLN H 194 19.10 -36.61 4.21
CA GLN H 194 20.40 -36.60 4.88
C GLN H 194 21.16 -37.90 4.72
N ILE H 195 22.48 -37.78 4.58
CA ILE H 195 23.40 -38.90 4.80
C ILE H 195 24.49 -38.48 5.77
N GLY H 196 25.19 -37.41 5.46
CA GLY H 196 26.32 -36.96 6.25
C GLY H 196 27.50 -36.62 5.36
N GLU H 197 28.51 -36.00 5.97
CA GLU H 197 29.71 -35.56 5.26
C GLU H 197 30.88 -36.50 5.55
N TYR H 198 31.60 -36.88 4.50
CA TYR H 198 32.68 -37.85 4.59
C TYR H 198 33.83 -37.42 3.70
N THR H 199 34.88 -38.26 3.68
CA THR H 199 36.00 -38.11 2.76
C THR H 199 36.53 -39.51 2.49
N PHE H 200 36.36 -40.00 1.27
CA PHE H 200 36.60 -41.40 0.95
C PHE H 200 38.06 -41.64 0.61
N GLU H 201 38.61 -42.72 1.17
CA GLU H 201 40.01 -43.08 1.01
C GLU H 201 40.11 -44.58 0.70
N LYS H 202 41.21 -44.96 0.07
CA LYS H 202 41.44 -46.36 -0.28
C LYS H 202 41.63 -47.20 0.98
N GLY H 203 41.13 -48.43 0.93
CA GLY H 203 41.26 -49.35 2.06
C GLY H 203 42.31 -50.42 1.84
N ALA H 208 36.57 -51.88 -0.65
CA ALA H 208 37.05 -51.26 0.58
C ALA H 208 37.40 -49.79 0.35
N VAL H 209 36.53 -48.90 0.81
CA VAL H 209 36.75 -47.46 0.67
C VAL H 209 36.66 -46.81 2.04
N VAL H 210 37.81 -46.41 2.58
CA VAL H 210 37.88 -45.84 3.92
C VAL H 210 37.25 -44.44 3.89
N TYR H 211 36.34 -44.19 4.82
CA TYR H 211 35.74 -42.87 4.97
C TYR H 211 36.29 -42.19 6.22
N ARG H 212 36.91 -41.04 6.03
CA ARG H 212 37.37 -40.20 7.13
C ARG H 212 36.35 -39.10 7.42
N GLY H 213 35.13 -39.53 7.72
CA GLY H 213 34.05 -38.57 7.92
C GLY H 213 34.11 -37.93 9.29
N THR H 214 33.84 -36.63 9.34
CA THR H 214 33.76 -35.94 10.63
C THR H 214 32.44 -36.22 11.35
N THR H 215 31.46 -36.76 10.64
CA THR H 215 30.16 -37.11 11.21
C THR H 215 29.95 -38.62 11.14
N THR H 216 28.81 -39.06 11.67
CA THR H 216 28.47 -40.47 11.73
C THR H 216 27.07 -40.70 11.17
N TYR H 217 26.85 -41.92 10.67
CA TYR H 217 25.58 -42.34 10.11
C TYR H 217 25.62 -43.84 9.86
N LYS H 218 24.47 -44.49 9.96
CA LYS H 218 24.33 -45.90 9.65
C LYS H 218 23.99 -46.03 8.17
N LEU H 219 25.01 -46.18 7.35
CA LEU H 219 24.83 -46.23 5.90
C LEU H 219 24.14 -47.52 5.49
N ASN H 220 23.49 -47.49 4.32
CA ASN H 220 22.67 -48.60 3.88
C ASN H 220 22.70 -48.77 2.37
N VAL H 221 21.76 -49.55 1.84
CA VAL H 221 21.73 -49.92 0.43
C VAL H 221 21.39 -48.71 -0.42
N GLY H 222 22.15 -48.51 -1.50
CA GLY H 222 21.87 -47.46 -2.45
C GLY H 222 22.37 -46.08 -2.07
N ASP H 223 23.06 -45.94 -0.94
CA ASP H 223 23.55 -44.63 -0.53
C ASP H 223 24.63 -44.16 -1.49
N TYR H 224 24.43 -42.98 -2.09
CA TYR H 224 25.34 -42.49 -3.10
C TYR H 224 26.00 -41.20 -2.62
N PHE H 225 27.15 -40.88 -3.18
CA PHE H 225 27.95 -39.76 -2.71
C PHE H 225 28.43 -38.91 -3.88
N VAL H 226 28.41 -37.60 -3.68
CA VAL H 226 28.87 -36.62 -4.67
C VAL H 226 29.71 -35.57 -3.96
N LEU H 227 30.35 -34.71 -4.75
CA LEU H 227 31.06 -33.54 -4.25
C LEU H 227 30.15 -32.34 -4.52
N THR H 228 29.23 -32.10 -3.59
CA THR H 228 28.16 -31.14 -3.82
C THR H 228 28.71 -29.72 -3.89
N SER H 229 28.40 -29.03 -4.98
CA SER H 229 28.73 -27.62 -5.14
C SER H 229 27.51 -26.76 -4.85
N HIS H 230 27.73 -25.46 -4.75
CA HIS H 230 26.66 -24.52 -4.46
C HIS H 230 26.63 -23.41 -5.50
N THR H 231 25.80 -22.39 -5.27
CA THR H 231 25.69 -21.25 -6.17
C THR H 231 26.64 -20.17 -5.68
N VAL H 232 27.69 -19.89 -6.45
CA VAL H 232 28.67 -18.88 -6.10
C VAL H 232 28.15 -17.54 -6.59
N MET H 233 27.66 -16.71 -5.68
CA MET H 233 27.13 -15.41 -6.04
C MET H 233 28.26 -14.48 -6.45
N PRO H 234 27.96 -13.47 -7.27
CA PRO H 234 28.97 -12.48 -7.63
C PRO H 234 29.40 -11.67 -6.42
N LEU H 235 30.58 -11.06 -6.53
CA LEU H 235 31.21 -10.35 -5.43
C LEU H 235 30.99 -8.86 -5.63
N SER H 236 30.34 -8.22 -4.65
CA SER H 236 30.04 -6.79 -4.75
C SER H 236 31.22 -5.93 -4.34
N ALA H 237 31.64 -6.05 -3.08
CA ALA H 237 32.69 -5.18 -2.56
C ALA H 237 34.05 -5.64 -3.06
N PRO H 238 34.99 -4.73 -3.32
CA PRO H 238 36.35 -5.15 -3.69
C PRO H 238 37.02 -5.89 -2.53
N THR H 239 38.04 -6.67 -2.89
CA THR H 239 38.73 -7.52 -1.94
C THR H 239 39.30 -6.72 -0.77
N LEU H 240 39.92 -5.58 -1.05
CA LEU H 240 40.46 -4.73 0.00
C LEU H 240 40.29 -3.26 -0.37
N VAL H 241 39.97 -2.45 0.63
CA VAL H 241 39.80 -1.01 0.48
C VAL H 241 41.18 -0.40 0.25
N PRO H 242 41.30 0.82 -0.28
CA PRO H 242 42.64 1.40 -0.47
C PRO H 242 43.15 2.03 0.82
N GLN H 243 44.33 1.58 1.23
CA GLN H 243 44.90 2.00 2.50
C GLN H 243 45.49 3.41 2.41
N GLU H 244 45.64 4.03 3.57
CA GLU H 244 46.36 5.31 3.71
C GLU H 244 46.77 5.44 5.15
N HIS H 245 48.08 5.59 5.39
CA HIS H 245 48.62 5.66 6.75
C HIS H 245 48.08 6.91 7.41
N TYR H 246 47.36 6.75 8.52
CA TYR H 246 46.71 7.87 9.17
C TYR H 246 47.72 8.87 9.71
N VAL H 247 47.32 10.14 9.70
CA VAL H 247 48.14 11.16 10.35
C VAL H 247 48.05 11.01 11.87
N ARG H 248 46.92 10.54 12.37
CA ARG H 248 46.73 10.25 13.79
C ARG H 248 45.89 8.99 13.94
N ILE H 249 46.12 8.26 15.03
CA ILE H 249 45.41 7.02 15.28
C ILE H 249 43.98 7.33 15.73
N THR H 250 43.04 7.24 14.79
CA THR H 250 41.65 7.56 15.06
C THR H 250 40.82 6.29 15.15
N GLY H 251 39.81 6.33 16.03
CA GLY H 251 38.96 5.18 16.25
C GLY H 251 39.56 4.16 17.21
N LEU H 252 40.88 4.21 17.35
CA LEU H 252 41.61 3.30 18.24
C LEU H 252 42.22 4.10 19.38
N TYR H 253 42.21 3.50 20.57
CA TYR H 253 42.61 4.21 21.77
C TYR H 253 43.99 3.75 22.20
N PRO H 254 45.00 4.62 22.21
CA PRO H 254 46.32 4.21 22.72
C PRO H 254 46.31 4.05 24.24
N THR H 255 46.35 2.80 24.69
CA THR H 255 46.22 2.50 26.11
C THR H 255 47.59 2.52 26.79
N LEU H 256 47.58 2.71 28.11
CA LEU H 256 48.80 2.90 28.87
C LEU H 256 49.28 1.61 29.55
N ASN H 257 48.38 0.75 29.98
CA ASN H 257 48.76 -0.49 30.66
C ASN H 257 48.92 -1.61 29.63
N ILE H 258 49.99 -2.39 29.79
CA ILE H 258 50.39 -3.38 28.81
C ILE H 258 50.87 -4.63 29.54
N SER H 259 50.49 -5.79 29.01
CA SER H 259 51.10 -7.06 29.36
C SER H 259 52.12 -7.40 28.30
N ASP H 260 53.36 -7.64 28.74
CA ASP H 260 54.47 -7.75 27.79
C ASP H 260 55.04 -9.16 27.72
N GLU H 261 54.16 -10.17 27.72
CA GLU H 261 54.58 -11.49 27.28
C GLU H 261 54.94 -11.48 25.80
N PHE H 262 54.47 -10.46 25.07
CA PHE H 262 54.68 -10.34 23.63
C PHE H 262 55.51 -9.07 23.40
N SER H 263 56.83 -9.21 23.39
CA SER H 263 57.70 -8.04 23.27
C SER H 263 57.70 -7.49 21.85
N SER H 264 57.72 -8.37 20.85
CA SER H 264 57.88 -7.98 19.46
C SER H 264 56.56 -7.78 18.73
N ASN H 265 55.48 -7.46 19.44
CA ASN H 265 54.18 -7.26 18.81
C ASN H 265 53.56 -5.90 19.10
N VAL H 266 53.86 -5.29 20.25
CA VAL H 266 53.30 -3.97 20.55
C VAL H 266 53.81 -2.93 19.57
N ALA H 267 55.08 -3.04 19.19
CA ALA H 267 55.66 -2.12 18.21
C ALA H 267 54.91 -2.22 16.89
N ASN H 268 54.52 -3.43 16.49
CA ASN H 268 53.66 -3.59 15.33
C ASN H 268 52.30 -2.94 15.56
N TYR H 269 51.74 -3.12 16.77
CA TYR H 269 50.37 -2.69 17.04
C TYR H 269 50.22 -1.17 16.91
N GLN H 270 51.16 -0.40 17.46
CA GLN H 270 50.93 1.04 17.38
C GLN H 270 50.88 1.49 15.93
N LYS H 271 51.74 0.92 15.08
CA LYS H 271 51.76 1.35 13.70
C LYS H 271 50.57 0.78 12.93
N VAL H 272 50.00 -0.34 13.40
CA VAL H 272 48.72 -0.78 12.87
C VAL H 272 47.63 0.23 13.16
N GLY H 273 47.68 0.85 14.33
CA GLY H 273 46.71 1.88 14.66
C GLY H 273 46.71 3.03 13.67
N MET H 274 47.76 3.10 12.85
CA MET H 274 47.91 4.13 11.83
C MET H 274 47.49 3.67 10.44
N GLN H 275 47.57 2.38 10.14
CA GLN H 275 47.37 1.88 8.78
C GLN H 275 46.22 0.89 8.73
N LYS H 276 45.51 0.88 7.60
CA LYS H 276 44.32 0.05 7.44
C LYS H 276 44.62 -1.43 7.60
N TYR H 277 45.36 -2.02 6.67
CA TYR H 277 45.67 -3.43 6.75
C TYR H 277 47.18 -3.63 6.81
N SER H 278 47.60 -4.61 7.63
CA SER H 278 49.01 -4.89 7.78
C SER H 278 49.20 -6.38 7.98
N THR H 279 49.95 -7.00 7.08
CA THR H 279 50.26 -8.43 7.17
C THR H 279 51.65 -8.59 7.77
N LEU H 280 51.80 -9.58 8.64
CA LEU H 280 53.07 -9.86 9.29
C LEU H 280 53.73 -11.04 8.60
N GLN H 281 54.98 -10.84 8.16
CA GLN H 281 55.75 -11.89 7.51
C GLN H 281 56.21 -12.88 8.58
N GLY H 282 55.37 -13.86 8.89
CA GLY H 282 55.67 -14.79 9.95
C GLY H 282 56.07 -16.16 9.45
N PRO H 283 57.30 -16.57 9.77
CA PRO H 283 57.71 -17.96 9.54
C PRO H 283 56.79 -18.92 10.27
N PRO H 284 56.83 -20.21 9.94
CA PRO H 284 55.87 -21.15 10.55
C PRO H 284 55.99 -21.25 12.06
N GLY H 285 54.95 -20.79 12.76
CA GLY H 285 54.88 -20.92 14.20
C GLY H 285 55.70 -19.92 14.98
N THR H 286 55.75 -18.68 14.51
CA THR H 286 56.44 -17.63 15.26
C THR H 286 55.51 -16.99 16.28
N GLY H 287 54.88 -17.81 17.12
CA GLY H 287 53.88 -17.30 18.02
C GLY H 287 52.73 -16.61 17.33
N LYS H 288 52.39 -17.03 16.10
CA LYS H 288 51.36 -16.34 15.34
C LYS H 288 49.99 -16.49 15.99
N SER H 289 49.84 -17.48 16.88
CA SER H 289 48.61 -17.65 17.62
C SER H 289 48.50 -16.72 18.83
N HIS H 290 49.28 -15.64 18.87
CA HIS H 290 49.33 -14.76 20.03
C HIS H 290 49.10 -13.29 19.71
N PHE H 291 49.19 -12.89 18.45
CA PHE H 291 49.17 -11.48 18.07
C PHE H 291 47.85 -10.79 18.36
N ALA H 292 46.75 -11.33 17.83
CA ALA H 292 45.44 -10.73 18.08
C ALA H 292 45.10 -10.78 19.56
N ILE H 293 45.56 -11.80 20.26
CA ILE H 293 45.32 -11.89 21.70
C ILE H 293 46.10 -10.80 22.45
N GLY H 294 47.32 -10.49 22.01
CA GLY H 294 48.03 -9.37 22.60
C GLY H 294 47.37 -8.04 22.32
N LEU H 295 46.91 -7.84 21.08
CA LEU H 295 46.11 -6.66 20.76
C LEU H 295 44.85 -6.58 21.61
N ALA H 296 44.28 -7.73 21.96
CA ALA H 296 43.03 -7.77 22.68
C ALA H 296 43.12 -7.08 24.03
N LEU H 297 44.29 -7.13 24.68
CA LEU H 297 44.48 -6.44 25.94
C LEU H 297 45.25 -5.14 25.79
N TYR H 298 46.11 -5.03 24.78
CA TYR H 298 46.76 -3.75 24.50
C TYR H 298 45.73 -2.70 24.12
N TYR H 299 44.75 -3.07 23.30
CA TYR H 299 43.71 -2.16 22.82
C TYR H 299 42.35 -2.77 23.14
N PRO H 300 41.95 -2.79 24.41
CA PRO H 300 40.68 -3.43 24.81
C PRO H 300 39.49 -2.50 24.62
N SER H 301 39.48 -1.78 23.50
CA SER H 301 38.35 -0.87 23.22
C SER H 301 37.91 -0.94 21.76
N ALA H 302 38.28 -1.98 21.01
CA ALA H 302 37.96 -2.08 19.59
C ALA H 302 37.37 -3.45 19.32
N ARG H 303 36.41 -3.51 18.40
CA ARG H 303 35.81 -4.78 18.03
C ARG H 303 36.77 -5.57 17.14
N ILE H 304 37.57 -6.44 17.74
CA ILE H 304 38.57 -7.21 17.01
C ILE H 304 37.91 -8.44 16.42
N VAL H 305 38.21 -8.71 15.15
CA VAL H 305 37.55 -9.75 14.38
C VAL H 305 38.56 -10.86 14.11
N TYR H 306 38.21 -12.08 14.51
CA TYR H 306 39.03 -13.25 14.28
C TYR H 306 38.46 -14.05 13.11
N THR H 307 39.33 -14.47 12.19
CA THR H 307 38.89 -15.32 11.10
C THR H 307 40.03 -16.06 10.43
N ALA H 308 39.70 -17.21 9.83
CA ALA H 308 40.66 -18.00 9.07
C ALA H 308 39.91 -18.67 7.92
N CYS H 309 40.67 -19.10 6.91
CA CYS H 309 40.06 -19.63 5.69
C CYS H 309 39.39 -20.99 5.90
N SER H 310 39.65 -21.67 7.01
CA SER H 310 39.09 -22.99 7.24
C SER H 310 38.47 -23.05 8.63
N HIS H 311 37.40 -23.85 8.74
CA HIS H 311 36.77 -24.08 10.04
C HIS H 311 37.62 -24.95 10.95
N ALA H 312 38.63 -25.63 10.41
CA ALA H 312 39.54 -26.43 11.21
C ALA H 312 40.83 -25.71 11.54
N ALA H 313 41.25 -24.77 10.72
CA ALA H 313 42.47 -24.01 10.96
C ALA H 313 42.26 -22.80 11.85
N VAL H 314 41.02 -22.56 12.29
CA VAL H 314 40.69 -21.44 13.16
C VAL H 314 40.98 -21.83 14.61
N ASP H 315 41.60 -22.99 14.77
CA ASP H 315 41.95 -23.55 16.08
C ASP H 315 42.80 -22.60 16.89
N ALA H 316 43.86 -22.04 16.28
CA ALA H 316 44.76 -21.16 17.00
C ALA H 316 44.05 -19.91 17.50
N LEU H 317 43.21 -19.32 16.65
CA LEU H 317 42.48 -18.11 17.06
C LEU H 317 41.44 -18.42 18.13
N CYS H 318 40.79 -19.57 18.06
CA CYS H 318 39.72 -19.86 19.01
C CYS H 318 40.19 -20.53 20.29
N GLU H 319 41.47 -20.89 20.40
CA GLU H 319 41.94 -21.55 21.62
C GLU H 319 42.20 -20.60 22.78
N LYS H 320 43.16 -19.68 22.62
CA LYS H 320 43.62 -18.90 23.77
C LYS H 320 42.69 -17.75 24.13
N ALA H 321 41.64 -17.51 23.33
CA ALA H 321 40.72 -16.42 23.62
C ALA H 321 40.06 -16.60 24.98
N LEU H 322 39.78 -17.84 25.37
CA LEU H 322 39.21 -18.13 26.68
C LEU H 322 40.25 -18.60 27.69
N LYS H 323 41.53 -18.60 27.31
CA LYS H 323 42.59 -18.87 28.26
C LYS H 323 43.18 -17.58 28.83
N TYR H 324 43.40 -16.58 27.99
CA TYR H 324 43.95 -15.31 28.44
C TYR H 324 42.89 -14.23 28.60
N LEU H 325 42.14 -13.94 27.54
CA LEU H 325 41.19 -12.84 27.54
C LEU H 325 39.90 -13.23 28.24
N PRO H 326 39.11 -12.24 28.70
CA PRO H 326 37.78 -12.52 29.25
C PRO H 326 36.90 -13.38 28.35
N ILE H 327 35.86 -13.96 28.93
CA ILE H 327 35.03 -14.94 28.24
C ILE H 327 33.77 -14.33 27.63
N ASP H 328 33.22 -13.27 28.22
CA ASP H 328 31.91 -12.76 27.82
C ASP H 328 31.94 -12.08 26.46
N LYS H 329 33.03 -11.40 26.12
CA LYS H 329 33.08 -10.54 24.95
C LYS H 329 33.44 -11.28 23.66
N CYS H 330 33.24 -12.59 23.61
CA CYS H 330 33.57 -13.38 22.42
C CYS H 330 32.33 -14.10 21.90
N SER H 331 32.31 -14.33 20.60
CA SER H 331 31.22 -15.04 19.95
C SER H 331 31.74 -15.71 18.68
N ARG H 332 31.14 -16.85 18.33
CA ARG H 332 31.50 -17.57 17.12
C ARG H 332 30.25 -18.19 16.52
N ILE H 333 30.10 -18.08 15.21
CA ILE H 333 28.93 -18.59 14.49
C ILE H 333 29.27 -19.96 13.93
N ILE H 334 28.40 -20.94 14.21
CA ILE H 334 28.58 -22.30 13.74
C ILE H 334 27.33 -22.70 12.96
N PRO H 335 27.44 -23.08 11.70
CA PRO H 335 26.25 -23.38 10.89
C PRO H 335 25.69 -24.76 11.21
N ALA H 336 24.51 -25.03 10.65
CA ALA H 336 23.86 -26.31 10.83
C ALA H 336 23.55 -26.96 9.49
N VAL H 340 28.87 -27.02 10.20
CA VAL H 340 29.96 -27.95 10.46
C VAL H 340 30.27 -27.99 11.96
N GLU H 341 30.63 -29.17 12.46
CA GLU H 341 30.90 -29.37 13.87
C GLU H 341 32.25 -28.75 14.20
N CYS H 342 32.25 -27.71 15.02
CA CYS H 342 33.47 -26.98 15.35
C CYS H 342 33.40 -26.52 16.81
N PHE H 343 34.29 -25.61 17.17
CA PHE H 343 34.40 -25.15 18.55
C PHE H 343 33.13 -24.41 18.95
N ASP H 344 32.59 -24.75 20.13
CA ASP H 344 31.35 -24.16 20.62
C ASP H 344 31.52 -23.55 22.01
N LYS H 345 32.76 -23.34 22.46
CA LYS H 345 32.96 -22.70 23.76
C LYS H 345 32.53 -21.25 23.77
N PHE H 346 32.41 -20.63 22.59
CA PHE H 346 31.86 -19.28 22.47
C PHE H 346 30.35 -19.37 22.35
N LYS H 347 29.69 -18.26 22.01
CA LYS H 347 28.25 -18.26 21.86
C LYS H 347 27.88 -18.03 20.39
N VAL H 348 26.93 -18.81 19.91
CA VAL H 348 26.53 -18.77 18.50
C VAL H 348 25.35 -17.80 18.36
N ASN H 349 25.17 -17.29 17.13
CA ASN H 349 24.09 -16.36 16.81
C ASN H 349 24.16 -15.10 17.67
N SER H 350 25.39 -14.65 17.93
CA SER H 350 25.65 -13.40 18.66
C SER H 350 26.43 -12.50 17.72
N THR H 351 25.71 -11.74 16.90
CA THR H 351 26.32 -10.90 15.88
C THR H 351 27.15 -9.78 16.49
N LEU H 352 26.53 -8.93 17.30
CA LEU H 352 27.21 -7.79 17.90
C LEU H 352 28.00 -8.25 19.12
N GLU H 353 29.31 -8.44 18.94
CA GLU H 353 30.18 -8.79 20.05
C GLU H 353 31.53 -8.13 19.82
N GLN H 354 32.24 -7.88 20.92
CA GLN H 354 33.57 -7.29 20.84
C GLN H 354 34.54 -8.20 20.09
N TYR H 355 34.47 -9.51 20.33
CA TYR H 355 35.35 -10.47 19.69
C TYR H 355 34.48 -11.43 18.89
N VAL H 356 34.79 -11.58 17.60
CA VAL H 356 34.02 -12.44 16.71
C VAL H 356 34.98 -13.40 16.01
N PHE H 357 34.68 -14.69 16.08
CA PHE H 357 35.48 -15.74 15.49
C PHE H 357 34.62 -16.49 14.48
N CYS H 358 35.15 -16.68 13.26
CA CYS H 358 34.37 -17.38 12.24
C CYS H 358 35.25 -17.69 11.05
N THR H 359 34.70 -18.52 10.16
CA THR H 359 35.29 -18.80 8.86
C THR H 359 34.47 -18.08 7.80
N VAL H 360 35.06 -17.93 6.61
CA VAL H 360 34.43 -17.16 5.53
C VAL H 360 33.06 -17.72 5.17
N ASN H 361 32.81 -18.99 5.48
CA ASN H 361 31.60 -19.65 5.00
C ASN H 361 30.34 -19.18 5.73
N ALA H 362 30.43 -18.94 7.03
CA ALA H 362 29.20 -18.75 7.81
C ALA H 362 29.26 -17.56 8.76
N LEU H 363 29.71 -16.41 8.27
CA LEU H 363 29.71 -15.20 9.08
C LEU H 363 28.75 -14.18 8.50
N PRO H 364 27.93 -13.53 9.32
CA PRO H 364 27.02 -12.49 8.80
C PRO H 364 27.73 -11.16 8.61
N GLU H 365 27.04 -10.26 7.92
CA GLU H 365 27.56 -8.92 7.70
C GLU H 365 27.44 -8.09 8.97
N THR H 366 28.54 -7.47 9.39
CA THR H 366 28.54 -6.64 10.60
C THR H 366 29.54 -5.51 10.41
N THR H 367 29.80 -4.73 11.46
CA THR H 367 30.79 -3.66 11.40
C THR H 367 31.68 -3.74 12.64
N ALA H 368 32.94 -3.35 12.45
CA ALA H 368 33.92 -3.45 13.52
C ALA H 368 34.97 -2.35 13.39
N ASP H 369 36.10 -2.51 14.09
CA ASP H 369 37.20 -1.57 13.94
C ASP H 369 38.43 -2.34 13.47
N ILE H 370 38.74 -3.45 14.14
CA ILE H 370 39.96 -4.22 13.87
C ILE H 370 39.59 -5.62 13.43
N VAL H 371 40.30 -6.12 12.42
CA VAL H 371 40.13 -7.47 11.88
C VAL H 371 41.47 -8.17 11.84
N VAL H 372 41.48 -9.44 12.24
CA VAL H 372 42.67 -10.28 12.15
C VAL H 372 42.31 -11.50 11.30
N PHE H 373 43.23 -11.91 10.43
CA PHE H 373 43.00 -12.98 9.47
C PHE H 373 44.22 -13.91 9.49
N ASP H 374 43.97 -15.22 9.43
CA ASP H 374 45.04 -16.20 9.42
C ASP H 374 44.96 -17.08 8.18
N GLU H 375 46.08 -17.76 7.92
CA GLU H 375 46.20 -18.71 6.82
C GLU H 375 45.87 -18.07 5.48
N ILE H 376 46.70 -17.10 5.07
CA ILE H 376 46.52 -16.39 3.81
C ILE H 376 47.20 -17.06 2.63
N SER H 377 48.10 -18.01 2.87
CA SER H 377 48.78 -18.67 1.76
C SER H 377 47.80 -19.46 0.90
N MET H 378 46.86 -20.16 1.52
CA MET H 378 45.86 -20.95 0.82
C MET H 378 44.66 -20.09 0.40
N ALA H 379 44.70 -18.79 0.69
CA ALA H 379 43.60 -17.89 0.37
C ALA H 379 43.79 -17.31 -1.03
N THR H 380 42.66 -16.91 -1.61
CA THR H 380 42.64 -16.22 -2.89
C THR H 380 41.87 -14.92 -2.73
N ASN H 381 41.82 -14.14 -3.81
CA ASN H 381 41.14 -12.85 -3.77
C ASN H 381 39.65 -13.01 -3.50
N TYR H 382 39.06 -14.12 -3.92
CA TYR H 382 37.64 -14.37 -3.65
C TYR H 382 37.39 -14.45 -2.14
N ASP H 383 38.24 -15.18 -1.43
CA ASP H 383 38.04 -15.39 0.00
C ASP H 383 38.11 -14.07 0.76
N LEU H 384 39.15 -13.28 0.49
CA LEU H 384 39.29 -11.99 1.16
C LEU H 384 38.18 -11.03 0.75
N SER H 385 37.73 -11.13 -0.51
CA SER H 385 36.63 -10.30 -0.98
C SER H 385 35.36 -10.59 -0.21
N VAL H 386 35.08 -11.87 0.07
CA VAL H 386 33.89 -12.21 0.84
C VAL H 386 33.94 -11.55 2.22
N VAL H 387 35.10 -11.63 2.87
CA VAL H 387 35.23 -11.09 4.23
C VAL H 387 35.05 -9.57 4.22
N ASN H 388 35.76 -8.88 3.31
CA ASN H 388 35.62 -7.43 3.29
C ASN H 388 34.28 -6.96 2.76
N ALA H 389 33.53 -7.82 2.06
CA ALA H 389 32.15 -7.51 1.74
C ALA H 389 31.21 -7.78 2.90
N ARG H 390 31.62 -8.66 3.83
CA ARG H 390 30.80 -8.93 5.01
C ARG H 390 30.93 -7.81 6.03
N LEU H 391 32.16 -7.51 6.46
CA LEU H 391 32.40 -6.62 7.58
C LEU H 391 33.17 -5.39 7.13
N ARG H 392 32.80 -4.23 7.67
CA ARG H 392 33.50 -2.97 7.45
C ARG H 392 34.10 -2.52 8.76
N ALA H 393 35.35 -2.07 8.72
CA ALA H 393 36.09 -1.72 9.94
C ALA H 393 36.97 -0.51 9.67
N LYS H 394 37.82 -0.18 10.65
CA LYS H 394 38.78 0.90 10.53
C LYS H 394 40.22 0.43 10.37
N HIS H 395 40.56 -0.76 10.83
CA HIS H 395 41.89 -1.32 10.62
C HIS H 395 41.77 -2.83 10.46
N TYR H 396 42.80 -3.42 9.85
CA TYR H 396 42.81 -4.85 9.57
C TYR H 396 44.22 -5.38 9.79
N VAL H 397 44.29 -6.65 10.17
CA VAL H 397 45.56 -7.35 10.35
C VAL H 397 45.45 -8.72 9.69
N TYR H 398 46.48 -9.10 8.94
CA TYR H 398 46.53 -10.41 8.30
C TYR H 398 47.75 -11.17 8.82
N ILE H 399 47.55 -12.45 9.10
CA ILE H 399 48.59 -13.32 9.64
C ILE H 399 48.82 -14.45 8.66
N GLY H 400 50.07 -14.65 8.29
CA GLY H 400 50.43 -15.73 7.39
C GLY H 400 51.66 -15.36 6.59
N ASP H 401 51.79 -15.97 5.42
CA ASP H 401 52.95 -15.79 4.55
C ASP H 401 52.67 -16.43 3.20
N PRO H 402 53.19 -15.87 2.10
CA PRO H 402 53.02 -16.52 0.80
C PRO H 402 53.67 -17.88 0.71
N ALA H 403 54.73 -18.10 1.49
CA ALA H 403 55.54 -19.30 1.34
C ALA H 403 54.98 -20.49 2.10
N GLN H 404 53.74 -20.86 1.83
CA GLN H 404 53.15 -22.12 2.30
C GLN H 404 52.38 -22.77 1.16
N LEU H 405 51.76 -23.90 1.46
CA LEU H 405 51.04 -24.65 0.43
C LEU H 405 49.76 -23.92 0.06
N PRO H 406 49.54 -23.63 -1.23
CA PRO H 406 48.37 -22.82 -1.63
C PRO H 406 47.06 -23.58 -1.62
N ALA H 407 46.01 -22.91 -2.13
CA ALA H 407 44.68 -23.48 -2.23
C ALA H 407 44.69 -24.70 -3.14
N PRO H 408 43.61 -25.50 -3.11
CA PRO H 408 43.53 -26.64 -4.04
C PRO H 408 43.41 -26.19 -5.49
N ARG H 409 44.52 -25.75 -6.07
CA ARG H 409 44.55 -25.35 -7.47
C ARG H 409 44.51 -26.57 -8.37
N THR H 410 43.38 -27.29 -8.36
CA THR H 410 43.28 -28.53 -9.13
C THR H 410 43.41 -28.27 -10.63
N LEU H 411 43.10 -27.06 -11.08
CA LEU H 411 43.18 -26.73 -12.49
C LEU H 411 44.61 -26.59 -12.99
N LEU H 412 45.59 -26.57 -12.09
CA LEU H 412 46.98 -26.53 -12.51
C LEU H 412 47.40 -27.90 -13.03
N THR H 413 47.67 -27.98 -14.34
CA THR H 413 48.07 -29.23 -14.95
C THR H 413 49.47 -29.13 -15.53
N LYS H 414 49.77 -27.98 -16.14
CA LYS H 414 51.11 -27.71 -16.67
C LYS H 414 51.94 -27.11 -15.53
N GLY H 415 53.10 -26.55 -15.83
CA GLY H 415 54.04 -26.04 -14.84
C GLY H 415 53.42 -25.34 -13.65
N THR H 416 53.97 -25.59 -12.47
CA THR H 416 53.33 -25.18 -11.22
C THR H 416 53.33 -23.66 -11.07
N LEU H 417 52.41 -23.18 -10.24
CA LEU H 417 52.30 -21.75 -9.98
C LEU H 417 53.45 -21.28 -9.10
N GLU H 418 53.75 -19.98 -9.20
CA GLU H 418 54.82 -19.31 -8.47
C GLU H 418 54.29 -18.71 -7.17
N PRO H 419 55.15 -18.61 -6.13
CA PRO H 419 54.66 -18.24 -4.79
C PRO H 419 53.96 -16.90 -4.71
N GLU H 420 54.63 -15.83 -5.15
CA GLU H 420 54.09 -14.48 -4.97
C GLU H 420 52.85 -14.25 -5.84
N TYR H 421 52.60 -15.18 -6.77
CA TYR H 421 51.50 -15.06 -7.71
C TYR H 421 50.17 -15.54 -7.12
N PHE H 422 50.13 -15.77 -5.80
CA PHE H 422 48.98 -16.44 -5.20
C PHE H 422 47.75 -15.55 -5.21
N ASN H 423 47.81 -14.43 -4.49
CA ASN H 423 46.66 -13.54 -4.38
C ASN H 423 47.10 -12.12 -4.08
N SER H 424 46.16 -11.26 -3.66
CA SER H 424 46.46 -9.85 -3.45
C SER H 424 47.53 -9.64 -2.39
N VAL H 425 47.46 -10.37 -1.28
CA VAL H 425 48.33 -10.07 -0.14
C VAL H 425 49.73 -10.63 -0.35
N CYS H 426 49.84 -11.82 -0.95
CA CYS H 426 51.14 -12.44 -1.15
C CYS H 426 52.04 -11.58 -2.05
N ARG H 427 51.47 -11.00 -3.10
CA ARG H 427 52.28 -10.18 -4.00
C ARG H 427 52.56 -8.79 -3.43
N LEU H 428 51.73 -8.28 -2.52
CA LEU H 428 52.07 -7.04 -1.84
C LEU H 428 53.05 -7.25 -0.69
N MET H 429 53.22 -8.49 -0.25
CA MET H 429 54.25 -8.82 0.72
C MET H 429 55.65 -8.83 0.12
N LYS H 430 55.75 -8.86 -1.21
CA LYS H 430 57.04 -8.90 -1.89
C LYS H 430 57.33 -7.69 -2.76
N THR H 431 56.29 -7.06 -3.34
CA THR H 431 56.48 -5.90 -4.19
C THR H 431 56.06 -4.58 -3.56
N ILE H 432 55.03 -4.56 -2.72
CA ILE H 432 54.69 -3.37 -1.95
C ILE H 432 55.53 -3.28 -0.68
N GLY H 433 56.11 -4.39 -0.23
CA GLY H 433 56.96 -4.40 0.94
C GLY H 433 56.32 -5.14 2.10
N PRO H 434 57.14 -5.85 2.87
CA PRO H 434 56.61 -6.54 4.05
C PRO H 434 56.19 -5.55 5.13
N ASP H 435 54.88 -5.47 5.39
CA ASP H 435 54.40 -4.57 6.44
C ASP H 435 55.02 -4.90 7.78
N MET H 436 55.22 -6.20 8.07
CA MET H 436 55.95 -6.64 9.24
C MET H 436 56.91 -7.76 8.83
N PHE H 437 57.70 -8.19 9.81
CA PHE H 437 58.62 -9.31 9.63
C PHE H 437 59.06 -9.79 11.01
N LEU H 438 59.42 -11.07 11.10
CA LEU H 438 59.67 -11.68 12.39
C LEU H 438 60.89 -12.57 12.36
N GLY H 439 61.54 -12.70 13.52
CA GLY H 439 62.53 -13.73 13.77
C GLY H 439 62.20 -14.40 15.08
N THR H 440 61.20 -13.87 15.77
CA THR H 440 60.79 -14.34 17.10
C THR H 440 59.98 -15.63 16.94
N CYS H 441 60.69 -16.73 16.77
CA CYS H 441 60.09 -18.06 16.65
C CYS H 441 60.61 -18.92 17.80
N ARG H 442 59.94 -18.87 18.95
CA ARG H 442 60.32 -19.71 20.06
C ARG H 442 59.70 -21.10 19.90
N ARG H 443 59.92 -21.71 18.75
CA ARG H 443 59.28 -22.97 18.40
C ARG H 443 60.25 -24.00 17.82
N CYS H 444 61.21 -23.54 17.01
CA CYS H 444 62.09 -24.46 16.30
C CYS H 444 63.55 -24.04 16.45
N PRO H 445 64.46 -25.02 16.48
CA PRO H 445 65.87 -24.72 16.75
C PRO H 445 66.61 -24.08 15.57
N ALA H 446 67.93 -23.96 15.72
CA ALA H 446 68.78 -23.24 14.78
C ALA H 446 68.85 -23.88 13.40
N GLU H 447 68.41 -25.12 13.25
CA GLU H 447 68.53 -25.81 11.97
C GLU H 447 67.66 -25.15 10.91
N ILE H 448 66.35 -25.22 11.08
CA ILE H 448 65.43 -24.70 10.08
C ILE H 448 65.37 -23.19 10.08
N VAL H 449 65.73 -22.53 11.19
CA VAL H 449 65.70 -21.08 11.21
C VAL H 449 66.69 -20.52 10.18
N ASP H 450 67.93 -21.02 10.21
CA ASP H 450 68.92 -20.61 9.22
C ASP H 450 68.61 -21.21 7.86
N THR H 451 68.13 -22.46 7.81
CA THR H 451 67.69 -23.06 6.56
C THR H 451 66.76 -22.12 5.80
N VAL H 452 65.63 -21.78 6.40
CA VAL H 452 64.63 -20.96 5.73
C VAL H 452 65.14 -19.55 5.49
N SER H 453 65.92 -18.99 6.43
CA SER H 453 66.48 -17.67 6.25
C SER H 453 67.26 -17.60 4.96
N ALA H 454 68.19 -18.53 4.76
CA ALA H 454 68.93 -18.57 3.50
C ALA H 454 68.05 -18.98 2.33
N LEU H 455 67.01 -19.78 2.58
CA LEU H 455 66.29 -20.45 1.50
C LEU H 455 65.22 -19.57 0.86
N VAL H 456 64.15 -19.24 1.59
CA VAL H 456 63.08 -18.46 0.99
C VAL H 456 62.69 -17.27 1.87
N TYR H 457 62.87 -17.39 3.19
CA TYR H 457 62.38 -16.36 4.10
C TYR H 457 63.39 -15.26 4.33
N ASP H 458 63.90 -14.73 3.21
CA ASP H 458 64.70 -13.51 3.09
C ASP H 458 65.59 -13.21 4.29
N ASN H 459 66.28 -14.24 4.79
CA ASN H 459 67.32 -14.09 5.80
C ASN H 459 66.94 -13.17 6.95
N LYS H 460 65.70 -13.26 7.43
CA LYS H 460 65.21 -12.40 8.49
C LYS H 460 65.18 -13.06 9.87
N LEU H 461 65.70 -14.28 9.99
CA LEU H 461 65.60 -15.04 11.23
C LEU H 461 66.97 -15.24 11.83
N LYS H 462 67.03 -15.23 13.16
CA LYS H 462 68.27 -15.41 13.92
C LYS H 462 68.31 -16.79 14.56
N ALA H 463 69.53 -17.19 14.96
CA ALA H 463 69.73 -18.48 15.61
C ALA H 463 68.90 -18.57 16.87
N HIS H 464 67.89 -19.45 16.87
CA HIS H 464 66.86 -19.43 17.91
C HIS H 464 67.35 -20.08 19.20
N LYS H 465 67.65 -21.37 19.17
CA LYS H 465 67.96 -22.11 20.38
C LYS H 465 68.84 -23.31 20.06
N ASP H 466 68.94 -24.22 21.04
CA ASP H 466 69.83 -25.37 20.98
C ASP H 466 69.53 -26.25 19.78
N LYS H 467 70.53 -26.45 18.93
CA LYS H 467 70.44 -27.49 17.90
C LYS H 467 70.79 -28.83 18.54
N SER H 468 69.76 -29.54 18.99
CA SER H 468 69.98 -30.79 19.73
C SER H 468 70.48 -31.91 18.83
N ALA H 469 70.51 -31.68 17.51
CA ALA H 469 70.98 -32.67 16.54
C ALA H 469 70.16 -33.95 16.62
N GLN H 470 68.86 -33.84 16.35
CA GLN H 470 67.99 -35.01 16.26
C GLN H 470 67.38 -35.20 14.89
N CYS H 471 67.70 -34.34 13.91
CA CYS H 471 67.18 -34.48 12.55
C CYS H 471 68.26 -35.08 11.66
N PHE H 472 67.86 -36.08 10.87
CA PHE H 472 68.79 -36.82 10.01
C PHE H 472 68.31 -36.78 8.57
N LYS H 473 69.27 -36.79 7.65
CA LYS H 473 69.02 -36.74 6.22
C LYS H 473 69.82 -37.85 5.55
N MET H 474 69.24 -38.47 4.54
N MET H 474 69.25 -38.48 4.54
CA MET H 474 69.82 -39.66 3.90
CA MET H 474 69.85 -39.65 3.91
C MET H 474 70.14 -39.37 2.44
C MET H 474 70.18 -39.35 2.46
N PHE H 475 70.72 -40.38 1.78
CA PHE H 475 71.07 -40.33 0.36
C PHE H 475 70.44 -41.56 -0.29
N TYR H 476 69.19 -41.43 -0.72
CA TYR H 476 68.37 -42.55 -1.18
C TYR H 476 67.89 -42.27 -2.60
N LYS H 477 67.38 -43.32 -3.26
CA LYS H 477 66.95 -43.20 -4.64
C LYS H 477 65.44 -43.36 -4.72
N GLY H 478 64.89 -44.50 -4.29
CA GLY H 478 63.46 -44.74 -4.39
C GLY H 478 62.95 -44.84 -5.82
N VAL H 479 61.73 -45.37 -5.97
CA VAL H 479 61.07 -45.45 -7.27
C VAL H 479 59.61 -45.07 -7.08
N ILE H 480 58.96 -44.63 -8.16
CA ILE H 480 57.61 -44.10 -8.12
C ILE H 480 56.70 -44.98 -8.97
N THR H 481 55.48 -45.21 -8.48
CA THR H 481 54.44 -45.93 -9.21
C THR H 481 53.11 -45.22 -9.00
N HIS H 482 52.18 -45.42 -9.93
CA HIS H 482 50.90 -44.74 -9.95
C HIS H 482 49.76 -45.74 -10.11
N ASP H 483 48.63 -45.48 -9.45
CA ASP H 483 47.49 -46.39 -9.59
C ASP H 483 46.29 -45.74 -10.28
N VAL H 484 45.72 -44.69 -9.68
CA VAL H 484 44.68 -43.89 -10.32
C VAL H 484 45.00 -42.40 -10.23
N SER H 485 45.10 -41.88 -9.01
CA SER H 485 45.41 -40.47 -8.78
C SER H 485 46.37 -40.36 -7.60
N SER H 486 46.90 -41.49 -7.15
CA SER H 486 47.78 -41.57 -6.01
C SER H 486 49.07 -42.27 -6.41
N ALA H 487 49.99 -42.38 -5.46
CA ALA H 487 51.32 -42.92 -5.71
C ALA H 487 51.62 -44.04 -4.73
N ILE H 488 52.31 -45.07 -5.20
CA ILE H 488 52.72 -46.22 -4.40
C ILE H 488 54.24 -46.28 -4.43
N ASN H 489 54.86 -46.38 -3.26
CA ASN H 489 56.32 -46.41 -3.14
C ASN H 489 56.69 -47.50 -2.14
N ARG H 490 56.94 -48.70 -2.64
CA ARG H 490 57.27 -49.86 -1.80
C ARG H 490 58.73 -49.85 -1.33
N PRO H 491 59.72 -49.54 -2.21
CA PRO H 491 61.11 -49.41 -1.73
C PRO H 491 61.26 -48.32 -0.69
N GLN H 492 60.21 -47.52 -0.49
CA GLN H 492 60.16 -46.65 0.68
C GLN H 492 59.27 -47.21 1.78
N ILE H 493 58.27 -48.02 1.46
CA ILE H 493 57.34 -48.48 2.48
C ILE H 493 57.92 -49.61 3.34
N GLY H 494 58.87 -50.38 2.82
CA GLY H 494 59.54 -51.38 3.65
C GLY H 494 60.75 -50.79 4.34
N VAL H 495 61.44 -49.92 3.60
CA VAL H 495 62.51 -49.13 4.17
C VAL H 495 61.99 -48.20 5.26
N VAL H 496 60.67 -48.01 5.37
CA VAL H 496 60.10 -47.36 6.55
C VAL H 496 60.64 -48.02 7.81
N ARG H 497 60.38 -49.31 7.98
CA ARG H 497 60.86 -50.00 9.18
C ARG H 497 62.36 -50.22 9.11
N GLU H 498 62.88 -50.66 7.95
CA GLU H 498 64.32 -50.87 7.82
C GLU H 498 65.09 -49.57 8.08
N PHE H 499 64.38 -48.46 8.13
CA PHE H 499 64.95 -47.14 8.40
C PHE H 499 64.71 -46.73 9.85
N LEU H 500 63.57 -47.12 10.42
CA LEU H 500 63.29 -46.90 11.83
C LEU H 500 64.18 -47.77 12.70
N THR H 501 64.96 -48.65 12.05
CA THR H 501 65.83 -49.61 12.73
C THR H 501 66.61 -49.12 13.96
N ARG H 502 67.42 -48.07 13.86
CA ARG H 502 68.57 -47.94 14.75
C ARG H 502 68.34 -47.12 16.03
N ASN H 503 67.08 -46.97 16.49
CA ASN H 503 66.79 -46.79 17.94
C ASN H 503 65.27 -46.84 18.10
N PRO H 504 64.78 -47.35 19.23
CA PRO H 504 63.35 -47.70 19.32
C PRO H 504 62.39 -46.52 19.40
N ALA H 505 62.88 -45.28 19.42
CA ALA H 505 62.03 -44.16 19.84
C ALA H 505 61.52 -43.28 18.70
N TRP H 506 61.56 -43.75 17.45
CA TRP H 506 61.09 -42.93 16.34
C TRP H 506 59.58 -43.00 16.16
N ARG H 507 59.01 -44.17 16.49
CA ARG H 507 57.66 -44.53 16.09
C ARG H 507 56.58 -43.76 16.84
N LYS H 508 56.91 -43.09 17.94
CA LYS H 508 55.95 -42.21 18.59
C LYS H 508 55.87 -40.89 17.84
N ALA H 509 55.51 -40.96 16.56
CA ALA H 509 55.53 -39.80 15.67
C ALA H 509 54.34 -39.89 14.73
N VAL H 510 54.36 -39.07 13.68
CA VAL H 510 53.27 -38.98 12.74
C VAL H 510 53.85 -39.14 11.33
N PHE H 511 53.04 -39.72 10.43
CA PHE H 511 53.52 -40.21 9.14
C PHE H 511 53.17 -39.21 8.05
N ILE H 512 54.19 -38.64 7.39
CA ILE H 512 54.00 -37.66 6.33
C ILE H 512 54.16 -38.34 4.96
N SER H 513 53.22 -38.04 4.05
CA SER H 513 53.30 -38.46 2.66
C SER H 513 52.39 -37.58 1.82
N PRO H 514 52.78 -37.27 0.57
CA PRO H 514 51.88 -36.46 -0.28
C PRO H 514 50.59 -37.18 -0.62
N TYR H 515 50.69 -38.43 -1.07
CA TYR H 515 49.53 -39.26 -1.36
C TYR H 515 49.38 -40.23 -0.19
N ASN H 516 48.23 -40.18 0.48
CA ASN H 516 48.04 -40.91 1.72
C ASN H 516 47.72 -42.38 1.49
N SER H 517 47.69 -42.82 0.23
CA SER H 517 47.56 -44.25 -0.03
C SER H 517 48.79 -45.00 0.46
N GLN H 518 49.97 -44.42 0.29
CA GLN H 518 51.18 -45.02 0.85
C GLN H 518 51.10 -45.11 2.37
N ASN H 519 50.57 -44.07 3.02
CA ASN H 519 50.38 -44.10 4.45
C ASN H 519 49.39 -45.19 4.85
N ALA H 520 48.31 -45.36 4.08
CA ALA H 520 47.33 -46.40 4.38
C ALA H 520 47.95 -47.78 4.26
N VAL H 521 48.76 -48.01 3.21
CA VAL H 521 49.40 -49.31 3.06
C VAL H 521 50.44 -49.54 4.15
N ALA H 522 51.16 -48.49 4.56
CA ALA H 522 52.13 -48.63 5.65
C ALA H 522 51.47 -48.79 7.01
N SER H 523 50.22 -48.37 7.16
CA SER H 523 49.51 -48.57 8.40
C SER H 523 49.25 -50.06 8.65
N LYS H 524 49.07 -50.84 7.59
CA LYS H 524 48.96 -52.29 7.74
C LYS H 524 50.23 -52.91 8.29
N ILE H 525 51.36 -52.21 8.24
CA ILE H 525 52.62 -52.68 8.80
C ILE H 525 52.75 -52.13 10.21
N LEU H 526 52.67 -50.80 10.35
CA LEU H 526 52.86 -50.14 11.63
C LEU H 526 51.54 -49.88 12.35
N GLY H 527 50.61 -49.18 11.71
CA GLY H 527 49.44 -48.66 12.38
C GLY H 527 49.59 -47.26 12.93
N LEU H 528 50.68 -46.58 12.58
CA LEU H 528 50.92 -45.23 13.06
C LEU H 528 49.91 -44.26 12.45
N PRO H 529 49.65 -43.13 13.11
CA PRO H 529 48.66 -42.18 12.57
C PRO H 529 49.04 -41.67 11.20
N THR H 530 48.02 -41.44 10.38
CA THR H 530 48.18 -40.97 9.00
C THR H 530 47.99 -39.47 8.93
N GLN H 531 48.93 -38.78 8.27
CA GLN H 531 48.89 -37.33 8.13
C GLN H 531 48.88 -36.96 6.65
N THR H 532 48.00 -36.03 6.30
CA THR H 532 48.06 -35.36 5.00
C THR H 532 48.88 -34.08 5.13
N VAL H 533 49.51 -33.69 4.02
CA VAL H 533 50.37 -32.51 4.04
C VAL H 533 49.66 -31.24 3.57
N ASP H 534 48.55 -31.37 2.85
CA ASP H 534 47.82 -30.21 2.37
C ASP H 534 47.27 -29.39 3.52
N SER H 535 46.41 -29.99 4.34
CA SER H 535 45.79 -29.30 5.47
C SER H 535 46.26 -29.93 6.78
N SER H 536 47.43 -29.48 7.23
CA SER H 536 48.00 -29.95 8.49
C SER H 536 48.63 -28.84 9.31
N GLN H 537 48.43 -27.58 8.96
CA GLN H 537 49.12 -26.49 9.63
C GLN H 537 48.56 -26.28 11.04
N GLY H 538 49.46 -26.24 12.02
CA GLY H 538 49.12 -25.99 13.40
C GLY H 538 48.85 -27.23 14.22
N SER H 539 48.64 -28.38 13.57
CA SER H 539 48.34 -29.63 14.25
C SER H 539 49.46 -30.62 13.96
N GLU H 540 50.37 -30.76 14.92
CA GLU H 540 51.54 -31.63 14.74
C GLU H 540 52.10 -31.99 16.10
N TYR H 541 52.96 -33.01 16.11
CA TYR H 541 53.54 -33.54 17.33
C TYR H 541 55.04 -33.21 17.34
N ASP H 542 55.62 -33.31 18.55
CA ASP H 542 57.01 -32.90 18.75
C ASP H 542 57.96 -33.56 17.76
N TYR H 543 57.79 -34.85 17.51
CA TYR H 543 58.61 -35.59 16.55
C TYR H 543 57.70 -36.20 15.49
N VAL H 544 58.14 -36.14 14.24
CA VAL H 544 57.32 -36.54 13.09
C VAL H 544 58.19 -37.37 12.16
N ILE H 545 57.53 -38.09 11.24
CA ILE H 545 58.19 -38.88 10.21
C ILE H 545 57.76 -38.35 8.85
N PHE H 546 58.73 -38.05 7.98
CA PHE H 546 58.48 -37.45 6.67
C PHE H 546 59.03 -38.37 5.59
N THR H 547 58.16 -39.13 4.95
CA THR H 547 58.52 -40.02 3.85
C THR H 547 58.07 -39.39 2.55
N GLN H 548 59.01 -39.23 1.60
CA GLN H 548 58.71 -38.44 0.41
C GLN H 548 57.74 -39.15 -0.53
N THR H 549 57.98 -40.44 -0.81
CA THR H 549 57.06 -41.32 -1.54
C THR H 549 56.95 -40.92 -3.01
N THR H 550 57.50 -39.77 -3.39
CA THR H 550 57.30 -39.20 -4.72
C THR H 550 58.49 -38.32 -5.10
N GLU H 551 58.56 -38.01 -6.39
CA GLU H 551 59.48 -37.01 -6.93
C GLU H 551 58.77 -35.93 -7.74
N THR H 552 57.44 -35.96 -7.78
CA THR H 552 56.69 -34.99 -8.58
C THR H 552 56.67 -33.62 -7.91
N ALA H 553 56.46 -32.59 -8.72
CA ALA H 553 56.36 -31.23 -8.20
C ALA H 553 55.17 -31.04 -7.27
N HIS H 554 54.21 -31.98 -7.29
CA HIS H 554 53.15 -31.98 -6.29
C HIS H 554 53.72 -32.03 -4.88
N SER H 555 54.89 -32.65 -4.72
CA SER H 555 55.67 -32.58 -3.50
C SER H 555 57.00 -31.87 -3.70
N CYS H 556 57.54 -31.91 -4.91
CA CYS H 556 58.84 -31.30 -5.21
C CYS H 556 58.67 -29.91 -5.80
N ASN H 557 57.98 -29.06 -5.05
CA ASN H 557 58.00 -27.62 -5.32
C ASN H 557 59.08 -26.99 -4.47
N VAL H 558 59.06 -25.66 -4.34
CA VAL H 558 60.03 -24.98 -3.50
C VAL H 558 59.57 -24.97 -2.04
N ASN H 559 58.25 -25.13 -1.82
CA ASN H 559 57.70 -24.78 -0.51
C ASN H 559 56.73 -25.80 0.09
N ARG H 560 56.55 -26.98 -0.50
CA ARG H 560 55.67 -27.96 0.14
C ARG H 560 56.33 -28.58 1.36
N PHE H 561 57.62 -28.90 1.26
CA PHE H 561 58.36 -29.45 2.40
C PHE H 561 58.98 -28.37 3.27
N ASN H 562 58.89 -27.10 2.85
CA ASN H 562 59.47 -25.99 3.61
C ASN H 562 58.89 -25.93 5.01
N VAL H 563 57.56 -25.96 5.12
CA VAL H 563 56.92 -26.00 6.43
C VAL H 563 56.86 -27.42 6.96
N ALA H 564 57.06 -28.43 6.10
CA ALA H 564 57.05 -29.81 6.56
C ALA H 564 58.28 -30.15 7.39
N ILE H 565 59.41 -29.50 7.13
CA ILE H 565 60.60 -29.75 7.95
C ILE H 565 60.41 -29.26 9.38
N THR H 566 59.74 -28.13 9.57
CA THR H 566 59.54 -27.55 10.90
C THR H 566 58.33 -28.15 11.62
N ARG H 567 57.76 -29.23 11.09
CA ARG H 567 56.64 -29.89 11.77
C ARG H 567 57.09 -30.43 13.13
N ALA H 568 58.17 -31.19 13.13
CA ALA H 568 58.70 -31.72 14.38
C ALA H 568 59.47 -30.64 15.16
N LYS H 569 59.65 -30.89 16.45
CA LYS H 569 60.34 -29.92 17.28
C LYS H 569 61.83 -29.89 16.98
N VAL H 570 62.53 -30.99 17.24
CA VAL H 570 63.99 -31.00 17.07
C VAL H 570 64.43 -32.24 16.29
N GLY H 571 63.52 -33.18 16.07
CA GLY H 571 63.89 -34.40 15.39
C GLY H 571 62.84 -34.94 14.44
N ILE H 572 63.22 -35.06 13.16
CA ILE H 572 62.32 -35.57 12.14
C ILE H 572 63.15 -36.32 11.11
N LEU H 573 62.51 -37.06 10.23
CA LEU H 573 63.14 -37.66 9.06
C LEU H 573 63.20 -36.60 7.96
N CYS H 574 64.38 -36.43 7.36
CA CYS H 574 64.57 -35.40 6.37
C CYS H 574 65.11 -36.00 5.07
N ILE H 575 64.51 -37.10 4.62
CA ILE H 575 65.01 -37.77 3.43
C ILE H 575 64.63 -36.95 2.21
N MET H 576 65.60 -36.23 1.67
CA MET H 576 65.46 -35.53 0.41
C MET H 576 65.99 -36.42 -0.70
N SER H 577 65.40 -37.62 -0.82
CA SER H 577 65.70 -38.52 -1.91
C SER H 577 65.34 -37.93 -3.26
N ASP H 578 64.43 -36.96 -3.30
CA ASP H 578 64.16 -36.20 -4.50
C ASP H 578 65.31 -35.25 -4.79
N ARG H 579 65.56 -35.01 -6.07
CA ARG H 579 66.62 -34.11 -6.52
C ARG H 579 65.99 -32.74 -6.80
N ASP H 580 65.48 -32.11 -5.76
CA ASP H 580 64.94 -30.76 -5.88
C ASP H 580 65.76 -29.77 -5.06
N LEU H 581 65.89 -30.03 -3.77
CA LEU H 581 66.62 -29.16 -2.85
C LEU H 581 67.43 -29.94 -1.82
N TYR H 582 67.81 -31.18 -2.16
CA TYR H 582 68.65 -31.97 -1.27
C TYR H 582 70.02 -31.34 -1.09
N ASP H 583 70.63 -30.91 -2.18
CA ASP H 583 72.08 -30.66 -2.22
C ASP H 583 72.40 -29.22 -1.87
N LYS H 584 71.83 -28.76 -0.75
CA LYS H 584 72.30 -27.52 -0.14
C LYS H 584 72.54 -27.70 1.35
N LEU H 585 71.69 -28.46 2.02
CA LEU H 585 71.74 -28.54 3.47
C LEU H 585 72.80 -29.53 3.91
N GLN H 586 73.21 -29.41 5.18
CA GLN H 586 74.28 -30.23 5.74
C GLN H 586 73.78 -30.86 7.04
N PHE H 587 73.30 -32.09 6.94
CA PHE H 587 72.87 -32.86 8.10
C PHE H 587 73.74 -34.11 8.24
N THR H 588 73.39 -34.99 9.18
CA THR H 588 74.11 -36.25 9.36
C THR H 588 73.42 -37.35 8.56
N SER H 589 74.22 -38.31 8.10
CA SER H 589 73.73 -39.33 7.18
C SER H 589 74.41 -40.66 7.46
N LEU H 590 73.69 -41.75 7.18
CA LEU H 590 74.22 -43.10 7.22
C LEU H 590 73.87 -43.83 5.92
N GLU H 591 74.59 -44.90 5.64
CA GLU H 591 74.28 -45.71 4.48
C GLU H 591 72.98 -46.49 4.71
N ILE H 592 72.26 -46.74 3.62
CA ILE H 592 71.02 -47.52 3.68
C ILE H 592 71.39 -48.96 3.98
N PRO H 593 70.87 -49.56 5.06
CA PRO H 593 71.18 -50.94 5.43
C PRO H 593 70.14 -51.93 4.93
N ASN I 1 -59.19 -33.40 -3.73
CA ASN I 1 -59.25 -34.77 -4.20
C ASN I 1 -58.00 -35.09 -5.02
N ASN I 2 -56.86 -35.15 -4.23
CA ASN I 2 -55.58 -35.57 -4.81
C ASN I 2 -55.63 -37.06 -5.12
N GLU I 3 -55.66 -37.38 -6.42
CA GLU I 3 -55.79 -38.75 -6.89
C GLU I 3 -54.41 -39.36 -7.08
N LEU I 4 -54.36 -40.69 -6.98
CA LEU I 4 -53.10 -41.39 -7.27
C LEU I 4 -52.66 -41.11 -8.70
N SER I 5 -53.42 -41.60 -9.69
CA SER I 5 -53.24 -41.20 -11.08
C SER I 5 -54.36 -41.75 -11.96
N PRO I 6 -54.88 -40.95 -12.90
CA PRO I 6 -55.76 -41.51 -13.93
C PRO I 6 -55.00 -41.93 -15.18
N VAL I 7 -55.72 -42.50 -16.14
CA VAL I 7 -55.25 -42.77 -17.50
C VAL I 7 -53.82 -43.31 -17.57
N ALA I 8 -53.57 -44.42 -16.89
CA ALA I 8 -52.25 -45.04 -16.90
C ALA I 8 -52.06 -45.85 -18.18
N LEU I 9 -50.93 -46.55 -18.28
CA LEU I 9 -50.62 -47.36 -19.46
C LEU I 9 -50.43 -48.80 -19.02
N ARG I 10 -49.96 -49.64 -19.95
CA ARG I 10 -50.16 -51.09 -19.81
C ARG I 10 -48.88 -51.82 -20.22
N GLN I 11 -48.97 -53.12 -20.53
CA GLN I 11 -47.85 -54.04 -20.46
C GLN I 11 -47.23 -54.32 -21.83
N MET I 12 -45.99 -54.80 -21.78
CA MET I 12 -45.25 -55.30 -22.94
C MET I 12 -44.64 -56.65 -22.55
N SER I 13 -43.97 -57.32 -23.49
CA SER I 13 -43.32 -58.59 -23.20
C SER I 13 -41.85 -58.53 -23.63
N CYS I 14 -40.97 -58.96 -22.73
CA CYS I 14 -39.53 -58.83 -22.95
C CYS I 14 -38.80 -59.91 -22.16
N ALA I 15 -37.53 -60.08 -22.48
CA ALA I 15 -36.69 -61.09 -21.85
C ALA I 15 -36.01 -60.54 -20.61
N ALA I 16 -35.72 -61.44 -19.67
CA ALA I 16 -35.07 -61.07 -18.42
C ALA I 16 -34.12 -62.20 -18.02
N GLY I 17 -33.45 -62.01 -16.88
CA GLY I 17 -32.50 -63.00 -16.41
C GLY I 17 -31.85 -62.53 -15.13
N THR I 18 -30.86 -63.32 -14.69
CA THR I 18 -30.18 -63.08 -13.42
C THR I 18 -28.75 -62.59 -13.55
N THR I 19 -28.14 -62.69 -14.73
CA THR I 19 -26.76 -62.22 -14.89
C THR I 19 -26.46 -61.98 -16.36
N GLN I 20 -26.09 -60.75 -16.69
CA GLN I 20 -25.62 -60.38 -18.02
C GLN I 20 -26.64 -60.79 -19.09
N THR I 21 -26.19 -61.47 -20.13
CA THR I 21 -27.05 -61.80 -21.26
C THR I 21 -27.87 -63.06 -21.02
N ALA I 22 -28.62 -63.09 -19.91
CA ALA I 22 -29.47 -64.24 -19.60
C ALA I 22 -30.80 -64.20 -20.34
N CYS I 23 -30.92 -63.36 -21.37
CA CYS I 23 -32.15 -63.25 -22.15
C CYS I 23 -32.31 -64.46 -23.06
N THR I 24 -33.13 -65.44 -22.66
CA THR I 24 -33.32 -66.61 -23.51
C THR I 24 -33.99 -66.22 -24.81
N ASP I 25 -35.28 -65.89 -24.78
CA ASP I 25 -35.87 -65.08 -25.84
C ASP I 25 -36.80 -64.01 -25.26
N ASP I 26 -37.64 -64.42 -24.31
CA ASP I 26 -38.61 -63.54 -23.67
C ASP I 26 -39.15 -64.20 -22.41
N ASN I 27 -38.81 -63.68 -21.23
CA ASN I 27 -39.39 -64.20 -20.00
C ASN I 27 -39.59 -63.04 -19.01
N ALA I 28 -40.75 -62.40 -19.11
CA ALA I 28 -41.15 -61.32 -18.21
C ALA I 28 -42.54 -60.82 -18.54
N LEU I 29 -43.04 -59.85 -17.76
CA LEU I 29 -44.22 -59.06 -18.10
C LEU I 29 -43.84 -57.60 -17.87
N ALA I 30 -43.22 -57.00 -18.88
CA ALA I 30 -42.87 -55.59 -18.80
C ALA I 30 -44.11 -54.74 -18.94
N TYR I 31 -44.09 -53.56 -18.30
CA TYR I 31 -45.20 -52.61 -18.38
C TYR I 31 -44.70 -51.34 -19.04
N TYR I 32 -45.31 -50.98 -20.16
CA TYR I 32 -44.84 -49.85 -20.95
C TYR I 32 -45.44 -48.54 -20.44
N ASN I 33 -44.76 -47.45 -20.79
CA ASN I 33 -45.30 -46.09 -20.65
C ASN I 33 -44.74 -45.31 -21.83
N THR I 34 -45.50 -45.24 -22.92
CA THR I 34 -45.01 -44.67 -24.17
C THR I 34 -44.92 -43.15 -24.10
N THR I 35 -43.84 -42.65 -23.50
CA THR I 35 -43.59 -41.22 -23.50
C THR I 35 -43.12 -40.78 -24.88
N LYS I 36 -43.34 -39.50 -25.18
CA LYS I 36 -42.94 -38.93 -26.46
C LYS I 36 -41.42 -38.86 -26.62
N GLY I 37 -40.67 -39.02 -25.54
CA GLY I 37 -39.22 -39.07 -25.63
C GLY I 37 -38.73 -40.50 -25.74
N GLY I 38 -39.63 -41.42 -26.06
CA GLY I 38 -39.32 -42.82 -26.19
C GLY I 38 -40.18 -43.68 -25.27
N ARG I 39 -40.35 -44.94 -25.68
CA ARG I 39 -41.15 -45.88 -24.91
C ARG I 39 -40.44 -46.22 -23.61
N PHE I 40 -41.10 -45.95 -22.48
CA PHE I 40 -40.51 -46.12 -21.16
C PHE I 40 -41.13 -47.34 -20.48
N VAL I 41 -40.35 -48.42 -20.40
CA VAL I 41 -40.78 -49.58 -19.64
C VAL I 41 -40.79 -49.25 -18.15
N LEU I 42 -41.79 -49.75 -17.43
CA LEU I 42 -41.96 -49.36 -16.04
C LEU I 42 -41.70 -50.50 -15.06
N ALA I 43 -42.42 -51.61 -15.21
CA ALA I 43 -42.42 -52.66 -14.19
C ALA I 43 -42.28 -54.03 -14.84
N LEU I 44 -41.98 -55.02 -14.01
CA LEU I 44 -41.78 -56.39 -14.43
C LEU I 44 -42.62 -57.34 -13.57
N LEU I 45 -43.02 -58.47 -14.16
CA LEU I 45 -43.82 -59.44 -13.44
C LEU I 45 -43.53 -60.82 -14.04
N SER I 46 -42.70 -61.59 -13.36
CA SER I 46 -42.25 -62.88 -13.87
C SER I 46 -42.57 -63.98 -12.86
N ASP I 47 -42.91 -65.15 -13.38
CA ASP I 47 -43.08 -66.33 -12.53
C ASP I 47 -41.75 -66.95 -12.12
N LEU I 48 -40.65 -66.54 -12.74
CA LEU I 48 -39.33 -66.95 -12.26
C LEU I 48 -39.05 -66.30 -10.92
N GLN I 49 -38.44 -67.07 -10.02
CA GLN I 49 -38.49 -66.73 -8.60
C GLN I 49 -37.64 -65.50 -8.27
N ASP I 50 -36.39 -65.45 -8.75
CA ASP I 50 -35.63 -64.20 -8.88
C ASP I 50 -35.06 -64.05 -10.29
N LEU I 51 -34.92 -62.80 -10.70
CA LEU I 51 -34.12 -62.40 -11.86
C LEU I 51 -33.37 -61.14 -11.48
N LYS I 52 -32.37 -60.78 -12.27
CA LYS I 52 -31.62 -59.55 -12.00
C LYS I 52 -31.57 -58.63 -13.22
N TRP I 53 -31.37 -59.21 -14.41
CA TRP I 53 -31.13 -58.41 -15.60
C TRP I 53 -32.17 -58.70 -16.68
N ALA I 54 -32.63 -57.64 -17.33
CA ALA I 54 -33.54 -57.71 -18.47
C ALA I 54 -33.02 -56.78 -19.54
N ARG I 55 -33.42 -57.02 -20.79
CA ARG I 55 -32.86 -56.29 -21.92
C ARG I 55 -33.89 -56.15 -23.02
N PHE I 56 -34.31 -54.92 -23.29
CA PHE I 56 -35.26 -54.62 -24.35
C PHE I 56 -34.60 -53.68 -25.36
N PRO I 57 -34.54 -54.05 -26.64
CA PRO I 57 -33.89 -53.16 -27.62
C PRO I 57 -34.66 -51.87 -27.81
N LYS I 58 -33.94 -50.84 -28.27
CA LYS I 58 -34.55 -49.53 -28.51
C LYS I 58 -35.32 -49.53 -29.82
N SER I 59 -35.74 -48.34 -30.27
CA SER I 59 -36.43 -48.20 -31.55
C SER I 59 -35.49 -48.36 -32.74
N ASP I 60 -34.18 -48.41 -32.52
CA ASP I 60 -33.22 -48.57 -33.62
C ASP I 60 -32.91 -50.04 -33.91
N GLY I 61 -33.08 -50.91 -32.95
CA GLY I 61 -32.73 -52.32 -33.11
C GLY I 61 -31.30 -52.64 -32.74
N THR I 62 -30.35 -51.89 -33.30
CA THR I 62 -28.96 -52.06 -32.93
C THR I 62 -28.69 -51.67 -31.48
N GLY I 63 -29.49 -50.78 -30.92
CA GLY I 63 -29.34 -50.41 -29.53
C GLY I 63 -30.21 -51.23 -28.61
N THR I 64 -29.61 -52.18 -27.90
CA THR I 64 -30.32 -53.00 -26.91
C THR I 64 -29.65 -52.75 -25.57
N ILE I 65 -30.46 -52.35 -24.58
CA ILE I 65 -29.96 -51.94 -23.28
C ILE I 65 -30.38 -52.95 -22.22
N TYR I 66 -29.45 -53.30 -21.35
CA TYR I 66 -29.73 -54.21 -20.24
C TYR I 66 -30.25 -53.42 -19.03
N THR I 67 -31.29 -53.95 -18.39
CA THR I 67 -31.95 -53.30 -17.27
C THR I 67 -31.83 -54.18 -16.03
N GLU I 68 -31.94 -53.53 -14.87
CA GLU I 68 -31.63 -54.14 -13.59
C GLU I 68 -32.87 -54.12 -12.70
N LEU I 69 -33.27 -55.27 -12.17
CA LEU I 69 -34.59 -55.44 -11.59
C LEU I 69 -34.54 -55.41 -10.06
N GLU I 70 -35.72 -55.38 -9.47
CA GLU I 70 -35.89 -55.21 -8.04
C GLU I 70 -35.57 -56.51 -7.30
N PRO I 71 -35.58 -56.48 -5.97
CA PRO I 71 -35.81 -57.70 -5.19
C PRO I 71 -37.24 -58.18 -5.35
N PRO I 72 -37.53 -59.40 -4.91
CA PRO I 72 -38.87 -59.97 -5.16
C PRO I 72 -39.99 -59.20 -4.46
N CYS I 73 -41.12 -59.13 -5.15
CA CYS I 73 -42.39 -58.69 -4.57
C CYS I 73 -43.41 -59.78 -4.89
N ARG I 74 -43.84 -60.51 -3.88
CA ARG I 74 -44.61 -61.72 -4.08
C ARG I 74 -46.08 -61.53 -3.73
N PHE I 75 -46.95 -62.03 -4.61
CA PHE I 75 -48.37 -62.15 -4.33
C PHE I 75 -49.04 -63.11 -5.31
N VAL I 76 -50.32 -63.39 -5.10
CA VAL I 76 -51.06 -64.36 -5.90
C VAL I 76 -52.20 -63.64 -6.60
N THR I 77 -52.44 -64.00 -7.86
CA THR I 77 -53.50 -63.41 -8.67
C THR I 77 -54.50 -64.49 -9.06
N ASP I 78 -55.79 -64.20 -8.87
CA ASP I 78 -56.86 -65.10 -9.27
C ASP I 78 -57.32 -64.71 -10.67
N THR I 79 -57.05 -65.58 -11.63
CA THR I 79 -57.31 -65.32 -13.05
C THR I 79 -57.84 -66.59 -13.69
N PRO I 80 -58.21 -66.58 -14.98
CA PRO I 80 -58.51 -67.85 -15.66
C PRO I 80 -57.46 -68.92 -15.48
N LYS I 81 -56.22 -68.55 -15.12
CA LYS I 81 -55.19 -69.50 -14.76
C LYS I 81 -55.34 -70.02 -13.33
N GLY I 82 -56.46 -69.70 -12.67
CA GLY I 82 -56.68 -70.11 -11.30
C GLY I 82 -55.65 -69.52 -10.36
N PRO I 83 -55.14 -70.34 -9.44
CA PRO I 83 -54.07 -69.87 -8.55
C PRO I 83 -52.81 -69.55 -9.35
N LYS I 84 -52.30 -68.33 -9.17
CA LYS I 84 -51.16 -67.84 -9.94
C LYS I 84 -50.23 -67.08 -8.99
N VAL I 85 -49.23 -67.78 -8.46
CA VAL I 85 -48.24 -67.17 -7.58
C VAL I 85 -47.23 -66.48 -8.50
N LYS I 86 -47.41 -65.18 -8.67
CA LYS I 86 -46.54 -64.40 -9.53
C LYS I 86 -45.53 -63.62 -8.69
N TYR I 87 -44.50 -63.08 -9.34
CA TYR I 87 -43.48 -62.28 -8.67
C TYR I 87 -43.30 -61.01 -9.48
N LEU I 88 -43.58 -59.87 -8.86
CA LEU I 88 -43.61 -58.59 -9.56
C LEU I 88 -42.34 -57.80 -9.29
N TYR I 89 -41.91 -57.04 -10.29
CA TYR I 89 -40.67 -56.28 -10.21
C TYR I 89 -40.84 -54.94 -10.92
N PHE I 90 -39.91 -54.04 -10.64
CA PHE I 90 -39.76 -52.77 -11.32
C PHE I 90 -38.31 -52.64 -11.79
N ILE I 91 -37.98 -51.46 -12.31
CA ILE I 91 -36.61 -51.14 -12.68
C ILE I 91 -36.02 -50.20 -11.65
N LYS I 92 -34.83 -50.50 -11.11
CA LYS I 92 -34.17 -49.54 -10.24
C LYS I 92 -33.99 -48.20 -10.94
N GLY I 93 -33.80 -47.16 -10.15
CA GLY I 93 -33.92 -45.80 -10.64
C GLY I 93 -35.33 -45.29 -10.63
N LEU I 94 -36.27 -46.05 -10.08
CA LEU I 94 -37.69 -45.73 -10.13
C LEU I 94 -38.10 -44.99 -8.87
N ASN I 95 -38.69 -43.81 -9.05
CA ASN I 95 -39.19 -43.04 -7.93
C ASN I 95 -40.46 -43.66 -7.38
N ASN I 96 -40.91 -43.15 -6.22
CA ASN I 96 -42.06 -43.72 -5.54
C ASN I 96 -43.33 -43.59 -6.36
N LEU I 97 -43.47 -42.49 -7.10
CA LEU I 97 -44.71 -42.25 -7.83
C LEU I 97 -44.92 -43.28 -8.94
N ASN I 98 -43.85 -43.75 -9.58
CA ASN I 98 -44.00 -44.74 -10.64
C ASN I 98 -44.50 -46.07 -10.06
N ARG I 99 -43.94 -46.48 -8.93
CA ARG I 99 -44.54 -47.56 -8.17
C ARG I 99 -46.00 -47.24 -7.89
N GLY I 100 -46.31 -45.96 -7.66
CA GLY I 100 -47.66 -45.51 -7.45
C GLY I 100 -48.60 -45.88 -8.57
N MET I 101 -48.32 -45.40 -9.79
CA MET I 101 -49.21 -45.74 -10.90
C MET I 101 -49.24 -47.24 -11.16
N VAL I 102 -48.08 -47.90 -11.12
CA VAL I 102 -48.03 -49.32 -11.49
C VAL I 102 -48.91 -50.14 -10.53
N LEU I 103 -48.68 -49.96 -9.22
CA LEU I 103 -49.47 -50.69 -8.23
C LEU I 103 -50.93 -50.27 -8.24
N GLY I 104 -51.21 -48.99 -8.41
CA GLY I 104 -52.57 -48.51 -8.43
C GLY I 104 -53.39 -49.11 -9.54
N SER I 105 -52.86 -49.07 -10.77
CA SER I 105 -53.58 -49.69 -11.88
C SER I 105 -53.69 -51.19 -11.72
N LEU I 106 -52.62 -51.85 -11.28
CA LEU I 106 -52.64 -53.31 -11.15
C LEU I 106 -53.66 -53.75 -10.11
N ALA I 107 -53.80 -52.99 -9.02
CA ALA I 107 -54.78 -53.32 -8.00
C ALA I 107 -56.16 -52.78 -8.31
N ALA I 108 -56.29 -51.86 -9.28
CA ALA I 108 -57.58 -51.29 -9.60
C ALA I 108 -58.31 -52.05 -10.70
N THR I 109 -57.60 -52.50 -11.74
CA THR I 109 -58.28 -53.15 -12.86
C THR I 109 -57.75 -54.57 -13.11
N VAL I 110 -56.99 -55.12 -12.16
CA VAL I 110 -56.55 -56.50 -12.21
C VAL I 110 -56.83 -57.13 -10.85
N ARG I 111 -56.93 -58.47 -10.84
CA ARG I 111 -57.35 -59.21 -9.67
C ARG I 111 -56.13 -59.75 -8.93
N LEU I 112 -56.21 -59.72 -7.60
CA LEU I 112 -55.14 -60.23 -6.74
C LEU I 112 -55.76 -60.75 -5.44
N GLN I 113 -55.03 -61.66 -4.79
CA GLN I 113 -55.41 -62.10 -3.45
C GLN I 113 -54.21 -61.98 -2.51
ZN ZN J . -26.18 -34.41 -4.85
ZN ZN K . -14.54 -23.61 -19.15
PG GNP L . -61.75 -36.28 0.32
O1G GNP L . -60.35 -36.51 -0.18
O2G GNP L . -62.46 -37.62 0.45
O3G GNP L . -62.51 -35.38 -0.69
N3B GNP L . -61.69 -35.52 1.85
PB GNP L . -60.88 -34.11 2.07
O1B GNP L . -59.50 -34.19 1.47
O2B GNP L . -61.66 -33.00 1.44
O3A GNP L . -60.74 -33.83 3.67
PA GNP L . -61.93 -34.04 4.69
O1A GNP L . -63.18 -33.47 4.05
O2A GNP L . -62.05 -35.47 5.07
O5' GNP L . -61.49 -33.18 5.93
C5' GNP L . -62.20 -31.98 6.30
C4' GNP L . -61.89 -30.89 5.29
O4' GNP L . -62.52 -29.66 5.72
C3' GNP L . -60.42 -30.58 5.10
O3' GNP L . -60.15 -30.21 3.74
C2' GNP L . -60.18 -29.42 6.05
O2' GNP L . -59.13 -28.57 5.61
C1' GNP L . -61.53 -28.69 5.99
N9 GNP L . -61.90 -27.97 7.23
C8 GNP L . -62.57 -26.78 7.28
N7 GNP L . -62.78 -26.36 8.50
C5 GNP L . -62.23 -27.33 9.30
C6 GNP L . -62.13 -27.43 10.74
O6 GNP L . -62.57 -26.64 11.57
N1 GNP L . -61.49 -28.57 11.14
C2 GNP L . -60.97 -29.52 10.29
N2 GNP L . -60.37 -30.57 10.86
N3 GNP L . -61.05 -29.45 8.96
C4 GNP L . -61.67 -28.33 8.53
ZN ZN M . 20.29 32.66 -11.62
ZN ZN N . 11.24 40.53 -16.15
ZN ZN O . 16.51 14.72 -23.94
ZN ZN P . 32.69 -12.97 -23.10
ZN ZN Q . 32.08 -0.08 -20.80
ZN ZN R . 16.54 -16.73 -39.43
N1 U5P S . -63.01 -30.35 -6.09
C2 U5P S . -63.94 -30.06 -7.07
N3 U5P S . -63.69 -30.66 -8.29
C4 U5P S . -62.64 -31.49 -8.62
C5 U5P S . -61.71 -31.73 -7.55
C6 U5P S . -61.93 -31.17 -6.35
O2 U5P S . -64.90 -29.34 -6.89
O4 U5P S . -62.55 -31.94 -9.76
C1' U5P S . -63.19 -29.75 -4.77
C2' U5P S . -64.30 -30.39 -3.93
O2' U5P S . -65.53 -29.70 -4.11
C3' U5P S . -63.78 -30.18 -2.52
C4' U5P S . -62.29 -30.45 -2.70
O3' U5P S . -63.97 -28.81 -2.19
O4' U5P S . -61.99 -29.94 -4.03
C5' U5P S . -61.87 -31.90 -2.60
O5' U5P S . -60.80 -31.97 -2.66
P U5P S . -59.85 -33.16 -2.12
O2P U5P S . -60.75 -34.37 -1.17
O3P U5P S . -58.47 -32.65 -1.05
#